data_3NB0
#
_entry.id   3NB0
#
_cell.length_a   192.739
_cell.length_b   206.982
_cell.length_c   205.799
_cell.angle_alpha   90.000
_cell.angle_beta   90.000
_cell.angle_gamma   90.000
#
_symmetry.space_group_name_H-M   'I 2 2 2'
#
loop_
_entity.id
_entity.type
_entity.pdbx_description
1 polymer 'Glycogen [starch] synthase isoform 2'
2 non-polymer 6-O-phosphono-alpha-D-glucopyranose
3 non-polymer DI(HYDROXYETHYL)ETHER
4 water water
#
_entity_poly.entity_id   1
_entity_poly.type   'polypeptide(L)'
_entity_poly.pdbx_seq_one_letter_code
;MGSSHHHHHHSSGLVPRGSHMSRDLQNHLLFETATEVANRVGGIYSVLKSKAPITVAQYKDHYHLIGPLNKATYQNEVDI
LDWKKPEAFSDEMRPVQHALQTMESRGVHFVYGRWLIEGAPKVILFDLDSVRGYSNEWKGDLWSLVGIPSPENDFETNDA
ILLGYTVAWFLGEVAHLDSQHAIVAHFHEWLAGVALPLCRKRRIDVVTIFTTHATLLGRYLCASGSFDFYNCLESVDVDH
EAGRFGIYHRYCIERAAAHSADVFTTVSQITAFEAEHLLKRKPDGILPNGLNVIKFQAFHEFQNLHALKKEKINDFVRGH
FHGCFDFDLDNTLYFFIAGRYEYKNKGADMFIEALARLNYRLKVSGSKKTVVAFIVMPAKNNSFTVEALKGQAEVRALEN
TVHEVTTSIGKRIFDHAIRYPHNGLTTELPTDLGELLKSSDKVMLKRRILALRRPEGQLPPIVTHNMVDDANDLILNKIR
QVQLFNSPSDRVKMIFHPEFLNANNPILGLDYDEFVRGCHLGVFPSYYEPWGYTPAECTVMGVPSITTNVSGFGSYMEDL
IETNQAKDYGIYIVDRRFKAPDESVEQLVDYMEEFVKKTRRQRINQRNATEALSDLLDWKRMGLEYVKARQLALRRGYPD
QFRELVGEELNDSNMDALAGGKKLKVARPLSVPGSPRDLRSNSTVYMTPGDLGTLQEVNNADDYFSLGVNPAADDDDDGP
YADDS
;
_entity_poly.pdbx_strand_id   A,B,C,D
#
loop_
_chem_comp.id
_chem_comp.type
_chem_comp.name
_chem_comp.formula
G6P D-saccharide, alpha linking 6-O-phosphono-alpha-D-glucopyranose 'C6 H13 O9 P'
PEG non-polymer DI(HYDROXYETHYL)ETHER 'C4 H10 O3'
#
# COMPACT_ATOMS: atom_id res chain seq x y z
N SER A 22 -59.92 42.49 -16.24
CA SER A 22 -58.83 43.15 -15.54
C SER A 22 -57.94 42.15 -14.81
N ARG A 23 -56.74 41.95 -15.34
CA ARG A 23 -55.89 40.84 -14.95
C ARG A 23 -54.96 41.15 -13.76
N ASP A 24 -54.32 40.11 -13.25
CA ASP A 24 -53.60 40.17 -11.99
C ASP A 24 -52.10 40.38 -12.16
N LEU A 25 -51.61 41.55 -11.77
CA LEU A 25 -50.19 41.85 -11.87
C LEU A 25 -49.39 41.20 -10.73
N GLN A 26 -50.08 40.83 -9.66
CA GLN A 26 -49.47 40.17 -8.51
C GLN A 26 -49.22 38.70 -8.83
N ASN A 27 -50.27 38.02 -9.28
CA ASN A 27 -50.19 36.61 -9.63
C ASN A 27 -50.36 36.41 -11.13
N HIS A 28 -49.25 36.24 -11.84
CA HIS A 28 -49.26 36.20 -13.30
C HIS A 28 -48.55 34.97 -13.82
N LEU A 29 -48.74 34.68 -15.10
CA LEU A 29 -48.03 33.56 -15.75
C LEU A 29 -46.69 34.01 -16.31
N LEU A 30 -45.91 33.03 -16.76
CA LEU A 30 -44.64 33.31 -17.42
C LEU A 30 -44.37 32.23 -18.45
N PHE A 31 -44.12 32.66 -19.68
CA PHE A 31 -43.72 31.75 -20.74
C PHE A 31 -42.36 32.17 -21.25
N GLU A 32 -41.38 31.28 -21.13
CA GLU A 32 -40.03 31.58 -21.57
C GLU A 32 -39.69 30.74 -22.80
N THR A 33 -39.50 31.41 -23.93
CA THR A 33 -39.27 30.73 -25.20
C THR A 33 -37.85 30.90 -25.68
N ALA A 34 -37.29 29.82 -26.22
CA ALA A 34 -35.94 29.83 -26.77
C ALA A 34 -35.74 28.63 -27.68
N THR A 35 -34.75 28.70 -28.55
CA THR A 35 -34.46 27.63 -29.49
C THR A 35 -33.81 26.43 -28.80
N GLU A 36 -33.21 26.67 -27.64
CA GLU A 36 -32.34 25.65 -27.04
C GLU A 36 -32.93 24.90 -25.84
N VAL A 37 -34.25 25.00 -25.63
CA VAL A 37 -34.87 24.25 -24.55
C VAL A 37 -34.80 22.75 -24.86
N ALA A 38 -34.33 21.96 -23.90
CA ALA A 38 -34.19 20.52 -24.05
C ALA A 38 -33.36 20.15 -25.27
N ASN A 39 -32.45 21.04 -25.64
CA ASN A 39 -31.60 20.80 -26.82
C ASN A 39 -30.41 21.76 -26.87
N ARG A 40 -29.25 21.26 -26.46
CA ARG A 40 -28.06 22.08 -26.29
C ARG A 40 -27.43 22.53 -27.61
N VAL A 41 -27.34 23.85 -27.79
CA VAL A 41 -26.61 24.40 -28.91
C VAL A 41 -25.44 25.24 -28.39
N GLY A 42 -25.77 26.30 -27.65
CA GLY A 42 -24.76 27.17 -27.09
C GLY A 42 -24.99 27.44 -25.61
N GLY A 43 -24.36 28.49 -25.09
CA GLY A 43 -24.45 28.82 -23.69
C GLY A 43 -25.86 29.11 -23.22
N ILE A 44 -26.76 29.38 -24.16
CA ILE A 44 -28.15 29.70 -23.81
C ILE A 44 -28.83 28.53 -23.09
N TYR A 45 -28.55 27.32 -23.58
CA TYR A 45 -29.05 26.10 -22.98
C TYR A 45 -28.61 26.02 -21.51
N SER A 46 -27.33 26.30 -21.27
CA SER A 46 -26.79 26.25 -19.92
C SER A 46 -27.43 27.31 -19.03
N VAL A 47 -27.77 28.45 -19.64
CA VAL A 47 -28.38 29.55 -18.90
C VAL A 47 -29.79 29.21 -18.43
N LEU A 48 -30.62 28.71 -19.35
CA LEU A 48 -32.00 28.37 -19.03
C LEU A 48 -32.05 27.23 -18.04
N LYS A 49 -31.22 26.22 -18.27
CA LYS A 49 -31.11 25.08 -17.36
C LYS A 49 -30.78 25.54 -15.94
N SER A 50 -29.63 26.19 -15.79
CA SER A 50 -29.16 26.62 -14.48
C SER A 50 -30.08 27.66 -13.84
N LYS A 51 -30.95 28.27 -14.63
CA LYS A 51 -31.88 29.26 -14.11
C LYS A 51 -33.20 28.63 -13.67
N ALA A 52 -33.44 27.40 -14.12
CA ALA A 52 -34.69 26.71 -13.82
C ALA A 52 -35.05 26.72 -12.32
N PRO A 53 -34.17 26.16 -11.47
CA PRO A 53 -34.45 26.11 -10.03
C PRO A 53 -35.14 27.36 -9.49
N ILE A 54 -34.48 28.51 -9.50
CA ILE A 54 -35.04 29.71 -8.89
C ILE A 54 -36.34 30.18 -9.54
N THR A 55 -36.54 29.80 -10.79
CA THR A 55 -37.75 30.21 -11.51
C THR A 55 -38.96 29.43 -11.03
N VAL A 56 -38.85 28.12 -11.00
CA VAL A 56 -39.92 27.27 -10.47
C VAL A 56 -40.24 27.66 -9.03
N ALA A 57 -39.21 28.00 -8.27
CA ALA A 57 -39.37 28.36 -6.87
C ALA A 57 -40.27 29.58 -6.69
N GLN A 58 -40.36 30.42 -7.72
CA GLN A 58 -41.15 31.64 -7.64
C GLN A 58 -42.50 31.52 -8.34
N TYR A 59 -42.54 30.70 -9.39
CA TYR A 59 -43.74 30.60 -10.22
C TYR A 59 -44.49 29.28 -10.06
N LYS A 60 -43.78 28.25 -9.61
CA LYS A 60 -44.34 26.91 -9.56
C LYS A 60 -44.83 26.49 -10.93
N ASP A 61 -46.07 26.01 -11.01
CA ASP A 61 -46.61 25.51 -12.28
C ASP A 61 -47.18 26.62 -13.16
N HIS A 62 -47.06 27.86 -12.73
CA HIS A 62 -47.40 29.02 -13.57
C HIS A 62 -46.36 29.15 -14.68
N TYR A 63 -45.15 28.71 -14.39
CA TYR A 63 -44.01 28.88 -15.29
C TYR A 63 -43.94 27.79 -16.37
N HIS A 64 -43.76 28.23 -17.61
CA HIS A 64 -43.66 27.32 -18.74
C HIS A 64 -42.52 27.73 -19.67
N LEU A 65 -41.79 26.74 -20.17
CA LEU A 65 -40.76 26.98 -21.17
C LEU A 65 -41.24 26.42 -22.50
N ILE A 66 -40.93 27.15 -23.58
CA ILE A 66 -41.41 26.78 -24.91
C ILE A 66 -40.26 26.74 -25.91
N GLY A 67 -40.23 25.71 -26.73
CA GLY A 67 -39.18 25.59 -27.74
C GLY A 67 -39.52 24.62 -28.85
N PRO A 68 -38.70 24.62 -29.91
CA PRO A 68 -38.86 23.63 -30.99
C PRO A 68 -38.54 22.24 -30.46
N LEU A 69 -38.85 21.21 -31.25
CA LEU A 69 -38.63 19.84 -30.81
C LEU A 69 -37.54 19.16 -31.61
N ASN A 70 -36.45 18.79 -30.94
CA ASN A 70 -35.41 18.00 -31.59
C ASN A 70 -35.69 16.51 -31.42
N LYS A 71 -36.21 15.90 -32.47
CA LYS A 71 -36.58 14.48 -32.43
C LYS A 71 -35.39 13.59 -32.10
N ALA A 72 -34.24 13.90 -32.70
CA ALA A 72 -33.06 13.05 -32.59
C ALA A 72 -32.53 12.87 -31.16
N THR A 73 -33.00 13.69 -30.23
CA THR A 73 -32.40 13.70 -28.89
C THR A 73 -33.38 13.90 -27.73
N TYR A 74 -34.59 14.35 -28.02
CA TYR A 74 -35.47 14.86 -26.96
C TYR A 74 -35.83 13.85 -25.86
N GLN A 75 -35.73 12.56 -26.14
CA GLN A 75 -36.07 11.56 -25.14
C GLN A 75 -35.12 11.66 -23.93
N ASN A 76 -33.84 11.85 -24.20
CA ASN A 76 -32.83 11.92 -23.15
C ASN A 76 -33.04 13.10 -22.21
N GLU A 77 -33.77 14.10 -22.70
CA GLU A 77 -33.90 15.37 -21.99
C GLU A 77 -35.20 15.50 -21.22
N VAL A 78 -36.28 14.96 -21.77
CA VAL A 78 -37.61 15.28 -21.28
C VAL A 78 -38.40 14.11 -20.69
N ASP A 79 -39.10 14.40 -19.59
CA ASP A 79 -40.03 13.46 -18.97
C ASP A 79 -41.40 13.65 -19.62
N ILE A 80 -41.71 12.80 -20.59
CA ILE A 80 -42.92 12.96 -21.40
C ILE A 80 -44.21 12.80 -20.59
N LEU A 81 -44.84 13.92 -20.23
CA LEU A 81 -46.07 13.91 -19.46
C LEU A 81 -47.32 13.84 -20.33
N ASP A 82 -48.49 13.93 -19.70
CA ASP A 82 -49.76 13.89 -20.43
C ASP A 82 -50.61 15.11 -20.12
N TRP A 83 -50.79 15.98 -21.12
CA TRP A 83 -51.54 17.22 -20.93
C TRP A 83 -53.04 16.98 -20.87
N LYS A 84 -53.45 15.76 -21.16
CA LYS A 84 -54.86 15.41 -21.30
C LYS A 84 -55.57 15.23 -19.96
N LYS A 85 -54.94 14.52 -19.04
CA LYS A 85 -55.52 14.26 -17.73
C LYS A 85 -55.88 15.55 -16.98
N PRO A 86 -56.92 15.49 -16.14
CA PRO A 86 -57.44 16.65 -15.39
C PRO A 86 -56.54 17.13 -14.26
N GLU A 87 -55.89 16.20 -13.55
CA GLU A 87 -55.04 16.59 -12.42
C GLU A 87 -53.75 17.26 -12.89
N ALA A 88 -53.53 17.24 -14.21
CA ALA A 88 -52.32 17.81 -14.79
C ALA A 88 -52.21 19.31 -14.54
N PHE A 89 -53.34 20.00 -14.62
CA PHE A 89 -53.36 21.45 -14.42
C PHE A 89 -54.32 21.86 -13.31
N SER A 90 -53.88 22.75 -12.44
CA SER A 90 -54.72 23.25 -11.37
C SER A 90 -55.89 24.06 -11.94
N ASP A 91 -56.84 24.41 -11.07
CA ASP A 91 -58.05 25.11 -11.50
C ASP A 91 -57.76 26.44 -12.20
N GLU A 92 -56.72 27.14 -11.76
CA GLU A 92 -56.37 28.42 -12.38
C GLU A 92 -55.48 28.25 -13.59
N MET A 93 -54.67 27.18 -13.59
CA MET A 93 -53.81 26.88 -14.73
C MET A 93 -54.54 26.02 -15.76
N ARG A 94 -55.86 26.11 -15.75
CA ARG A 94 -56.70 25.36 -16.69
C ARG A 94 -56.69 25.95 -18.11
N PRO A 95 -56.78 27.28 -18.23
CA PRO A 95 -56.79 27.93 -19.55
C PRO A 95 -55.63 27.49 -20.44
N VAL A 96 -54.48 27.20 -19.84
CA VAL A 96 -53.34 26.71 -20.60
C VAL A 96 -53.67 25.33 -21.18
N GLN A 97 -54.25 24.46 -20.34
CA GLN A 97 -54.69 23.16 -20.81
C GLN A 97 -55.71 23.35 -21.93
N HIS A 98 -56.59 24.33 -21.76
CA HIS A 98 -57.60 24.63 -22.76
C HIS A 98 -57.00 25.27 -24.01
N ALA A 99 -55.85 25.91 -23.85
CA ALA A 99 -55.17 26.53 -24.98
C ALA A 99 -54.34 25.49 -25.75
N LEU A 100 -53.81 24.52 -25.01
CA LEU A 100 -53.09 23.41 -25.63
C LEU A 100 -54.07 22.57 -26.43
N GLN A 101 -55.26 22.39 -25.86
CA GLN A 101 -56.34 21.67 -26.54
C GLN A 101 -56.66 22.36 -27.86
N THR A 102 -56.77 23.68 -27.82
CA THR A 102 -57.07 24.48 -29.00
C THR A 102 -56.09 24.20 -30.15
N MET A 103 -54.79 24.17 -29.84
CA MET A 103 -53.78 23.86 -30.85
C MET A 103 -53.93 22.45 -31.39
N GLU A 104 -54.24 21.50 -30.50
CA GLU A 104 -54.43 20.12 -30.92
C GLU A 104 -55.65 20.00 -31.83
N SER A 105 -56.59 20.93 -31.67
CA SER A 105 -57.80 20.96 -32.49
C SER A 105 -57.52 21.51 -33.88
N ARG A 106 -56.25 21.50 -34.28
CA ARG A 106 -55.84 22.09 -35.55
C ARG A 106 -54.76 21.28 -36.26
N GLY A 107 -54.27 20.24 -35.60
CA GLY A 107 -53.21 19.42 -36.16
C GLY A 107 -51.84 19.84 -35.66
N VAL A 108 -51.83 20.81 -34.74
CA VAL A 108 -50.60 21.29 -34.13
C VAL A 108 -50.10 20.27 -33.13
N HIS A 109 -48.95 19.69 -33.42
CA HIS A 109 -48.38 18.63 -32.59
C HIS A 109 -47.35 19.15 -31.60
N PHE A 110 -47.68 19.09 -30.31
CA PHE A 110 -46.70 19.43 -29.29
C PHE A 110 -46.38 18.24 -28.40
N VAL A 111 -45.37 18.42 -27.56
CA VAL A 111 -44.97 17.42 -26.57
C VAL A 111 -44.83 18.07 -25.21
N TYR A 112 -45.75 17.75 -24.31
CA TYR A 112 -45.77 18.33 -22.98
C TYR A 112 -44.92 17.49 -22.05
N GLY A 113 -44.38 18.11 -21.01
CA GLY A 113 -43.62 17.39 -20.00
C GLY A 113 -42.70 18.20 -19.12
N ARG A 114 -41.82 17.49 -18.42
CA ARG A 114 -40.84 18.10 -17.53
C ARG A 114 -39.42 17.91 -18.06
N TRP A 115 -38.62 18.95 -17.98
CA TRP A 115 -37.23 18.88 -18.40
C TRP A 115 -36.42 18.19 -17.31
N LEU A 116 -35.77 17.09 -17.66
CA LEU A 116 -35.02 16.30 -16.69
C LEU A 116 -33.77 17.02 -16.18
N ILE A 117 -34.00 18.03 -15.36
CA ILE A 117 -32.94 18.86 -14.81
C ILE A 117 -33.44 19.37 -13.47
N GLU A 118 -32.52 19.76 -12.60
CA GLU A 118 -32.91 20.30 -11.30
C GLU A 118 -33.95 21.40 -11.50
N GLY A 119 -35.06 21.29 -10.78
CA GLY A 119 -36.15 22.24 -10.92
C GLY A 119 -37.29 21.66 -11.73
N ALA A 120 -37.00 20.61 -12.49
CA ALA A 120 -37.98 19.94 -13.34
C ALA A 120 -39.09 20.89 -13.76
N PRO A 121 -38.77 21.83 -14.67
CA PRO A 121 -39.70 22.88 -15.10
C PRO A 121 -40.64 22.34 -16.17
N LYS A 122 -41.84 22.93 -16.25
CA LYS A 122 -42.81 22.52 -17.26
C LYS A 122 -42.40 23.05 -18.63
N VAL A 123 -42.41 22.18 -19.63
CA VAL A 123 -41.96 22.56 -20.97
C VAL A 123 -42.90 22.14 -22.09
N ILE A 124 -43.33 23.12 -22.88
CA ILE A 124 -44.14 22.86 -24.06
C ILE A 124 -43.26 22.84 -25.30
N LEU A 125 -43.05 21.66 -25.87
CA LEU A 125 -42.21 21.53 -27.04
C LEU A 125 -43.04 21.32 -28.29
N PHE A 126 -43.02 22.30 -29.19
CA PHE A 126 -43.74 22.18 -30.45
C PHE A 126 -42.91 21.50 -31.52
N ASP A 127 -43.53 20.57 -32.24
CA ASP A 127 -42.89 19.94 -33.40
C ASP A 127 -43.07 20.86 -34.60
N LEU A 128 -41.99 21.10 -35.33
CA LEU A 128 -42.02 22.04 -36.45
C LEU A 128 -42.70 21.47 -37.69
N ASP A 129 -42.41 20.22 -38.02
CA ASP A 129 -43.01 19.56 -39.18
C ASP A 129 -44.53 19.69 -39.12
N SER A 130 -45.06 19.58 -37.91
CA SER A 130 -46.50 19.64 -37.69
C SER A 130 -47.14 20.93 -38.22
N VAL A 131 -46.33 21.83 -38.76
CA VAL A 131 -46.87 23.02 -39.41
C VAL A 131 -46.04 23.46 -40.61
N ARG A 132 -45.11 22.61 -41.05
CA ARG A 132 -44.24 22.99 -42.15
C ARG A 132 -45.02 23.48 -43.36
N GLY A 133 -46.20 22.91 -43.57
CA GLY A 133 -47.03 23.28 -44.70
C GLY A 133 -47.26 24.77 -44.79
N TYR A 134 -47.69 25.36 -43.67
CA TYR A 134 -47.98 26.79 -43.61
C TYR A 134 -46.77 27.65 -43.93
N SER A 135 -45.67 27.00 -44.28
CA SER A 135 -44.42 27.69 -44.62
C SER A 135 -44.67 28.92 -45.49
N ASN A 136 -45.03 28.67 -46.75
CA ASN A 136 -45.24 29.74 -47.71
C ASN A 136 -46.22 30.81 -47.22
N GLU A 137 -47.41 30.39 -46.81
CA GLU A 137 -48.41 31.33 -46.34
C GLU A 137 -47.83 32.26 -45.28
N TRP A 138 -46.99 31.71 -44.41
CA TRP A 138 -46.43 32.48 -43.30
C TRP A 138 -45.26 33.36 -43.71
N LYS A 139 -44.41 32.86 -44.60
CA LYS A 139 -43.30 33.66 -45.11
C LYS A 139 -43.84 34.90 -45.81
N GLY A 140 -44.92 34.71 -46.56
CA GLY A 140 -45.58 35.81 -47.24
C GLY A 140 -46.14 36.83 -46.27
N ASP A 141 -46.88 36.34 -45.28
CA ASP A 141 -47.48 37.22 -44.28
C ASP A 141 -46.42 38.02 -43.55
N LEU A 142 -45.29 37.37 -43.25
CA LEU A 142 -44.21 38.02 -42.53
C LEU A 142 -43.57 39.11 -43.39
N TRP A 143 -43.39 38.81 -44.68
CA TRP A 143 -42.79 39.78 -45.59
C TRP A 143 -43.64 41.03 -45.71
N SER A 144 -44.95 40.86 -45.78
CA SER A 144 -45.86 41.99 -45.96
C SER A 144 -46.11 42.77 -44.67
N LEU A 145 -46.06 42.08 -43.53
CA LEU A 145 -46.29 42.73 -42.25
C LEU A 145 -45.07 43.53 -41.75
N VAL A 146 -43.88 42.94 -41.86
CA VAL A 146 -42.68 43.56 -41.32
C VAL A 146 -41.52 43.67 -42.31
N GLY A 147 -41.68 43.11 -43.50
CA GLY A 147 -40.71 43.29 -44.57
C GLY A 147 -39.55 42.33 -44.53
N ILE A 148 -39.67 41.28 -43.72
CA ILE A 148 -38.58 40.34 -43.58
C ILE A 148 -38.58 39.30 -44.71
N PRO A 149 -37.52 39.29 -45.53
CA PRO A 149 -37.37 38.30 -46.61
C PRO A 149 -37.01 36.94 -46.03
N SER A 150 -36.87 35.92 -46.86
CA SER A 150 -36.59 34.58 -46.36
C SER A 150 -36.17 33.59 -47.43
N PRO A 151 -34.85 33.51 -47.72
CA PRO A 151 -34.31 32.54 -48.65
C PRO A 151 -34.68 31.11 -48.24
N GLU A 152 -34.76 30.20 -49.21
CA GLU A 152 -35.20 28.83 -48.93
C GLU A 152 -34.09 27.93 -48.40
N ASN A 153 -32.85 28.23 -48.74
CA ASN A 153 -31.72 27.43 -48.29
C ASN A 153 -31.34 27.70 -46.83
N ASP A 154 -31.76 28.84 -46.30
CA ASP A 154 -31.50 29.16 -44.90
C ASP A 154 -32.45 28.39 -44.00
N PHE A 155 -32.06 27.19 -43.62
CA PHE A 155 -32.92 26.31 -42.85
C PHE A 155 -33.23 26.84 -41.45
N GLU A 156 -32.31 27.63 -40.90
CA GLU A 156 -32.46 28.13 -39.54
C GLU A 156 -33.53 29.21 -39.40
N THR A 157 -33.55 30.15 -40.35
CA THR A 157 -34.58 31.19 -40.34
C THR A 157 -35.92 30.60 -40.74
N ASN A 158 -35.88 29.63 -41.65
CA ASN A 158 -37.07 28.86 -41.97
C ASN A 158 -37.73 28.37 -40.69
N ASP A 159 -36.95 27.68 -39.88
CA ASP A 159 -37.46 27.11 -38.64
C ASP A 159 -37.81 28.18 -37.61
N ALA A 160 -37.14 29.32 -37.71
CA ALA A 160 -37.41 30.43 -36.81
C ALA A 160 -38.80 31.01 -37.07
N ILE A 161 -39.22 30.99 -38.34
CA ILE A 161 -40.52 31.53 -38.72
C ILE A 161 -41.65 30.56 -38.36
N LEU A 162 -41.42 29.27 -38.57
CA LEU A 162 -42.39 28.27 -38.15
C LEU A 162 -42.67 28.41 -36.66
N LEU A 163 -41.60 28.47 -35.88
CA LEU A 163 -41.69 28.58 -34.43
C LEU A 163 -42.40 29.86 -33.99
N GLY A 164 -42.02 30.98 -34.59
CA GLY A 164 -42.57 32.27 -34.23
C GLY A 164 -44.08 32.34 -34.35
N TYR A 165 -44.60 31.90 -35.50
CA TYR A 165 -46.04 31.92 -35.74
C TYR A 165 -46.80 31.02 -34.76
N THR A 166 -46.28 29.81 -34.57
CA THR A 166 -46.90 28.87 -33.64
C THR A 166 -47.01 29.43 -32.23
N VAL A 167 -45.94 30.06 -31.75
CA VAL A 167 -45.88 30.51 -30.37
C VAL A 167 -46.72 31.76 -30.11
N ALA A 168 -46.86 32.63 -31.12
CA ALA A 168 -47.72 33.80 -31.01
C ALA A 168 -49.18 33.36 -31.13
N TRP A 169 -49.39 32.28 -31.87
CA TRP A 169 -50.66 31.60 -31.95
C TRP A 169 -51.08 31.18 -30.54
N PHE A 170 -50.30 30.27 -29.97
CA PHE A 170 -50.54 29.75 -28.64
C PHE A 170 -50.75 30.86 -27.62
N LEU A 171 -49.86 31.85 -27.62
CA LEU A 171 -49.98 32.97 -26.69
C LEU A 171 -51.29 33.72 -26.87
N GLY A 172 -51.80 33.75 -28.10
CA GLY A 172 -53.06 34.37 -28.39
C GLY A 172 -54.20 33.65 -27.68
N GLU A 173 -54.21 32.33 -27.79
CA GLU A 173 -55.24 31.51 -27.16
C GLU A 173 -55.24 31.65 -25.64
N VAL A 174 -54.06 31.55 -25.05
CA VAL A 174 -53.94 31.63 -23.59
C VAL A 174 -54.48 32.95 -23.03
N ALA A 175 -54.23 34.04 -23.76
CA ALA A 175 -54.74 35.35 -23.34
C ALA A 175 -56.24 35.44 -23.58
N HIS A 176 -56.70 34.61 -24.51
CA HIS A 176 -58.11 34.51 -24.85
C HIS A 176 -58.89 33.78 -23.76
N LEU A 177 -58.24 32.77 -23.17
CA LEU A 177 -58.90 31.88 -22.22
C LEU A 177 -58.65 32.26 -20.76
N ASP A 178 -57.40 32.53 -20.41
CA ASP A 178 -57.10 33.01 -19.06
C ASP A 178 -57.64 34.44 -18.94
N SER A 179 -58.36 34.71 -17.86
CA SER A 179 -58.95 36.03 -17.64
C SER A 179 -58.50 36.60 -16.31
N GLN A 180 -57.68 35.84 -15.61
CA GLN A 180 -57.24 36.19 -14.26
C GLN A 180 -55.83 36.79 -14.26
N HIS A 181 -54.86 36.00 -14.67
CA HIS A 181 -53.46 36.41 -14.62
C HIS A 181 -53.07 37.24 -15.83
N ALA A 182 -52.29 38.30 -15.57
CA ALA A 182 -51.61 39.00 -16.64
C ALA A 182 -50.53 38.05 -17.14
N ILE A 183 -50.19 38.15 -18.43
CA ILE A 183 -49.28 37.19 -19.03
C ILE A 183 -47.94 37.79 -19.43
N VAL A 184 -46.86 37.07 -19.11
CA VAL A 184 -45.52 37.47 -19.50
C VAL A 184 -44.90 36.45 -20.43
N ALA A 185 -44.41 36.93 -21.56
CA ALA A 185 -43.71 36.07 -22.51
C ALA A 185 -42.28 36.60 -22.72
N HIS A 186 -41.31 35.72 -22.53
CA HIS A 186 -39.91 36.11 -22.60
C HIS A 186 -39.22 35.31 -23.70
N PHE A 187 -38.59 36.01 -24.64
CA PHE A 187 -37.90 35.34 -25.74
C PHE A 187 -36.40 35.57 -25.70
N HIS A 188 -35.63 34.54 -26.04
CA HIS A 188 -34.17 34.62 -26.00
C HIS A 188 -33.57 34.42 -27.38
N GLU A 189 -32.93 35.47 -27.90
CA GLU A 189 -32.17 35.38 -29.15
C GLU A 189 -33.04 35.45 -30.41
N TRP A 190 -32.48 35.95 -31.50
CA TRP A 190 -33.24 36.22 -32.71
C TRP A 190 -33.98 35.00 -33.25
N LEU A 191 -33.37 33.83 -33.14
CA LEU A 191 -33.98 32.61 -33.65
C LEU A 191 -35.34 32.30 -33.03
N ALA A 192 -35.62 32.91 -31.88
CA ALA A 192 -36.91 32.73 -31.21
C ALA A 192 -37.68 34.05 -31.10
N GLY A 193 -37.41 34.98 -32.02
CA GLY A 193 -37.98 36.31 -31.91
C GLY A 193 -39.11 36.65 -32.87
N VAL A 194 -39.38 35.77 -33.82
CA VAL A 194 -40.42 36.05 -34.81
C VAL A 194 -41.78 36.36 -34.18
N ALA A 195 -42.09 35.68 -33.08
CA ALA A 195 -43.37 35.86 -32.41
C ALA A 195 -43.59 37.31 -31.97
N LEU A 196 -42.50 38.01 -31.69
CA LEU A 196 -42.57 39.36 -31.12
C LEU A 196 -43.32 40.39 -31.99
N PRO A 197 -42.92 40.54 -33.26
CA PRO A 197 -43.72 41.40 -34.13
C PRO A 197 -45.18 40.96 -34.16
N LEU A 198 -45.41 39.65 -34.23
CA LEU A 198 -46.77 39.11 -34.30
C LEU A 198 -47.64 39.52 -33.10
N CYS A 199 -47.04 39.54 -31.91
CA CYS A 199 -47.79 39.86 -30.70
C CYS A 199 -48.17 41.34 -30.62
N ARG A 200 -47.35 42.19 -31.23
CA ARG A 200 -47.59 43.63 -31.19
C ARG A 200 -48.61 44.02 -32.25
N LYS A 201 -48.46 43.46 -33.45
CA LYS A 201 -49.37 43.73 -34.55
C LYS A 201 -50.78 43.25 -34.20
N ARG A 202 -50.88 42.01 -33.74
CA ARG A 202 -52.16 41.42 -33.38
C ARG A 202 -52.67 41.92 -32.03
N ARG A 203 -51.82 42.68 -31.33
CA ARG A 203 -52.19 43.28 -30.04
C ARG A 203 -52.72 42.29 -29.02
N ILE A 204 -52.18 41.07 -29.04
CA ILE A 204 -52.52 40.06 -28.04
C ILE A 204 -52.29 40.61 -26.64
N ASP A 205 -53.20 40.30 -25.72
CA ASP A 205 -53.11 40.86 -24.36
C ASP A 205 -52.00 40.21 -23.55
N VAL A 206 -50.77 40.41 -24.00
CA VAL A 206 -49.60 39.81 -23.38
C VAL A 206 -48.46 40.81 -23.32
N VAL A 207 -47.77 40.85 -22.19
CA VAL A 207 -46.55 41.64 -22.07
C VAL A 207 -45.36 40.81 -22.53
N THR A 208 -44.55 41.38 -23.42
CA THR A 208 -43.44 40.64 -24.02
C THR A 208 -42.07 41.14 -23.60
N ILE A 209 -41.10 40.21 -23.56
CA ILE A 209 -39.71 40.53 -23.28
C ILE A 209 -38.81 39.90 -24.33
N PHE A 210 -37.80 40.65 -24.77
CA PHE A 210 -36.78 40.11 -25.65
C PHE A 210 -35.41 40.27 -25.02
N THR A 211 -34.65 39.18 -24.99
CA THR A 211 -33.27 39.22 -24.51
C THR A 211 -32.34 38.76 -25.61
N THR A 212 -31.39 39.61 -25.96
CA THR A 212 -30.40 39.23 -26.96
C THR A 212 -29.08 38.95 -26.27
N HIS A 213 -28.46 37.84 -26.62
CA HIS A 213 -27.24 37.39 -25.95
C HIS A 213 -25.98 37.73 -26.76
N ALA A 214 -26.18 38.57 -27.76
CA ALA A 214 -25.13 39.06 -28.64
C ALA A 214 -25.83 39.96 -29.65
N THR A 215 -25.16 40.30 -30.74
CA THR A 215 -25.86 40.83 -31.90
C THR A 215 -25.25 40.20 -33.14
N LEU A 216 -26.06 40.03 -34.18
CA LEU A 216 -25.60 39.45 -35.43
C LEU A 216 -24.51 40.32 -36.06
N LEU A 217 -24.76 41.62 -36.14
CA LEU A 217 -23.79 42.54 -36.71
C LEU A 217 -22.53 42.62 -35.87
N GLY A 218 -22.68 42.48 -34.56
CA GLY A 218 -21.55 42.49 -33.66
C GLY A 218 -20.59 41.35 -33.95
N ARG A 219 -21.12 40.13 -34.01
CA ARG A 219 -20.30 38.97 -34.30
C ARG A 219 -19.62 39.07 -35.67
N TYR A 220 -20.38 39.48 -36.67
CA TYR A 220 -19.86 39.54 -38.04
C TYR A 220 -18.83 40.64 -38.24
N LEU A 221 -19.08 41.81 -37.65
CA LEU A 221 -18.16 42.92 -37.78
C LEU A 221 -16.82 42.62 -37.11
N CYS A 222 -16.83 41.71 -36.14
CA CYS A 222 -15.62 41.39 -35.37
C CYS A 222 -14.87 40.16 -35.88
N ALA A 223 -15.43 39.49 -36.87
CA ALA A 223 -14.89 38.21 -37.34
C ALA A 223 -13.51 38.30 -37.99
N SER A 224 -13.25 39.37 -38.74
CA SER A 224 -12.00 39.47 -39.48
C SER A 224 -10.81 39.84 -38.58
N GLY A 225 -11.07 40.65 -37.55
CA GLY A 225 -10.03 41.07 -36.64
C GLY A 225 -9.36 42.36 -37.10
N SER A 226 -9.91 42.99 -38.13
CA SER A 226 -9.36 44.24 -38.64
C SER A 226 -10.19 45.45 -38.21
N PHE A 227 -11.49 45.24 -37.98
CA PHE A 227 -12.40 46.33 -37.67
C PHE A 227 -12.23 46.87 -36.25
N ASP A 228 -12.06 48.20 -36.15
CA ASP A 228 -11.96 48.87 -34.85
C ASP A 228 -13.36 49.00 -34.23
N PHE A 229 -13.92 47.87 -33.84
CA PHE A 229 -15.33 47.75 -33.48
C PHE A 229 -15.86 48.81 -32.51
N TYR A 230 -15.23 48.92 -31.34
CA TYR A 230 -15.77 49.75 -30.27
C TYR A 230 -15.63 51.26 -30.50
N ASN A 231 -14.92 51.63 -31.56
CA ASN A 231 -14.75 53.04 -31.89
C ASN A 231 -15.50 53.47 -33.15
N CYS A 232 -15.84 52.50 -34.00
CA CYS A 232 -16.46 52.80 -35.29
C CYS A 232 -17.89 52.29 -35.45
N LEU A 233 -18.43 51.61 -34.43
CA LEU A 233 -19.74 50.99 -34.58
C LEU A 233 -20.87 52.00 -34.48
N GLU A 234 -20.62 53.10 -33.78
CA GLU A 234 -21.59 54.18 -33.70
C GLU A 234 -21.83 54.80 -35.07
N SER A 235 -20.97 54.46 -36.04
CA SER A 235 -21.06 55.06 -37.36
C SER A 235 -21.28 54.05 -38.48
N VAL A 236 -21.56 52.80 -38.14
CA VAL A 236 -21.86 51.83 -39.19
C VAL A 236 -23.27 52.03 -39.74
N ASP A 237 -23.42 51.77 -41.03
CA ASP A 237 -24.71 51.81 -41.70
C ASP A 237 -25.28 50.38 -41.67
N VAL A 238 -26.19 50.14 -40.73
CA VAL A 238 -26.62 48.77 -40.45
C VAL A 238 -27.11 47.97 -41.66
N ASP A 239 -28.02 48.53 -42.43
CA ASP A 239 -28.59 47.81 -43.56
C ASP A 239 -27.53 47.45 -44.59
N HIS A 240 -26.56 48.34 -44.77
CA HIS A 240 -25.47 48.12 -45.71
C HIS A 240 -24.63 46.92 -45.25
N GLU A 241 -24.20 46.95 -44.00
CA GLU A 241 -23.34 45.90 -43.46
C GLU A 241 -24.03 44.54 -43.39
N ALA A 242 -25.34 44.55 -43.14
CA ALA A 242 -26.10 43.30 -43.09
C ALA A 242 -26.20 42.66 -44.47
N GLY A 243 -26.28 43.49 -45.50
CA GLY A 243 -26.33 43.01 -46.87
C GLY A 243 -24.97 42.49 -47.29
N ARG A 244 -23.93 43.24 -46.93
CA ARG A 244 -22.56 42.87 -47.25
C ARG A 244 -22.22 41.48 -46.69
N PHE A 245 -22.74 41.19 -45.51
CA PHE A 245 -22.47 39.92 -44.85
C PHE A 245 -23.47 38.82 -45.20
N GLY A 246 -24.42 39.15 -46.08
CA GLY A 246 -25.36 38.16 -46.57
C GLY A 246 -26.36 37.66 -45.53
N ILE A 247 -26.56 38.45 -44.49
CA ILE A 247 -27.44 38.06 -43.39
C ILE A 247 -28.58 39.03 -43.20
N TYR A 248 -28.97 39.72 -44.27
CA TYR A 248 -29.99 40.76 -44.16
C TYR A 248 -31.29 40.26 -43.53
N HIS A 249 -31.75 39.09 -43.96
CA HIS A 249 -33.01 38.55 -43.45
C HIS A 249 -32.92 38.21 -41.96
N ARG A 250 -31.78 37.68 -41.54
CA ARG A 250 -31.56 37.36 -40.13
C ARG A 250 -31.54 38.63 -39.29
N TYR A 251 -30.83 39.63 -39.78
CA TYR A 251 -30.74 40.90 -39.07
C TYR A 251 -32.12 41.52 -38.85
N CYS A 252 -32.97 41.43 -39.86
CA CYS A 252 -34.32 41.97 -39.77
C CYS A 252 -35.13 41.33 -38.64
N ILE A 253 -34.96 40.02 -38.47
CA ILE A 253 -35.61 39.32 -37.38
C ILE A 253 -35.11 39.83 -36.04
N GLU A 254 -33.79 39.88 -35.87
CA GLU A 254 -33.21 40.36 -34.62
C GLU A 254 -33.70 41.76 -34.30
N ARG A 255 -33.78 42.61 -35.32
CA ARG A 255 -34.18 43.99 -35.14
C ARG A 255 -35.66 44.13 -34.83
N ALA A 256 -36.49 43.37 -35.53
CA ALA A 256 -37.94 43.38 -35.29
C ALA A 256 -38.23 42.93 -33.86
N ALA A 257 -37.60 41.83 -33.46
CA ALA A 257 -37.74 41.33 -32.10
C ALA A 257 -37.42 42.42 -31.08
N ALA A 258 -36.34 43.14 -31.32
CA ALA A 258 -35.89 44.18 -30.40
C ALA A 258 -36.87 45.35 -30.30
N HIS A 259 -37.64 45.59 -31.36
CA HIS A 259 -38.54 46.74 -31.39
C HIS A 259 -39.96 46.43 -30.95
N SER A 260 -40.43 45.22 -31.23
CA SER A 260 -41.80 44.82 -30.89
C SER A 260 -41.97 44.51 -29.40
N ALA A 261 -40.86 44.21 -28.73
CA ALA A 261 -40.91 43.80 -27.33
C ALA A 261 -41.23 44.96 -26.40
N ASP A 262 -42.04 44.70 -25.40
CA ASP A 262 -42.36 45.72 -24.39
C ASP A 262 -41.09 46.07 -23.61
N VAL A 263 -40.24 45.06 -23.40
CA VAL A 263 -38.96 45.28 -22.75
C VAL A 263 -37.84 44.63 -23.57
N PHE A 264 -36.76 45.38 -23.76
CA PHE A 264 -35.62 44.90 -24.55
C PHE A 264 -34.41 44.79 -23.64
N THR A 265 -33.78 43.62 -23.62
CA THR A 265 -32.64 43.39 -22.73
C THR A 265 -31.44 42.73 -23.42
N THR A 266 -30.25 42.98 -22.87
CA THR A 266 -29.05 42.28 -23.28
C THR A 266 -28.45 41.66 -22.02
N VAL A 267 -27.38 40.87 -22.19
CA VAL A 267 -26.76 40.18 -21.07
C VAL A 267 -25.66 41.00 -20.42
N SER A 268 -25.37 42.17 -20.95
CA SER A 268 -24.28 42.99 -20.41
C SER A 268 -24.32 44.43 -20.88
N GLN A 269 -23.73 45.32 -20.09
CA GLN A 269 -23.64 46.73 -20.44
C GLN A 269 -22.88 46.94 -21.73
N ILE A 270 -21.80 46.18 -21.92
CA ILE A 270 -21.01 46.32 -23.14
C ILE A 270 -21.83 45.97 -24.37
N THR A 271 -22.65 44.93 -24.26
CA THR A 271 -23.52 44.53 -25.36
C THR A 271 -24.66 45.53 -25.55
N ALA A 272 -25.07 46.18 -24.47
CA ALA A 272 -26.09 47.21 -24.53
C ALA A 272 -25.62 48.35 -25.43
N PHE A 273 -24.33 48.64 -25.36
CA PHE A 273 -23.72 49.64 -26.22
C PHE A 273 -23.92 49.29 -27.70
N GLU A 274 -23.50 48.10 -28.10
CA GLU A 274 -23.61 47.70 -29.50
C GLU A 274 -25.08 47.52 -29.91
N ALA A 275 -25.90 47.09 -28.96
CA ALA A 275 -27.32 46.86 -29.23
C ALA A 275 -28.03 48.15 -29.60
N GLU A 276 -27.74 49.23 -28.87
CA GLU A 276 -28.38 50.51 -29.11
C GLU A 276 -28.09 51.05 -30.51
N HIS A 277 -26.83 50.93 -30.95
CA HIS A 277 -26.43 51.47 -32.23
C HIS A 277 -26.62 50.51 -33.41
N LEU A 278 -26.59 49.21 -33.13
CA LEU A 278 -26.70 48.22 -34.19
C LEU A 278 -28.11 47.66 -34.37
N LEU A 279 -28.88 47.63 -33.29
CA LEU A 279 -30.27 47.20 -33.37
C LEU A 279 -31.22 48.39 -33.28
N LYS A 280 -30.67 49.56 -32.97
CA LYS A 280 -31.40 50.82 -33.01
C LYS A 280 -32.44 50.99 -31.90
N ARG A 281 -32.14 50.44 -30.72
CA ARG A 281 -32.97 50.65 -29.54
C ARG A 281 -32.14 50.48 -28.28
N LYS A 282 -32.25 51.43 -27.36
CA LYS A 282 -31.51 51.33 -26.11
C LYS A 282 -32.17 50.33 -25.19
N PRO A 283 -31.45 49.27 -24.82
CA PRO A 283 -31.98 48.22 -23.95
C PRO A 283 -32.50 48.82 -22.66
N ASP A 284 -33.60 48.27 -22.14
CA ASP A 284 -34.19 48.78 -20.90
C ASP A 284 -33.41 48.35 -19.67
N GLY A 285 -32.51 47.38 -19.84
CA GLY A 285 -31.72 46.90 -18.72
C GLY A 285 -30.89 45.66 -19.02
N ILE A 286 -30.14 45.23 -18.01
CA ILE A 286 -29.20 44.13 -18.14
C ILE A 286 -29.68 42.88 -17.40
N LEU A 287 -29.56 41.74 -18.05
CA LEU A 287 -29.84 40.45 -17.42
C LEU A 287 -28.60 39.57 -17.43
N PRO A 288 -27.64 39.85 -16.53
CA PRO A 288 -26.38 39.08 -16.50
C PRO A 288 -26.67 37.59 -16.28
N ASN A 289 -25.83 36.73 -16.85
CA ASN A 289 -26.03 35.30 -16.72
C ASN A 289 -25.54 34.79 -15.37
N GLY A 290 -26.39 34.04 -14.69
CA GLY A 290 -26.04 33.51 -13.39
C GLY A 290 -25.59 32.07 -13.45
N LEU A 291 -25.08 31.57 -12.33
CA LEU A 291 -24.72 30.17 -12.21
C LEU A 291 -25.42 29.58 -11.00
N ASN A 292 -25.66 28.28 -11.04
CA ASN A 292 -26.22 27.57 -9.89
C ASN A 292 -25.08 27.07 -9.01
N VAL A 293 -24.58 27.96 -8.14
CA VAL A 293 -23.37 27.68 -7.38
C VAL A 293 -23.61 26.69 -6.25
N ILE A 294 -22.97 25.52 -6.35
CA ILE A 294 -23.03 24.54 -5.27
C ILE A 294 -21.85 24.70 -4.32
N LYS A 295 -22.14 25.14 -3.10
CA LYS A 295 -21.12 25.39 -2.10
C LYS A 295 -20.75 24.12 -1.33
N PHE A 296 -19.56 24.10 -0.76
CA PHE A 296 -19.13 22.98 0.08
C PHE A 296 -19.54 23.22 1.52
N GLN A 297 -19.72 22.14 2.28
CA GLN A 297 -20.07 22.24 3.68
C GLN A 297 -19.04 23.10 4.42
N ALA A 298 -17.76 22.77 4.22
CA ALA A 298 -16.67 23.53 4.84
C ALA A 298 -16.11 24.54 3.84
N PHE A 299 -16.10 25.81 4.24
CA PHE A 299 -15.67 26.89 3.34
C PHE A 299 -14.28 26.68 2.78
N HIS A 300 -13.40 26.05 3.55
CA HIS A 300 -11.99 25.91 3.16
C HIS A 300 -11.73 24.72 2.24
N GLU A 301 -12.75 23.89 2.02
CA GLU A 301 -12.58 22.68 1.22
C GLU A 301 -12.02 22.98 -0.17
N PHE A 302 -12.46 24.08 -0.78
CA PHE A 302 -12.00 24.43 -2.11
C PHE A 302 -10.49 24.70 -2.14
N GLN A 303 -9.95 25.11 -1.00
CA GLN A 303 -8.50 25.28 -0.89
C GLN A 303 -7.81 23.92 -0.92
N ASN A 304 -8.39 22.95 -0.21
CA ASN A 304 -7.87 21.59 -0.22
C ASN A 304 -7.92 21.02 -1.62
N LEU A 305 -9.06 21.23 -2.28
CA LEU A 305 -9.23 20.76 -3.66
C LEU A 305 -8.18 21.36 -4.59
N HIS A 306 -7.87 22.63 -4.38
CA HIS A 306 -6.85 23.30 -5.20
C HIS A 306 -5.48 22.64 -5.05
N ALA A 307 -5.12 22.33 -3.81
CA ALA A 307 -3.82 21.71 -3.55
C ALA A 307 -3.73 20.34 -4.19
N LEU A 308 -4.84 19.60 -4.16
CA LEU A 308 -4.89 18.25 -4.71
C LEU A 308 -4.82 18.23 -6.24
N LYS A 309 -5.60 19.11 -6.88
CA LYS A 309 -5.59 19.17 -8.33
C LYS A 309 -4.27 19.73 -8.82
N LYS A 310 -3.72 20.67 -8.07
CA LYS A 310 -2.43 21.25 -8.44
C LYS A 310 -1.37 20.17 -8.50
N GLU A 311 -1.48 19.17 -7.61
CA GLU A 311 -0.52 18.08 -7.60
CA GLU A 311 -0.55 18.06 -7.58
C GLU A 311 -0.57 17.25 -8.88
N LYS A 312 -1.77 17.10 -9.45
CA LYS A 312 -1.93 16.42 -10.74
C LYS A 312 -1.23 17.21 -11.84
N ILE A 313 -1.39 18.52 -11.84
CA ILE A 313 -0.68 19.37 -12.80
C ILE A 313 0.84 19.23 -12.62
N ASN A 314 1.29 19.32 -11.37
CA ASN A 314 2.69 19.03 -11.06
C ASN A 314 3.17 17.73 -11.71
N ASP A 315 2.37 16.68 -11.58
CA ASP A 315 2.70 15.38 -12.17
CA ASP A 315 2.69 15.38 -12.17
C ASP A 315 2.96 15.51 -13.67
N PHE A 316 2.01 16.13 -14.38
CA PHE A 316 2.17 16.32 -15.81
C PHE A 316 3.39 17.17 -16.16
N VAL A 317 3.62 18.23 -15.39
CA VAL A 317 4.74 19.14 -15.65
C VAL A 317 6.11 18.46 -15.52
N ARG A 318 6.28 17.60 -14.52
CA ARG A 318 7.52 16.84 -14.40
C ARG A 318 7.80 15.99 -15.63
N GLY A 319 6.76 15.32 -16.14
CA GLY A 319 6.90 14.53 -17.35
C GLY A 319 7.25 15.41 -18.54
N HIS A 320 6.55 16.53 -18.67
CA HIS A 320 6.77 17.42 -19.81
C HIS A 320 8.17 18.02 -19.86
N PHE A 321 8.77 18.24 -18.69
CA PHE A 321 10.07 18.87 -18.61
C PHE A 321 11.17 17.88 -18.23
N HIS A 322 10.89 16.59 -18.43
CA HIS A 322 11.88 15.58 -18.08
C HIS A 322 13.19 15.93 -18.79
N GLY A 323 14.29 15.81 -18.06
CA GLY A 323 15.59 16.13 -18.61
C GLY A 323 15.92 17.60 -18.55
N CYS A 324 14.90 18.42 -18.29
CA CYS A 324 15.06 19.87 -18.24
C CYS A 324 14.34 20.45 -17.03
N PHE A 325 14.35 19.72 -15.93
CA PHE A 325 13.62 20.15 -14.74
C PHE A 325 14.54 20.88 -13.79
N ASP A 326 14.66 22.19 -13.97
CA ASP A 326 15.58 22.99 -13.17
C ASP A 326 14.89 24.10 -12.38
N PHE A 327 13.58 24.01 -12.22
CA PHE A 327 12.87 24.96 -11.39
C PHE A 327 12.12 24.28 -10.24
N ASP A 328 11.68 25.09 -9.29
CA ASP A 328 11.05 24.59 -8.07
C ASP A 328 9.53 24.67 -8.18
N LEU A 329 8.86 23.52 -8.15
CA LEU A 329 7.41 23.49 -8.29
C LEU A 329 6.70 24.17 -7.13
N ASP A 330 7.40 24.30 -6.01
CA ASP A 330 6.90 25.07 -4.88
C ASP A 330 6.82 26.57 -5.19
N ASN A 331 7.60 27.00 -6.17
CA ASN A 331 7.63 28.40 -6.55
C ASN A 331 7.18 28.59 -8.00
N THR A 332 6.24 27.75 -8.43
CA THR A 332 5.73 27.81 -9.79
C THR A 332 4.25 28.17 -9.77
N LEU A 333 3.85 28.97 -10.75
CA LEU A 333 2.47 29.40 -10.84
C LEU A 333 1.90 28.95 -12.17
N TYR A 334 0.65 28.49 -12.15
CA TYR A 334 -0.01 28.07 -13.38
C TYR A 334 -1.02 29.11 -13.90
N PHE A 335 -0.75 29.63 -15.09
CA PHE A 335 -1.66 30.53 -15.80
C PHE A 335 -2.37 29.71 -16.86
N PHE A 336 -3.60 30.05 -17.18
CA PHE A 336 -4.24 29.43 -18.33
C PHE A 336 -5.21 30.36 -19.04
N ILE A 337 -5.28 30.22 -20.35
CA ILE A 337 -6.38 30.73 -21.13
C ILE A 337 -7.11 29.51 -21.69
N ALA A 338 -8.43 29.59 -21.77
CA ALA A 338 -9.21 28.49 -22.29
C ALA A 338 -10.44 29.02 -23.01
N GLY A 339 -10.93 28.24 -23.97
CA GLY A 339 -12.12 28.60 -24.70
C GLY A 339 -12.03 28.18 -26.14
N ARG A 340 -12.94 28.71 -26.96
CA ARG A 340 -12.96 28.44 -28.39
C ARG A 340 -11.74 29.08 -29.03
N TYR A 341 -11.17 28.40 -30.02
CA TYR A 341 -10.00 28.90 -30.72
C TYR A 341 -10.39 30.13 -31.54
N GLU A 342 -10.46 31.27 -30.87
CA GLU A 342 -10.68 32.55 -31.54
C GLU A 342 -9.50 33.45 -31.23
N TYR A 343 -8.51 33.39 -32.11
CA TYR A 343 -7.20 34.00 -31.87
C TYR A 343 -7.27 35.47 -31.45
N LYS A 344 -8.01 36.29 -32.20
CA LYS A 344 -8.13 37.71 -31.88
C LYS A 344 -9.25 37.97 -30.87
N ASN A 345 -10.43 37.44 -31.12
CA ASN A 345 -11.58 37.73 -30.25
C ASN A 345 -11.49 37.22 -28.80
N LYS A 346 -10.70 36.17 -28.57
CA LYS A 346 -10.48 35.70 -27.20
C LYS A 346 -9.12 36.16 -26.67
N GLY A 347 -8.39 36.91 -27.49
CA GLY A 347 -7.14 37.51 -27.06
C GLY A 347 -6.00 36.55 -26.77
N ALA A 348 -5.94 35.44 -27.50
CA ALA A 348 -4.78 34.58 -27.45
C ALA A 348 -3.51 35.34 -27.85
N ASP A 349 -3.65 36.30 -28.75
CA ASP A 349 -2.50 37.09 -29.19
C ASP A 349 -1.98 38.02 -28.08
N MET A 350 -2.90 38.67 -27.37
CA MET A 350 -2.50 39.50 -26.24
C MET A 350 -1.85 38.66 -25.16
N PHE A 351 -2.43 37.49 -24.89
CA PHE A 351 -1.92 36.59 -23.87
C PHE A 351 -0.47 36.24 -24.15
N ILE A 352 -0.18 35.80 -25.37
CA ILE A 352 1.17 35.36 -25.70
C ILE A 352 2.15 36.54 -25.71
N GLU A 353 1.75 37.64 -26.33
CA GLU A 353 2.59 38.84 -26.34
C GLU A 353 2.89 39.32 -24.92
N ALA A 354 1.88 39.33 -24.07
CA ALA A 354 2.06 39.76 -22.69
C ALA A 354 2.98 38.82 -21.92
N LEU A 355 2.84 37.52 -22.17
CA LEU A 355 3.66 36.52 -21.51
C LEU A 355 5.15 36.68 -21.83
N ALA A 356 5.44 36.99 -23.09
CA ALA A 356 6.82 37.21 -23.52
C ALA A 356 7.41 38.43 -22.80
N ARG A 357 6.61 39.49 -22.69
CA ARG A 357 7.05 40.71 -22.02
C ARG A 357 7.19 40.44 -20.53
N LEU A 358 6.31 39.60 -19.98
CA LEU A 358 6.39 39.22 -18.58
C LEU A 358 7.67 38.45 -18.32
N ASN A 359 8.03 37.60 -19.28
CA ASN A 359 9.24 36.79 -19.18
C ASN A 359 10.45 37.67 -18.96
N TYR A 360 10.51 38.76 -19.72
CA TYR A 360 11.61 39.71 -19.63
C TYR A 360 11.67 40.40 -18.27
N ARG A 361 10.53 40.86 -17.78
CA ARG A 361 10.47 41.51 -16.46
C ARG A 361 10.92 40.58 -15.34
N LEU A 362 10.50 39.32 -15.41
CA LEU A 362 10.84 38.35 -14.38
C LEU A 362 12.33 38.04 -14.34
N LYS A 363 12.95 38.01 -15.52
CA LYS A 363 14.38 37.74 -15.61
C LYS A 363 15.19 38.92 -15.07
N VAL A 364 14.80 40.13 -15.44
CA VAL A 364 15.49 41.34 -15.00
C VAL A 364 15.47 41.50 -13.48
N SER A 365 14.40 41.05 -12.83
CA SER A 365 14.23 41.26 -11.40
C SER A 365 14.86 40.16 -10.54
N GLY A 366 15.55 39.23 -11.19
CA GLY A 366 16.21 38.14 -10.48
C GLY A 366 15.26 37.27 -9.69
N SER A 367 13.99 37.28 -10.06
CA SER A 367 13.00 36.44 -9.41
C SER A 367 13.29 34.96 -9.68
N LYS A 368 13.04 34.12 -8.69
CA LYS A 368 13.30 32.69 -8.83
C LYS A 368 12.02 31.91 -9.14
N LYS A 369 10.93 32.63 -9.33
CA LYS A 369 9.65 31.98 -9.60
C LYS A 369 9.58 31.56 -11.06
N THR A 370 8.70 30.60 -11.34
CA THR A 370 8.43 30.21 -12.71
C THR A 370 6.93 30.27 -12.98
N VAL A 371 6.56 30.72 -14.17
CA VAL A 371 5.18 30.66 -14.61
C VAL A 371 5.04 29.65 -15.75
N VAL A 372 4.19 28.65 -15.57
CA VAL A 372 3.84 27.77 -16.67
C VAL A 372 2.47 28.20 -17.17
N ALA A 373 2.42 28.61 -18.44
CA ALA A 373 1.17 29.08 -19.02
C ALA A 373 0.54 28.03 -19.95
N PHE A 374 -0.74 27.76 -19.74
CA PHE A 374 -1.45 26.76 -20.51
C PHE A 374 -2.41 27.42 -21.48
N ILE A 375 -2.35 27.01 -22.75
CA ILE A 375 -3.35 27.41 -23.72
C ILE A 375 -4.24 26.22 -24.04
N VAL A 376 -5.49 26.28 -23.59
CA VAL A 376 -6.44 25.20 -23.82
C VAL A 376 -7.52 25.61 -24.81
N MET A 377 -7.21 25.49 -26.09
CA MET A 377 -8.13 25.85 -27.17
C MET A 377 -8.09 24.77 -28.26
N PRO A 378 -9.24 24.17 -28.58
CA PRO A 378 -9.32 23.10 -29.57
C PRO A 378 -8.87 23.53 -30.96
N ALA A 379 -7.93 22.78 -31.54
CA ALA A 379 -7.50 22.99 -32.92
C ALA A 379 -7.36 21.62 -33.58
N LYS A 380 -7.45 21.57 -34.90
CA LYS A 380 -7.35 20.30 -35.62
C LYS A 380 -6.01 19.63 -35.36
N ASN A 381 -6.06 18.41 -34.85
CA ASN A 381 -4.85 17.71 -34.46
C ASN A 381 -4.89 16.21 -34.76
N ASN A 382 -3.71 15.58 -34.75
CA ASN A 382 -3.62 14.14 -34.91
C ASN A 382 -3.28 13.46 -33.59
N SER A 383 -3.82 14.00 -32.51
CA SER A 383 -3.63 13.45 -31.17
C SER A 383 -2.25 13.72 -30.56
N PHE A 384 -2.02 13.16 -29.38
CA PHE A 384 -0.80 13.38 -28.62
C PHE A 384 0.48 12.95 -29.33
N THR A 385 1.56 13.68 -29.09
CA THR A 385 2.86 13.30 -29.61
C THR A 385 3.39 12.08 -28.88
N VAL A 386 4.30 11.35 -29.52
CA VAL A 386 4.96 10.22 -28.88
C VAL A 386 5.76 10.73 -27.69
N GLU A 387 6.41 11.88 -27.86
CA GLU A 387 7.20 12.50 -26.82
C GLU A 387 6.39 12.76 -25.54
N ALA A 388 5.19 13.31 -25.69
CA ALA A 388 4.36 13.63 -24.53
C ALA A 388 4.02 12.37 -23.72
N LEU A 389 3.66 11.30 -24.43
CA LEU A 389 3.26 10.05 -23.78
C LEU A 389 4.46 9.33 -23.18
N LYS A 390 5.57 9.37 -23.90
CA LYS A 390 6.79 8.69 -23.47
C LYS A 390 7.36 9.30 -22.20
N GLY A 391 7.42 10.63 -22.15
CA GLY A 391 7.93 11.32 -20.98
C GLY A 391 7.15 10.94 -19.73
N GLN A 392 5.83 10.97 -19.83
CA GLN A 392 4.97 10.63 -18.71
CA GLN A 392 5.00 10.65 -18.68
C GLN A 392 5.24 9.20 -18.24
N ALA A 393 5.42 8.28 -19.18
CA ALA A 393 5.67 6.88 -18.83
C ALA A 393 7.05 6.73 -18.19
N GLU A 394 8.03 7.45 -18.71
CA GLU A 394 9.38 7.43 -18.16
C GLU A 394 9.46 7.93 -16.71
N VAL A 395 8.70 8.99 -16.40
CA VAL A 395 8.62 9.50 -15.04
C VAL A 395 7.89 8.51 -14.12
N ARG A 396 6.80 7.96 -14.63
CA ARG A 396 6.03 6.96 -13.91
C ARG A 396 6.92 5.76 -13.51
N ALA A 397 7.86 5.41 -14.39
CA ALA A 397 8.75 4.28 -14.13
C ALA A 397 9.77 4.63 -13.05
N LEU A 398 10.29 5.85 -13.08
CA LEU A 398 11.18 6.33 -12.03
C LEU A 398 10.46 6.25 -10.67
N GLU A 399 9.24 6.76 -10.64
CA GLU A 399 8.41 6.71 -9.43
C GLU A 399 8.29 5.29 -8.90
N ASN A 400 7.98 4.34 -9.78
CA ASN A 400 7.83 2.94 -9.39
C ASN A 400 9.10 2.36 -8.77
N THR A 401 10.23 2.59 -9.43
CA THR A 401 11.51 2.11 -8.93
C THR A 401 11.85 2.72 -7.56
N VAL A 402 11.53 3.99 -7.38
CA VAL A 402 11.78 4.65 -6.11
C VAL A 402 10.99 3.97 -5.01
N HIS A 403 9.74 3.60 -5.32
CA HIS A 403 8.90 2.88 -4.37
CA HIS A 403 8.90 2.88 -4.37
C HIS A 403 9.56 1.56 -3.95
N GLU A 404 10.11 0.83 -4.91
CA GLU A 404 10.80 -0.43 -4.62
C GLU A 404 11.98 -0.24 -3.69
N VAL A 405 12.84 0.72 -4.05
CA VAL A 405 14.03 1.03 -3.27
C VAL A 405 13.70 1.43 -1.83
N THR A 406 12.72 2.32 -1.66
CA THR A 406 12.36 2.78 -0.32
C THR A 406 11.74 1.65 0.50
N THR A 407 11.12 0.69 -0.17
CA THR A 407 10.65 -0.50 0.52
C THR A 407 11.83 -1.27 1.09
N SER A 408 12.89 -1.40 0.30
CA SER A 408 14.11 -2.06 0.78
C SER A 408 14.71 -1.27 1.93
N ILE A 409 14.77 0.05 1.74
CA ILE A 409 15.32 0.94 2.77
C ILE A 409 14.56 0.79 4.09
N GLY A 410 13.24 0.69 4.00
CA GLY A 410 12.42 0.55 5.19
C GLY A 410 12.74 -0.72 5.95
N LYS A 411 12.96 -1.80 5.22
CA LYS A 411 13.39 -3.07 5.80
C LYS A 411 14.67 -2.89 6.61
N ARG A 412 15.64 -2.20 6.02
CA ARG A 412 16.94 -1.99 6.66
C ARG A 412 16.86 -1.06 7.85
N ILE A 413 16.00 -0.05 7.78
CA ILE A 413 15.81 0.85 8.91
C ILE A 413 15.10 0.10 10.04
N PHE A 414 14.08 -0.67 9.69
CA PHE A 414 13.35 -1.45 10.68
C PHE A 414 14.30 -2.41 11.41
N ASP A 415 15.07 -3.19 10.66
CA ASP A 415 15.98 -4.15 11.26
C ASP A 415 16.92 -3.47 12.25
N HIS A 416 17.52 -2.36 11.84
CA HIS A 416 18.38 -1.60 12.73
C HIS A 416 17.63 -1.20 13.99
N ALA A 417 16.44 -0.64 13.82
CA ALA A 417 15.64 -0.15 14.92
C ALA A 417 15.25 -1.24 15.92
N ILE A 418 14.96 -2.43 15.42
CA ILE A 418 14.47 -3.51 16.28
C ILE A 418 15.59 -4.22 17.03
N ARG A 419 16.82 -4.16 16.52
CA ARG A 419 17.91 -4.91 17.17
C ARG A 419 18.87 -4.05 18.00
N TYR A 420 18.76 -2.73 17.88
CA TYR A 420 19.54 -1.82 18.72
C TYR A 420 19.24 -2.11 20.19
N PRO A 421 20.27 -2.10 21.05
CA PRO A 421 21.66 -1.77 20.72
C PRO A 421 22.54 -3.02 20.63
N HIS A 422 21.99 -4.16 20.25
CA HIS A 422 22.76 -5.39 20.21
C HIS A 422 23.54 -5.55 18.90
N ASN A 423 24.39 -6.58 18.86
CA ASN A 423 25.14 -6.91 17.65
C ASN A 423 26.03 -5.76 17.17
N GLY A 424 26.46 -4.92 18.11
CA GLY A 424 27.44 -3.88 17.79
C GLY A 424 26.86 -2.60 17.21
N LEU A 425 25.54 -2.45 17.27
CA LEU A 425 24.91 -1.21 16.84
C LEU A 425 25.08 -0.14 17.92
N THR A 426 25.93 0.85 17.64
CA THR A 426 26.22 1.89 18.63
C THR A 426 25.24 3.06 18.59
N THR A 427 24.46 3.16 17.53
CA THR A 427 23.50 4.25 17.38
C THR A 427 22.08 3.73 17.18
N GLU A 428 21.10 4.52 17.60
CA GLU A 428 19.70 4.13 17.47
C GLU A 428 19.30 3.98 16.01
N LEU A 429 19.87 4.82 15.15
CA LEU A 429 19.51 4.83 13.74
C LEU A 429 20.73 4.61 12.86
N PRO A 430 20.51 4.19 11.61
CA PRO A 430 21.62 4.16 10.65
C PRO A 430 22.14 5.58 10.47
N THR A 431 23.43 5.73 10.19
CA THR A 431 24.01 7.05 9.96
C THR A 431 24.67 7.12 8.59
N ASP A 432 25.02 5.96 8.05
CA ASP A 432 25.68 5.88 6.76
C ASP A 432 24.68 5.46 5.68
N LEU A 433 24.49 6.30 4.67
CA LEU A 433 23.53 6.00 3.61
C LEU A 433 23.78 4.62 3.02
N GLY A 434 25.04 4.19 3.04
CA GLY A 434 25.42 2.90 2.48
C GLY A 434 24.83 1.71 3.20
N GLU A 435 24.43 1.91 4.45
CA GLU A 435 23.77 0.85 5.21
C GLU A 435 22.35 0.65 4.68
N LEU A 436 21.80 1.68 4.06
CA LEU A 436 20.41 1.68 3.64
C LEU A 436 20.24 1.51 2.13
N LEU A 437 21.23 1.98 1.38
CA LEU A 437 21.13 2.01 -0.09
C LEU A 437 22.17 1.11 -0.73
N LYS A 438 21.71 0.03 -1.36
CA LYS A 438 22.63 -0.95 -1.94
C LYS A 438 22.99 -0.66 -3.39
N SER A 439 24.00 -1.35 -3.91
CA SER A 439 24.51 -1.07 -5.24
C SER A 439 23.50 -1.42 -6.33
N SER A 440 22.69 -2.45 -6.11
CA SER A 440 21.67 -2.83 -7.07
C SER A 440 20.57 -1.77 -7.09
N ASP A 441 20.29 -1.20 -5.92
CA ASP A 441 19.35 -0.09 -5.81
C ASP A 441 19.82 1.09 -6.67
N LYS A 442 21.12 1.33 -6.66
CA LYS A 442 21.71 2.44 -7.37
C LYS A 442 21.72 2.22 -8.89
N VAL A 443 22.08 1.02 -9.32
CA VAL A 443 22.05 0.67 -10.74
C VAL A 443 20.65 0.90 -11.30
N MET A 444 19.66 0.41 -10.56
CA MET A 444 18.26 0.56 -10.88
C MET A 444 17.89 2.04 -11.09
N LEU A 445 18.17 2.86 -10.08
CA LEU A 445 17.79 4.27 -10.11
C LEU A 445 18.52 5.04 -11.22
N LYS A 446 19.81 4.77 -11.37
CA LYS A 446 20.59 5.45 -12.39
C LYS A 446 20.06 5.16 -13.80
N ARG A 447 19.47 3.98 -13.99
CA ARG A 447 18.89 3.63 -15.28
C ARG A 447 17.60 4.41 -15.58
N ARG A 448 16.77 4.60 -14.56
CA ARG A 448 15.55 5.38 -14.76
C ARG A 448 15.90 6.85 -15.02
N ILE A 449 17.01 7.30 -14.46
CA ILE A 449 17.49 8.65 -14.68
C ILE A 449 18.01 8.81 -16.11
N LEU A 450 18.74 7.81 -16.59
CA LEU A 450 19.25 7.83 -17.95
C LEU A 450 18.13 7.89 -18.99
N ALA A 451 17.02 7.23 -18.70
CA ALA A 451 15.88 7.20 -19.61
C ALA A 451 15.16 8.55 -19.71
N LEU A 452 15.37 9.41 -18.71
CA LEU A 452 14.73 10.73 -18.69
C LEU A 452 15.55 11.78 -19.44
N ARG A 453 16.79 11.42 -19.76
CA ARG A 453 17.71 12.33 -20.44
C ARG A 453 17.21 12.67 -21.83
N ARG A 454 17.17 13.97 -22.15
CA ARG A 454 16.78 14.41 -23.48
C ARG A 454 17.99 14.46 -24.41
N PRO A 455 17.76 14.27 -25.71
CA PRO A 455 18.83 14.49 -26.69
C PRO A 455 19.43 15.87 -26.47
N GLU A 456 20.75 15.96 -26.43
CA GLU A 456 21.39 17.24 -26.14
C GLU A 456 20.87 18.36 -27.04
N GLY A 457 20.56 19.50 -26.42
CA GLY A 457 20.12 20.67 -27.14
C GLY A 457 18.61 20.75 -27.31
N GLN A 458 17.92 19.67 -26.97
CA GLN A 458 16.46 19.62 -27.16
C GLN A 458 15.71 20.22 -25.97
N LEU A 459 14.74 21.06 -26.27
CA LEU A 459 13.96 21.75 -25.24
C LEU A 459 12.56 21.15 -25.09
N PRO A 460 11.94 21.32 -23.90
CA PRO A 460 10.56 20.87 -23.72
C PRO A 460 9.66 21.52 -24.76
N PRO A 461 8.80 20.74 -25.42
CA PRO A 461 7.96 21.23 -26.51
C PRO A 461 6.98 22.30 -26.05
N ILE A 462 6.46 23.07 -27.00
CA ILE A 462 5.49 24.11 -26.68
C ILE A 462 4.07 23.64 -26.98
N VAL A 463 3.94 22.38 -27.36
CA VAL A 463 2.66 21.81 -27.72
C VAL A 463 2.66 20.30 -27.42
N THR A 464 1.52 19.78 -27.00
CA THR A 464 1.41 18.39 -26.58
C THR A 464 0.92 17.45 -27.69
N HIS A 465 0.49 18.01 -28.81
CA HIS A 465 -0.14 17.23 -29.87
C HIS A 465 0.56 17.39 -31.19
N ASN A 466 0.33 16.43 -32.08
CA ASN A 466 0.70 16.61 -33.48
C ASN A 466 -0.40 17.39 -34.16
N MET A 467 -0.04 18.46 -34.87
CA MET A 467 -1.02 19.38 -35.43
C MET A 467 -1.29 19.05 -36.89
N VAL A 468 -2.54 19.21 -37.32
CA VAL A 468 -2.90 18.97 -38.70
C VAL A 468 -2.16 19.93 -39.63
N ASP A 469 -2.24 21.23 -39.34
CA ASP A 469 -1.55 22.22 -40.14
C ASP A 469 -0.65 23.08 -39.27
N ASP A 470 0.44 22.47 -38.80
CA ASP A 470 1.34 23.10 -37.84
C ASP A 470 1.92 24.44 -38.31
N ALA A 471 2.37 24.48 -39.57
CA ALA A 471 3.07 25.65 -40.11
C ALA A 471 2.22 26.92 -40.15
N ASN A 472 0.90 26.77 -40.23
CA ASN A 472 0.00 27.92 -40.33
C ASN A 472 -0.84 28.18 -39.09
N ASP A 473 -0.51 27.51 -37.98
CA ASP A 473 -1.26 27.71 -36.76
C ASP A 473 -0.99 29.10 -36.18
N LEU A 474 -2.05 29.85 -35.95
CA LEU A 474 -1.94 31.20 -35.40
C LEU A 474 -1.20 31.20 -34.07
N ILE A 475 -1.66 30.39 -33.14
CA ILE A 475 -1.10 30.38 -31.80
C ILE A 475 0.37 29.93 -31.81
N LEU A 476 0.66 28.82 -32.48
CA LEU A 476 2.04 28.33 -32.52
C LEU A 476 2.97 29.31 -33.22
N ASN A 477 2.50 29.93 -34.30
CA ASN A 477 3.30 30.94 -34.98
C ASN A 477 3.58 32.15 -34.10
N LYS A 478 2.63 32.50 -33.24
CA LYS A 478 2.80 33.60 -32.29
C LYS A 478 3.89 33.25 -31.26
N ILE A 479 3.78 32.06 -30.69
CA ILE A 479 4.78 31.58 -29.74
C ILE A 479 6.17 31.55 -30.38
N ARG A 480 6.23 31.11 -31.63
CA ARG A 480 7.49 31.02 -32.35
C ARG A 480 8.07 32.40 -32.63
N GLN A 481 7.19 33.38 -32.85
CA GLN A 481 7.62 34.73 -33.15
C GLN A 481 8.20 35.45 -31.92
N VAL A 482 7.56 35.30 -30.76
CA VAL A 482 8.05 35.92 -29.54
C VAL A 482 9.12 35.04 -28.90
N GLN A 483 9.27 33.83 -29.43
CA GLN A 483 10.34 32.92 -29.05
C GLN A 483 10.31 32.48 -27.58
N LEU A 484 9.14 32.07 -27.12
CA LEU A 484 9.03 31.37 -25.85
C LEU A 484 9.21 29.87 -26.11
N PHE A 485 10.44 29.39 -26.00
CA PHE A 485 10.77 28.03 -26.38
C PHE A 485 11.06 27.12 -25.19
N ASN A 486 10.74 27.60 -24.00
CA ASN A 486 10.97 26.82 -22.79
C ASN A 486 12.45 26.54 -22.54
N SER A 487 13.30 27.49 -22.88
CA SER A 487 14.71 27.36 -22.54
C SER A 487 14.88 27.54 -21.04
N PRO A 488 15.95 26.99 -20.47
CA PRO A 488 16.16 27.02 -19.02
C PRO A 488 16.12 28.44 -18.45
N SER A 489 16.54 29.42 -19.25
CA SER A 489 16.61 30.80 -18.77
C SER A 489 15.27 31.53 -18.84
N ASP A 490 14.26 30.91 -19.45
CA ASP A 490 12.91 31.48 -19.47
C ASP A 490 12.20 31.23 -18.15
N ARG A 491 11.64 32.30 -17.58
CA ARG A 491 10.88 32.18 -16.34
C ARG A 491 9.40 31.97 -16.65
N VAL A 492 9.03 32.16 -17.92
CA VAL A 492 7.70 31.82 -18.40
C VAL A 492 7.81 30.66 -19.35
N LYS A 493 7.09 29.57 -19.06
CA LYS A 493 7.04 28.42 -19.97
C LYS A 493 5.72 28.41 -20.73
N MET A 494 5.72 27.85 -21.94
CA MET A 494 4.51 27.81 -22.77
C MET A 494 4.11 26.38 -23.13
N ILE A 495 2.82 26.07 -22.95
CA ILE A 495 2.30 24.77 -23.31
C ILE A 495 0.92 24.86 -23.97
N PHE A 496 0.90 24.70 -25.29
CA PHE A 496 -0.34 24.67 -26.06
C PHE A 496 -0.90 23.24 -26.04
N HIS A 497 -2.14 23.12 -25.58
CA HIS A 497 -2.83 21.83 -25.50
C HIS A 497 -4.12 21.94 -26.32
N PRO A 498 -4.02 21.72 -27.64
CA PRO A 498 -5.07 22.03 -28.62
C PRO A 498 -6.25 21.07 -28.61
N GLU A 499 -6.80 20.82 -27.43
CA GLU A 499 -7.88 19.86 -27.25
C GLU A 499 -8.54 20.13 -25.91
N PHE A 500 -9.85 19.92 -25.82
CA PHE A 500 -10.55 20.06 -24.55
C PHE A 500 -9.95 19.13 -23.51
N LEU A 501 -9.92 19.57 -22.26
CA LEU A 501 -9.44 18.75 -21.17
C LEU A 501 -10.51 17.73 -20.78
N ASN A 502 -10.07 16.53 -20.46
CA ASN A 502 -10.96 15.44 -20.07
C ASN A 502 -10.19 14.47 -19.17
N ALA A 503 -10.82 14.04 -18.10
CA ALA A 503 -10.19 13.08 -17.18
C ALA A 503 -9.74 11.79 -17.88
N ASN A 504 -10.34 11.47 -19.03
CA ASN A 504 -9.98 10.28 -19.79
C ASN A 504 -8.62 10.37 -20.49
N ASN A 505 -8.11 11.58 -20.68
CA ASN A 505 -6.87 11.78 -21.41
C ASN A 505 -5.64 11.21 -20.71
N PRO A 506 -4.63 10.78 -21.49
CA PRO A 506 -3.50 9.98 -20.98
C PRO A 506 -2.35 10.77 -20.36
N ILE A 507 -2.26 12.09 -20.56
CA ILE A 507 -1.11 12.83 -20.04
C ILE A 507 -1.51 13.82 -18.93
N LEU A 508 -2.69 14.41 -19.07
CA LEU A 508 -3.20 15.39 -18.11
C LEU A 508 -4.63 14.95 -17.78
N GLY A 509 -4.72 13.91 -16.96
CA GLY A 509 -5.99 13.28 -16.67
C GLY A 509 -6.89 14.10 -15.76
N LEU A 510 -7.29 15.28 -16.23
CA LEU A 510 -8.15 16.15 -15.44
C LEU A 510 -9.34 16.62 -16.27
N ASP A 511 -10.51 16.65 -15.66
CA ASP A 511 -11.62 17.36 -16.27
C ASP A 511 -11.34 18.87 -16.16
N TYR A 512 -12.05 19.67 -16.95
CA TYR A 512 -11.80 21.10 -17.00
C TYR A 512 -11.89 21.78 -15.63
N ASP A 513 -12.96 21.51 -14.89
CA ASP A 513 -13.14 22.14 -13.59
C ASP A 513 -12.02 21.78 -12.61
N GLU A 514 -11.57 20.53 -12.65
CA GLU A 514 -10.45 20.09 -11.82
C GLU A 514 -9.20 20.88 -12.14
N PHE A 515 -8.92 21.02 -13.42
CA PHE A 515 -7.74 21.73 -13.90
C PHE A 515 -7.75 23.20 -13.46
N VAL A 516 -8.88 23.88 -13.62
CA VAL A 516 -9.00 25.27 -13.19
C VAL A 516 -8.67 25.41 -11.71
N ARG A 517 -9.25 24.54 -10.90
CA ARG A 517 -9.02 24.57 -9.45
C ARG A 517 -7.53 24.46 -9.12
N GLY A 518 -6.79 23.68 -9.91
CA GLY A 518 -5.39 23.46 -9.64
C GLY A 518 -4.51 24.60 -10.09
N CYS A 519 -5.04 25.44 -10.98
CA CYS A 519 -4.29 26.59 -11.48
C CYS A 519 -4.31 27.76 -10.49
N HIS A 520 -3.56 28.81 -10.81
CA HIS A 520 -3.49 29.98 -9.93
C HIS A 520 -4.19 31.21 -10.49
N LEU A 521 -4.16 31.35 -11.80
CA LEU A 521 -4.68 32.55 -12.44
C LEU A 521 -5.23 32.25 -13.83
N GLY A 522 -6.49 32.63 -14.07
CA GLY A 522 -7.07 32.59 -15.39
C GLY A 522 -6.82 33.91 -16.11
N VAL A 523 -6.51 33.83 -17.41
CA VAL A 523 -6.23 35.03 -18.19
C VAL A 523 -7.02 35.01 -19.49
N PHE A 524 -8.04 35.87 -19.57
CA PHE A 524 -8.98 35.86 -20.69
C PHE A 524 -9.13 37.26 -21.27
N PRO A 525 -8.14 37.70 -22.04
CA PRO A 525 -8.15 39.08 -22.57
C PRO A 525 -9.07 39.19 -23.79
N SER A 526 -10.34 38.90 -23.60
CA SER A 526 -11.30 38.88 -24.71
C SER A 526 -11.53 40.23 -25.36
N TYR A 527 -11.86 40.21 -26.64
CA TYR A 527 -12.17 41.42 -27.37
C TYR A 527 -13.66 41.49 -27.70
N TYR A 528 -14.23 40.36 -28.09
CA TYR A 528 -15.68 40.27 -28.28
C TYR A 528 -16.27 39.13 -27.48
N GLU A 529 -17.17 39.47 -26.56
CA GLU A 529 -17.63 38.53 -25.55
C GLU A 529 -18.80 39.13 -24.75
N PRO A 530 -20.03 38.97 -25.28
CA PRO A 530 -21.23 39.50 -24.64
C PRO A 530 -21.34 39.04 -23.19
N TRP A 531 -21.02 37.78 -22.90
CA TRP A 531 -20.87 37.35 -21.52
C TRP A 531 -19.69 36.42 -21.32
N GLY A 532 -18.89 36.69 -20.28
CA GLY A 532 -17.73 35.87 -19.97
C GLY A 532 -18.04 34.64 -19.12
N TYR A 533 -18.54 33.60 -19.76
CA TYR A 533 -18.77 32.33 -19.08
C TYR A 533 -17.49 31.83 -18.42
N THR A 534 -16.39 31.93 -19.15
CA THR A 534 -15.13 31.34 -18.70
C THR A 534 -14.58 31.97 -17.40
N PRO A 535 -14.39 33.29 -17.36
CA PRO A 535 -13.91 33.88 -16.10
C PRO A 535 -14.96 33.78 -14.99
N ALA A 536 -16.23 33.69 -15.37
CA ALA A 536 -17.30 33.54 -14.39
C ALA A 536 -17.16 32.20 -13.67
N GLU A 537 -17.02 31.13 -14.44
CA GLU A 537 -16.75 29.81 -13.88
C GLU A 537 -15.50 29.86 -13.02
N CYS A 538 -14.47 30.50 -13.55
CA CYS A 538 -13.19 30.60 -12.86
C CYS A 538 -13.37 31.20 -11.46
N THR A 539 -14.16 32.27 -11.39
CA THR A 539 -14.43 32.93 -10.12
C THR A 539 -15.11 31.99 -9.14
N VAL A 540 -16.09 31.24 -9.62
CA VAL A 540 -16.84 30.32 -8.78
C VAL A 540 -15.94 29.22 -8.23
N MET A 541 -14.91 28.86 -8.99
CA MET A 541 -13.92 27.88 -8.55
C MET A 541 -12.93 28.49 -7.56
N GLY A 542 -13.11 29.78 -7.26
CA GLY A 542 -12.24 30.47 -6.34
C GLY A 542 -10.88 30.79 -6.93
N VAL A 543 -10.82 30.95 -8.25
CA VAL A 543 -9.57 31.24 -8.94
C VAL A 543 -9.58 32.66 -9.50
N PRO A 544 -8.55 33.46 -9.15
CA PRO A 544 -8.44 34.82 -9.68
C PRO A 544 -8.36 34.79 -11.20
N SER A 545 -8.85 35.83 -11.86
CA SER A 545 -8.84 35.88 -13.31
C SER A 545 -8.66 37.29 -13.85
N ILE A 546 -8.15 37.36 -15.07
CA ILE A 546 -8.02 38.62 -15.77
C ILE A 546 -9.01 38.65 -16.92
N THR A 547 -9.85 39.67 -16.93
CA THR A 547 -10.87 39.83 -17.96
C THR A 547 -10.67 41.20 -18.61
N THR A 548 -11.60 41.64 -19.44
CA THR A 548 -11.50 42.96 -20.07
C THR A 548 -12.79 43.75 -19.89
N ASN A 549 -12.73 45.05 -20.15
CA ASN A 549 -13.91 45.90 -20.01
C ASN A 549 -14.83 45.82 -21.21
N VAL A 550 -14.41 45.12 -22.26
CA VAL A 550 -15.28 44.85 -23.38
C VAL A 550 -15.87 43.44 -23.28
N SER A 551 -15.58 42.77 -22.17
CA SER A 551 -16.20 41.49 -21.87
C SER A 551 -17.41 41.73 -20.98
N GLY A 552 -18.50 41.01 -21.25
CA GLY A 552 -19.71 41.13 -20.47
C GLY A 552 -19.51 40.89 -18.99
N PHE A 553 -18.57 40.00 -18.65
CA PHE A 553 -18.29 39.68 -17.26
C PHE A 553 -17.47 40.78 -16.60
N GLY A 554 -16.51 41.33 -17.34
CA GLY A 554 -15.70 42.43 -16.84
C GLY A 554 -16.51 43.70 -16.62
N SER A 555 -17.42 43.97 -17.54
CA SER A 555 -18.25 45.17 -17.46
C SER A 555 -19.25 45.04 -16.31
N TYR A 556 -19.72 43.84 -16.07
CA TYR A 556 -20.63 43.60 -14.95
C TYR A 556 -19.93 43.77 -13.62
N MET A 557 -18.70 43.29 -13.54
CA MET A 557 -17.92 43.33 -12.31
C MET A 557 -17.41 44.75 -12.05
N GLU A 558 -17.10 45.43 -13.14
CA GLU A 558 -16.59 46.79 -13.10
C GLU A 558 -17.55 47.71 -12.36
N ASP A 559 -18.84 47.58 -12.68
CA ASP A 559 -19.85 48.46 -12.13
C ASP A 559 -20.32 47.98 -10.78
N LEU A 560 -19.71 46.91 -10.30
CA LEU A 560 -20.15 46.28 -9.07
C LEU A 560 -19.13 46.43 -7.95
N ILE A 561 -17.89 46.76 -8.32
CA ILE A 561 -16.81 46.85 -7.35
C ILE A 561 -15.88 48.01 -7.65
N GLU A 562 -15.43 48.69 -6.60
CA GLU A 562 -14.51 49.81 -6.74
C GLU A 562 -13.23 49.40 -7.47
N THR A 563 -12.74 50.30 -8.32
CA THR A 563 -11.59 50.02 -9.18
C THR A 563 -10.51 49.16 -8.53
N ASN A 564 -9.82 49.72 -7.53
CA ASN A 564 -8.67 49.07 -6.93
C ASN A 564 -9.04 47.95 -5.96
N GLN A 565 -10.28 47.97 -5.50
CA GLN A 565 -10.78 46.94 -4.60
C GLN A 565 -10.95 45.62 -5.36
N ALA A 566 -11.15 45.72 -6.66
CA ALA A 566 -11.37 44.56 -7.52
C ALA A 566 -10.17 43.62 -7.50
N LYS A 567 -8.97 44.18 -7.69
CA LYS A 567 -7.76 43.37 -7.70
C LYS A 567 -7.62 42.59 -6.39
N ASP A 568 -8.05 43.20 -5.29
CA ASP A 568 -8.00 42.54 -4.00
C ASP A 568 -8.90 41.30 -3.99
N TYR A 569 -9.96 41.32 -4.80
CA TYR A 569 -10.86 40.19 -4.88
C TYR A 569 -10.47 39.21 -5.97
N GLY A 570 -9.32 39.45 -6.60
CA GLY A 570 -8.83 38.59 -7.65
C GLY A 570 -9.52 38.78 -8.99
N ILE A 571 -10.10 39.96 -9.19
CA ILE A 571 -10.69 40.31 -10.47
C ILE A 571 -9.90 41.45 -11.10
N TYR A 572 -9.06 41.12 -12.08
CA TYR A 572 -8.28 42.10 -12.80
C TYR A 572 -8.95 42.43 -14.12
N ILE A 573 -9.13 43.72 -14.40
CA ILE A 573 -9.90 44.15 -15.56
C ILE A 573 -9.10 45.04 -16.50
N VAL A 574 -8.66 44.48 -17.61
CA VAL A 574 -7.88 45.23 -18.60
C VAL A 574 -8.77 46.14 -19.45
N ASP A 575 -8.26 47.34 -19.74
CA ASP A 575 -9.01 48.33 -20.50
C ASP A 575 -8.70 48.18 -21.99
N ARG A 576 -9.67 47.71 -22.75
CA ARG A 576 -9.51 47.45 -24.18
C ARG A 576 -10.38 48.38 -24.98
N ARG A 577 -10.99 49.34 -24.30
CA ARG A 577 -11.97 50.22 -24.92
C ARG A 577 -11.46 51.65 -25.09
N PHE A 578 -10.72 52.13 -24.08
CA PHE A 578 -10.21 53.51 -24.11
C PHE A 578 -8.70 53.56 -24.00
N LYS A 579 -8.04 52.45 -24.30
CA LYS A 579 -6.58 52.45 -24.36
C LYS A 579 -6.12 52.00 -25.74
N ALA A 580 -4.91 52.41 -26.11
CA ALA A 580 -4.29 51.89 -27.32
C ALA A 580 -3.87 50.45 -27.07
N PRO A 581 -3.91 49.63 -28.12
CA PRO A 581 -3.59 48.20 -27.97
C PRO A 581 -2.29 47.95 -27.19
N ASP A 582 -1.23 48.67 -27.49
CA ASP A 582 0.04 48.43 -26.81
C ASP A 582 -0.04 48.78 -25.33
N GLU A 583 -0.90 49.73 -25.00
CA GLU A 583 -1.12 50.08 -23.60
C GLU A 583 -1.97 49.00 -22.93
N SER A 584 -2.90 48.43 -23.69
CA SER A 584 -3.70 47.30 -23.20
C SER A 584 -2.79 46.12 -22.84
N VAL A 585 -1.88 45.79 -23.75
CA VAL A 585 -0.91 44.72 -23.51
C VAL A 585 -0.06 45.00 -22.27
N GLU A 586 0.41 46.24 -22.17
CA GLU A 586 1.25 46.65 -21.06
C GLU A 586 0.54 46.58 -19.70
N GLN A 587 -0.73 46.94 -19.68
CA GLN A 587 -1.53 46.81 -18.47
C GLN A 587 -1.73 45.33 -18.11
N LEU A 588 -1.85 44.48 -19.14
CA LEU A 588 -1.99 43.04 -18.94
C LEU A 588 -0.76 42.49 -18.23
N VAL A 589 0.42 42.86 -18.73
CA VAL A 589 1.67 42.46 -18.11
C VAL A 589 1.77 42.96 -16.67
N ASP A 590 1.37 44.22 -16.45
CA ASP A 590 1.35 44.80 -15.10
C ASP A 590 0.56 43.94 -14.13
N TYR A 591 -0.65 43.55 -14.53
CA TYR A 591 -1.47 42.68 -13.71
C TYR A 591 -0.80 41.35 -13.44
N MET A 592 -0.38 40.66 -14.51
CA MET A 592 0.31 39.39 -14.39
C MET A 592 1.48 39.49 -13.40
N GLU A 593 2.25 40.57 -13.53
CA GLU A 593 3.44 40.72 -12.69
C GLU A 593 3.05 41.03 -11.25
N GLU A 594 1.96 41.76 -11.09
CA GLU A 594 1.46 42.06 -9.75
C GLU A 594 1.07 40.77 -9.05
N PHE A 595 0.45 39.86 -9.80
CA PHE A 595 0.06 38.57 -9.23
C PHE A 595 1.26 37.70 -8.86
N VAL A 596 2.26 37.66 -9.72
CA VAL A 596 3.42 36.81 -9.49
C VAL A 596 4.21 37.20 -8.25
N LYS A 597 4.20 38.50 -7.94
CA LYS A 597 4.95 39.01 -6.80
C LYS A 597 4.29 38.64 -5.47
N LYS A 598 3.07 38.12 -5.52
CA LYS A 598 2.37 37.75 -4.28
C LYS A 598 3.04 36.59 -3.59
N THR A 599 2.94 36.56 -2.27
CA THR A 599 3.42 35.42 -1.50
C THR A 599 2.32 34.36 -1.45
N ARG A 600 2.66 33.17 -0.98
CA ARG A 600 1.65 32.12 -0.83
C ARG A 600 0.49 32.57 0.07
N ARG A 601 0.82 33.15 1.21
CA ARG A 601 -0.22 33.64 2.12
C ARG A 601 -1.12 34.64 1.43
N GLN A 602 -0.52 35.49 0.60
CA GLN A 602 -1.29 36.48 -0.16
C GLN A 602 -2.17 35.82 -1.22
N ARG A 603 -1.63 34.83 -1.92
CA ARG A 603 -2.44 34.08 -2.89
C ARG A 603 -3.63 33.38 -2.21
N ILE A 604 -3.37 32.74 -1.07
CA ILE A 604 -4.42 32.04 -0.33
C ILE A 604 -5.54 32.99 0.08
N ASN A 605 -5.17 34.12 0.66
CA ASN A 605 -6.15 35.11 1.10
C ASN A 605 -6.95 35.71 -0.05
N GLN A 606 -6.28 36.00 -1.16
CA GLN A 606 -6.96 36.46 -2.36
C GLN A 606 -8.00 35.43 -2.86
N ARG A 607 -7.61 34.14 -2.90
CA ARG A 607 -8.54 33.10 -3.33
C ARG A 607 -9.78 33.02 -2.42
N ASN A 608 -9.58 33.17 -1.12
CA ASN A 608 -10.70 33.22 -0.20
C ASN A 608 -11.62 34.37 -0.53
N ALA A 609 -11.04 35.48 -0.99
CA ALA A 609 -11.82 36.64 -1.39
C ALA A 609 -12.60 36.36 -2.68
N THR A 610 -11.92 35.87 -3.72
CA THR A 610 -12.61 35.65 -4.99
C THR A 610 -13.70 34.59 -4.83
N GLU A 611 -13.45 33.60 -3.97
CA GLU A 611 -14.47 32.58 -3.68
C GLU A 611 -15.72 33.18 -3.02
N ALA A 612 -15.53 34.08 -2.07
CA ALA A 612 -16.64 34.77 -1.41
C ALA A 612 -17.45 35.59 -2.42
N LEU A 613 -16.77 36.07 -3.45
CA LEU A 613 -17.38 36.85 -4.52
C LEU A 613 -18.36 35.99 -5.33
N SER A 614 -18.20 34.68 -5.26
CA SER A 614 -18.98 33.76 -6.10
C SER A 614 -20.49 33.88 -5.86
N ASP A 615 -20.87 34.26 -4.65
CA ASP A 615 -22.27 34.47 -4.34
C ASP A 615 -22.91 35.44 -5.33
N LEU A 616 -22.18 36.48 -5.68
CA LEU A 616 -22.69 37.50 -6.60
C LEU A 616 -23.01 36.96 -7.99
N LEU A 617 -22.43 35.81 -8.33
CA LEU A 617 -22.60 35.23 -9.66
C LEU A 617 -23.68 34.15 -9.64
N ASP A 618 -24.31 33.97 -8.49
CA ASP A 618 -25.34 32.94 -8.32
C ASP A 618 -26.70 33.46 -8.76
N TRP A 619 -27.57 32.55 -9.20
CA TRP A 619 -28.91 32.92 -9.63
C TRP A 619 -29.77 33.53 -8.52
N LYS A 620 -29.50 33.15 -7.28
CA LYS A 620 -30.26 33.68 -6.15
C LYS A 620 -30.16 35.20 -6.10
N ARG A 621 -29.17 35.75 -6.81
CA ARG A 621 -28.98 37.19 -6.85
C ARG A 621 -29.18 37.76 -8.25
N MET A 622 -28.84 36.98 -9.26
CA MET A 622 -28.95 37.43 -10.65
C MET A 622 -30.39 37.34 -11.13
N GLY A 623 -31.12 36.35 -10.61
CA GLY A 623 -32.51 36.16 -10.97
C GLY A 623 -33.36 37.36 -10.61
N LEU A 624 -32.85 38.21 -9.72
CA LEU A 624 -33.55 39.41 -9.31
C LEU A 624 -33.64 40.43 -10.45
N GLU A 625 -32.67 40.38 -11.36
CA GLU A 625 -32.72 41.25 -12.54
C GLU A 625 -33.79 40.77 -13.50
N TYR A 626 -33.99 39.46 -13.56
CA TYR A 626 -35.07 38.88 -14.35
C TYR A 626 -36.42 39.37 -13.82
N VAL A 627 -36.54 39.44 -12.50
CA VAL A 627 -37.75 39.95 -11.87
C VAL A 627 -37.93 41.43 -12.21
N LYS A 628 -36.88 42.21 -12.02
CA LYS A 628 -36.91 43.63 -12.35
C LYS A 628 -37.38 43.86 -13.79
N ALA A 629 -37.12 42.88 -14.66
CA ALA A 629 -37.47 43.00 -16.06
C ALA A 629 -38.95 42.69 -16.31
N ARG A 630 -39.43 41.62 -15.67
CA ARG A 630 -40.81 41.18 -15.85
C ARG A 630 -41.82 42.18 -15.27
N GLN A 631 -41.38 43.00 -14.33
CA GLN A 631 -42.27 43.97 -13.70
C GLN A 631 -42.10 45.38 -14.29
N LEU A 632 -41.04 45.60 -15.04
CA LEU A 632 -40.95 46.79 -15.88
C LEU A 632 -41.90 46.54 -17.04
N ALA A 633 -42.05 45.27 -17.38
CA ALA A 633 -42.95 44.83 -18.43
C ALA A 633 -44.41 45.07 -18.05
N LEU A 634 -44.76 44.70 -16.82
CA LEU A 634 -46.13 44.86 -16.33
C LEU A 634 -46.48 46.32 -16.05
N ARG A 635 -45.50 47.06 -15.51
CA ARG A 635 -45.67 48.48 -15.28
C ARG A 635 -45.93 49.20 -16.59
N ARG A 636 -45.48 48.60 -17.68
CA ARG A 636 -45.67 49.17 -19.01
C ARG A 636 -46.96 48.68 -19.67
N GLY A 637 -47.24 47.40 -19.51
CA GLY A 637 -48.46 46.82 -20.07
C GLY A 637 -49.70 47.43 -19.47
N TYR A 638 -49.81 47.34 -18.14
CA TYR A 638 -51.02 47.79 -17.44
C TYR A 638 -50.69 48.87 -16.42
N PRO A 639 -50.40 50.09 -16.90
CA PRO A 639 -49.96 51.20 -16.06
C PRO A 639 -50.99 51.60 -15.02
N ASP A 640 -52.26 51.51 -15.38
CA ASP A 640 -53.34 51.86 -14.47
C ASP A 640 -53.39 50.89 -13.28
N GLN A 641 -53.47 49.60 -13.59
CA GLN A 641 -53.52 48.58 -12.55
C GLN A 641 -52.27 48.60 -11.68
N PHE A 642 -51.15 48.96 -12.30
CA PHE A 642 -49.86 48.99 -11.59
C PHE A 642 -49.80 50.17 -10.63
N ARG A 643 -50.17 51.34 -11.12
CA ARG A 643 -50.18 52.55 -10.29
C ARG A 643 -51.11 52.37 -9.09
N GLU A 644 -52.11 51.51 -9.25
CA GLU A 644 -53.07 51.22 -8.19
C GLU A 644 -52.59 50.07 -7.32
N LEU A 645 -52.33 48.93 -7.96
CA LEU A 645 -51.86 47.74 -7.26
C LEU A 645 -50.50 47.97 -6.61
N VAL A 646 -50.14 49.24 -6.46
CA VAL A 646 -48.92 49.64 -5.75
C VAL A 646 -49.24 50.74 -4.74
N GLY A 647 -49.30 51.98 -5.20
CA GLY A 647 -49.55 53.12 -4.34
C GLY A 647 -49.45 54.45 -5.06
N GLU A 648 -48.70 54.45 -6.15
CA GLU A 648 -48.56 55.62 -7.02
C GLU A 648 -47.78 55.18 -8.26
N GLU A 649 -47.44 56.12 -9.14
CA GLU A 649 -46.71 55.74 -10.34
C GLU A 649 -45.20 55.97 -10.25
N LEU A 650 -44.45 54.88 -10.42
CA LEU A 650 -43.00 54.92 -10.41
C LEU A 650 -42.48 55.00 -11.85
N ASN A 651 -41.46 55.82 -12.06
CA ASN A 651 -40.82 55.97 -13.36
C ASN A 651 -40.63 54.62 -14.06
N ASP A 652 -40.82 54.60 -15.39
CA ASP A 652 -40.74 53.34 -16.12
C ASP A 652 -39.84 53.37 -17.37
N SER A 653 -38.84 54.24 -17.37
CA SER A 653 -37.93 54.35 -18.50
C SER A 653 -36.75 53.38 -18.39
N ASN A 654 -36.59 52.78 -17.22
CA ASN A 654 -35.55 51.78 -16.98
C ASN A 654 -36.10 50.64 -16.14
N MET A 655 -35.37 49.52 -16.10
CA MET A 655 -35.69 48.47 -15.14
C MET A 655 -35.19 48.96 -13.79
N ASP A 656 -34.21 49.86 -13.84
CA ASP A 656 -33.55 50.37 -12.65
C ASP A 656 -34.27 51.58 -12.07
N ALA A 657 -34.84 52.40 -12.95
CA ALA A 657 -35.62 53.56 -12.50
C ALA A 657 -36.86 53.10 -11.76
N LEU A 658 -37.42 51.97 -12.20
CA LEU A 658 -38.61 51.43 -11.58
C LEU A 658 -38.34 50.96 -10.15
N ALA A 659 -37.35 50.09 -10.00
CA ALA A 659 -36.99 49.58 -8.67
C ALA A 659 -35.95 50.47 -8.00
N SER B 22 28.19 52.39 39.98
CA SER B 22 26.82 52.14 39.55
C SER B 22 26.74 51.07 38.46
N ARG B 23 25.76 50.18 38.60
CA ARG B 23 25.57 49.08 37.66
C ARG B 23 24.70 49.48 36.47
N ASP B 24 24.82 48.71 35.39
CA ASP B 24 24.04 48.94 34.18
C ASP B 24 22.65 48.37 34.36
N LEU B 25 21.63 49.23 34.24
CA LEU B 25 20.25 48.81 34.44
C LEU B 25 19.64 48.23 33.16
N GLN B 26 20.11 48.71 32.01
CA GLN B 26 19.60 48.27 30.72
C GLN B 26 20.30 46.99 30.25
N ASN B 27 21.64 47.03 30.24
CA ASN B 27 22.42 45.84 29.98
C ASN B 27 22.55 45.01 31.25
N HIS B 28 21.53 44.20 31.55
CA HIS B 28 21.49 43.46 32.81
C HIS B 28 21.34 41.95 32.63
N LEU B 29 21.51 41.23 33.73
CA LEU B 29 21.45 39.78 33.72
C LEU B 29 20.13 39.28 34.28
N LEU B 30 19.71 38.11 33.82
CA LEU B 30 18.48 37.50 34.32
C LEU B 30 18.70 36.04 34.71
N PHE B 31 18.46 35.75 35.98
CA PHE B 31 18.47 34.38 36.46
C PHE B 31 17.06 33.96 36.85
N GLU B 32 16.62 32.82 36.32
CA GLU B 32 15.29 32.33 36.60
C GLU B 32 15.34 30.98 37.30
N THR B 33 14.93 30.96 38.56
CA THR B 33 15.05 29.76 39.38
C THR B 33 13.70 29.10 39.63
N ALA B 34 13.69 27.78 39.53
CA ALA B 34 12.51 26.98 39.84
C ALA B 34 12.97 25.54 40.04
N THR B 35 12.17 24.76 40.74
CA THR B 35 12.49 23.34 40.95
C THR B 35 12.37 22.58 39.63
N GLU B 36 11.44 23.01 38.80
CA GLU B 36 11.07 22.26 37.60
C GLU B 36 11.91 22.63 36.38
N VAL B 37 13.03 23.32 36.58
CA VAL B 37 13.84 23.80 35.46
C VAL B 37 14.05 22.74 34.37
N ALA B 38 14.93 21.78 34.61
CA ALA B 38 15.18 20.74 33.62
C ALA B 38 14.63 19.38 34.04
N ASN B 39 13.59 19.39 34.88
CA ASN B 39 12.87 18.17 35.21
C ASN B 39 11.38 18.43 35.40
N ARG B 40 10.56 17.66 34.69
CA ARG B 40 9.12 17.86 34.70
C ARG B 40 8.49 17.38 36.00
N VAL B 41 8.68 18.15 37.07
CA VAL B 41 8.13 17.82 38.38
C VAL B 41 6.74 18.44 38.56
N GLY B 42 6.44 19.46 37.77
CA GLY B 42 5.16 20.15 37.86
C GLY B 42 4.83 21.01 36.66
N GLY B 43 3.66 21.62 36.68
CA GLY B 43 3.18 22.45 35.59
C GLY B 43 4.05 23.66 35.28
N ILE B 44 4.92 24.02 36.21
CA ILE B 44 5.82 25.15 36.02
C ILE B 44 6.87 24.79 34.97
N TYR B 45 7.11 23.49 34.80
CA TYR B 45 7.98 22.99 33.76
C TYR B 45 7.55 23.53 32.39
N SER B 46 6.27 23.35 32.08
CA SER B 46 5.71 23.79 30.81
C SER B 46 5.80 25.30 30.63
N VAL B 47 5.57 26.04 31.72
CA VAL B 47 5.61 27.49 31.66
C VAL B 47 6.98 27.98 31.23
N LEU B 48 8.02 27.52 31.91
CA LEU B 48 9.38 27.96 31.62
C LEU B 48 9.87 27.54 30.23
N LYS B 49 9.54 26.31 29.83
CA LYS B 49 9.91 25.80 28.51
C LYS B 49 9.27 26.62 27.39
N SER B 50 7.94 26.78 27.47
CA SER B 50 7.22 27.54 26.47
C SER B 50 7.62 29.02 26.47
N LYS B 51 8.15 29.50 27.60
CA LYS B 51 8.55 30.90 27.71
C LYS B 51 9.96 31.14 27.20
N ALA B 52 10.72 30.04 27.00
CA ALA B 52 12.14 30.13 26.66
C ALA B 52 12.46 30.98 25.43
N PRO B 53 11.74 30.78 24.31
CA PRO B 53 12.07 31.50 23.08
C PRO B 53 12.00 33.03 23.18
N ILE B 54 10.94 33.59 23.75
CA ILE B 54 10.86 35.05 23.85
C ILE B 54 11.87 35.62 24.84
N THR B 55 12.30 34.78 25.79
CA THR B 55 13.27 35.21 26.80
C THR B 55 14.68 35.24 26.22
N VAL B 56 15.08 34.14 25.58
CA VAL B 56 16.38 34.05 24.94
C VAL B 56 16.53 35.12 23.86
N ALA B 57 15.44 35.40 23.15
CA ALA B 57 15.47 36.36 22.06
C ALA B 57 15.73 37.77 22.58
N GLN B 58 15.44 37.99 23.86
CA GLN B 58 15.68 39.29 24.49
C GLN B 58 17.02 39.31 25.22
N TYR B 59 17.34 38.22 25.90
CA TYR B 59 18.51 38.18 26.77
C TYR B 59 19.74 37.47 26.19
N LYS B 60 19.52 36.50 25.31
CA LYS B 60 20.60 35.69 24.75
C LYS B 60 21.41 35.02 25.85
N ASP B 61 22.72 35.29 25.84
CA ASP B 61 23.65 34.68 26.79
C ASP B 61 23.63 35.36 28.16
N HIS B 62 22.78 36.37 28.31
CA HIS B 62 22.65 37.07 29.59
C HIS B 62 21.63 36.36 30.48
N TYR B 63 21.08 35.27 29.99
CA TYR B 63 19.97 34.59 30.65
C TYR B 63 20.41 33.21 31.14
N HIS B 64 20.02 32.86 32.37
CA HIS B 64 20.33 31.56 32.94
C HIS B 64 19.19 31.03 33.79
N LEU B 65 18.70 29.84 33.45
CA LEU B 65 17.75 29.14 34.32
C LEU B 65 18.55 28.40 35.38
N ILE B 66 18.00 28.31 36.59
CA ILE B 66 18.66 27.64 37.68
C ILE B 66 17.70 26.65 38.34
N GLY B 67 18.16 25.43 38.55
CA GLY B 67 17.33 24.41 39.16
C GLY B 67 18.12 23.36 39.90
N PRO B 68 17.42 22.42 40.54
CA PRO B 68 18.04 21.29 41.23
C PRO B 68 18.43 20.24 40.20
N LEU B 69 19.65 19.71 40.30
CA LEU B 69 20.05 18.64 39.41
C LEU B 69 19.27 17.37 39.73
N ASN B 70 18.52 16.88 38.75
CA ASN B 70 17.87 15.58 38.88
C ASN B 70 18.67 14.51 38.15
N LYS B 71 19.45 13.75 38.92
CA LYS B 71 20.40 12.79 38.38
C LYS B 71 19.77 11.72 37.49
N ALA B 72 18.52 11.38 37.77
CA ALA B 72 17.88 10.26 37.09
C ALA B 72 17.20 10.62 35.77
N THR B 73 17.28 11.88 35.35
CA THR B 73 16.61 12.32 34.12
C THR B 73 17.35 13.40 33.33
N TYR B 74 18.38 13.99 33.94
CA TYR B 74 18.98 15.20 33.37
C TYR B 74 19.71 14.97 32.03
N GLN B 75 20.27 13.79 31.84
CA GLN B 75 21.00 13.51 30.59
C GLN B 75 20.09 13.47 29.37
N ASN B 76 18.80 13.25 29.60
CA ASN B 76 17.81 13.27 28.53
C ASN B 76 17.40 14.68 28.15
N GLU B 77 17.54 15.61 29.09
CA GLU B 77 17.07 16.98 28.93
C GLU B 77 18.20 17.93 28.53
N VAL B 78 19.38 17.73 29.10
CA VAL B 78 20.44 18.72 29.00
C VAL B 78 21.56 18.36 28.03
N ASP B 79 22.03 19.36 27.31
CA ASP B 79 23.24 19.25 26.52
C ASP B 79 24.40 19.71 27.42
N ILE B 80 25.07 18.76 28.07
CA ILE B 80 26.13 19.08 29.02
C ILE B 80 27.28 19.81 28.35
N LEU B 81 27.68 20.95 28.93
CA LEU B 81 28.73 21.78 28.35
C LEU B 81 29.96 21.87 29.26
N ASP B 82 31.11 22.16 28.66
CA ASP B 82 32.33 22.40 29.42
C ASP B 82 32.44 23.89 29.73
N TRP B 83 32.18 24.24 30.98
CA TRP B 83 32.13 25.64 31.39
C TRP B 83 33.49 26.21 31.77
N LYS B 84 34.48 25.32 31.93
CA LYS B 84 35.82 25.75 32.34
C LYS B 84 36.61 26.41 31.21
N LYS B 85 36.15 26.22 29.98
CA LYS B 85 36.89 26.74 28.82
C LYS B 85 36.57 28.21 28.52
N PRO B 86 37.58 28.96 28.07
CA PRO B 86 37.53 30.41 27.81
C PRO B 86 36.43 30.82 26.83
N GLU B 87 36.07 29.93 25.92
CA GLU B 87 35.09 30.27 24.88
C GLU B 87 33.66 29.98 25.33
N ALA B 88 33.51 29.32 26.47
CA ALA B 88 32.19 29.01 27.01
C ALA B 88 31.43 30.28 27.38
N PHE B 89 32.18 31.34 27.67
CA PHE B 89 31.57 32.61 28.08
C PHE B 89 32.18 33.78 27.34
N SER B 90 31.34 34.75 26.98
CA SER B 90 31.83 36.01 26.46
C SER B 90 32.61 36.69 27.57
N ASP B 91 33.47 37.64 27.21
CA ASP B 91 34.26 38.35 28.21
C ASP B 91 33.36 39.02 29.24
N GLU B 92 32.26 39.62 28.78
CA GLU B 92 31.39 40.37 29.66
C GLU B 92 30.53 39.46 30.54
N MET B 93 30.46 38.18 30.19
CA MET B 93 29.70 37.22 30.98
C MET B 93 30.62 36.36 31.86
N ARG B 94 31.91 36.61 31.78
CA ARG B 94 32.90 35.79 32.47
C ARG B 94 32.75 35.75 33.99
N PRO B 95 32.25 36.83 34.61
CA PRO B 95 31.99 36.78 36.05
C PRO B 95 31.15 35.57 36.44
N VAL B 96 30.23 35.15 35.58
CA VAL B 96 29.41 33.97 35.83
C VAL B 96 30.27 32.71 35.84
N GLN B 97 31.37 32.77 35.07
CA GLN B 97 32.30 31.65 35.00
C GLN B 97 33.08 31.50 36.30
N HIS B 98 33.63 32.60 36.78
CA HIS B 98 34.40 32.58 38.02
C HIS B 98 33.51 32.26 39.23
N ALA B 99 32.27 32.74 39.20
CA ALA B 99 31.30 32.42 40.23
C ALA B 99 31.13 30.91 40.30
N LEU B 100 31.16 30.27 39.14
CA LEU B 100 31.02 28.81 39.06
C LEU B 100 32.28 28.09 39.49
N GLN B 101 33.44 28.68 39.21
CA GLN B 101 34.72 28.10 39.64
C GLN B 101 34.91 28.22 41.14
N THR B 102 34.68 29.41 41.68
CA THR B 102 34.71 29.61 43.12
C THR B 102 33.75 28.62 43.79
N MET B 103 32.61 28.44 43.15
CA MET B 103 31.58 27.52 43.63
C MET B 103 32.12 26.10 43.64
N GLU B 104 32.77 25.73 42.54
CA GLU B 104 33.27 24.38 42.34
C GLU B 104 34.45 24.09 43.26
N SER B 105 35.37 25.05 43.36
CA SER B 105 36.53 24.92 44.24
C SER B 105 36.11 24.89 45.70
N ARG B 106 34.82 25.03 45.96
CA ARG B 106 34.31 25.00 47.32
C ARG B 106 33.57 23.69 47.60
N GLY B 107 33.58 22.78 46.63
CA GLY B 107 33.03 21.46 46.82
C GLY B 107 31.61 21.25 46.30
N VAL B 108 31.06 22.26 45.66
CA VAL B 108 29.71 22.16 45.12
C VAL B 108 29.73 21.54 43.74
N HIS B 109 28.95 20.49 43.55
CA HIS B 109 28.84 19.83 42.26
C HIS B 109 27.60 20.30 41.50
N PHE B 110 27.79 20.69 40.24
CA PHE B 110 26.71 21.24 39.44
C PHE B 110 26.88 20.88 37.97
N VAL B 111 25.78 20.98 37.22
CA VAL B 111 25.81 20.72 35.79
C VAL B 111 25.54 21.99 35.00
N TYR B 112 26.47 22.33 34.11
CA TYR B 112 26.24 23.43 33.18
C TYR B 112 25.93 22.83 31.81
N GLY B 113 25.09 23.50 31.05
CA GLY B 113 24.73 23.01 29.73
C GLY B 113 23.57 23.77 29.10
N ARG B 114 23.09 23.27 27.97
CA ARG B 114 21.95 23.86 27.30
C ARG B 114 20.73 22.96 27.41
N TRP B 115 19.61 23.54 27.82
CA TRP B 115 18.35 22.82 27.93
C TRP B 115 17.84 22.51 26.53
N LEU B 116 17.66 21.22 26.25
CA LEU B 116 17.28 20.77 24.91
C LEU B 116 15.81 21.06 24.59
N ILE B 117 15.49 22.34 24.47
CA ILE B 117 14.15 22.78 24.08
C ILE B 117 14.30 23.94 23.11
N GLU B 118 13.21 24.32 22.45
CA GLU B 118 13.26 25.48 21.56
C GLU B 118 13.72 26.72 22.33
N GLY B 119 14.69 27.43 21.75
CA GLY B 119 15.31 28.55 22.43
C GLY B 119 16.65 28.13 23.03
N ALA B 120 16.74 26.87 23.40
CA ALA B 120 17.98 26.30 23.96
C ALA B 120 18.66 27.25 24.95
N PRO B 121 18.00 27.52 26.07
CA PRO B 121 18.55 28.44 27.09
C PRO B 121 19.54 27.76 28.02
N LYS B 122 20.61 28.45 28.37
CA LYS B 122 21.61 27.91 29.29
C LYS B 122 20.99 27.58 30.64
N VAL B 123 21.53 26.57 31.31
CA VAL B 123 21.01 26.16 32.61
C VAL B 123 22.13 25.86 33.61
N ILE B 124 21.84 26.08 34.89
CA ILE B 124 22.74 25.71 35.97
C ILE B 124 21.97 24.82 36.93
N LEU B 125 22.32 23.53 36.93
CA LEU B 125 21.64 22.57 37.80
C LEU B 125 22.55 22.13 38.94
N PHE B 126 22.19 22.52 40.15
CA PHE B 126 23.01 22.22 41.33
C PHE B 126 22.69 20.85 41.94
N ASP B 127 23.72 20.05 42.12
CA ASP B 127 23.59 18.73 42.75
C ASP B 127 23.41 18.88 44.26
N LEU B 128 22.18 18.65 44.73
CA LEU B 128 21.85 18.86 46.14
C LEU B 128 22.59 17.94 47.10
N ASP B 129 23.03 16.78 46.62
CA ASP B 129 23.74 15.83 47.45
C ASP B 129 25.12 16.34 47.84
N SER B 130 25.75 17.09 46.93
CA SER B 130 27.11 17.55 47.14
C SER B 130 27.19 18.71 48.12
N VAL B 131 26.04 19.09 48.68
CA VAL B 131 25.96 20.24 49.56
C VAL B 131 25.18 19.86 50.80
N ARG B 132 24.63 18.66 50.76
CA ARG B 132 23.73 18.17 51.80
C ARG B 132 24.34 18.15 53.19
N GLY B 133 25.68 18.16 53.27
CA GLY B 133 26.35 18.17 54.56
C GLY B 133 25.90 19.34 55.41
N TYR B 134 25.83 20.51 54.78
CA TYR B 134 25.45 21.74 55.47
C TYR B 134 24.01 21.70 55.97
N SER B 135 23.26 20.68 55.56
CA SER B 135 21.84 20.56 55.87
C SER B 135 21.47 21.13 57.24
N ASN B 136 21.92 20.45 58.30
CA ASN B 136 21.58 20.86 59.65
C ASN B 136 22.11 22.23 60.03
N GLU B 137 23.28 22.58 59.49
CA GLU B 137 23.87 23.90 59.71
C GLU B 137 22.95 24.99 59.19
N TRP B 138 22.60 24.90 57.90
CA TRP B 138 21.72 25.86 57.26
C TRP B 138 20.33 25.83 57.86
N LYS B 139 19.81 24.62 58.04
CA LYS B 139 18.46 24.41 58.52
C LYS B 139 18.19 25.20 59.80
N GLY B 140 19.25 25.38 60.60
CA GLY B 140 19.15 26.15 61.83
C GLY B 140 19.27 27.64 61.59
N ASP B 141 20.10 28.00 60.61
CA ASP B 141 20.28 29.41 60.24
C ASP B 141 18.97 29.97 59.68
N LEU B 142 18.13 29.09 59.15
CA LEU B 142 16.85 29.49 58.61
C LEU B 142 15.87 29.79 59.75
N TRP B 143 15.83 28.90 60.74
CA TRP B 143 15.00 29.11 61.92
C TRP B 143 15.54 30.29 62.72
N SER B 144 16.84 30.55 62.58
CA SER B 144 17.48 31.63 63.32
C SER B 144 17.27 32.99 62.63
N LEU B 145 17.57 33.06 61.34
CA LEU B 145 17.37 34.29 60.59
C LEU B 145 15.89 34.59 60.35
N VAL B 146 15.12 33.55 60.05
CA VAL B 146 13.75 33.75 59.58
C VAL B 146 12.65 33.24 60.53
N GLY B 147 12.90 32.11 61.19
CA GLY B 147 11.91 31.53 62.08
C GLY B 147 11.04 30.52 61.36
N ILE B 148 11.62 29.89 60.34
CA ILE B 148 10.91 28.90 59.53
C ILE B 148 11.22 27.47 59.98
N PRO B 149 10.22 26.76 60.52
CA PRO B 149 10.40 25.37 60.93
C PRO B 149 10.91 24.53 59.77
N SER B 150 11.39 23.33 60.06
CA SER B 150 11.89 22.45 59.01
C SER B 150 11.93 20.98 59.45
N PRO B 151 10.76 20.39 59.67
CA PRO B 151 10.66 18.96 59.98
C PRO B 151 11.54 18.13 59.05
N GLU B 152 12.46 17.35 59.64
CA GLU B 152 13.38 16.52 58.87
C GLU B 152 12.64 15.44 58.09
N ASN B 153 11.36 15.27 58.40
CA ASN B 153 10.52 14.25 57.77
C ASN B 153 9.87 14.74 56.48
N ASP B 154 10.21 15.96 56.08
CA ASP B 154 9.68 16.54 54.84
C ASP B 154 10.81 16.71 53.83
N PHE B 155 10.99 15.71 52.97
CA PHE B 155 12.11 15.69 52.04
C PHE B 155 12.05 16.83 51.02
N GLU B 156 10.85 17.32 50.76
CA GLU B 156 10.67 18.42 49.81
C GLU B 156 11.13 19.76 50.38
N THR B 157 10.81 20.01 51.65
CA THR B 157 11.26 21.23 52.32
C THR B 157 12.75 21.12 52.64
N ASN B 158 13.23 19.88 52.74
CA ASN B 158 14.65 19.64 52.91
C ASN B 158 15.40 20.07 51.67
N ASP B 159 14.87 19.68 50.50
CA ASP B 159 15.46 20.02 49.22
C ASP B 159 15.27 21.50 48.91
N ALA B 160 14.12 22.04 49.31
CA ALA B 160 13.84 23.46 49.11
C ALA B 160 14.86 24.32 49.85
N ILE B 161 15.10 23.99 51.11
CA ILE B 161 16.08 24.69 51.92
C ILE B 161 17.47 24.55 51.32
N LEU B 162 17.78 23.36 50.85
CA LEU B 162 19.08 23.08 50.25
C LEU B 162 19.31 23.89 48.97
N LEU B 163 18.32 23.88 48.09
CA LEU B 163 18.39 24.66 46.86
C LEU B 163 18.44 26.15 47.19
N GLY B 164 17.62 26.56 48.15
CA GLY B 164 17.57 27.95 48.57
C GLY B 164 18.94 28.49 48.92
N TYR B 165 19.64 27.79 49.81
CA TYR B 165 20.94 28.24 50.29
C TYR B 165 22.02 28.17 49.22
N THR B 166 21.95 27.19 48.34
CA THR B 166 22.95 27.06 47.28
C THR B 166 22.81 28.17 46.25
N VAL B 167 21.57 28.53 45.92
CA VAL B 167 21.31 29.59 44.96
C VAL B 167 21.68 30.95 45.52
N ALA B 168 21.34 31.19 46.79
CA ALA B 168 21.72 32.43 47.46
C ALA B 168 23.23 32.56 47.44
N TRP B 169 23.89 31.45 47.74
CA TRP B 169 25.34 31.35 47.68
C TRP B 169 25.84 31.80 46.31
N PHE B 170 25.38 31.13 45.26
CA PHE B 170 25.80 31.42 43.90
C PHE B 170 25.57 32.88 43.51
N LEU B 171 24.37 33.38 43.75
CA LEU B 171 24.02 34.76 43.42
C LEU B 171 24.93 35.75 44.15
N GLY B 172 25.25 35.44 45.41
CA GLY B 172 26.17 36.26 46.17
C GLY B 172 27.51 36.39 45.46
N GLU B 173 28.02 35.25 44.99
CA GLU B 173 29.28 35.22 44.26
C GLU B 173 29.22 36.08 42.99
N VAL B 174 28.11 35.99 42.28
CA VAL B 174 27.96 36.72 41.03
C VAL B 174 27.89 38.24 41.23
N ALA B 175 27.09 38.67 42.21
CA ALA B 175 26.98 40.09 42.53
C ALA B 175 28.35 40.62 42.94
N HIS B 176 29.12 39.78 43.62
CA HIS B 176 30.47 40.10 44.04
C HIS B 176 31.37 40.26 42.83
N LEU B 177 31.28 39.32 41.90
CA LEU B 177 32.19 39.23 40.77
C LEU B 177 31.86 40.15 39.60
N ASP B 178 30.60 40.52 39.48
CA ASP B 178 30.13 41.33 38.37
C ASP B 178 29.88 42.77 38.81
N SER B 179 30.59 43.70 38.17
CA SER B 179 30.45 45.11 38.50
C SER B 179 29.72 45.87 37.39
N GLN B 180 29.66 45.27 36.22
CA GLN B 180 29.05 45.90 35.05
C GLN B 180 27.53 45.81 35.07
N HIS B 181 27.01 44.64 35.43
CA HIS B 181 25.58 44.36 35.26
C HIS B 181 24.75 44.45 36.54
N ALA B 182 23.58 45.08 36.43
CA ALA B 182 22.53 44.86 37.39
C ALA B 182 22.09 43.42 37.21
N ILE B 183 21.61 42.80 38.27
CA ILE B 183 21.21 41.39 38.20
C ILE B 183 19.77 41.20 38.67
N VAL B 184 18.94 40.66 37.80
CA VAL B 184 17.56 40.34 38.17
C VAL B 184 17.44 38.85 38.45
N ALA B 185 16.86 38.52 39.60
CA ALA B 185 16.69 37.13 40.01
C ALA B 185 15.22 36.81 40.26
N HIS B 186 14.68 35.93 39.43
CA HIS B 186 13.25 35.59 39.45
C HIS B 186 13.05 34.17 40.00
N PHE B 187 12.08 34.00 40.90
CA PHE B 187 11.83 32.71 41.53
C PHE B 187 10.38 32.30 41.37
N HIS B 188 10.17 31.03 41.03
CA HIS B 188 8.82 30.49 40.87
C HIS B 188 8.45 29.47 41.95
N GLU B 189 7.45 29.80 42.75
CA GLU B 189 6.86 28.88 43.72
C GLU B 189 7.69 28.69 44.99
N TRP B 190 7.02 28.39 46.09
CA TRP B 190 7.66 28.27 47.40
C TRP B 190 8.82 27.28 47.45
N LEU B 191 8.72 26.21 46.66
CA LEU B 191 9.79 25.21 46.61
C LEU B 191 11.12 25.83 46.20
N ALA B 192 11.06 26.93 45.46
CA ALA B 192 12.27 27.62 45.02
C ALA B 192 12.35 29.02 45.63
N GLY B 193 11.71 29.20 46.78
CA GLY B 193 11.60 30.51 47.40
C GLY B 193 12.52 30.79 48.58
N VAL B 194 13.22 29.77 49.05
CA VAL B 194 14.05 29.91 50.25
C VAL B 194 15.16 30.95 50.09
N ALA B 195 15.70 31.06 48.88
CA ALA B 195 16.79 32.00 48.63
C ALA B 195 16.36 33.47 48.77
N LEU B 196 15.04 33.71 48.74
CA LEU B 196 14.51 35.06 48.77
C LEU B 196 14.79 35.82 50.07
N PRO B 197 14.47 35.20 51.23
CA PRO B 197 14.78 35.85 52.51
C PRO B 197 16.28 36.00 52.75
N LEU B 198 17.06 35.08 52.18
CA LEU B 198 18.51 35.13 52.31
C LEU B 198 19.08 36.35 51.58
N CYS B 199 18.64 36.56 50.34
CA CYS B 199 19.11 37.69 49.54
C CYS B 199 18.75 39.01 50.21
N ARG B 200 17.56 39.08 50.79
CA ARG B 200 17.10 40.30 51.44
C ARG B 200 17.91 40.61 52.70
N LYS B 201 18.20 39.58 53.49
CA LYS B 201 18.87 39.76 54.78
C LYS B 201 20.39 39.92 54.66
N ARG B 202 21.00 39.24 53.69
CA ARG B 202 22.42 39.39 53.45
C ARG B 202 22.67 40.62 52.58
N ARG B 203 21.58 41.28 52.20
CA ARG B 203 21.65 42.46 51.35
C ARG B 203 22.50 42.22 50.11
N ILE B 204 22.28 41.07 49.46
CA ILE B 204 22.97 40.76 48.22
C ILE B 204 22.56 41.77 47.14
N ASP B 205 23.51 42.16 46.31
CA ASP B 205 23.27 43.21 45.33
C ASP B 205 22.55 42.73 44.07
N VAL B 206 21.34 42.23 44.25
CA VAL B 206 20.47 41.85 43.13
C VAL B 206 19.04 42.24 43.45
N VAL B 207 18.24 42.47 42.42
CA VAL B 207 16.81 42.69 42.62
C VAL B 207 16.05 41.39 42.40
N THR B 208 14.95 41.21 43.11
CA THR B 208 14.31 39.91 43.17
C THR B 208 12.82 39.91 42.81
N ILE B 209 12.38 38.85 42.15
CA ILE B 209 10.98 38.67 41.82
C ILE B 209 10.50 37.32 42.35
N PHE B 210 9.29 37.30 42.86
CA PHE B 210 8.66 36.04 43.26
C PHE B 210 7.32 35.90 42.56
N THR B 211 7.15 34.79 41.86
CA THR B 211 5.86 34.47 41.25
C THR B 211 5.33 33.24 41.93
N THR B 212 4.16 33.35 42.54
CA THR B 212 3.51 32.18 43.08
C THR B 212 2.45 31.76 42.06
N HIS B 213 2.40 30.46 41.75
CA HIS B 213 1.51 29.95 40.72
C HIS B 213 0.23 29.39 41.33
N ALA B 214 0.11 29.58 42.64
CA ALA B 214 -1.05 29.17 43.42
C ALA B 214 -0.70 29.53 44.86
N THR B 215 -1.56 29.17 45.80
CA THR B 215 -1.21 29.32 47.20
C THR B 215 -1.49 28.02 47.93
N LEU B 216 -0.67 27.73 48.93
CA LEU B 216 -0.82 26.52 49.73
C LEU B 216 -2.19 26.49 50.42
N LEU B 217 -2.51 27.53 51.17
CA LEU B 217 -3.79 27.61 51.86
C LEU B 217 -4.94 27.63 50.86
N GLY B 218 -4.69 28.23 49.69
CA GLY B 218 -5.70 28.33 48.64
C GLY B 218 -6.22 27.00 48.18
N ARG B 219 -5.33 26.11 47.73
CA ARG B 219 -5.78 24.81 47.23
C ARG B 219 -6.28 23.88 48.34
N TYR B 220 -5.69 23.98 49.53
CA TYR B 220 -6.15 23.18 50.66
C TYR B 220 -7.56 23.55 51.08
N LEU B 221 -7.84 24.85 51.15
CA LEU B 221 -9.16 25.34 51.52
C LEU B 221 -10.22 24.93 50.51
N CYS B 222 -9.86 24.91 49.23
CA CYS B 222 -10.78 24.52 48.17
C CYS B 222 -10.99 23.02 48.10
N ALA B 223 -9.92 22.27 48.33
CA ALA B 223 -9.99 20.81 48.30
C ALA B 223 -10.95 20.29 49.37
N SER B 224 -10.98 20.97 50.51
CA SER B 224 -11.81 20.55 51.64
C SER B 224 -13.31 20.70 51.34
N GLY B 225 -13.62 21.46 50.29
CA GLY B 225 -15.00 21.72 49.90
C GLY B 225 -15.84 22.16 51.08
N SER B 226 -15.22 22.88 52.00
CA SER B 226 -15.85 23.19 53.29
C SER B 226 -16.53 24.57 53.37
N PHE B 227 -16.44 25.36 52.32
CA PHE B 227 -17.12 26.67 52.30
C PHE B 227 -16.95 27.44 50.99
N ASP B 228 -17.69 28.53 50.88
CA ASP B 228 -17.61 29.42 49.72
C ASP B 228 -16.28 30.16 49.76
N PHE B 229 -15.26 29.55 49.16
CA PHE B 229 -13.89 30.04 49.25
C PHE B 229 -13.66 31.37 48.51
N TYR B 230 -14.47 31.61 47.48
CA TYR B 230 -14.28 32.79 46.62
C TYR B 230 -15.09 34.00 47.06
N ASN B 231 -16.15 33.75 47.83
CA ASN B 231 -17.00 34.82 48.32
C ASN B 231 -16.75 35.17 49.79
N CYS B 232 -16.21 34.21 50.54
CA CYS B 232 -16.03 34.40 51.97
C CYS B 232 -14.60 34.14 52.41
N LEU B 233 -13.65 34.66 51.62
CA LEU B 233 -12.23 34.45 51.88
C LEU B 233 -11.71 35.35 53.00
N GLU B 234 -12.19 36.60 53.01
CA GLU B 234 -11.71 37.58 53.99
C GLU B 234 -11.93 37.12 55.43
N SER B 235 -12.79 36.12 55.61
CA SER B 235 -13.19 35.70 56.95
C SER B 235 -12.34 34.56 57.51
N VAL B 236 -11.31 34.13 56.77
CA VAL B 236 -10.45 33.05 57.26
C VAL B 236 -9.26 33.60 58.03
N ASP B 237 -8.88 32.89 59.09
CA ASP B 237 -7.70 33.25 59.86
C ASP B 237 -6.56 32.32 59.45
N VAL B 238 -5.53 32.90 58.84
CA VAL B 238 -4.48 32.12 58.21
C VAL B 238 -3.69 31.21 59.17
N ASP B 239 -3.23 31.77 60.29
CA ASP B 239 -2.48 31.00 61.27
C ASP B 239 -3.24 29.73 61.66
N HIS B 240 -4.51 29.91 62.01
CA HIS B 240 -5.40 28.80 62.30
C HIS B 240 -5.34 27.73 61.21
N GLU B 241 -5.88 28.06 60.05
CA GLU B 241 -6.05 27.11 58.96
C GLU B 241 -4.75 26.45 58.53
N ALA B 242 -3.64 27.17 58.62
CA ALA B 242 -2.34 26.63 58.24
C ALA B 242 -1.96 25.43 59.11
N GLY B 243 -2.19 25.55 60.41
CA GLY B 243 -1.89 24.50 61.36
C GLY B 243 -2.83 23.31 61.23
N ARG B 244 -4.11 23.59 60.99
CA ARG B 244 -5.10 22.53 60.90
C ARG B 244 -4.93 21.68 59.63
N PHE B 245 -4.03 22.10 58.75
CA PHE B 245 -3.73 21.34 57.53
C PHE B 245 -2.36 20.67 57.62
N GLY B 246 -1.63 20.93 58.70
CA GLY B 246 -0.30 20.37 58.86
C GLY B 246 0.70 20.96 57.87
N ILE B 247 0.43 22.18 57.44
CA ILE B 247 1.18 22.83 56.37
C ILE B 247 2.04 23.99 56.88
N TYR B 248 1.84 24.38 58.13
CA TYR B 248 2.42 25.59 58.68
C TYR B 248 3.85 25.93 58.21
N HIS B 249 4.77 24.97 58.32
CA HIS B 249 6.16 25.25 57.96
C HIS B 249 6.35 25.53 56.48
N ARG B 250 5.62 24.81 55.63
CA ARG B 250 5.64 25.07 54.20
C ARG B 250 5.06 26.46 53.92
N TYR B 251 3.89 26.73 54.50
CA TYR B 251 3.24 28.02 54.38
C TYR B 251 4.16 29.16 54.78
N CYS B 252 5.03 28.90 55.75
CA CYS B 252 6.00 29.91 56.19
C CYS B 252 7.00 30.26 55.10
N ILE B 253 7.46 29.25 54.37
CA ILE B 253 8.42 29.47 53.30
C ILE B 253 7.78 30.29 52.18
N GLU B 254 6.53 29.99 51.87
CA GLU B 254 5.81 30.68 50.81
C GLU B 254 5.58 32.14 51.21
N ARG B 255 5.11 32.34 52.43
CA ARG B 255 4.87 33.67 52.94
C ARG B 255 6.16 34.49 52.97
N ALA B 256 7.23 33.87 53.46
CA ALA B 256 8.53 34.54 53.52
C ALA B 256 9.01 34.89 52.12
N ALA B 257 8.77 33.99 51.17
CA ALA B 257 9.14 34.25 49.78
C ALA B 257 8.42 35.49 49.27
N ALA B 258 7.12 35.56 49.53
CA ALA B 258 6.29 36.63 49.02
C ALA B 258 6.66 38.00 49.63
N HIS B 259 7.07 37.99 50.90
CA HIS B 259 7.41 39.22 51.60
C HIS B 259 8.84 39.70 51.34
N SER B 260 9.76 38.76 51.11
CA SER B 260 11.17 39.10 50.95
C SER B 260 11.51 39.66 49.57
N ALA B 261 10.69 39.35 48.57
CA ALA B 261 10.96 39.74 47.20
C ALA B 261 10.73 41.24 46.94
N ASP B 262 11.57 41.81 46.10
CA ASP B 262 11.39 43.19 45.65
C ASP B 262 10.06 43.33 44.93
N VAL B 263 9.75 42.35 44.08
CA VAL B 263 8.49 42.34 43.34
C VAL B 263 7.75 41.03 43.55
N PHE B 264 6.48 41.11 43.90
CA PHE B 264 5.66 39.93 44.16
C PHE B 264 4.56 39.83 43.13
N THR B 265 4.38 38.63 42.56
CA THR B 265 3.42 38.43 41.46
C THR B 265 2.67 37.11 41.53
N THR B 266 1.44 37.11 41.02
CA THR B 266 0.68 35.89 40.82
C THR B 266 0.33 35.78 39.35
N VAL B 267 -0.44 34.76 38.98
CA VAL B 267 -0.72 34.49 37.57
C VAL B 267 -2.13 34.91 37.13
N SER B 268 -2.96 35.35 38.08
CA SER B 268 -4.29 35.83 37.74
C SER B 268 -4.81 36.78 38.82
N GLN B 269 -5.79 37.60 38.46
CA GLN B 269 -6.41 38.50 39.42
C GLN B 269 -7.16 37.75 40.51
N ILE B 270 -7.73 36.61 40.14
CA ILE B 270 -8.42 35.75 41.11
C ILE B 270 -7.42 35.25 42.16
N THR B 271 -6.23 34.86 41.70
CA THR B 271 -5.20 34.41 42.61
C THR B 271 -4.52 35.56 43.35
N ALA B 272 -4.48 36.74 42.71
CA ALA B 272 -3.96 37.95 43.36
C ALA B 272 -4.78 38.24 44.63
N PHE B 273 -6.09 38.24 44.47
CA PHE B 273 -7.02 38.47 45.56
C PHE B 273 -6.79 37.47 46.69
N GLU B 274 -6.55 36.22 46.31
CA GLU B 274 -6.33 35.15 47.27
C GLU B 274 -4.96 35.27 47.95
N ALA B 275 -3.95 35.68 47.18
CA ALA B 275 -2.62 35.89 47.73
C ALA B 275 -2.58 37.06 48.71
N GLU B 276 -3.39 38.08 48.44
CA GLU B 276 -3.41 39.26 49.30
C GLU B 276 -3.89 38.92 50.71
N HIS B 277 -4.95 38.14 50.81
CA HIS B 277 -5.52 37.81 52.12
CA HIS B 277 -5.52 37.80 52.12
C HIS B 277 -4.84 36.62 52.79
N LEU B 278 -4.29 35.71 51.98
CA LEU B 278 -3.67 34.51 52.53
C LEU B 278 -2.17 34.62 52.78
N LEU B 279 -1.48 35.44 52.00
CA LEU B 279 -0.05 35.64 52.18
C LEU B 279 0.28 37.04 52.71
N LYS B 280 -0.76 37.85 52.88
CA LYS B 280 -0.63 39.18 53.50
C LYS B 280 0.26 40.13 52.70
N ARG B 281 0.30 39.98 51.39
CA ARG B 281 0.92 40.97 50.52
C ARG B 281 0.18 41.06 49.20
N LYS B 282 -0.17 42.29 48.81
CA LYS B 282 -0.83 42.49 47.54
C LYS B 282 0.20 42.38 46.42
N PRO B 283 -0.03 41.47 45.46
CA PRO B 283 0.91 41.30 44.36
C PRO B 283 1.04 42.61 43.59
N ASP B 284 2.23 42.89 43.07
CA ASP B 284 2.48 44.10 42.32
C ASP B 284 1.97 43.98 40.89
N GLY B 285 1.54 42.79 40.49
CA GLY B 285 1.04 42.58 39.14
C GLY B 285 0.79 41.14 38.78
N ILE B 286 0.12 40.95 37.64
CA ILE B 286 -0.28 39.64 37.18
C ILE B 286 0.57 39.21 36.00
N LEU B 287 1.09 38.00 36.06
CA LEU B 287 1.82 37.41 34.94
C LEU B 287 1.06 36.19 34.38
N PRO B 288 0.07 36.43 33.52
CA PRO B 288 -0.68 35.32 32.91
C PRO B 288 0.26 34.43 32.10
N ASN B 289 0.09 33.12 32.20
CA ASN B 289 0.90 32.19 31.43
C ASN B 289 0.64 32.34 29.94
N GLY B 290 1.71 32.39 29.15
CA GLY B 290 1.59 32.41 27.71
C GLY B 290 1.73 31.02 27.13
N LEU B 291 1.66 30.93 25.80
CA LEU B 291 1.89 29.67 25.11
C LEU B 291 2.81 29.87 23.92
N ASN B 292 3.58 28.83 23.61
CA ASN B 292 4.42 28.83 22.42
C ASN B 292 3.62 28.31 21.24
N VAL B 293 2.78 29.18 20.68
CA VAL B 293 1.79 28.79 19.69
C VAL B 293 2.41 28.49 18.33
N ILE B 294 2.40 27.22 17.94
CA ILE B 294 2.86 26.82 16.61
C ILE B 294 1.88 27.32 15.56
N LYS B 295 2.39 27.99 14.54
CA LYS B 295 1.55 28.56 13.49
C LYS B 295 1.63 27.73 12.20
N PHE B 296 0.61 27.88 11.36
CA PHE B 296 0.59 27.21 10.07
C PHE B 296 0.52 28.26 8.97
N GLN B 297 1.10 27.97 7.82
CA GLN B 297 1.12 28.92 6.71
C GLN B 297 -0.28 29.25 6.22
N ALA B 298 -1.13 28.23 6.17
CA ALA B 298 -2.52 28.42 5.79
C ALA B 298 -3.39 28.44 7.03
N PHE B 299 -4.32 29.38 7.11
CA PHE B 299 -5.15 29.52 8.30
C PHE B 299 -6.01 28.28 8.55
N HIS B 300 -6.52 27.69 7.48
CA HIS B 300 -7.46 26.58 7.60
C HIS B 300 -6.78 25.26 7.93
N GLU B 301 -5.45 25.26 7.98
CA GLU B 301 -4.71 24.01 8.18
C GLU B 301 -5.08 23.28 9.47
N PHE B 302 -5.33 24.03 10.54
CA PHE B 302 -5.70 23.40 11.80
C PHE B 302 -7.02 22.63 11.66
N GLN B 303 -7.85 23.03 10.70
CA GLN B 303 -9.09 22.31 10.41
C GLN B 303 -8.81 20.91 9.85
N ASN B 304 -7.90 20.83 8.88
CA ASN B 304 -7.50 19.55 8.33
C ASN B 304 -6.90 18.65 9.39
N LEU B 305 -6.14 19.25 10.31
CA LEU B 305 -5.54 18.50 11.39
C LEU B 305 -6.61 17.88 12.29
N HIS B 306 -7.63 18.67 12.59
CA HIS B 306 -8.74 18.18 13.41
C HIS B 306 -9.33 16.90 12.84
N ALA B 307 -9.51 16.88 11.52
CA ALA B 307 -10.14 15.74 10.85
C ALA B 307 -9.24 14.51 10.83
N LEU B 308 -7.95 14.70 10.61
CA LEU B 308 -6.99 13.61 10.61
C LEU B 308 -6.87 12.99 11.99
N LYS B 309 -6.77 13.86 13.00
CA LYS B 309 -6.67 13.43 14.38
C LYS B 309 -7.94 12.74 14.87
N LYS B 310 -9.08 13.25 14.44
CA LYS B 310 -10.36 12.70 14.84
C LYS B 310 -10.52 11.24 14.39
N GLU B 311 -9.99 10.94 13.20
CA GLU B 311 -10.07 9.58 12.67
C GLU B 311 -9.27 8.61 13.52
N LYS B 312 -8.17 9.09 14.11
CA LYS B 312 -7.41 8.25 15.03
C LYS B 312 -8.22 7.95 16.28
N ILE B 313 -9.02 8.93 16.70
CA ILE B 313 -9.92 8.72 17.82
C ILE B 313 -11.04 7.77 17.41
N ASN B 314 -11.56 7.95 16.19
CA ASN B 314 -12.54 7.02 15.63
C ASN B 314 -12.05 5.58 15.72
N ASP B 315 -10.80 5.38 15.32
CA ASP B 315 -10.22 4.05 15.32
C ASP B 315 -10.22 3.42 16.71
N PHE B 316 -9.82 4.20 17.71
CA PHE B 316 -9.83 3.71 19.08
C PHE B 316 -11.25 3.38 19.53
N VAL B 317 -12.18 4.27 19.21
CA VAL B 317 -13.58 4.10 19.60
C VAL B 317 -14.18 2.81 19.05
N ARG B 318 -13.90 2.52 17.78
CA ARG B 318 -14.41 1.30 17.16
C ARG B 318 -13.94 0.07 17.93
N GLY B 319 -12.65 0.01 18.24
CA GLY B 319 -12.09 -1.10 18.99
C GLY B 319 -12.64 -1.20 20.40
N HIS B 320 -12.90 -0.06 21.02
CA HIS B 320 -13.39 -0.03 22.38
C HIS B 320 -14.85 -0.51 22.46
N PHE B 321 -15.62 -0.20 21.42
CA PHE B 321 -17.03 -0.58 21.38
C PHE B 321 -17.31 -1.78 20.50
N HIS B 322 -16.28 -2.58 20.21
CA HIS B 322 -16.46 -3.75 19.36
C HIS B 322 -17.58 -4.62 19.90
N GLY B 323 -18.45 -5.10 18.99
CA GLY B 323 -19.56 -5.93 19.38
C GLY B 323 -20.74 -5.16 19.97
N CYS B 324 -20.53 -3.87 20.22
CA CYS B 324 -21.57 -3.00 20.75
C CYS B 324 -21.59 -1.67 19.99
N PHE B 325 -21.19 -1.73 18.73
CA PHE B 325 -21.07 -0.51 17.93
C PHE B 325 -22.36 -0.24 17.15
N ASP B 326 -23.22 0.59 17.73
CA ASP B 326 -24.54 0.83 17.17
C ASP B 326 -24.82 2.32 16.90
N PHE B 327 -23.78 3.13 16.92
CA PHE B 327 -23.96 4.54 16.59
C PHE B 327 -23.07 4.95 15.43
N ASP B 328 -23.35 6.13 14.87
CA ASP B 328 -22.63 6.63 13.69
C ASP B 328 -21.58 7.67 14.06
N LEU B 329 -20.31 7.36 13.78
CA LEU B 329 -19.22 8.25 14.14
C LEU B 329 -19.25 9.59 13.40
N ASP B 330 -19.99 9.65 12.30
CA ASP B 330 -20.19 10.92 11.61
C ASP B 330 -21.20 11.79 12.33
N ASN B 331 -21.76 11.26 13.41
CA ASN B 331 -22.76 11.98 14.18
C ASN B 331 -22.49 11.84 15.66
N THR B 332 -21.23 11.62 16.00
CA THR B 332 -20.82 11.56 17.40
C THR B 332 -19.81 12.67 17.72
N LEU B 333 -19.92 13.23 18.91
CA LEU B 333 -19.03 14.30 19.33
C LEU B 333 -18.15 13.81 20.48
N TYR B 334 -16.94 14.34 20.55
CA TYR B 334 -16.01 13.95 21.61
C TYR B 334 -15.81 15.09 22.61
N PHE B 335 -16.22 14.85 23.85
CA PHE B 335 -15.95 15.78 24.94
C PHE B 335 -14.81 15.16 25.74
N PHE B 336 -13.99 16.00 26.36
CA PHE B 336 -12.97 15.48 27.24
C PHE B 336 -12.67 16.44 28.39
N ILE B 337 -12.22 15.89 29.50
CA ILE B 337 -11.63 16.68 30.56
C ILE B 337 -10.24 16.11 30.75
N ALA B 338 -9.28 16.97 31.08
CA ALA B 338 -7.93 16.53 31.31
C ALA B 338 -7.25 17.37 32.37
N GLY B 339 -6.26 16.79 33.03
CA GLY B 339 -5.53 17.45 34.09
C GLY B 339 -5.11 16.44 35.15
N ARG B 340 -4.52 16.92 36.24
CA ARG B 340 -4.16 16.06 37.35
C ARG B 340 -5.40 15.44 37.98
N TYR B 341 -5.25 14.26 38.54
CA TYR B 341 -6.35 13.61 39.25
C TYR B 341 -6.69 14.43 40.48
N GLU B 342 -7.57 15.40 40.32
CA GLU B 342 -8.04 16.21 41.43
C GLU B 342 -9.55 16.34 41.33
N TYR B 343 -10.21 15.37 41.93
CA TYR B 343 -11.63 15.13 41.77
C TYR B 343 -12.48 16.38 41.99
N LYS B 344 -12.23 17.10 43.08
CA LYS B 344 -13.03 18.28 43.41
C LYS B 344 -12.49 19.56 42.78
N ASN B 345 -11.18 19.78 42.90
CA ASN B 345 -10.59 21.02 42.41
C ASN B 345 -10.61 21.20 40.90
N LYS B 346 -10.58 20.08 40.16
CA LYS B 346 -10.59 20.17 38.70
C LYS B 346 -11.97 19.89 38.10
N GLY B 347 -12.94 19.57 38.95
CA GLY B 347 -14.32 19.46 38.52
C GLY B 347 -14.73 18.17 37.84
N ALA B 348 -13.94 17.11 38.03
CA ALA B 348 -14.32 15.80 37.54
C ALA B 348 -15.74 15.44 37.99
N ASP B 349 -16.02 15.64 39.28
CA ASP B 349 -17.32 15.30 39.85
C ASP B 349 -18.45 16.03 39.14
N MET B 350 -18.22 17.29 38.80
CA MET B 350 -19.23 18.11 38.13
C MET B 350 -19.34 17.73 36.65
N PHE B 351 -18.23 17.29 36.07
CA PHE B 351 -18.21 16.81 34.69
C PHE B 351 -19.08 15.56 34.56
N ILE B 352 -18.83 14.58 35.42
CA ILE B 352 -19.58 13.32 35.37
C ILE B 352 -21.07 13.51 35.68
N GLU B 353 -21.37 14.39 36.63
CA GLU B 353 -22.76 14.66 37.00
C GLU B 353 -23.52 15.30 35.85
N ALA B 354 -22.96 16.37 35.28
CA ALA B 354 -23.58 17.06 34.16
C ALA B 354 -23.79 16.13 32.96
N LEU B 355 -22.82 15.26 32.71
CA LEU B 355 -22.91 14.34 31.58
C LEU B 355 -24.08 13.38 31.76
N ALA B 356 -24.26 12.87 32.98
CA ALA B 356 -25.37 11.98 33.29
C ALA B 356 -26.70 12.69 33.08
N ARG B 357 -26.72 13.99 33.39
CA ARG B 357 -27.93 14.78 33.17
C ARG B 357 -28.15 15.06 31.69
N LEU B 358 -27.06 15.32 30.98
CA LEU B 358 -27.10 15.48 29.53
C LEU B 358 -27.68 14.23 28.87
N ASN B 359 -27.18 13.06 29.29
CA ASN B 359 -27.69 11.80 28.79
C ASN B 359 -29.21 11.78 28.81
N TYR B 360 -29.77 12.08 29.98
CA TYR B 360 -31.22 12.10 30.18
C TYR B 360 -31.92 13.05 29.19
N ARG B 361 -31.39 14.26 29.06
CA ARG B 361 -31.99 15.26 28.18
C ARG B 361 -32.00 14.80 26.73
N LEU B 362 -30.92 14.15 26.30
CA LEU B 362 -30.81 13.69 24.92
C LEU B 362 -31.79 12.56 24.63
N LYS B 363 -31.96 11.65 25.59
CA LYS B 363 -32.93 10.58 25.45
C LYS B 363 -34.33 11.17 25.31
N VAL B 364 -34.65 12.12 26.18
CA VAL B 364 -35.97 12.74 26.18
C VAL B 364 -36.25 13.51 24.90
N SER B 365 -35.34 14.41 24.54
CA SER B 365 -35.52 15.23 23.34
C SER B 365 -35.47 14.38 22.07
N GLY B 366 -35.01 13.13 22.21
CA GLY B 366 -34.95 12.22 21.08
C GLY B 366 -33.85 12.54 20.09
N SER B 367 -32.72 13.02 20.61
CA SER B 367 -31.57 13.39 19.79
C SER B 367 -30.90 12.17 19.17
N LYS B 368 -30.53 12.28 17.89
CA LYS B 368 -29.82 11.22 17.21
C LYS B 368 -28.32 11.31 17.44
N LYS B 369 -27.89 12.40 18.08
CA LYS B 369 -26.48 12.66 18.32
C LYS B 369 -25.94 11.70 19.38
N THR B 370 -24.63 11.44 19.36
CA THR B 370 -23.99 10.60 20.37
C THR B 370 -22.74 11.30 20.89
N VAL B 371 -22.54 11.27 22.21
CA VAL B 371 -21.36 11.87 22.81
C VAL B 371 -20.46 10.84 23.46
N VAL B 372 -19.21 10.79 23.05
CA VAL B 372 -18.21 9.95 23.71
C VAL B 372 -17.29 10.83 24.57
N ALA B 373 -17.42 10.70 25.88
CA ALA B 373 -16.70 11.59 26.81
C ALA B 373 -15.46 10.94 27.41
N PHE B 374 -14.33 11.62 27.29
CA PHE B 374 -13.06 11.11 27.79
C PHE B 374 -12.66 11.81 29.08
N ILE B 375 -12.16 11.02 30.03
CA ILE B 375 -11.58 11.55 31.25
C ILE B 375 -10.12 11.15 31.28
N VAL B 376 -9.23 12.10 31.10
CA VAL B 376 -7.81 11.81 31.12
C VAL B 376 -7.14 12.36 32.38
N MET B 377 -7.09 11.54 33.41
CA MET B 377 -6.48 11.91 34.68
C MET B 377 -5.71 10.71 35.23
N PRO B 378 -4.40 10.88 35.42
CA PRO B 378 -3.53 9.78 35.85
C PRO B 378 -3.90 9.25 37.23
N ALA B 379 -4.02 7.92 37.34
CA ALA B 379 -4.30 7.26 38.60
C ALA B 379 -3.43 6.01 38.73
N LYS B 380 -3.35 5.46 39.95
CA LYS B 380 -2.58 4.24 40.18
C LYS B 380 -3.18 3.08 39.39
N ASN B 381 -2.42 2.56 38.44
CA ASN B 381 -2.92 1.51 37.57
C ASN B 381 -1.88 0.43 37.27
N ASN B 382 -2.37 -0.75 36.88
CA ASN B 382 -1.52 -1.86 36.47
C ASN B 382 -1.52 -2.01 34.96
N SER B 383 -1.53 -0.88 34.27
CA SER B 383 -1.53 -0.84 32.81
C SER B 383 -2.88 -1.22 32.21
N PHE B 384 -2.92 -1.29 30.88
CA PHE B 384 -4.15 -1.56 30.14
C PHE B 384 -4.74 -2.92 30.45
N THR B 385 -6.06 -3.03 30.35
CA THR B 385 -6.72 -4.32 30.46
C THR B 385 -6.41 -5.14 29.23
N VAL B 386 -6.40 -6.46 29.40
CA VAL B 386 -6.25 -7.34 28.24
C VAL B 386 -7.34 -7.02 27.24
N GLU B 387 -8.55 -6.78 27.71
CA GLU B 387 -9.69 -6.47 26.86
C GLU B 387 -9.39 -5.30 25.91
N ALA B 388 -8.82 -4.23 26.45
CA ALA B 388 -8.53 -3.04 25.66
C ALA B 388 -7.56 -3.31 24.51
N LEU B 389 -6.47 -4.03 24.82
CA LEU B 389 -5.47 -4.37 23.81
C LEU B 389 -6.05 -5.38 22.81
N LYS B 390 -6.79 -6.33 23.34
CA LYS B 390 -7.33 -7.42 22.56
C LYS B 390 -8.34 -6.92 21.52
N GLY B 391 -9.19 -6.00 21.93
CA GLY B 391 -10.20 -5.44 21.05
C GLY B 391 -9.57 -4.67 19.91
N GLN B 392 -8.51 -3.93 20.23
CA GLN B 392 -7.78 -3.16 19.25
C GLN B 392 -7.20 -4.08 18.17
N ALA B 393 -6.59 -5.18 18.61
CA ALA B 393 -5.98 -6.14 17.69
C ALA B 393 -7.03 -6.85 16.82
N GLU B 394 -8.19 -7.13 17.40
CA GLU B 394 -9.27 -7.76 16.66
C GLU B 394 -9.79 -6.86 15.54
N VAL B 395 -9.97 -5.58 15.86
CA VAL B 395 -10.41 -4.60 14.88
C VAL B 395 -9.39 -4.43 13.74
N ARG B 396 -8.11 -4.45 14.08
CA ARG B 396 -7.06 -4.36 13.08
C ARG B 396 -7.03 -5.60 12.18
N ALA B 397 -7.34 -6.75 12.76
CA ALA B 397 -7.38 -7.99 12.00
C ALA B 397 -8.50 -7.94 10.98
N LEU B 398 -9.66 -7.43 11.41
CA LEU B 398 -10.78 -7.22 10.52
C LEU B 398 -10.36 -6.32 9.35
N GLU B 399 -9.65 -5.23 9.65
CA GLU B 399 -9.23 -4.27 8.63
C GLU B 399 -8.33 -4.92 7.59
N ASN B 400 -7.38 -5.72 8.06
CA ASN B 400 -6.46 -6.42 7.16
C ASN B 400 -7.18 -7.41 6.27
N THR B 401 -8.17 -8.12 6.84
CA THR B 401 -8.94 -9.08 6.08
C THR B 401 -9.75 -8.36 5.01
N VAL B 402 -10.30 -7.21 5.38
CA VAL B 402 -11.09 -6.42 4.44
C VAL B 402 -10.23 -5.94 3.26
N HIS B 403 -8.98 -5.56 3.53
CA HIS B 403 -8.10 -5.10 2.48
CA HIS B 403 -8.10 -5.10 2.48
C HIS B 403 -7.80 -6.23 1.50
N GLU B 404 -7.56 -7.43 2.04
CA GLU B 404 -7.31 -8.59 1.20
C GLU B 404 -8.49 -8.89 0.29
N VAL B 405 -9.69 -8.82 0.86
CA VAL B 405 -10.91 -9.03 0.09
C VAL B 405 -11.13 -7.96 -0.98
N THR B 406 -10.88 -6.69 -0.64
CA THR B 406 -11.03 -5.63 -1.63
C THR B 406 -10.04 -5.77 -2.78
N THR B 407 -8.83 -6.24 -2.48
CA THR B 407 -7.84 -6.49 -3.52
C THR B 407 -8.35 -7.53 -4.52
N SER B 408 -9.00 -8.57 -4.02
CA SER B 408 -9.59 -9.59 -4.89
C SER B 408 -10.77 -9.03 -5.68
N ILE B 409 -11.64 -8.30 -5.00
CA ILE B 409 -12.77 -7.67 -5.66
C ILE B 409 -12.27 -6.75 -6.78
N GLY B 410 -11.16 -6.06 -6.52
CA GLY B 410 -10.55 -5.18 -7.49
C GLY B 410 -10.16 -5.91 -8.76
N LYS B 411 -9.47 -7.03 -8.61
CA LYS B 411 -9.06 -7.82 -9.77
C LYS B 411 -10.28 -8.25 -10.58
N ARG B 412 -11.39 -8.52 -9.90
CA ARG B 412 -12.59 -9.01 -10.56
C ARG B 412 -13.34 -7.89 -11.29
N ILE B 413 -13.34 -6.70 -10.71
CA ILE B 413 -13.92 -5.55 -11.38
C ILE B 413 -13.09 -5.21 -12.61
N PHE B 414 -11.77 -5.28 -12.45
CA PHE B 414 -10.86 -4.92 -13.52
C PHE B 414 -10.98 -5.86 -14.72
N ASP B 415 -10.98 -7.16 -14.45
CA ASP B 415 -11.11 -8.14 -15.52
C ASP B 415 -12.39 -7.88 -16.29
N HIS B 416 -13.49 -7.73 -15.56
CA HIS B 416 -14.77 -7.43 -16.17
C HIS B 416 -14.67 -6.21 -17.09
N ALA B 417 -14.06 -5.13 -16.59
CA ALA B 417 -14.05 -3.86 -17.29
C ALA B 417 -13.18 -3.86 -18.55
N ILE B 418 -12.04 -4.55 -18.47
CA ILE B 418 -11.12 -4.62 -19.59
C ILE B 418 -11.63 -5.58 -20.66
N ARG B 419 -12.52 -6.49 -20.26
CA ARG B 419 -12.99 -7.57 -21.13
C ARG B 419 -14.28 -7.20 -21.88
N TYR B 420 -15.10 -6.37 -21.25
CA TYR B 420 -16.35 -5.91 -21.82
C TYR B 420 -16.11 -5.36 -23.22
N PRO B 421 -17.04 -5.64 -24.16
CA PRO B 421 -18.27 -6.43 -23.99
C PRO B 421 -18.16 -7.84 -24.58
N HIS B 422 -17.02 -8.50 -24.39
CA HIS B 422 -16.80 -9.82 -24.95
C HIS B 422 -17.10 -10.92 -23.96
N ASN B 423 -17.05 -12.17 -24.44
CA ASN B 423 -17.22 -13.35 -23.61
C ASN B 423 -18.50 -13.32 -22.79
N GLY B 424 -19.57 -12.82 -23.41
CA GLY B 424 -20.87 -12.81 -22.78
C GLY B 424 -21.11 -11.68 -21.80
N LEU B 425 -20.10 -10.84 -21.60
CA LEU B 425 -20.25 -9.68 -20.71
C LEU B 425 -21.13 -8.63 -21.36
N THR B 426 -22.36 -8.53 -20.88
CA THR B 426 -23.37 -7.70 -21.53
C THR B 426 -23.54 -6.32 -20.92
N THR B 427 -23.16 -6.18 -19.65
CA THR B 427 -23.14 -4.88 -18.98
C THR B 427 -21.69 -4.48 -18.73
N GLU B 428 -21.42 -3.17 -18.75
CA GLU B 428 -20.03 -2.74 -18.60
C GLU B 428 -19.46 -3.00 -17.20
N LEU B 429 -20.35 -3.06 -16.20
CA LEU B 429 -19.95 -3.35 -14.84
C LEU B 429 -20.65 -4.59 -14.30
N PRO B 430 -20.03 -5.27 -13.33
CA PRO B 430 -20.72 -6.35 -12.61
C PRO B 430 -21.99 -5.79 -11.98
N THR B 431 -23.03 -6.62 -11.83
CA THR B 431 -24.27 -6.16 -11.21
C THR B 431 -24.69 -7.04 -10.05
N ASP B 432 -24.06 -8.20 -9.92
CA ASP B 432 -24.34 -9.10 -8.80
C ASP B 432 -23.13 -9.22 -7.90
N LEU B 433 -23.33 -9.03 -6.60
CA LEU B 433 -22.25 -9.10 -5.63
C LEU B 433 -21.54 -10.44 -5.74
N GLY B 434 -22.28 -11.47 -6.14
CA GLY B 434 -21.74 -12.81 -6.28
C GLY B 434 -20.60 -12.93 -7.27
N GLU B 435 -20.54 -12.02 -8.24
CA GLU B 435 -19.42 -12.01 -9.18
C GLU B 435 -18.13 -11.51 -8.52
N LEU B 436 -18.29 -10.66 -7.52
CA LEU B 436 -17.15 -9.98 -6.90
C LEU B 436 -16.72 -10.61 -5.57
N LEU B 437 -17.69 -10.96 -4.74
CA LEU B 437 -17.42 -11.50 -3.41
C LEU B 437 -17.63 -13.01 -3.39
N LYS B 438 -16.54 -13.77 -3.25
CA LYS B 438 -16.63 -15.23 -3.27
C LYS B 438 -16.77 -15.81 -1.87
N SER B 439 -17.25 -17.05 -1.80
CA SER B 439 -17.52 -17.70 -0.52
C SER B 439 -16.26 -17.85 0.33
N SER B 440 -15.11 -17.98 -0.33
CA SER B 440 -13.84 -17.96 0.37
C SER B 440 -13.65 -16.65 1.13
N ASP B 441 -13.97 -15.54 0.47
CA ASP B 441 -13.90 -14.22 1.09
C ASP B 441 -14.89 -14.11 2.25
N LYS B 442 -16.10 -14.65 2.03
CA LYS B 442 -17.14 -14.59 3.04
C LYS B 442 -16.75 -15.30 4.33
N VAL B 443 -15.97 -16.37 4.19
CA VAL B 443 -15.61 -17.20 5.33
C VAL B 443 -14.61 -16.51 6.27
N MET B 444 -13.56 -15.93 5.72
CA MET B 444 -12.59 -15.22 6.56
C MET B 444 -13.20 -13.96 7.19
N LEU B 445 -14.06 -13.26 6.46
CA LEU B 445 -14.74 -12.09 7.00
C LEU B 445 -15.60 -12.44 8.21
N LYS B 446 -16.43 -13.48 8.07
CA LYS B 446 -17.30 -13.91 9.15
C LYS B 446 -16.51 -14.36 10.38
N ARG B 447 -15.33 -14.93 10.15
CA ARG B 447 -14.46 -15.30 11.25
C ARG B 447 -13.96 -14.08 12.03
N ARG B 448 -13.57 -13.03 11.31
CA ARG B 448 -13.14 -11.78 11.94
C ARG B 448 -14.29 -11.10 12.67
N ILE B 449 -15.52 -11.26 12.16
CA ILE B 449 -16.69 -10.67 12.79
C ILE B 449 -17.06 -11.43 14.07
N LEU B 450 -16.87 -12.74 14.05
CA LEU B 450 -17.14 -13.57 15.22
C LEU B 450 -16.19 -13.19 16.37
N ALA B 451 -14.94 -12.93 16.03
CA ALA B 451 -13.93 -12.57 17.02
C ALA B 451 -14.24 -11.25 17.73
N LEU B 452 -15.08 -10.42 17.12
CA LEU B 452 -15.45 -9.12 17.69
C LEU B 452 -16.63 -9.23 18.66
N ARG B 453 -17.36 -10.34 18.58
CA ARG B 453 -18.48 -10.57 19.50
C ARG B 453 -18.04 -10.48 20.95
N ARG B 454 -18.88 -9.89 21.78
CA ARG B 454 -18.68 -10.02 23.22
C ARG B 454 -19.86 -10.75 23.85
N PRO B 455 -19.59 -11.47 24.94
CA PRO B 455 -20.62 -12.26 25.63
C PRO B 455 -21.91 -11.46 25.82
N GLU B 456 -23.05 -12.14 25.77
CA GLU B 456 -24.32 -11.50 26.03
C GLU B 456 -24.25 -10.73 27.34
N GLY B 457 -24.83 -9.54 27.37
CA GLY B 457 -24.85 -8.73 28.56
C GLY B 457 -23.64 -7.81 28.70
N GLN B 458 -22.45 -8.33 28.42
CA GLN B 458 -21.23 -7.54 28.59
C GLN B 458 -21.26 -6.23 27.79
N LEU B 459 -21.03 -5.12 28.48
CA LEU B 459 -21.06 -3.81 27.88
C LEU B 459 -19.65 -3.28 27.67
N PRO B 460 -19.49 -2.23 26.85
CA PRO B 460 -18.18 -1.59 26.66
C PRO B 460 -17.75 -0.92 27.96
N PRO B 461 -16.53 -1.22 28.42
CA PRO B 461 -16.03 -0.79 29.73
C PRO B 461 -16.05 0.73 29.90
N ILE B 462 -16.02 1.18 31.15
CA ILE B 462 -15.95 2.61 31.45
C ILE B 462 -14.51 3.02 31.73
N VAL B 463 -13.58 2.07 31.60
CA VAL B 463 -12.17 2.33 31.89
C VAL B 463 -11.26 1.45 31.03
N THR B 464 -10.06 1.96 30.73
CA THR B 464 -9.15 1.27 29.81
C THR B 464 -8.02 0.55 30.52
N HIS B 465 -7.87 0.80 31.81
CA HIS B 465 -6.77 0.21 32.57
C HIS B 465 -7.26 -0.64 33.74
N ASN B 466 -6.41 -1.54 34.21
CA ASN B 466 -6.63 -2.23 35.47
C ASN B 466 -6.23 -1.33 36.63
N MET B 467 -7.21 -0.91 37.41
CA MET B 467 -6.97 0.03 38.51
C MET B 467 -6.33 -0.65 39.70
N VAL B 468 -5.37 0.03 40.32
CA VAL B 468 -4.96 -0.31 41.66
C VAL B 468 -6.00 0.30 42.60
N ASP B 469 -6.68 -0.55 43.36
CA ASP B 469 -7.81 -0.12 44.19
C ASP B 469 -8.93 0.49 43.37
N ASP B 470 -9.58 -0.35 42.59
CA ASP B 470 -10.67 0.05 41.71
C ASP B 470 -11.94 0.41 42.50
N ALA B 471 -12.13 -0.24 43.64
CA ALA B 471 -13.35 -0.07 44.45
C ALA B 471 -13.47 1.30 45.12
N ASN B 472 -12.34 1.90 45.48
CA ASN B 472 -12.35 3.19 46.16
C ASN B 472 -11.98 4.35 45.25
N ASP B 473 -11.98 4.12 43.94
CA ASP B 473 -11.67 5.17 42.99
C ASP B 473 -12.79 6.20 42.91
N LEU B 474 -12.44 7.47 43.10
CA LEU B 474 -13.43 8.53 43.12
C LEU B 474 -14.17 8.62 41.79
N ILE B 475 -13.40 8.66 40.69
CA ILE B 475 -13.98 8.79 39.36
C ILE B 475 -14.92 7.62 39.04
N LEU B 476 -14.40 6.41 39.14
CA LEU B 476 -15.16 5.23 38.77
C LEU B 476 -16.40 5.07 39.64
N ASN B 477 -16.26 5.39 40.93
CA ASN B 477 -17.42 5.35 41.83
C ASN B 477 -18.48 6.36 41.43
N LYS B 478 -18.05 7.54 40.96
CA LYS B 478 -18.99 8.57 40.52
C LYS B 478 -19.75 8.11 39.27
N ILE B 479 -19.04 7.50 38.32
CA ILE B 479 -19.73 7.03 37.11
C ILE B 479 -20.63 5.83 37.42
N ARG B 480 -20.21 4.96 38.33
CA ARG B 480 -21.09 3.90 38.82
C ARG B 480 -22.34 4.51 39.45
N GLN B 481 -22.15 5.54 40.25
CA GLN B 481 -23.25 6.16 40.98
C GLN B 481 -24.30 6.78 40.07
N VAL B 482 -23.88 7.32 38.93
CA VAL B 482 -24.82 7.93 38.00
C VAL B 482 -25.29 6.94 36.93
N GLN B 483 -24.62 5.80 36.86
CA GLN B 483 -25.02 4.70 35.97
C GLN B 483 -24.84 5.01 34.47
N LEU B 484 -23.70 5.59 34.13
CA LEU B 484 -23.31 5.71 32.74
C LEU B 484 -22.45 4.50 32.39
N PHE B 485 -23.11 3.42 32.00
CA PHE B 485 -22.41 2.16 31.77
C PHE B 485 -22.28 1.82 30.29
N ASN B 486 -22.39 2.84 29.44
CA ASN B 486 -22.23 2.64 27.99
C ASN B 486 -23.24 1.65 27.42
N SER B 487 -24.51 1.84 27.79
CA SER B 487 -25.58 1.02 27.25
C SER B 487 -26.02 1.59 25.90
N PRO B 488 -26.62 0.75 25.06
CA PRO B 488 -27.11 1.17 23.74
C PRO B 488 -28.08 2.34 23.85
N SER B 489 -28.83 2.39 24.95
CA SER B 489 -29.82 3.45 25.15
C SER B 489 -29.18 4.75 25.61
N ASP B 490 -27.98 4.65 26.17
CA ASP B 490 -27.23 5.84 26.60
C ASP B 490 -26.74 6.62 25.40
N ARG B 491 -27.12 7.88 25.32
CA ARG B 491 -26.67 8.72 24.23
C ARG B 491 -25.37 9.43 24.62
N VAL B 492 -24.97 9.25 25.88
CA VAL B 492 -23.67 9.73 26.35
C VAL B 492 -22.86 8.52 26.79
N LYS B 493 -21.64 8.40 26.25
CA LYS B 493 -20.75 7.30 26.59
C LYS B 493 -19.60 7.82 27.44
N MET B 494 -19.00 6.94 28.23
CA MET B 494 -18.00 7.36 29.21
C MET B 494 -16.76 6.48 29.13
N ILE B 495 -15.58 7.12 29.05
CA ILE B 495 -14.32 6.39 28.98
C ILE B 495 -13.24 7.03 29.84
N PHE B 496 -12.86 6.33 30.90
CA PHE B 496 -11.82 6.78 31.81
C PHE B 496 -10.48 6.17 31.41
N HIS B 497 -9.54 7.04 31.05
CA HIS B 497 -8.19 6.64 30.65
C HIS B 497 -7.21 7.16 31.68
N PRO B 498 -7.02 6.39 32.78
CA PRO B 498 -6.27 6.80 33.98
C PRO B 498 -4.76 6.93 33.77
N GLU B 499 -4.37 7.49 32.65
CA GLU B 499 -2.95 7.67 32.35
C GLU B 499 -2.79 8.83 31.39
N PHE B 500 -1.60 9.40 31.34
CA PHE B 500 -1.34 10.47 30.38
C PHE B 500 -1.28 9.93 28.95
N LEU B 501 -1.78 10.73 28.02
CA LEU B 501 -1.73 10.38 26.61
C LEU B 501 -0.31 10.51 26.06
N ASN B 502 0.11 9.54 25.28
CA ASN B 502 1.40 9.58 24.62
C ASN B 502 1.37 8.80 23.31
N ALA B 503 2.05 9.32 22.30
CA ALA B 503 2.00 8.76 20.97
C ALA B 503 2.35 7.27 20.91
N ASN B 504 3.30 6.83 21.72
CA ASN B 504 3.64 5.40 21.69
C ASN B 504 2.88 4.50 22.66
N ASN B 505 1.72 4.98 23.09
CA ASN B 505 0.78 4.14 23.81
CA ASN B 505 0.74 4.18 23.82
C ASN B 505 0.05 3.24 22.81
N PRO B 506 -0.05 1.94 23.14
CA PRO B 506 -0.51 0.94 22.18
C PRO B 506 -2.00 0.97 21.85
N ILE B 507 -2.77 1.80 22.52
CA ILE B 507 -4.22 1.79 22.38
C ILE B 507 -4.77 3.10 21.80
N LEU B 508 -4.36 4.23 22.37
CA LEU B 508 -4.74 5.52 21.83
C LEU B 508 -3.47 6.30 21.54
N GLY B 509 -2.73 5.85 20.53
CA GLY B 509 -1.40 6.35 20.24
C GLY B 509 -1.36 7.77 19.72
N LEU B 510 -1.77 8.70 20.56
CA LEU B 510 -1.75 10.11 20.23
C LEU B 510 -1.06 10.88 21.36
N ASP B 511 -0.21 11.84 20.99
CA ASP B 511 0.28 12.78 21.99
C ASP B 511 -0.89 13.67 22.43
N TYR B 512 -0.75 14.32 23.57
CA TYR B 512 -1.84 15.13 24.09
C TYR B 512 -2.36 16.15 23.08
N ASP B 513 -1.46 16.91 22.47
CA ASP B 513 -1.87 17.96 21.52
C ASP B 513 -2.67 17.37 20.36
N GLU B 514 -2.30 16.18 19.89
CA GLU B 514 -3.01 15.53 18.81
C GLU B 514 -4.44 15.17 19.23
N PHE B 515 -4.56 14.53 20.38
CA PHE B 515 -5.88 14.18 20.92
C PHE B 515 -6.81 15.39 21.00
N VAL B 516 -6.34 16.47 21.62
CA VAL B 516 -7.14 17.66 21.77
C VAL B 516 -7.64 18.19 20.42
N ARG B 517 -6.75 18.21 19.42
CA ARG B 517 -7.13 18.66 18.08
C ARG B 517 -8.29 17.86 17.51
N GLY B 518 -8.28 16.56 17.76
CA GLY B 518 -9.30 15.68 17.22
C GLY B 518 -10.65 15.72 17.91
N CYS B 519 -10.70 16.27 19.13
CA CYS B 519 -11.95 16.33 19.89
C CYS B 519 -12.81 17.50 19.44
N HIS B 520 -14.00 17.61 20.04
CA HIS B 520 -14.93 18.68 19.66
C HIS B 520 -15.09 19.74 20.76
N LEU B 521 -14.98 19.31 22.02
CA LEU B 521 -15.25 20.20 23.15
C LEU B 521 -14.45 19.79 24.39
N GLY B 522 -13.68 20.74 24.92
CA GLY B 522 -13.01 20.54 26.19
C GLY B 522 -13.92 20.97 27.32
N VAL B 523 -13.96 20.19 28.40
CA VAL B 523 -14.83 20.52 29.52
C VAL B 523 -14.04 20.52 30.82
N PHE B 524 -13.82 21.70 31.38
CA PHE B 524 -12.95 21.86 32.53
C PHE B 524 -13.62 22.69 33.63
N PRO B 525 -14.54 22.06 34.38
CA PRO B 525 -15.36 22.73 35.39
C PRO B 525 -14.59 22.95 36.69
N SER B 526 -13.42 23.57 36.60
CA SER B 526 -12.52 23.68 37.74
C SER B 526 -13.08 24.55 38.86
N TYR B 527 -12.76 24.17 40.10
CA TYR B 527 -13.11 25.00 41.25
C TYR B 527 -11.87 25.73 41.76
N TYR B 528 -10.72 25.07 41.73
CA TYR B 528 -9.48 25.75 42.05
C TYR B 528 -8.51 25.71 40.87
N GLU B 529 -8.35 26.86 40.22
CA GLU B 529 -7.48 26.96 39.04
C GLU B 529 -6.90 28.36 38.89
N PRO B 530 -5.70 28.59 39.47
CA PRO B 530 -5.05 29.90 39.36
C PRO B 530 -4.91 30.32 37.91
N TRP B 531 -4.46 29.41 37.05
CA TRP B 531 -4.43 29.68 35.61
C TRP B 531 -4.80 28.44 34.79
N GLY B 532 -5.86 28.55 34.01
CA GLY B 532 -6.33 27.42 33.22
C GLY B 532 -5.51 27.16 31.96
N TYR B 533 -4.29 26.66 32.12
CA TYR B 533 -3.47 26.29 30.98
C TYR B 533 -4.20 25.27 30.11
N THR B 534 -5.07 24.47 30.73
CA THR B 534 -5.79 23.44 30.01
C THR B 534 -6.80 24.00 28.99
N PRO B 535 -7.73 24.86 29.41
CA PRO B 535 -8.61 25.46 28.41
C PRO B 535 -7.84 26.37 27.45
N ALA B 536 -6.67 26.83 27.89
CA ALA B 536 -5.86 27.72 27.07
C ALA B 536 -5.22 27.00 25.88
N GLU B 537 -4.55 25.88 26.13
CA GLU B 537 -3.96 25.11 25.03
C GLU B 537 -5.06 24.57 24.12
N CYS B 538 -6.22 24.34 24.70
CA CYS B 538 -7.39 23.96 23.95
C CYS B 538 -7.73 25.04 22.92
N THR B 539 -7.81 26.29 23.38
CA THR B 539 -8.17 27.42 22.55
C THR B 539 -7.16 27.65 21.42
N VAL B 540 -5.90 27.39 21.71
CA VAL B 540 -4.85 27.53 20.71
C VAL B 540 -4.91 26.42 19.65
N MET B 541 -5.44 25.26 20.03
CA MET B 541 -5.67 24.16 19.08
C MET B 541 -6.95 24.39 18.31
N GLY B 542 -7.60 25.53 18.54
CA GLY B 542 -8.84 25.84 17.87
C GLY B 542 -9.99 24.93 18.30
N VAL B 543 -10.03 24.57 19.57
CA VAL B 543 -11.08 23.72 20.09
C VAL B 543 -11.84 24.43 21.20
N PRO B 544 -13.16 24.56 21.05
CA PRO B 544 -13.99 25.22 22.06
C PRO B 544 -13.85 24.51 23.39
N SER B 545 -13.99 25.26 24.48
CA SER B 545 -13.88 24.67 25.81
C SER B 545 -14.88 25.28 26.78
N ILE B 546 -15.13 24.55 27.87
CA ILE B 546 -15.95 25.06 28.95
C ILE B 546 -15.07 25.30 30.16
N THR B 547 -15.07 26.52 30.66
CA THR B 547 -14.26 26.89 31.81
C THR B 547 -15.20 27.45 32.89
N THR B 548 -14.63 28.01 33.96
CA THR B 548 -15.45 28.62 35.00
C THR B 548 -14.93 30.00 35.37
N ASN B 549 -15.76 30.78 36.05
CA ASN B 549 -15.38 32.14 36.45
C ASN B 549 -14.54 32.19 37.72
N VAL B 550 -14.22 31.03 38.28
CA VAL B 550 -13.30 30.98 39.42
C VAL B 550 -11.91 30.54 38.97
N SER B 551 -11.79 30.16 37.70
CA SER B 551 -10.52 29.84 37.09
C SER B 551 -9.87 31.11 36.55
N GLY B 552 -8.54 31.17 36.59
CA GLY B 552 -7.80 32.32 36.10
C GLY B 552 -8.01 32.59 34.63
N PHE B 553 -8.11 31.53 33.82
CA PHE B 553 -8.39 31.67 32.40
C PHE B 553 -9.79 32.21 32.16
N GLY B 554 -10.77 31.60 32.83
CA GLY B 554 -12.16 31.99 32.68
C GLY B 554 -12.43 33.42 33.09
N SER B 555 -11.85 33.84 34.23
CA SER B 555 -12.00 35.22 34.68
C SER B 555 -11.30 36.15 33.71
N TYR B 556 -10.11 35.75 33.29
CA TYR B 556 -9.32 36.54 32.35
C TYR B 556 -10.06 36.73 31.03
N MET B 557 -10.80 35.71 30.62
CA MET B 557 -11.49 35.74 29.33
C MET B 557 -12.85 36.43 29.51
N GLU B 558 -13.42 36.29 30.70
CA GLU B 558 -14.69 36.91 31.05
C GLU B 558 -14.56 38.42 30.98
N ASP B 559 -13.33 38.91 31.16
CA ASP B 559 -13.04 40.33 31.20
C ASP B 559 -12.56 40.85 29.84
N LEU B 560 -12.22 39.94 28.95
CA LEU B 560 -11.77 40.29 27.60
C LEU B 560 -12.93 40.34 26.62
N ILE B 561 -13.94 39.51 26.87
CA ILE B 561 -15.10 39.42 25.99
C ILE B 561 -16.37 39.53 26.81
N GLU B 562 -17.34 40.28 26.30
CA GLU B 562 -18.64 40.32 26.95
C GLU B 562 -19.20 38.91 26.91
N THR B 563 -19.67 38.41 28.06
CA THR B 563 -19.96 36.99 28.23
C THR B 563 -21.00 36.41 27.25
N ASN B 564 -21.86 37.26 26.70
CA ASN B 564 -22.83 36.79 25.72
C ASN B 564 -22.12 36.43 24.43
N GLN B 565 -21.10 37.21 24.09
CA GLN B 565 -20.37 37.04 22.84
C GLN B 565 -19.32 35.94 22.95
N ALA B 566 -19.00 35.55 24.18
CA ALA B 566 -17.95 34.56 24.41
C ALA B 566 -18.32 33.16 23.93
N LYS B 567 -19.61 32.85 24.01
CA LYS B 567 -20.11 31.59 23.45
C LYS B 567 -19.79 31.49 21.97
N ASP B 568 -19.80 32.64 21.30
CA ASP B 568 -19.55 32.70 19.86
C ASP B 568 -18.09 32.46 19.52
N TYR B 569 -17.20 32.65 20.49
CA TYR B 569 -15.78 32.41 20.30
C TYR B 569 -15.34 31.05 20.87
N GLY B 570 -16.32 30.20 21.15
CA GLY B 570 -16.06 28.87 21.67
C GLY B 570 -15.60 28.87 23.11
N ILE B 571 -15.95 29.92 23.84
CA ILE B 571 -15.55 30.02 25.23
C ILE B 571 -16.75 30.09 26.16
N TYR B 572 -17.10 28.94 26.74
CA TYR B 572 -18.22 28.83 27.65
C TYR B 572 -17.75 28.98 29.09
N ILE B 573 -18.37 29.91 29.82
CA ILE B 573 -17.95 30.18 31.19
C ILE B 573 -19.05 29.84 32.18
N VAL B 574 -18.81 28.84 33.00
CA VAL B 574 -19.79 28.43 34.00
C VAL B 574 -19.62 29.25 35.28
N ASP B 575 -20.74 29.70 35.84
CA ASP B 575 -20.71 30.49 37.06
C ASP B 575 -20.69 29.59 38.30
N ARG B 576 -19.51 29.46 38.91
CA ARG B 576 -19.32 28.62 40.08
C ARG B 576 -19.12 29.49 41.31
N ARG B 577 -19.57 30.73 41.22
CA ARG B 577 -19.30 31.72 42.25
C ARG B 577 -20.58 32.37 42.78
N PHE B 578 -21.54 32.62 41.90
CA PHE B 578 -22.78 33.29 42.26
C PHE B 578 -24.00 32.41 42.05
N LYS B 579 -23.76 31.12 41.87
CA LYS B 579 -24.85 30.15 41.75
C LYS B 579 -24.62 29.04 42.76
N ALA B 580 -25.70 28.43 43.23
CA ALA B 580 -25.58 27.24 44.06
C ALA B 580 -25.05 26.11 43.19
N PRO B 581 -24.31 25.16 43.79
CA PRO B 581 -23.71 24.07 43.02
C PRO B 581 -24.66 23.45 41.99
N ASP B 582 -25.92 23.25 42.38
CA ASP B 582 -26.88 22.61 41.48
C ASP B 582 -27.25 23.49 40.29
N GLU B 583 -27.27 24.80 40.49
CA GLU B 583 -27.54 25.73 39.41
C GLU B 583 -26.38 25.72 38.40
N SER B 584 -25.18 25.52 38.93
CA SER B 584 -23.98 25.47 38.10
C SER B 584 -24.00 24.24 37.22
N VAL B 585 -24.21 23.08 37.83
CA VAL B 585 -24.31 21.83 37.10
C VAL B 585 -25.30 21.96 35.96
N GLU B 586 -26.43 22.62 36.25
CA GLU B 586 -27.46 22.86 35.24
C GLU B 586 -26.98 23.78 34.12
N GLN B 587 -26.17 24.78 34.47
CA GLN B 587 -25.63 25.69 33.48
C GLN B 587 -24.69 24.93 32.54
N LEU B 588 -23.82 24.13 33.14
CA LEU B 588 -22.92 23.26 32.39
C LEU B 588 -23.71 22.41 31.38
N VAL B 589 -24.77 21.77 31.87
CA VAL B 589 -25.61 20.92 31.02
C VAL B 589 -26.26 21.74 29.91
N ASP B 590 -26.69 22.96 30.24
CA ASP B 590 -27.27 23.86 29.26
C ASP B 590 -26.27 24.09 28.13
N TYR B 591 -25.01 24.31 28.50
CA TYR B 591 -23.96 24.55 27.51
C TYR B 591 -23.79 23.34 26.60
N MET B 592 -23.57 22.18 27.20
CA MET B 592 -23.35 20.95 26.45
C MET B 592 -24.50 20.70 25.48
N GLU B 593 -25.73 20.77 25.96
CA GLU B 593 -26.89 20.56 25.11
C GLU B 593 -26.94 21.55 23.95
N GLU B 594 -26.59 22.80 24.23
CA GLU B 594 -26.54 23.81 23.18
C GLU B 594 -25.51 23.44 22.12
N PHE B 595 -24.36 22.96 22.57
CA PHE B 595 -23.29 22.57 21.67
C PHE B 595 -23.72 21.41 20.79
N VAL B 596 -24.28 20.38 21.41
CA VAL B 596 -24.73 19.19 20.71
C VAL B 596 -25.74 19.51 19.62
N LYS B 597 -26.48 20.61 19.79
CA LYS B 597 -27.48 21.01 18.80
C LYS B 597 -26.87 21.59 17.53
N LYS B 598 -25.64 22.07 17.63
CA LYS B 598 -24.95 22.68 16.48
C LYS B 598 -24.87 21.73 15.28
N THR B 599 -24.94 22.31 14.09
CA THR B 599 -24.65 21.56 12.87
C THR B 599 -23.14 21.52 12.68
N ARG B 600 -22.69 20.72 11.72
CA ARG B 600 -21.26 20.62 11.42
C ARG B 600 -20.73 21.96 10.93
N ARG B 601 -21.51 22.64 10.12
CA ARG B 601 -21.09 23.94 9.59
C ARG B 601 -20.89 24.94 10.72
N GLN B 602 -21.76 24.88 11.72
CA GLN B 602 -21.66 25.75 12.88
C GLN B 602 -20.44 25.42 13.74
N ARG B 603 -20.16 24.13 13.94
CA ARG B 603 -18.99 23.71 14.68
C ARG B 603 -17.73 24.20 13.98
N ILE B 604 -17.69 24.04 12.67
CA ILE B 604 -16.55 24.47 11.86
C ILE B 604 -16.33 25.96 12.02
N ASN B 605 -17.42 26.74 11.92
CA ASN B 605 -17.37 28.18 12.14
C ASN B 605 -16.83 28.57 13.51
N GLN B 606 -17.40 27.96 14.55
CA GLN B 606 -17.00 28.26 15.91
C GLN B 606 -15.49 28.02 16.07
N ARG B 607 -15.03 26.87 15.61
CA ARG B 607 -13.62 26.53 15.74
C ARG B 607 -12.72 27.58 15.09
N ASN B 608 -13.16 28.17 13.99
CA ASN B 608 -12.41 29.25 13.37
C ASN B 608 -12.34 30.46 14.30
N ALA B 609 -13.46 30.74 14.96
CA ALA B 609 -13.53 31.85 15.92
C ALA B 609 -12.59 31.67 17.10
N THR B 610 -12.70 30.53 17.80
CA THR B 610 -11.85 30.32 18.96
C THR B 610 -10.38 30.35 18.56
N GLU B 611 -10.08 29.79 17.40
CA GLU B 611 -8.72 29.78 16.88
C GLU B 611 -8.13 31.18 16.71
N ALA B 612 -8.97 32.13 16.26
CA ALA B 612 -8.52 33.50 16.05
C ALA B 612 -8.13 34.18 17.38
N LEU B 613 -8.59 33.63 18.49
CA LEU B 613 -8.26 34.15 19.81
C LEU B 613 -6.83 33.81 20.22
N SER B 614 -6.17 32.98 19.43
CA SER B 614 -4.87 32.44 19.80
C SER B 614 -3.82 33.49 20.15
N ASP B 615 -3.79 34.58 19.40
CA ASP B 615 -2.80 35.64 19.65
C ASP B 615 -2.87 36.21 21.07
N LEU B 616 -4.07 36.23 21.64
CA LEU B 616 -4.25 36.73 23.00
C LEU B 616 -3.51 35.89 24.04
N LEU B 617 -3.23 34.64 23.70
CA LEU B 617 -2.67 33.70 24.67
C LEU B 617 -1.21 33.40 24.37
N ASP B 618 -0.67 34.04 23.33
CA ASP B 618 0.70 33.80 22.88
C ASP B 618 1.69 34.52 23.80
N TRP B 619 2.86 33.92 24.00
CA TRP B 619 3.93 34.55 24.79
C TRP B 619 4.38 35.89 24.22
N LYS B 620 4.26 36.06 22.91
CA LYS B 620 4.64 37.32 22.28
C LYS B 620 3.85 38.49 22.87
N ARG B 621 2.71 38.18 23.48
CA ARG B 621 1.89 39.20 24.12
C ARG B 621 2.00 39.15 25.66
N MET B 622 1.99 37.94 26.22
CA MET B 622 2.05 37.77 27.66
C MET B 622 3.44 38.08 28.22
N GLY B 623 4.46 37.93 27.38
CA GLY B 623 5.82 38.14 27.80
C GLY B 623 6.11 39.58 28.17
N LEU B 624 5.27 40.48 27.67
CA LEU B 624 5.38 41.90 27.98
C LEU B 624 5.19 42.13 29.48
N GLU B 625 4.31 41.34 30.10
CA GLU B 625 4.09 41.46 31.53
C GLU B 625 5.36 41.09 32.30
N TYR B 626 6.06 40.07 31.83
CA TYR B 626 7.32 39.68 32.46
C TYR B 626 8.34 40.82 32.42
N VAL B 627 8.36 41.57 31.30
CA VAL B 627 9.23 42.72 31.19
C VAL B 627 8.89 43.79 32.23
N LYS B 628 7.59 44.08 32.38
CA LYS B 628 7.12 45.03 33.37
C LYS B 628 7.56 44.66 34.80
N ALA B 629 7.51 43.38 35.12
CA ALA B 629 7.93 42.90 36.43
C ALA B 629 9.40 43.17 36.66
N ARG B 630 10.21 42.97 35.62
CA ARG B 630 11.64 43.15 35.72
C ARG B 630 12.04 44.62 35.79
N GLN B 631 11.29 45.47 35.10
CA GLN B 631 11.51 46.91 35.17
C GLN B 631 11.19 47.40 36.58
N LEU B 632 10.07 46.93 37.14
CA LEU B 632 9.69 47.32 38.48
C LEU B 632 10.74 46.90 39.51
N ALA B 633 11.28 45.71 39.34
CA ALA B 633 12.33 45.22 40.23
C ALA B 633 13.58 46.09 40.12
N LEU B 634 13.90 46.50 38.91
CA LEU B 634 15.02 47.42 38.68
C LEU B 634 14.76 48.80 39.28
N ARG B 635 13.55 49.30 39.10
CA ARG B 635 13.16 50.62 39.61
C ARG B 635 13.18 50.69 41.14
N ARG B 636 12.78 49.61 41.80
CA ARG B 636 12.78 49.57 43.27
C ARG B 636 14.17 49.34 43.82
N GLY B 637 14.96 48.52 43.14
CA GLY B 637 16.31 48.24 43.59
C GLY B 637 17.27 49.40 43.40
N TYR B 638 17.08 50.18 42.34
CA TYR B 638 18.01 51.26 42.02
C TYR B 638 17.30 52.55 41.62
N PRO B 639 16.66 53.21 42.60
CA PRO B 639 15.85 54.41 42.40
C PRO B 639 16.65 55.57 41.81
N ASP B 640 17.83 55.83 42.36
CA ASP B 640 18.68 56.90 41.87
C ASP B 640 19.03 56.70 40.40
N GLN B 641 19.67 55.57 40.11
CA GLN B 641 20.13 55.26 38.76
C GLN B 641 18.96 55.25 37.77
N PHE B 642 17.85 54.64 38.18
CA PHE B 642 16.66 54.61 37.35
C PHE B 642 16.17 56.04 37.11
N ARG B 643 16.08 56.82 38.18
CA ARG B 643 15.65 58.21 38.06
C ARG B 643 16.47 58.97 37.04
N GLU B 644 17.80 58.82 37.11
CA GLU B 644 18.68 59.49 36.17
C GLU B 644 18.52 58.95 34.76
N LEU B 645 18.12 57.69 34.65
CA LEU B 645 17.97 57.04 33.36
C LEU B 645 16.74 57.57 32.62
N VAL B 646 15.72 57.96 33.38
CA VAL B 646 14.42 58.33 32.81
C VAL B 646 14.12 59.82 32.96
N GLY B 647 14.73 60.45 33.97
CA GLY B 647 14.56 61.88 34.16
C GLY B 647 13.53 62.25 35.21
N GLU B 648 12.81 61.27 35.72
CA GLU B 648 11.77 61.53 36.72
C GLU B 648 11.76 60.47 37.80
N GLU B 649 11.00 60.72 38.85
CA GLU B 649 10.74 59.73 39.88
C GLU B 649 9.41 59.05 39.57
N LEU B 650 9.49 57.87 38.96
CA LEU B 650 8.29 57.19 38.47
C LEU B 650 7.56 56.39 39.56
N ASN B 651 6.26 56.23 39.36
CA ASN B 651 5.40 55.49 40.27
C ASN B 651 5.82 54.02 40.34
N ASP B 652 6.30 53.59 41.51
CA ASP B 652 6.79 52.23 41.68
C ASP B 652 5.87 51.38 42.53
N SER B 653 4.61 51.81 42.70
CA SER B 653 3.69 51.09 43.58
C SER B 653 3.21 49.76 43.00
N ASN B 654 3.23 49.63 41.67
CA ASN B 654 2.93 48.37 41.00
C ASN B 654 3.35 48.38 39.54
N MET B 655 3.24 47.22 38.89
CA MET B 655 3.72 47.06 37.52
C MET B 655 3.10 48.03 36.52
N ASP B 656 1.78 48.21 36.58
CA ASP B 656 1.08 49.12 35.67
C ASP B 656 1.45 50.59 35.93
N ALA B 657 1.52 50.97 37.20
CA ALA B 657 1.79 52.35 37.57
C ALA B 657 3.10 52.84 36.97
N LEU B 658 4.08 51.94 36.91
CA LEU B 658 5.40 52.31 36.41
C LEU B 658 5.43 52.48 34.90
N ALA B 659 4.67 51.65 34.19
CA ALA B 659 4.77 51.57 32.75
C ALA B 659 3.64 52.29 32.02
N GLY B 660 2.42 52.09 32.49
CA GLY B 660 1.22 52.42 31.73
C GLY B 660 0.52 51.10 31.48
N GLY B 661 -0.74 51.16 31.09
CA GLY B 661 -1.54 49.95 30.92
C GLY B 661 -1.79 49.53 29.48
N LYS B 662 -2.71 48.58 29.33
CA LYS B 662 -3.09 48.07 28.02
C LYS B 662 -4.43 47.34 28.11
N LYS B 663 -5.44 48.03 28.65
CA LYS B 663 -6.78 47.44 28.78
C LYS B 663 -7.31 46.97 27.44
N LEU B 664 -7.09 45.69 27.13
CA LEU B 664 -7.55 45.11 25.88
C LEU B 664 -8.91 44.48 26.07
N LYS B 665 -9.74 44.51 25.02
CA LYS B 665 -11.09 43.99 25.11
C LYS B 665 -11.62 43.57 23.74
N VAL B 666 -12.77 42.91 23.74
CA VAL B 666 -13.41 42.45 22.50
C VAL B 666 -14.94 42.50 22.62
N SER C 22 -26.93 -68.77 2.26
CA SER C 22 -26.59 -68.21 0.96
C SER C 22 -26.88 -66.73 0.89
N ARG C 23 -25.90 -65.91 1.27
CA ARG C 23 -26.00 -64.47 1.18
C ARG C 23 -24.85 -63.97 0.31
N ASP C 24 -25.10 -62.93 -0.50
CA ASP C 24 -24.09 -62.44 -1.42
C ASP C 24 -22.92 -61.81 -0.68
N LEU C 25 -21.72 -62.34 -0.90
CA LEU C 25 -20.52 -61.85 -0.23
C LEU C 25 -19.93 -60.63 -0.92
N GLN C 26 -20.02 -60.59 -2.25
CA GLN C 26 -19.50 -59.47 -3.01
C GLN C 26 -20.39 -58.24 -2.87
N ASN C 27 -21.69 -58.42 -3.07
CA ASN C 27 -22.64 -57.36 -2.80
C ASN C 27 -23.13 -57.42 -1.35
N HIS C 28 -22.34 -56.85 -0.45
CA HIS C 28 -22.65 -56.90 0.98
C HIS C 28 -22.84 -55.52 1.60
N LEU C 29 -23.46 -55.49 2.78
CA LEU C 29 -23.68 -54.24 3.51
C LEU C 29 -22.55 -53.95 4.47
N LEU C 30 -22.39 -52.67 4.84
CA LEU C 30 -21.38 -52.28 5.82
C LEU C 30 -21.95 -51.30 6.84
N PHE C 31 -21.97 -51.70 8.10
CA PHE C 31 -22.34 -50.81 9.19
C PHE C 31 -21.11 -50.53 10.04
N GLU C 32 -20.82 -49.26 10.25
CA GLU C 32 -19.64 -48.86 11.02
C GLU C 32 -20.06 -48.06 12.26
N THR C 33 -19.82 -48.63 13.43
CA THR C 33 -20.31 -48.06 14.68
C THR C 33 -19.20 -47.50 15.57
N ALA C 34 -19.41 -46.28 16.06
CA ALA C 34 -18.49 -45.65 16.99
C ALA C 34 -19.21 -44.58 17.81
N THR C 35 -18.64 -44.23 18.95
CA THR C 35 -19.21 -43.19 19.81
C THR C 35 -19.12 -41.81 19.15
N GLU C 36 -17.99 -41.57 18.47
CA GLU C 36 -17.73 -40.26 17.88
C GLU C 36 -18.39 -40.03 16.53
N VAL C 37 -19.40 -40.81 16.19
CA VAL C 37 -19.97 -40.71 14.84
C VAL C 37 -20.42 -39.30 14.49
N ALA C 38 -21.56 -38.85 15.03
CA ALA C 38 -22.05 -37.52 14.69
C ALA C 38 -21.70 -36.47 15.74
N ASN C 39 -20.48 -36.54 16.26
CA ASN C 39 -20.03 -35.60 17.29
C ASN C 39 -18.58 -35.82 17.70
N ARG C 40 -17.75 -34.78 17.56
CA ARG C 40 -16.34 -34.87 17.90
C ARG C 40 -16.11 -35.05 19.39
N VAL C 41 -15.41 -36.12 19.75
CA VAL C 41 -14.97 -36.31 21.14
C VAL C 41 -13.47 -36.56 21.15
N GLY C 42 -12.98 -37.26 20.13
CA GLY C 42 -11.57 -37.58 20.01
C GLY C 42 -11.09 -37.71 18.58
N GLY C 43 -9.98 -38.43 18.41
CA GLY C 43 -9.39 -38.60 17.10
C GLY C 43 -10.18 -39.54 16.21
N ILE C 44 -10.97 -40.42 16.81
CA ILE C 44 -11.77 -41.37 16.05
C ILE C 44 -12.73 -40.63 15.11
N TYR C 45 -13.20 -39.47 15.56
CA TYR C 45 -14.11 -38.64 14.79
C TYR C 45 -13.48 -38.23 13.45
N SER C 46 -12.25 -37.77 13.51
CA SER C 46 -11.54 -37.35 12.30
C SER C 46 -11.28 -38.55 11.40
N VAL C 47 -10.90 -39.67 12.01
CA VAL C 47 -10.65 -40.90 11.27
C VAL C 47 -11.90 -41.31 10.51
N LEU C 48 -13.02 -41.35 11.21
CA LEU C 48 -14.30 -41.69 10.60
C LEU C 48 -14.65 -40.70 9.49
N LYS C 49 -14.50 -39.42 9.80
CA LYS C 49 -14.82 -38.35 8.85
C LYS C 49 -13.99 -38.40 7.58
N SER C 50 -12.67 -38.45 7.73
CA SER C 50 -11.76 -38.42 6.58
C SER C 50 -11.79 -39.73 5.79
N LYS C 51 -12.21 -40.82 6.42
CA LYS C 51 -12.27 -42.11 5.76
C LYS C 51 -13.57 -42.25 4.97
N ALA C 52 -14.54 -41.39 5.28
CA ALA C 52 -15.86 -41.46 4.68
C ALA C 52 -15.88 -41.49 3.14
N PRO C 53 -15.18 -40.54 2.50
CA PRO C 53 -15.24 -40.47 1.02
C PRO C 53 -14.77 -41.75 0.33
N ILE C 54 -13.65 -42.32 0.78
CA ILE C 54 -13.11 -43.52 0.15
C ILE C 54 -14.02 -44.73 0.36
N THR C 55 -14.78 -44.73 1.45
CA THR C 55 -15.65 -45.88 1.74
C THR C 55 -17.02 -45.72 1.10
N VAL C 56 -17.50 -44.48 1.00
CA VAL C 56 -18.76 -44.23 0.32
C VAL C 56 -18.61 -44.53 -1.17
N ALA C 57 -17.45 -44.16 -1.71
CA ALA C 57 -17.14 -44.48 -3.10
C ALA C 57 -17.31 -45.98 -3.36
N GLN C 58 -16.90 -46.79 -2.41
CA GLN C 58 -16.95 -48.25 -2.57
C GLN C 58 -18.35 -48.81 -2.34
N TYR C 59 -19.05 -48.29 -1.35
CA TYR C 59 -20.30 -48.91 -0.91
C TYR C 59 -21.59 -48.20 -1.34
N LYS C 60 -21.51 -46.89 -1.58
CA LYS C 60 -22.69 -46.11 -1.94
C LYS C 60 -23.77 -46.20 -0.86
N ASP C 61 -24.98 -46.57 -1.27
CA ASP C 61 -26.11 -46.66 -0.36
C ASP C 61 -26.08 -47.94 0.48
N HIS C 62 -24.98 -48.68 0.37
CA HIS C 62 -24.81 -49.90 1.14
C HIS C 62 -24.00 -49.62 2.41
N TYR C 63 -23.76 -48.36 2.69
CA TYR C 63 -22.92 -47.97 3.83
C TYR C 63 -23.64 -47.04 4.79
N HIS C 64 -23.72 -47.45 6.05
CA HIS C 64 -24.28 -46.64 7.11
C HIS C 64 -23.27 -46.51 8.25
N LEU C 65 -23.28 -45.37 8.92
CA LEU C 65 -22.55 -45.21 10.17
C LEU C 65 -23.57 -45.18 11.32
N ILE C 66 -23.22 -45.81 12.43
CA ILE C 66 -24.12 -45.86 13.58
C ILE C 66 -23.42 -45.31 14.80
N GLY C 67 -24.16 -44.57 15.62
CA GLY C 67 -23.61 -43.98 16.83
C GLY C 67 -24.68 -43.54 17.82
N PRO C 68 -24.25 -42.94 18.93
CA PRO C 68 -25.16 -42.38 19.93
C PRO C 68 -25.58 -40.97 19.54
N LEU C 69 -26.88 -40.71 19.50
CA LEU C 69 -27.38 -39.41 19.11
C LEU C 69 -27.02 -38.32 20.13
N ASN C 70 -26.16 -37.39 19.72
CA ASN C 70 -25.86 -36.23 20.55
C ASN C 70 -26.94 -35.17 20.33
N LYS C 71 -27.94 -35.17 21.20
CA LYS C 71 -29.15 -34.39 21.00
C LYS C 71 -28.89 -32.89 20.86
N ALA C 72 -27.75 -32.43 21.34
CA ALA C 72 -27.40 -31.01 21.25
C ALA C 72 -26.74 -30.69 19.91
N THR C 73 -25.50 -31.14 19.75
CA THR C 73 -24.66 -30.73 18.64
C THR C 73 -24.99 -31.40 17.29
N TYR C 74 -25.98 -32.28 17.29
CA TYR C 74 -26.24 -33.08 16.10
C TYR C 74 -26.86 -32.29 14.94
N GLN C 75 -27.65 -31.27 15.27
CA GLN C 75 -28.30 -30.47 14.24
C GLN C 75 -27.33 -29.63 13.42
N ASN C 76 -26.15 -29.36 13.99
CA ASN C 76 -25.10 -28.64 13.28
C ASN C 76 -24.45 -29.50 12.21
N GLU C 77 -24.31 -30.79 12.51
CA GLU C 77 -23.55 -31.71 11.66
C GLU C 77 -24.42 -32.61 10.78
N VAL C 78 -25.62 -32.92 11.24
CA VAL C 78 -26.44 -33.91 10.55
C VAL C 78 -27.53 -33.28 9.68
N ASP C 79 -27.60 -33.74 8.44
CA ASP C 79 -28.66 -33.35 7.52
C ASP C 79 -29.84 -34.30 7.70
N ILE C 80 -30.72 -33.96 8.65
CA ILE C 80 -31.86 -34.81 8.97
C ILE C 80 -32.70 -35.18 7.75
N LEU C 81 -32.96 -36.47 7.58
CA LEU C 81 -33.76 -36.95 6.45
C LEU C 81 -35.09 -37.50 6.93
N ASP C 82 -35.98 -37.82 5.99
CA ASP C 82 -37.25 -38.45 6.28
C ASP C 82 -37.22 -39.91 5.82
N TRP C 83 -36.87 -40.81 6.72
CA TRP C 83 -36.64 -42.21 6.38
C TRP C 83 -37.93 -42.99 6.11
N LYS C 84 -39.07 -42.36 6.35
CA LYS C 84 -40.36 -43.01 6.12
C LYS C 84 -40.74 -43.01 4.64
N LYS C 85 -40.37 -41.95 3.94
CA LYS C 85 -40.59 -41.87 2.49
C LYS C 85 -40.08 -43.13 1.81
N PRO C 86 -40.87 -43.67 0.87
CA PRO C 86 -40.42 -44.86 0.13
C PRO C 86 -39.21 -44.54 -0.75
N GLU C 87 -39.07 -43.27 -1.12
CA GLU C 87 -37.95 -42.84 -1.95
C GLU C 87 -36.63 -42.89 -1.19
N ALA C 88 -36.71 -43.08 0.13
CA ALA C 88 -35.53 -43.02 0.99
C ALA C 88 -34.59 -44.21 0.82
N PHE C 89 -35.09 -45.31 0.25
CA PHE C 89 -34.28 -46.51 0.09
C PHE C 89 -34.49 -47.17 -1.27
N SER C 90 -33.42 -47.73 -1.82
CA SER C 90 -33.53 -48.55 -3.01
C SER C 90 -34.35 -49.78 -2.67
N ASP C 91 -34.82 -50.49 -3.69
CA ASP C 91 -35.63 -51.68 -3.45
C ASP C 91 -34.84 -52.76 -2.72
N GLU C 92 -33.55 -52.86 -3.00
CA GLU C 92 -32.73 -53.88 -2.36
C GLU C 92 -32.23 -53.42 -0.99
N MET C 93 -32.38 -52.14 -0.70
CA MET C 93 -32.04 -51.62 0.62
C MET C 93 -33.27 -51.53 1.52
N ARG C 94 -34.38 -52.07 1.04
CA ARG C 94 -35.64 -52.06 1.79
C ARG C 94 -35.49 -52.56 3.23
N PRO C 95 -34.86 -53.74 3.42
CA PRO C 95 -34.74 -54.31 4.76
C PRO C 95 -34.24 -53.32 5.80
N VAL C 96 -33.32 -52.44 5.41
CA VAL C 96 -32.80 -51.43 6.33
C VAL C 96 -33.91 -50.49 6.79
N GLN C 97 -34.86 -50.22 5.89
CA GLN C 97 -35.99 -49.37 6.19
C GLN C 97 -36.99 -50.11 7.07
N HIS C 98 -37.24 -51.37 6.75
CA HIS C 98 -38.20 -52.18 7.51
C HIS C 98 -37.65 -52.55 8.88
N ALA C 99 -36.33 -52.54 9.01
CA ALA C 99 -35.70 -52.77 10.29
C ALA C 99 -35.91 -51.55 11.18
N LEU C 100 -35.76 -50.37 10.58
CA LEU C 100 -35.96 -49.11 11.29
C LEU C 100 -37.41 -48.97 11.75
N GLN C 101 -38.36 -49.24 10.86
CA GLN C 101 -39.77 -49.17 11.22
C GLN C 101 -40.04 -50.03 12.45
N THR C 102 -39.53 -51.26 12.44
CA THR C 102 -39.67 -52.17 13.57
C THR C 102 -39.13 -51.55 14.85
N MET C 103 -37.95 -50.94 14.77
CA MET C 103 -37.33 -50.29 15.92
C MET C 103 -38.23 -49.21 16.50
N GLU C 104 -38.92 -48.49 15.63
CA GLU C 104 -39.77 -47.38 16.07
C GLU C 104 -41.10 -47.88 16.64
N SER C 105 -41.58 -49.01 16.14
CA SER C 105 -42.81 -49.61 16.65
C SER C 105 -42.61 -50.15 18.06
N ARG C 106 -41.34 -50.23 18.47
CA ARG C 106 -40.99 -50.75 19.79
C ARG C 106 -40.66 -49.61 20.75
N GLY C 107 -40.57 -48.39 20.22
CA GLY C 107 -40.36 -47.22 21.05
C GLY C 107 -38.96 -46.64 21.00
N VAL C 108 -38.15 -47.11 20.06
CA VAL C 108 -36.78 -46.62 19.92
C VAL C 108 -36.74 -45.40 19.00
N HIS C 109 -36.33 -44.26 19.55
CA HIS C 109 -36.21 -43.04 18.77
C HIS C 109 -34.81 -42.92 18.16
N PHE C 110 -34.74 -42.37 16.95
CA PHE C 110 -33.48 -42.27 16.24
C PHE C 110 -33.53 -41.27 15.09
N VAL C 111 -32.35 -40.80 14.68
CA VAL C 111 -32.23 -39.91 13.54
C VAL C 111 -31.66 -40.64 12.34
N TYR C 112 -32.27 -40.42 11.18
CA TYR C 112 -31.69 -40.83 9.92
C TYR C 112 -31.24 -39.56 9.21
N GLY C 113 -30.20 -39.67 8.40
CA GLY C 113 -29.73 -38.50 7.67
C GLY C 113 -28.38 -38.62 7.01
N ARG C 114 -27.90 -37.51 6.46
CA ARG C 114 -26.57 -37.45 5.86
C ARG C 114 -25.63 -36.71 6.80
N TRP C 115 -24.42 -37.20 6.94
CA TRP C 115 -23.41 -36.51 7.72
C TRP C 115 -22.82 -35.38 6.88
N LEU C 116 -22.97 -34.15 7.35
CA LEU C 116 -22.61 -32.98 6.57
C LEU C 116 -21.10 -32.79 6.40
N ILE C 117 -20.46 -33.84 5.88
CA ILE C 117 -19.05 -33.81 5.55
C ILE C 117 -18.88 -34.29 4.11
N GLU C 118 -17.67 -34.20 3.59
CA GLU C 118 -17.38 -34.77 2.29
C GLU C 118 -17.72 -36.25 2.30
N GLY C 119 -18.34 -36.74 1.22
CA GLY C 119 -18.77 -38.12 1.14
C GLY C 119 -20.24 -38.28 1.43
N ALA C 120 -20.75 -37.46 2.35
CA ALA C 120 -22.17 -37.46 2.71
C ALA C 120 -22.74 -38.86 2.93
N PRO C 121 -22.21 -39.57 3.94
CA PRO C 121 -22.64 -40.94 4.24
C PRO C 121 -23.89 -40.94 5.11
N LYS C 122 -24.87 -41.75 4.75
CA LYS C 122 -26.08 -41.88 5.58
C LYS C 122 -25.70 -42.39 6.97
N VAL C 123 -26.38 -41.86 7.98
CA VAL C 123 -26.10 -42.24 9.35
C VAL C 123 -27.37 -42.63 10.11
N ILE C 124 -27.18 -43.34 11.21
CA ILE C 124 -28.30 -43.74 12.07
C ILE C 124 -27.94 -43.44 13.52
N LEU C 125 -28.56 -42.39 14.07
CA LEU C 125 -28.21 -41.92 15.41
C LEU C 125 -29.26 -42.28 16.43
N PHE C 126 -29.13 -43.47 17.02
CA PHE C 126 -30.05 -43.92 18.05
C PHE C 126 -30.08 -42.97 19.25
N ASP C 127 -31.28 -42.72 19.76
CA ASP C 127 -31.46 -41.90 20.95
C ASP C 127 -31.50 -42.80 22.18
N LEU C 128 -30.45 -42.77 22.99
CA LEU C 128 -30.34 -43.64 24.15
C LEU C 128 -31.41 -43.35 25.19
N ASP C 129 -31.79 -42.08 25.32
CA ASP C 129 -32.83 -41.68 26.26
C ASP C 129 -34.08 -42.52 26.08
N SER C 130 -34.41 -42.84 24.82
CA SER C 130 -35.66 -43.52 24.49
C SER C 130 -35.60 -45.01 24.81
N VAL C 131 -34.47 -45.47 25.32
CA VAL C 131 -34.28 -46.89 25.59
C VAL C 131 -33.65 -47.10 26.97
N ARG C 132 -33.45 -46.00 27.70
CA ARG C 132 -32.87 -46.06 29.03
C ARG C 132 -33.79 -46.78 30.01
N GLY C 133 -34.97 -47.18 29.52
CA GLY C 133 -35.94 -47.90 30.33
C GLY C 133 -35.67 -49.39 30.35
N TYR C 134 -34.62 -49.81 29.64
CA TYR C 134 -34.22 -51.21 29.63
C TYR C 134 -32.90 -51.42 30.37
N SER C 135 -32.33 -50.31 30.84
CA SER C 135 -31.05 -50.34 31.52
C SER C 135 -30.93 -51.48 32.53
N ASN C 136 -31.98 -51.66 33.33
CA ASN C 136 -31.99 -52.73 34.33
C ASN C 136 -31.83 -54.12 33.74
N GLU C 137 -32.78 -54.51 32.88
CA GLU C 137 -32.69 -55.79 32.20
C GLU C 137 -31.30 -56.00 31.63
N TRP C 138 -30.83 -55.01 30.87
CA TRP C 138 -29.63 -55.17 30.05
C TRP C 138 -28.33 -55.30 30.83
N LYS C 139 -28.14 -54.48 31.86
CA LYS C 139 -26.96 -54.61 32.70
C LYS C 139 -26.92 -56.00 33.33
N GLY C 140 -28.11 -56.56 33.57
CA GLY C 140 -28.24 -57.88 34.19
C GLY C 140 -27.98 -59.01 33.23
N ASP C 141 -28.46 -58.88 32.00
CA ASP C 141 -28.19 -59.87 30.96
C ASP C 141 -26.71 -59.87 30.64
N LEU C 142 -26.12 -58.68 30.61
CA LEU C 142 -24.71 -58.51 30.31
C LEU C 142 -23.82 -59.24 31.31
N TRP C 143 -24.18 -59.15 32.58
CA TRP C 143 -23.40 -59.84 33.62
C TRP C 143 -23.44 -61.35 33.45
N SER C 144 -24.64 -61.89 33.28
CA SER C 144 -24.81 -63.34 33.19
C SER C 144 -24.30 -63.93 31.87
N LEU C 145 -24.28 -63.12 30.82
CA LEU C 145 -23.79 -63.59 29.52
C LEU C 145 -22.28 -63.47 29.39
N VAL C 146 -21.73 -62.35 29.84
CA VAL C 146 -20.34 -62.02 29.55
C VAL C 146 -19.52 -61.66 30.80
N GLY C 147 -20.21 -61.52 31.93
CA GLY C 147 -19.53 -61.28 33.20
C GLY C 147 -18.98 -59.88 33.35
N ILE C 148 -19.64 -58.91 32.71
CA ILE C 148 -19.22 -57.52 32.82
C ILE C 148 -20.03 -56.75 33.85
N PRO C 149 -19.36 -56.24 34.89
CA PRO C 149 -19.97 -55.43 35.93
C PRO C 149 -20.16 -53.98 35.48
N SER C 150 -21.19 -53.32 35.97
CA SER C 150 -21.44 -51.93 35.60
C SER C 150 -22.00 -51.12 36.76
N PRO C 151 -21.12 -50.35 37.43
CA PRO C 151 -21.55 -49.46 38.51
C PRO C 151 -22.58 -48.46 37.98
N GLU C 152 -23.22 -47.72 38.88
CA GLU C 152 -24.23 -46.76 38.46
C GLU C 152 -23.62 -45.38 38.19
N ASN C 153 -22.51 -45.10 38.84
CA ASN C 153 -21.87 -43.79 38.76
C ASN C 153 -20.96 -43.61 37.53
N ASP C 154 -20.89 -44.64 36.70
CA ASP C 154 -20.19 -44.53 35.43
C ASP C 154 -21.20 -44.35 34.31
N PHE C 155 -21.32 -43.12 33.83
CA PHE C 155 -22.31 -42.77 32.83
C PHE C 155 -21.95 -43.32 31.46
N GLU C 156 -20.68 -43.16 31.07
CA GLU C 156 -20.19 -43.65 29.80
C GLU C 156 -20.48 -45.14 29.64
N THR C 157 -20.05 -45.93 30.62
CA THR C 157 -20.28 -47.37 30.61
C THR C 157 -21.77 -47.68 30.49
N ASN C 158 -22.61 -46.85 31.09
CA ASN C 158 -24.05 -46.99 30.98
C ASN C 158 -24.53 -46.77 29.55
N ASP C 159 -24.11 -45.65 28.96
CA ASP C 159 -24.45 -45.35 27.58
C ASP C 159 -23.93 -46.43 26.64
N ALA C 160 -22.69 -46.85 26.88
CA ALA C 160 -22.08 -47.90 26.07
C ALA C 160 -22.97 -49.14 26.03
N ILE C 161 -23.52 -49.52 27.17
CA ILE C 161 -24.42 -50.66 27.24
C ILE C 161 -25.70 -50.39 26.46
N LEU C 162 -26.27 -49.20 26.64
CA LEU C 162 -27.45 -48.78 25.89
C LEU C 162 -27.19 -48.91 24.40
N LEU C 163 -26.07 -48.36 23.94
CA LEU C 163 -25.70 -48.41 22.54
C LEU C 163 -25.53 -49.85 22.07
N GLY C 164 -24.91 -50.66 22.91
CA GLY C 164 -24.63 -52.05 22.55
C GLY C 164 -25.86 -52.87 22.24
N TYR C 165 -26.80 -52.90 23.18
CA TYR C 165 -28.03 -53.68 23.03
C TYR C 165 -28.92 -53.16 21.91
N THR C 166 -29.06 -51.83 21.84
CA THR C 166 -29.86 -51.22 20.79
C THR C 166 -29.30 -51.58 19.42
N VAL C 167 -27.98 -51.45 19.26
CA VAL C 167 -27.34 -51.77 17.99
C VAL C 167 -27.44 -53.26 17.66
N ALA C 168 -27.18 -54.11 18.66
CA ALA C 168 -27.33 -55.54 18.48
C ALA C 168 -28.77 -55.87 18.07
N TRP C 169 -29.70 -55.14 18.68
CA TRP C 169 -31.11 -55.21 18.35
C TRP C 169 -31.32 -54.97 16.86
N PHE C 170 -30.79 -53.84 16.39
CA PHE C 170 -30.96 -53.38 15.02
C PHE C 170 -30.36 -54.35 13.99
N LEU C 171 -29.16 -54.84 14.27
CA LEU C 171 -28.50 -55.77 13.37
C LEU C 171 -29.20 -57.12 13.33
N GLY C 172 -29.81 -57.50 14.45
CA GLY C 172 -30.61 -58.71 14.51
C GLY C 172 -31.82 -58.57 13.61
N GLU C 173 -32.39 -57.36 13.57
CA GLU C 173 -33.53 -57.08 12.72
C GLU C 173 -33.15 -57.04 11.24
N VAL C 174 -32.04 -56.38 10.93
CA VAL C 174 -31.56 -56.30 9.56
C VAL C 174 -31.21 -57.68 9.05
N ALA C 175 -30.60 -58.49 9.92
CA ALA C 175 -30.24 -59.86 9.57
C ALA C 175 -31.48 -60.68 9.23
N HIS C 176 -32.54 -60.46 9.99
CA HIS C 176 -33.78 -61.22 9.84
C HIS C 176 -34.63 -60.76 8.65
N LEU C 177 -34.51 -59.50 8.28
CA LEU C 177 -35.32 -58.94 7.20
C LEU C 177 -34.60 -58.96 5.86
N ASP C 178 -33.27 -58.85 5.89
CA ASP C 178 -32.47 -58.90 4.67
C ASP C 178 -32.00 -60.33 4.42
N SER C 179 -32.23 -60.82 3.22
CA SER C 179 -31.87 -62.20 2.89
C SER C 179 -30.88 -62.26 1.72
N GLN C 180 -30.62 -61.12 1.11
CA GLN C 180 -29.74 -61.06 -0.06
C GLN C 180 -28.27 -60.79 0.29
N HIS C 181 -28.04 -59.83 1.17
CA HIS C 181 -26.68 -59.35 1.43
C HIS C 181 -26.02 -60.02 2.61
N ALA C 182 -24.72 -60.24 2.50
CA ALA C 182 -23.89 -60.49 3.66
C ALA C 182 -23.76 -59.17 4.41
N ILE C 183 -23.66 -59.23 5.73
CA ILE C 183 -23.66 -58.02 6.54
C ILE C 183 -22.40 -57.88 7.38
N VAL C 184 -21.62 -56.84 7.10
CA VAL C 184 -20.43 -56.56 7.89
C VAL C 184 -20.66 -55.46 8.92
N ALA C 185 -20.35 -55.75 10.17
CA ALA C 185 -20.47 -54.78 11.25
C ALA C 185 -19.09 -54.49 11.81
N HIS C 186 -18.68 -53.22 11.76
CA HIS C 186 -17.36 -52.81 12.19
C HIS C 186 -17.47 -51.85 13.37
N PHE C 187 -16.84 -52.19 14.48
CA PHE C 187 -16.94 -51.38 15.70
C PHE C 187 -15.60 -50.76 16.10
N HIS C 188 -15.65 -49.52 16.57
CA HIS C 188 -14.45 -48.79 16.97
C HIS C 188 -14.44 -48.46 18.47
N GLU C 189 -13.39 -48.90 19.16
CA GLU C 189 -13.16 -48.58 20.56
C GLU C 189 -14.18 -49.23 21.50
N TRP C 190 -13.78 -49.45 22.74
CA TRP C 190 -14.61 -50.20 23.69
C TRP C 190 -15.97 -49.56 23.97
N LEU C 191 -16.04 -48.24 23.88
CA LEU C 191 -17.29 -47.52 24.12
C LEU C 191 -18.39 -47.98 23.17
N ALA C 192 -17.99 -48.48 22.00
CA ALA C 192 -18.94 -48.98 21.02
C ALA C 192 -18.82 -50.48 20.87
N GLY C 193 -18.28 -51.14 21.89
CA GLY C 193 -17.96 -52.56 21.79
C GLY C 193 -18.91 -53.54 22.47
N VAL C 194 -19.96 -53.02 23.09
CA VAL C 194 -20.88 -53.88 23.83
C VAL C 194 -21.69 -54.81 22.93
N ALA C 195 -21.90 -54.41 21.68
CA ALA C 195 -22.67 -55.21 20.74
C ALA C 195 -21.92 -56.47 20.29
N LEU C 196 -20.62 -56.51 20.51
CA LEU C 196 -19.79 -57.62 20.06
C LEU C 196 -20.08 -58.93 20.80
N PRO C 197 -20.05 -58.90 22.15
CA PRO C 197 -20.43 -60.10 22.92
C PRO C 197 -21.82 -60.60 22.57
N LEU C 198 -22.76 -59.67 22.36
CA LEU C 198 -24.14 -60.03 22.04
C LEU C 198 -24.23 -60.71 20.67
N CYS C 199 -23.57 -60.12 19.68
CA CYS C 199 -23.59 -60.66 18.32
C CYS C 199 -23.10 -62.11 18.26
N ARG C 200 -22.00 -62.39 18.94
CA ARG C 200 -21.44 -63.74 18.93
C ARG C 200 -22.30 -64.73 19.72
N LYS C 201 -22.82 -64.28 20.86
CA LYS C 201 -23.65 -65.15 21.71
C LYS C 201 -25.01 -65.45 21.09
N ARG C 202 -25.55 -64.48 20.34
CA ARG C 202 -26.84 -64.67 19.68
C ARG C 202 -26.64 -65.27 18.29
N ARG C 203 -25.40 -65.29 17.84
CA ARG C 203 -25.07 -65.69 16.48
C ARG C 203 -25.93 -64.93 15.48
N ILE C 204 -26.06 -63.63 15.68
CA ILE C 204 -26.67 -62.77 14.68
C ILE C 204 -25.97 -63.08 13.38
N ASP C 205 -26.73 -63.18 12.29
CA ASP C 205 -26.13 -63.55 11.00
C ASP C 205 -25.40 -62.37 10.35
N VAL C 206 -24.38 -61.87 11.05
CA VAL C 206 -23.51 -60.82 10.54
C VAL C 206 -22.07 -61.15 10.91
N VAL C 207 -21.11 -60.58 10.19
CA VAL C 207 -19.71 -60.72 10.55
C VAL C 207 -19.21 -59.43 11.18
N THR C 208 -18.29 -59.55 12.13
CA THR C 208 -17.90 -58.40 12.94
C THR C 208 -16.41 -58.11 12.92
N ILE C 209 -16.08 -56.84 13.13
CA ILE C 209 -14.70 -56.38 13.25
C ILE C 209 -14.60 -55.43 14.44
N PHE C 210 -13.58 -55.60 15.26
CA PHE C 210 -13.31 -54.64 16.32
C PHE C 210 -11.96 -53.99 16.10
N THR C 211 -11.93 -52.67 16.09
CA THR C 211 -10.68 -51.94 16.00
C THR C 211 -10.49 -51.13 17.28
N THR C 212 -9.37 -51.36 17.95
CA THR C 212 -9.05 -50.58 19.14
C THR C 212 -7.96 -49.56 18.82
N HIS C 213 -8.23 -48.31 19.17
CA HIS C 213 -7.31 -47.21 18.85
C HIS C 213 -6.37 -46.93 20.03
N ALA C 214 -6.51 -47.75 21.07
CA ALA C 214 -5.62 -47.71 22.22
C ALA C 214 -5.99 -48.89 23.12
N THR C 215 -5.39 -48.95 24.30
CA THR C 215 -5.87 -49.87 25.32
C THR C 215 -6.02 -49.13 26.64
N LEU C 216 -7.05 -49.47 27.39
CA LEU C 216 -7.31 -48.79 28.66
C LEU C 216 -6.11 -48.87 29.60
N LEU C 217 -5.57 -50.06 29.78
CA LEU C 217 -4.45 -50.27 30.69
C LEU C 217 -3.17 -49.58 30.20
N GLY C 218 -2.97 -49.54 28.89
CA GLY C 218 -1.80 -48.92 28.31
C GLY C 218 -1.61 -47.46 28.70
N ARG C 219 -2.65 -46.66 28.55
CA ARG C 219 -2.58 -45.24 28.87
C ARG C 219 -2.27 -45.00 30.34
N TYR C 220 -3.08 -45.60 31.22
CA TYR C 220 -2.89 -45.42 32.66
C TYR C 220 -1.50 -45.82 33.11
N LEU C 221 -1.08 -47.02 32.73
CA LEU C 221 0.22 -47.54 33.12
C LEU C 221 1.35 -46.60 32.71
N CYS C 222 1.24 -46.03 31.51
CA CYS C 222 2.28 -45.14 30.98
C CYS C 222 2.24 -43.76 31.61
N ALA C 223 1.05 -43.29 31.95
CA ALA C 223 0.89 -41.97 32.56
C ALA C 223 1.74 -41.84 33.81
N SER C 224 1.77 -42.91 34.62
CA SER C 224 2.50 -42.91 35.88
C SER C 224 3.98 -42.55 35.71
N GLY C 225 4.50 -42.74 34.51
CA GLY C 225 5.85 -42.31 34.16
C GLY C 225 6.96 -43.01 34.93
N SER C 226 6.60 -44.01 35.72
CA SER C 226 7.58 -44.75 36.51
C SER C 226 7.87 -46.11 35.88
N PHE C 227 6.80 -46.76 35.45
CA PHE C 227 6.84 -48.11 34.91
C PHE C 227 7.56 -48.20 33.57
N ASP C 228 8.51 -49.12 33.46
CA ASP C 228 9.12 -49.44 32.17
C ASP C 228 8.10 -50.28 31.40
N PHE C 229 7.09 -49.60 30.88
CA PHE C 229 5.92 -50.24 30.28
C PHE C 229 6.23 -51.23 29.16
N TYR C 230 7.16 -50.85 28.28
CA TYR C 230 7.38 -51.62 27.05
C TYR C 230 8.32 -52.81 27.20
N ASN C 231 8.93 -52.95 28.38
CA ASN C 231 9.87 -54.04 28.60
C ASN C 231 9.44 -55.04 29.68
N CYS C 232 8.33 -54.75 30.35
CA CYS C 232 7.77 -55.69 31.32
C CYS C 232 6.27 -55.53 31.47
N LEU C 233 5.58 -55.32 30.35
CA LEU C 233 4.13 -55.30 30.35
C LEU C 233 3.67 -56.75 30.19
N GLU C 234 4.64 -57.60 29.88
CA GLU C 234 4.41 -59.04 29.77
C GLU C 234 4.21 -59.61 31.17
N SER C 235 4.58 -58.83 32.18
CA SER C 235 4.51 -59.29 33.56
C SER C 235 3.50 -58.49 34.38
N VAL C 236 2.57 -57.81 33.72
CA VAL C 236 1.53 -57.08 34.44
C VAL C 236 0.31 -57.95 34.67
N ASP C 237 -0.22 -57.88 35.88
CA ASP C 237 -1.47 -58.55 36.23
C ASP C 237 -2.60 -57.60 35.87
N VAL C 238 -3.32 -57.91 34.80
CA VAL C 238 -4.32 -57.00 34.25
C VAL C 238 -5.47 -56.68 35.21
N ASP C 239 -5.99 -57.71 35.86
CA ASP C 239 -7.11 -57.53 36.80
C ASP C 239 -6.70 -56.61 37.94
N HIS C 240 -5.50 -56.83 38.46
CA HIS C 240 -4.97 -56.01 39.55
C HIS C 240 -4.82 -54.55 39.13
N GLU C 241 -4.15 -54.34 38.00
CA GLU C 241 -3.89 -52.98 37.50
C GLU C 241 -5.19 -52.26 37.15
N ALA C 242 -6.09 -52.96 36.48
CA ALA C 242 -7.39 -52.39 36.15
C ALA C 242 -8.11 -51.93 37.41
N GLY C 243 -8.11 -52.80 38.42
CA GLY C 243 -8.70 -52.47 39.71
C GLY C 243 -8.03 -51.27 40.33
N ARG C 244 -6.70 -51.25 40.31
CA ARG C 244 -5.94 -50.17 40.92
C ARG C 244 -6.28 -48.79 40.36
N PHE C 245 -6.47 -48.72 39.04
CA PHE C 245 -6.85 -47.47 38.39
C PHE C 245 -8.37 -47.28 38.40
N GLY C 246 -9.07 -48.21 39.03
CA GLY C 246 -10.52 -48.15 39.12
C GLY C 246 -11.20 -48.22 37.77
N ILE C 247 -10.67 -49.05 36.88
CA ILE C 247 -11.21 -49.16 35.53
C ILE C 247 -11.66 -50.58 35.21
N TYR C 248 -11.61 -51.45 36.20
CA TYR C 248 -11.85 -52.88 35.96
C TYR C 248 -13.04 -53.16 35.03
N HIS C 249 -14.19 -52.55 35.31
CA HIS C 249 -15.39 -52.85 34.55
C HIS C 249 -15.28 -52.44 33.08
N ARG C 250 -14.61 -51.31 32.84
CA ARG C 250 -14.37 -50.84 31.47
C ARG C 250 -13.39 -51.74 30.74
N TYR C 251 -12.34 -52.17 31.45
CA TYR C 251 -11.38 -53.10 30.88
C TYR C 251 -12.08 -54.37 30.40
N CYS C 252 -13.10 -54.79 31.13
CA CYS C 252 -13.84 -56.00 30.82
C CYS C 252 -14.59 -55.88 29.49
N ILE C 253 -15.06 -54.67 29.19
CA ILE C 253 -15.73 -54.42 27.92
C ILE C 253 -14.74 -54.46 26.76
N GLU C 254 -13.63 -53.75 26.92
CA GLU C 254 -12.57 -53.75 25.91
C GLU C 254 -12.16 -55.18 25.57
N ARG C 255 -11.86 -55.97 26.60
CA ARG C 255 -11.44 -57.35 26.40
C ARG C 255 -12.50 -58.22 25.72
N ALA C 256 -13.74 -58.10 26.18
CA ALA C 256 -14.85 -58.84 25.57
C ALA C 256 -14.98 -58.47 24.09
N ALA C 257 -14.94 -57.17 23.81
CA ALA C 257 -15.03 -56.70 22.44
C ALA C 257 -13.97 -57.34 21.55
N ALA C 258 -12.75 -57.42 22.09
CA ALA C 258 -11.62 -57.96 21.32
C ALA C 258 -11.73 -59.47 21.10
N HIS C 259 -12.07 -60.21 22.14
CA HIS C 259 -12.20 -61.66 22.01
C HIS C 259 -13.47 -62.07 21.29
N SER C 260 -14.45 -61.17 21.27
CA SER C 260 -15.76 -61.50 20.73
C SER C 260 -15.88 -61.28 19.22
N ALA C 261 -14.92 -60.56 18.64
CA ALA C 261 -15.01 -60.16 17.24
C ALA C 261 -14.44 -61.22 16.31
N ASP C 262 -15.06 -61.35 15.13
CA ASP C 262 -14.54 -62.21 14.08
C ASP C 262 -13.11 -61.79 13.73
N VAL C 263 -12.92 -60.49 13.55
CA VAL C 263 -11.61 -59.94 13.26
C VAL C 263 -11.22 -58.85 14.26
N PHE C 264 -10.02 -58.95 14.81
CA PHE C 264 -9.55 -58.02 15.81
C PHE C 264 -8.38 -57.22 15.25
N THR C 265 -8.48 -55.89 15.29
CA THR C 265 -7.44 -55.02 14.73
C THR C 265 -7.08 -53.88 15.67
N THR C 266 -5.86 -53.37 15.51
CA THR C 266 -5.45 -52.13 16.16
C THR C 266 -4.90 -51.19 15.07
N VAL C 267 -4.47 -50.01 15.47
CA VAL C 267 -4.08 -48.99 14.50
C VAL C 267 -2.58 -48.94 14.25
N SER C 268 -1.82 -49.82 14.90
CA SER C 268 -0.38 -49.85 14.72
C SER C 268 0.26 -51.10 15.32
N GLN C 269 1.51 -51.37 14.94
CA GLN C 269 2.22 -52.53 15.43
C GLN C 269 2.58 -52.43 16.91
N ILE C 270 2.91 -51.23 17.35
CA ILE C 270 3.24 -51.03 18.77
C ILE C 270 2.01 -51.33 19.63
N THR C 271 0.83 -50.92 19.15
CA THR C 271 -0.41 -51.15 19.88
C THR C 271 -0.84 -52.61 19.74
N ALA C 272 -0.46 -53.24 18.64
CA ALA C 272 -0.73 -54.66 18.44
C ALA C 272 -0.01 -55.46 19.52
N PHE C 273 1.28 -55.17 19.69
CA PHE C 273 2.11 -55.82 20.70
C PHE C 273 1.51 -55.69 22.08
N GLU C 274 1.13 -54.47 22.43
CA GLU C 274 0.53 -54.16 23.73
C GLU C 274 -0.84 -54.82 23.92
N ALA C 275 -1.63 -54.88 22.85
CA ALA C 275 -2.98 -55.43 22.92
C ALA C 275 -2.94 -56.95 23.04
N GLU C 276 -1.91 -57.57 22.48
CA GLU C 276 -1.75 -59.01 22.59
C GLU C 276 -1.60 -59.40 24.06
N HIS C 277 -0.80 -58.63 24.79
CA HIS C 277 -0.48 -58.97 26.17
C HIS C 277 -1.49 -58.44 27.18
N LEU C 278 -2.12 -57.31 26.86
CA LEU C 278 -3.07 -56.70 27.80
C LEU C 278 -4.52 -57.11 27.56
N LEU C 279 -4.84 -57.47 26.32
CA LEU C 279 -6.20 -57.89 25.99
C LEU C 279 -6.25 -59.39 25.67
N LYS C 280 -5.08 -60.03 25.69
CA LYS C 280 -4.99 -61.48 25.56
C LYS C 280 -5.46 -62.00 24.19
N ARG C 281 -5.27 -61.19 23.15
CA ARG C 281 -5.50 -61.65 21.78
C ARG C 281 -4.56 -60.94 20.81
N LYS C 282 -3.93 -61.73 19.95
CA LYS C 282 -3.07 -61.18 18.91
C LYS C 282 -3.96 -60.67 17.80
N PRO C 283 -3.83 -59.38 17.47
CA PRO C 283 -4.67 -58.78 16.42
C PRO C 283 -4.45 -59.45 15.06
N ASP C 284 -5.51 -59.52 14.26
CA ASP C 284 -5.44 -60.13 12.94
C ASP C 284 -4.69 -59.26 11.93
N GLY C 285 -4.46 -58.00 12.31
CA GLY C 285 -3.79 -57.05 11.45
C GLY C 285 -3.93 -55.63 12.00
N ILE C 286 -3.28 -54.68 11.35
CA ILE C 286 -3.37 -53.29 11.76
C ILE C 286 -4.05 -52.42 10.71
N LEU C 287 -4.79 -51.42 11.17
CA LEU C 287 -5.44 -50.46 10.28
C LEU C 287 -4.90 -49.05 10.56
N PRO C 288 -3.75 -48.72 9.95
CA PRO C 288 -3.14 -47.40 10.19
C PRO C 288 -4.09 -46.30 9.76
N ASN C 289 -4.08 -45.18 10.48
CA ASN C 289 -4.96 -44.06 10.19
C ASN C 289 -4.50 -43.26 8.98
N GLY C 290 -5.36 -43.13 7.98
CA GLY C 290 -5.03 -42.35 6.80
C GLY C 290 -5.51 -40.90 6.87
N LEU C 291 -5.08 -40.11 5.90
CA LEU C 291 -5.50 -38.71 5.78
C LEU C 291 -6.01 -38.44 4.37
N ASN C 292 -6.85 -37.41 4.25
CA ASN C 292 -7.19 -36.88 2.93
C ASN C 292 -6.16 -35.84 2.55
N VAL C 293 -5.12 -36.26 1.84
CA VAL C 293 -3.99 -35.38 1.55
C VAL C 293 -4.32 -34.30 0.52
N ILE C 294 -4.21 -33.04 0.93
CA ILE C 294 -4.42 -31.91 0.04
C ILE C 294 -3.21 -31.66 -0.86
N LYS C 295 -3.40 -31.78 -2.16
CA LYS C 295 -2.31 -31.53 -3.12
C LYS C 295 -2.48 -30.21 -3.87
N PHE C 296 -1.36 -29.57 -4.18
CA PHE C 296 -1.39 -28.31 -4.92
C PHE C 296 -1.02 -28.53 -6.39
N GLN C 297 -1.61 -27.73 -7.28
CA GLN C 297 -1.34 -27.84 -8.70
C GLN C 297 0.15 -27.73 -9.01
N ALA C 298 0.79 -26.73 -8.43
CA ALA C 298 2.24 -26.60 -8.55
C ALA C 298 2.89 -27.35 -7.40
N PHE C 299 3.81 -28.25 -7.71
CA PHE C 299 4.44 -29.08 -6.69
C PHE C 299 5.13 -28.24 -5.62
N HIS C 300 5.84 -27.20 -6.04
CA HIS C 300 6.66 -26.39 -5.15
C HIS C 300 5.82 -25.42 -4.32
N GLU C 301 4.52 -25.40 -4.55
CA GLU C 301 3.66 -24.42 -3.89
C GLU C 301 3.72 -24.48 -2.35
N PHE C 302 3.80 -25.69 -1.80
CA PHE C 302 3.88 -25.83 -0.34
C PHE C 302 5.13 -25.14 0.19
N GLN C 303 6.15 -25.03 -0.65
CA GLN C 303 7.39 -24.37 -0.29
C GLN C 303 7.19 -22.86 -0.16
N ASN C 304 6.42 -22.28 -1.09
CA ASN C 304 6.08 -20.87 -1.02
C ASN C 304 5.19 -20.62 0.19
N LEU C 305 4.42 -21.63 0.57
CA LEU C 305 3.54 -21.51 1.73
C LEU C 305 4.36 -21.49 3.01
N HIS C 306 5.38 -22.33 3.06
CA HIS C 306 6.29 -22.35 4.20
C HIS C 306 6.88 -20.96 4.46
N ALA C 307 7.50 -20.38 3.44
CA ALA C 307 8.14 -19.07 3.54
C ALA C 307 7.15 -17.99 3.97
N LEU C 308 5.97 -18.01 3.37
CA LEU C 308 4.94 -17.02 3.61
C LEU C 308 4.38 -17.12 5.03
N LYS C 309 4.27 -18.34 5.55
CA LYS C 309 3.77 -18.53 6.91
C LYS C 309 4.88 -18.31 7.93
N LYS C 310 6.13 -18.52 7.51
CA LYS C 310 7.26 -18.29 8.40
C LYS C 310 7.38 -16.80 8.71
N GLU C 311 7.00 -15.95 7.76
CA GLU C 311 7.05 -14.51 7.98
C GLU C 311 6.10 -14.08 9.09
N LYS C 312 4.95 -14.75 9.17
CA LYS C 312 3.99 -14.47 10.23
C LYS C 312 4.52 -14.89 11.60
N ILE C 313 5.30 -15.97 11.63
CA ILE C 313 5.98 -16.39 12.86
C ILE C 313 7.11 -15.44 13.19
N ASN C 314 7.84 -15.01 12.17
CA ASN C 314 8.90 -14.01 12.34
C ASN C 314 8.39 -12.76 13.04
N ASP C 315 7.22 -12.28 12.61
CA ASP C 315 6.67 -11.05 13.18
C ASP C 315 6.30 -11.23 14.64
N PHE C 316 5.72 -12.39 14.98
CA PHE C 316 5.41 -12.68 16.37
C PHE C 316 6.69 -12.69 17.20
N VAL C 317 7.77 -13.19 16.60
CA VAL C 317 9.03 -13.35 17.32
C VAL C 317 9.71 -12.01 17.62
N ARG C 318 9.61 -11.06 16.68
CA ARG C 318 10.15 -9.73 16.91
C ARG C 318 9.43 -9.07 18.07
N GLY C 319 8.12 -9.25 18.11
CA GLY C 319 7.31 -8.69 19.18
C GLY C 319 7.64 -9.31 20.52
N HIS C 320 7.77 -10.64 20.54
CA HIS C 320 8.03 -11.37 21.79
C HIS C 320 9.40 -11.02 22.38
N PHE C 321 10.37 -10.78 21.51
CA PHE C 321 11.73 -10.50 21.94
C PHE C 321 12.08 -9.01 21.88
N HIS C 322 11.06 -8.15 21.87
CA HIS C 322 11.29 -6.71 21.72
C HIS C 322 12.22 -6.19 22.81
N GLY C 323 13.28 -5.52 22.40
CA GLY C 323 14.24 -4.97 23.36
C GLY C 323 15.29 -5.98 23.76
N CYS C 324 15.22 -7.16 23.16
CA CYS C 324 16.16 -8.24 23.45
C CYS C 324 16.45 -9.01 22.17
N PHE C 325 16.37 -8.31 21.05
CA PHE C 325 16.49 -8.95 19.74
C PHE C 325 17.92 -8.87 19.22
N ASP C 326 18.69 -9.92 19.48
CA ASP C 326 20.11 -9.92 19.13
C ASP C 326 20.50 -11.11 18.26
N PHE C 327 19.52 -11.69 17.57
CA PHE C 327 19.82 -12.76 16.62
C PHE C 327 19.15 -12.53 15.27
N ASP C 328 19.69 -13.17 14.25
CA ASP C 328 19.25 -13.01 12.87
C ASP C 328 18.19 -14.06 12.52
N LEU C 329 16.99 -13.61 12.16
CA LEU C 329 15.90 -14.53 11.86
C LEU C 329 16.16 -15.36 10.61
N ASP C 330 17.16 -14.97 9.82
CA ASP C 330 17.56 -15.72 8.65
C ASP C 330 18.41 -16.94 9.02
N ASN C 331 18.87 -16.95 10.26
CA ASN C 331 19.65 -18.08 10.77
C ASN C 331 19.04 -18.59 12.06
N THR C 332 17.71 -18.48 12.15
CA THR C 332 16.96 -19.04 13.27
C THR C 332 16.12 -20.20 12.77
N LEU C 333 15.86 -21.17 13.64
CA LEU C 333 15.06 -22.33 13.29
C LEU C 333 13.90 -22.48 14.25
N TYR C 334 12.76 -22.95 13.74
CA TYR C 334 11.57 -23.13 14.56
C TYR C 334 11.24 -24.60 14.80
N PHE C 335 11.36 -25.02 16.05
CA PHE C 335 10.96 -26.35 16.49
C PHE C 335 9.67 -26.19 17.26
N PHE C 336 8.81 -27.18 17.22
CA PHE C 336 7.58 -27.13 18.01
C PHE C 336 7.11 -28.51 18.42
N ILE C 337 6.42 -28.56 19.55
CA ILE C 337 5.66 -29.74 19.94
C ILE C 337 4.23 -29.29 20.14
N ALA C 338 3.28 -30.13 19.77
CA ALA C 338 1.87 -29.77 19.90
C ALA C 338 1.04 -30.97 20.27
N GLY C 339 -0.15 -30.72 20.83
CA GLY C 339 -1.05 -31.78 21.21
C GLY C 339 -1.70 -31.51 22.56
N ARG C 340 -2.51 -32.46 23.02
CA ARG C 340 -3.10 -32.38 24.34
C ARG C 340 -2.01 -32.25 25.39
N TYR C 341 -2.34 -31.62 26.50
CA TYR C 341 -1.41 -31.47 27.61
C TYR C 341 -1.21 -32.82 28.31
N GLU C 342 -0.29 -33.63 27.78
CA GLU C 342 0.05 -34.90 28.40
C GLU C 342 1.57 -34.97 28.59
N TYR C 343 2.01 -34.34 29.67
CA TYR C 343 3.42 -34.09 29.95
C TYR C 343 4.35 -35.26 29.66
N LYS C 344 4.07 -36.42 30.26
CA LYS C 344 4.94 -37.58 30.07
C LYS C 344 4.59 -38.40 28.83
N ASN C 345 3.29 -38.60 28.60
CA ASN C 345 2.84 -39.37 27.44
C ASN C 345 3.30 -38.78 26.10
N LYS C 346 3.20 -37.46 25.97
CA LYS C 346 3.57 -36.79 24.71
C LYS C 346 5.07 -36.50 24.61
N GLY C 347 5.77 -36.64 25.73
CA GLY C 347 7.22 -36.44 25.74
C GLY C 347 7.64 -34.98 25.90
N ALA C 348 6.75 -34.15 26.42
CA ALA C 348 7.09 -32.76 26.69
C ALA C 348 8.32 -32.67 27.60
N ASP C 349 8.40 -33.58 28.57
CA ASP C 349 9.54 -33.61 29.49
C ASP C 349 10.84 -33.93 28.74
N MET C 350 10.81 -34.90 27.85
CA MET C 350 11.98 -35.20 27.02
C MET C 350 12.34 -34.01 26.13
N PHE C 351 11.33 -33.46 25.47
CA PHE C 351 11.52 -32.31 24.58
C PHE C 351 12.33 -31.23 25.26
N ILE C 352 11.89 -30.81 26.44
CA ILE C 352 12.54 -29.72 27.16
C ILE C 352 13.97 -30.08 27.58
N GLU C 353 14.13 -31.24 28.21
CA GLU C 353 15.44 -31.71 28.65
C GLU C 353 16.42 -31.75 27.48
N ALA C 354 15.95 -32.27 26.36
CA ALA C 354 16.77 -32.39 25.17
C ALA C 354 17.24 -31.02 24.64
N LEU C 355 16.35 -30.04 24.72
CA LEU C 355 16.66 -28.69 24.25
C LEU C 355 17.73 -28.02 25.11
N ALA C 356 17.62 -28.19 26.42
CA ALA C 356 18.60 -27.60 27.34
C ALA C 356 19.99 -28.19 27.12
N ARG C 357 20.03 -29.47 26.79
CA ARG C 357 21.30 -30.13 26.46
C ARG C 357 21.79 -29.66 25.10
N LEU C 358 20.87 -29.49 24.15
CA LEU C 358 21.20 -28.95 22.85
C LEU C 358 21.76 -27.54 23.00
N ASN C 359 21.11 -26.75 23.83
CA ASN C 359 21.57 -25.40 24.14
C ASN C 359 23.03 -25.41 24.59
N TYR C 360 23.36 -26.39 25.42
CA TYR C 360 24.74 -26.55 25.88
C TYR C 360 25.65 -26.89 24.70
N ARG C 361 25.24 -27.87 23.90
CA ARG C 361 26.03 -28.31 22.76
C ARG C 361 26.33 -27.17 21.80
N LEU C 362 25.32 -26.37 21.50
CA LEU C 362 25.47 -25.25 20.58
C LEU C 362 26.50 -24.25 21.12
N LYS C 363 26.33 -23.86 22.38
CA LYS C 363 27.27 -22.96 23.04
C LYS C 363 28.69 -23.53 22.93
N VAL C 364 28.83 -24.82 23.16
CA VAL C 364 30.13 -25.48 23.12
C VAL C 364 30.78 -25.42 21.74
N SER C 365 29.99 -25.71 20.70
CA SER C 365 30.52 -25.72 19.34
C SER C 365 30.58 -24.29 18.78
N GLY C 366 30.08 -23.34 19.56
CA GLY C 366 30.07 -21.95 19.14
C GLY C 366 29.26 -21.75 17.87
N SER C 367 28.10 -22.41 17.81
CA SER C 367 27.23 -22.31 16.64
C SER C 367 26.65 -20.91 16.49
N LYS C 368 26.35 -20.54 15.24
CA LYS C 368 25.77 -19.24 14.93
C LYS C 368 24.25 -19.34 14.82
N LYS C 369 23.73 -20.56 14.84
CA LYS C 369 22.30 -20.79 14.71
C LYS C 369 21.56 -20.38 15.97
N THR C 370 20.25 -20.20 15.82
CA THR C 370 19.38 -19.99 16.96
C THR C 370 18.13 -20.82 16.78
N VAL C 371 17.74 -21.56 17.81
CA VAL C 371 16.50 -22.32 17.77
C VAL C 371 15.46 -21.64 18.65
N VAL C 372 14.30 -21.34 18.08
CA VAL C 372 13.15 -20.90 18.86
C VAL C 372 12.18 -22.08 18.97
N ALA C 373 11.93 -22.53 20.19
CA ALA C 373 11.13 -23.75 20.41
C ALA C 373 9.74 -23.43 20.96
N PHE C 374 8.72 -23.95 20.29
CA PHE C 374 7.35 -23.68 20.68
C PHE C 374 6.70 -24.90 21.31
N ILE C 375 6.04 -24.70 22.45
CA ILE C 375 5.19 -25.71 23.06
C ILE C 375 3.75 -25.25 22.96
N VAL C 376 2.95 -25.98 22.19
CA VAL C 376 1.55 -25.62 22.01
C VAL C 376 0.64 -26.67 22.63
N MET C 377 0.39 -26.53 23.94
CA MET C 377 -0.47 -27.43 24.68
C MET C 377 -1.38 -26.64 25.61
N PRO C 378 -2.69 -26.84 25.49
CA PRO C 378 -3.67 -26.09 26.28
C PRO C 378 -3.56 -26.35 27.77
N ALA C 379 -3.44 -25.28 28.55
CA ALA C 379 -3.47 -25.36 30.01
C ALA C 379 -4.45 -24.32 30.52
N LYS C 380 -4.88 -24.47 31.77
CA LYS C 380 -5.75 -23.46 32.37
C LYS C 380 -5.06 -22.12 32.36
N ASN C 381 -5.71 -21.11 31.81
CA ASN C 381 -5.12 -19.80 31.69
C ASN C 381 -6.14 -18.68 31.77
N ASN C 382 -5.67 -17.49 32.14
CA ASN C 382 -6.52 -16.30 32.20
C ASN C 382 -6.29 -15.40 30.99
N SER C 383 -5.85 -16.01 29.90
CA SER C 383 -5.65 -15.34 28.61
C SER C 383 -4.26 -14.70 28.48
N PHE C 384 -4.05 -14.04 27.36
CA PHE C 384 -2.75 -13.42 27.04
C PHE C 384 -2.32 -12.42 28.08
N THR C 385 -1.00 -12.31 28.29
CA THR C 385 -0.46 -11.29 29.16
C THR C 385 -0.49 -9.93 28.47
N VAL C 386 -0.72 -8.88 29.25
CA VAL C 386 -0.66 -7.52 28.70
C VAL C 386 0.66 -7.30 27.98
N GLU C 387 1.73 -7.87 28.52
CA GLU C 387 3.05 -7.76 27.92
C GLU C 387 3.08 -8.33 26.49
N ALA C 388 2.41 -9.47 26.29
CA ALA C 388 2.40 -10.11 24.97
C ALA C 388 1.71 -9.23 23.93
N LEU C 389 0.55 -8.69 24.29
CA LEU C 389 -0.20 -7.83 23.39
C LEU C 389 0.48 -6.48 23.21
N LYS C 390 1.10 -6.00 24.28
CA LYS C 390 1.73 -4.68 24.29
C LYS C 390 2.94 -4.68 23.38
N GLY C 391 3.71 -5.77 23.43
CA GLY C 391 4.91 -5.89 22.64
C GLY C 391 4.65 -5.93 21.14
N GLN C 392 3.61 -6.64 20.74
CA GLN C 392 3.29 -6.75 19.32
CA GLN C 392 3.27 -6.75 19.33
C GLN C 392 2.75 -5.41 18.80
N ALA C 393 2.00 -4.71 19.64
CA ALA C 393 1.47 -3.40 19.26
C ALA C 393 2.59 -2.39 19.05
N GLU C 394 3.64 -2.50 19.87
CA GLU C 394 4.76 -1.59 19.80
C GLU C 394 5.66 -1.84 18.59
N VAL C 395 5.78 -3.11 18.20
CA VAL C 395 6.51 -3.45 16.99
C VAL C 395 5.72 -2.98 15.78
N ARG C 396 4.40 -3.08 15.87
CA ARG C 396 3.51 -2.64 14.81
C ARG C 396 3.62 -1.12 14.62
N ALA C 397 3.76 -0.41 15.73
CA ALA C 397 3.88 1.06 15.68
C ALA C 397 5.21 1.49 15.08
N LEU C 398 6.27 0.72 15.31
CA LEU C 398 7.56 1.00 14.69
C LEU C 398 7.51 0.81 13.17
N GLU C 399 6.82 -0.24 12.72
CA GLU C 399 6.69 -0.50 11.29
C GLU C 399 5.94 0.64 10.60
N ASN C 400 4.83 1.06 11.20
CA ASN C 400 4.03 2.13 10.64
C ASN C 400 4.85 3.42 10.54
N THR C 401 5.59 3.72 11.59
CA THR C 401 6.44 4.90 11.59
C THR C 401 7.52 4.81 10.52
N VAL C 402 8.06 3.60 10.34
CA VAL C 402 9.07 3.38 9.30
C VAL C 402 8.47 3.61 7.91
N HIS C 403 7.22 3.22 7.74
CA HIS C 403 6.52 3.43 6.46
CA HIS C 403 6.54 3.43 6.46
C HIS C 403 6.43 4.92 6.13
N GLU C 404 6.05 5.72 7.13
CA GLU C 404 5.96 7.17 6.95
C GLU C 404 7.31 7.76 6.56
N VAL C 405 8.37 7.27 7.20
CA VAL C 405 9.71 7.78 6.94
C VAL C 405 10.18 7.42 5.53
N THR C 406 9.92 6.19 5.09
CA THR C 406 10.31 5.79 3.75
C THR C 406 9.51 6.54 2.68
N THR C 407 8.28 6.93 2.99
CA THR C 407 7.50 7.76 2.09
C THR C 407 8.17 9.12 1.89
N SER C 408 8.65 9.71 2.99
CA SER C 408 9.34 10.99 2.92
C SER C 408 10.67 10.86 2.19
N ILE C 409 11.42 9.81 2.53
CA ILE C 409 12.68 9.54 1.86
C ILE C 409 12.46 9.39 0.37
N GLY C 410 11.35 8.75 0.02
CA GLY C 410 11.00 8.52 -1.36
C GLY C 410 10.92 9.79 -2.18
N LYS C 411 10.14 10.76 -1.70
CA LYS C 411 9.98 12.01 -2.42
C LYS C 411 11.30 12.72 -2.63
N ARG C 412 12.19 12.62 -1.66
CA ARG C 412 13.49 13.28 -1.74
C ARG C 412 14.42 12.59 -2.74
N ILE C 413 14.37 11.26 -2.80
CA ILE C 413 15.13 10.56 -3.82
C ILE C 413 14.56 10.91 -5.19
N PHE C 414 13.23 10.93 -5.29
CA PHE C 414 12.57 11.24 -6.54
C PHE C 414 12.91 12.65 -7.05
N ASP C 415 12.83 13.65 -6.18
CA ASP C 415 13.14 15.01 -6.58
C ASP C 415 14.57 15.11 -7.09
N HIS C 416 15.50 14.55 -6.33
CA HIS C 416 16.90 14.56 -6.74
C HIS C 416 17.04 13.94 -8.13
N ALA C 417 16.43 12.78 -8.32
CA ALA C 417 16.55 12.03 -9.57
C ALA C 417 15.97 12.78 -10.76
N ILE C 418 14.83 13.43 -10.57
CA ILE C 418 14.14 14.11 -11.66
C ILE C 418 14.84 15.43 -12.02
N ARG C 419 15.59 15.96 -11.06
CA ARG C 419 16.21 17.28 -11.20
C ARG C 419 17.63 17.21 -11.75
N TYR C 420 18.32 16.12 -11.44
CA TYR C 420 19.69 15.92 -11.91
C TYR C 420 19.76 16.16 -13.42
N PRO C 421 20.81 16.86 -13.89
CA PRO C 421 21.96 17.41 -13.19
C PRO C 421 21.87 18.92 -12.99
N HIS C 422 20.69 19.45 -12.73
CA HIS C 422 20.52 20.90 -12.60
C HIS C 422 20.55 21.37 -11.15
N ASN C 423 20.57 22.68 -10.96
CA ASN C 423 20.52 23.28 -9.63
C ASN C 423 21.61 22.78 -8.67
N GLY C 424 22.81 22.54 -9.21
CA GLY C 424 23.96 22.18 -8.39
C GLY C 424 24.09 20.70 -8.01
N LEU C 425 23.24 19.85 -8.58
CA LEU C 425 23.33 18.42 -8.31
C LEU C 425 24.43 17.78 -9.16
N THR C 426 25.55 17.43 -8.51
CA THR C 426 26.68 16.87 -9.24
C THR C 426 26.65 15.35 -9.35
N THR C 427 25.83 14.70 -8.51
CA THR C 427 25.69 13.26 -8.58
C THR C 427 24.27 12.87 -8.96
N GLU C 428 24.14 11.73 -9.63
CA GLU C 428 22.83 11.22 -10.03
C GLU C 428 21.95 10.95 -8.81
N LEU C 429 22.57 10.51 -7.72
CA LEU C 429 21.84 10.10 -6.54
C LEU C 429 22.33 10.85 -5.31
N PRO C 430 21.46 10.97 -4.29
CA PRO C 430 21.94 11.51 -3.01
C PRO C 430 23.06 10.62 -2.49
N THR C 431 24.08 11.24 -1.89
CA THR C 431 25.21 10.48 -1.36
C THR C 431 25.26 10.60 0.16
N ASP C 432 24.64 11.65 0.69
CA ASP C 432 24.62 11.88 2.13
C ASP C 432 23.25 11.58 2.72
N LEU C 433 23.23 10.75 3.75
CA LEU C 433 21.98 10.36 4.40
C LEU C 433 21.19 11.57 4.90
N GLY C 434 21.92 12.61 5.29
CA GLY C 434 21.31 13.82 5.80
C GLY C 434 20.36 14.48 4.82
N GLU C 435 20.54 14.20 3.53
CA GLU C 435 19.65 14.74 2.50
C GLU C 435 18.30 14.02 2.50
N LEU C 436 18.29 12.78 2.97
CA LEU C 436 17.09 11.95 2.91
C LEU C 436 16.38 11.83 4.27
N LEU C 437 17.15 11.78 5.34
CA LEU C 437 16.59 11.54 6.66
C LEU C 437 16.64 12.80 7.54
N LYS C 438 15.49 13.42 7.75
CA LYS C 438 15.43 14.68 8.49
C LYS C 438 15.19 14.51 9.99
N SER C 439 15.23 15.62 10.72
CA SER C 439 15.16 15.60 12.18
C SER C 439 13.85 15.08 12.75
N SER C 440 12.72 15.51 12.18
CA SER C 440 11.42 15.04 12.66
C SER C 440 11.31 13.53 12.44
N ASP C 441 11.91 13.03 11.36
CA ASP C 441 11.94 11.60 11.07
C ASP C 441 12.72 10.87 12.15
N LYS C 442 13.89 11.39 12.49
CA LYS C 442 14.74 10.77 13.50
C LYS C 442 14.05 10.77 14.86
N VAL C 443 13.45 11.89 15.23
CA VAL C 443 12.80 12.04 16.53
C VAL C 443 11.75 10.95 16.76
N MET C 444 10.86 10.77 15.81
CA MET C 444 9.79 9.78 15.99
C MET C 444 10.27 8.34 15.90
N LEU C 445 11.29 8.08 15.10
CA LEU C 445 11.88 6.74 15.04
C LEU C 445 12.48 6.35 16.39
N LYS C 446 13.06 7.33 17.08
CA LYS C 446 13.68 7.08 18.38
C LYS C 446 12.66 6.89 19.49
N ARG C 447 11.54 7.61 19.40
CA ARG C 447 10.45 7.42 20.34
C ARG C 447 9.92 6.00 20.18
N ARG C 448 9.82 5.57 18.93
CA ARG C 448 9.38 4.21 18.63
C ARG C 448 10.36 3.19 19.23
N ILE C 449 11.65 3.44 19.04
CA ILE C 449 12.67 2.55 19.60
C ILE C 449 12.62 2.51 21.13
N LEU C 450 12.41 3.65 21.76
CA LEU C 450 12.35 3.72 23.21
C LEU C 450 11.22 2.87 23.78
N ALA C 451 10.09 2.87 23.08
CA ALA C 451 8.91 2.14 23.54
C ALA C 451 9.14 0.63 23.54
N LEU C 452 10.15 0.18 22.81
CA LEU C 452 10.45 -1.24 22.68
C LEU C 452 11.44 -1.70 23.75
N ARG C 453 12.09 -0.73 24.39
CA ARG C 453 13.04 -1.00 25.45
C ARG C 453 12.34 -1.65 26.62
N ARG C 454 12.93 -2.72 27.15
CA ARG C 454 12.37 -3.33 28.36
C ARG C 454 13.20 -3.03 29.60
N PRO C 455 12.58 -3.13 30.79
CA PRO C 455 13.24 -2.82 32.05
C PRO C 455 14.61 -3.47 32.17
N GLU C 456 15.46 -2.86 33.00
CA GLU C 456 16.81 -3.38 33.20
C GLU C 456 16.79 -4.84 33.64
N GLY C 457 17.52 -5.68 32.92
CA GLY C 457 17.67 -7.08 33.29
C GLY C 457 16.43 -7.94 33.08
N GLN C 458 15.40 -7.38 32.47
CA GLN C 458 14.19 -8.15 32.16
C GLN C 458 14.41 -8.96 30.88
N LEU C 459 14.03 -10.24 30.93
CA LEU C 459 14.22 -11.15 29.81
C LEU C 459 12.89 -11.51 29.14
N PRO C 460 12.96 -11.93 27.85
CA PRO C 460 11.78 -12.36 27.10
C PRO C 460 11.10 -13.52 27.82
N PRO C 461 9.78 -13.39 28.06
CA PRO C 461 9.08 -14.40 28.86
C PRO C 461 9.14 -15.78 28.21
N ILE C 462 8.91 -16.82 28.99
CA ILE C 462 8.88 -18.19 28.48
C ILE C 462 7.43 -18.62 28.26
N VAL C 463 6.51 -17.70 28.50
CA VAL C 463 5.09 -18.02 28.37
C VAL C 463 4.32 -16.79 27.88
N THR C 464 3.28 -17.02 27.09
CA THR C 464 2.54 -15.94 26.44
C THR C 464 1.21 -15.65 27.12
N HIS C 465 0.86 -16.45 28.12
CA HIS C 465 -0.41 -16.30 28.82
C HIS C 465 -0.22 -16.16 30.33
N ASN C 466 -1.25 -15.66 31.01
CA ASN C 466 -1.30 -15.71 32.47
C ASN C 466 -1.87 -17.05 32.93
N MET C 467 -1.04 -17.87 33.55
CA MET C 467 -1.46 -19.20 33.99
C MET C 467 -2.37 -19.12 35.21
N VAL C 468 -3.36 -20.00 35.26
CA VAL C 468 -4.21 -20.10 36.45
C VAL C 468 -3.38 -20.58 37.64
N ASP C 469 -2.55 -21.58 37.43
CA ASP C 469 -1.70 -22.12 38.48
C ASP C 469 -0.25 -22.23 38.00
N ASP C 470 0.42 -21.09 37.94
CA ASP C 470 1.76 -21.01 37.37
C ASP C 470 2.82 -21.82 38.15
N ALA C 471 2.72 -21.81 39.47
CA ALA C 471 3.73 -22.46 40.32
C ALA C 471 3.70 -23.98 40.24
N ASN C 472 2.53 -24.54 39.94
CA ASN C 472 2.39 -26.00 39.89
C ASN C 472 2.45 -26.59 38.48
N ASP C 473 2.54 -25.72 37.47
CA ASP C 473 2.56 -26.18 36.09
C ASP C 473 3.77 -27.04 35.76
N LEU C 474 3.53 -28.21 35.17
CA LEU C 474 4.59 -29.15 34.86
C LEU C 474 5.54 -28.64 33.78
N ILE C 475 4.98 -28.03 32.74
CA ILE C 475 5.80 -27.51 31.64
C ILE C 475 6.71 -26.37 32.11
N LEU C 476 6.13 -25.40 32.82
CA LEU C 476 6.90 -24.25 33.29
C LEU C 476 7.95 -24.65 34.32
N ASN C 477 7.56 -25.52 35.26
CA ASN C 477 8.50 -26.03 36.26
C ASN C 477 9.70 -26.70 35.62
N LYS C 478 9.48 -27.40 34.50
CA LYS C 478 10.56 -28.09 33.82
C LYS C 478 11.52 -27.09 33.18
N ILE C 479 10.95 -26.08 32.52
CA ILE C 479 11.76 -25.05 31.88
C ILE C 479 12.62 -24.34 32.92
N ARG C 480 12.02 -24.05 34.08
CA ARG C 480 12.74 -23.42 35.17
C ARG C 480 13.87 -24.32 35.67
N GLN C 481 13.57 -25.59 35.84
CA GLN C 481 14.56 -26.55 36.33
C GLN C 481 15.77 -26.63 35.39
N VAL C 482 15.52 -26.72 34.09
CA VAL C 482 16.61 -26.80 33.13
C VAL C 482 17.20 -25.42 32.86
N GLN C 483 16.49 -24.39 33.30
CA GLN C 483 16.98 -23.02 33.27
C GLN C 483 17.18 -22.46 31.86
N LEU C 484 16.12 -22.50 31.07
CA LEU C 484 16.11 -21.85 29.76
C LEU C 484 15.26 -20.59 29.87
N PHE C 485 15.89 -19.48 30.24
CA PHE C 485 15.17 -18.23 30.51
C PHE C 485 15.31 -17.19 29.41
N ASN C 486 15.67 -17.63 28.21
CA ASN C 486 15.79 -16.74 27.06
C ASN C 486 16.79 -15.62 27.27
N SER C 487 18.00 -15.97 27.68
CA SER C 487 19.07 -14.99 27.83
C SER C 487 19.83 -14.88 26.51
N PRO C 488 20.49 -13.74 26.27
CA PRO C 488 21.22 -13.52 25.02
C PRO C 488 22.19 -14.66 24.68
N SER C 489 22.83 -15.22 25.71
CA SER C 489 23.82 -16.28 25.51
C SER C 489 23.17 -17.64 25.25
N ASP C 490 21.86 -17.74 25.50
CA ASP C 490 21.12 -18.95 25.18
C ASP C 490 20.89 -19.09 23.68
N ARG C 491 21.36 -20.20 23.12
CA ARG C 491 21.24 -20.44 21.69
C ARG C 491 19.89 -21.08 21.38
N VAL C 492 19.19 -21.51 22.42
CA VAL C 492 17.85 -22.07 22.27
C VAL C 492 16.85 -21.24 23.07
N LYS C 493 15.83 -20.74 22.40
CA LYS C 493 14.79 -19.95 23.06
C LYS C 493 13.57 -20.82 23.32
N MET C 494 12.76 -20.44 24.31
CA MET C 494 11.63 -21.25 24.73
C MET C 494 10.34 -20.44 24.79
N ILE C 495 9.28 -20.92 24.15
CA ILE C 495 7.98 -20.25 24.18
C ILE C 495 6.83 -21.22 24.41
N PHE C 496 6.18 -21.09 25.56
CA PHE C 496 5.02 -21.91 25.90
C PHE C 496 3.76 -21.13 25.58
N HIS C 497 2.99 -21.63 24.61
CA HIS C 497 1.71 -21.04 24.23
C HIS C 497 0.59 -22.02 24.61
N PRO C 498 0.07 -21.90 25.85
CA PRO C 498 -0.83 -22.88 26.45
C PRO C 498 -2.25 -22.76 25.94
N GLU C 499 -2.40 -22.69 24.63
CA GLU C 499 -3.71 -22.53 24.01
C GLU C 499 -3.64 -23.04 22.58
N PHE C 500 -4.75 -23.52 22.07
CA PHE C 500 -4.80 -23.97 20.68
C PHE C 500 -4.65 -22.77 19.76
N LEU C 501 -3.86 -22.93 18.72
CA LEU C 501 -3.65 -21.86 17.75
C LEU C 501 -4.93 -21.57 16.97
N ASN C 502 -5.04 -20.34 16.49
CA ASN C 502 -6.22 -19.93 15.73
C ASN C 502 -5.95 -18.60 15.06
N ALA C 503 -6.38 -18.49 13.81
CA ALA C 503 -6.13 -17.28 13.02
C ALA C 503 -6.67 -16.02 13.68
N ASN C 504 -7.62 -16.20 14.60
CA ASN C 504 -8.29 -15.10 15.26
C ASN C 504 -7.60 -14.55 16.50
N ASN C 505 -6.53 -15.20 16.95
CA ASN C 505 -5.86 -14.72 18.16
C ASN C 505 -4.83 -13.61 17.91
N PRO C 506 -4.87 -12.56 18.75
CA PRO C 506 -4.20 -11.28 18.56
C PRO C 506 -2.67 -11.26 18.46
N ILE C 507 -1.97 -12.32 18.86
CA ILE C 507 -0.50 -12.28 18.84
C ILE C 507 0.12 -13.14 17.75
N LEU C 508 -0.45 -14.31 17.52
CA LEU C 508 0.03 -15.23 16.48
C LEU C 508 -1.17 -15.67 15.64
N GLY C 509 -1.60 -14.80 14.74
CA GLY C 509 -2.81 -15.02 13.96
C GLY C 509 -2.70 -16.08 12.89
N LEU C 510 -2.44 -17.32 13.32
CA LEU C 510 -2.31 -18.44 12.41
C LEU C 510 -3.16 -19.59 12.91
N ASP C 511 -3.85 -20.26 11.99
CA ASP C 511 -4.47 -21.53 12.31
C ASP C 511 -3.36 -22.56 12.45
N TYR C 512 -3.65 -23.67 13.13
CA TYR C 512 -2.62 -24.66 13.44
C TYR C 512 -1.83 -25.14 12.21
N ASP C 513 -2.54 -25.41 11.13
CA ASP C 513 -1.89 -25.92 9.92
C ASP C 513 -0.93 -24.89 9.32
N GLU C 514 -1.34 -23.63 9.31
CA GLU C 514 -0.49 -22.55 8.82
C GLU C 514 0.78 -22.46 9.65
N PHE C 515 0.62 -22.58 10.96
CA PHE C 515 1.74 -22.49 11.88
C PHE C 515 2.74 -23.59 11.59
N VAL C 516 2.24 -24.82 11.47
CA VAL C 516 3.08 -25.97 11.16
C VAL C 516 3.90 -25.73 9.89
N ARG C 517 3.23 -25.28 8.83
CA ARG C 517 3.91 -25.05 7.55
C ARG C 517 5.06 -24.07 7.69
N GLY C 518 4.90 -23.10 8.59
CA GLY C 518 5.91 -22.08 8.80
C GLY C 518 7.11 -22.54 9.60
N CYS C 519 6.97 -23.63 10.35
CA CYS C 519 8.06 -24.13 11.18
C CYS C 519 9.06 -24.98 10.38
N HIS C 520 10.14 -25.38 11.04
CA HIS C 520 11.18 -26.16 10.37
C HIS C 520 11.22 -27.61 10.80
N LEU C 521 10.75 -27.89 12.01
CA LEU C 521 10.87 -29.22 12.58
C LEU C 521 9.84 -29.48 13.67
N GLY C 522 9.09 -30.57 13.50
CA GLY C 522 8.21 -31.05 14.55
C GLY C 522 8.96 -32.01 15.45
N VAL C 523 8.77 -31.87 16.76
CA VAL C 523 9.43 -32.76 17.72
C VAL C 523 8.39 -33.38 18.64
N PHE C 524 8.12 -34.66 18.40
CA PHE C 524 7.07 -35.36 19.12
C PHE C 524 7.61 -36.64 19.73
N PRO C 525 8.33 -36.52 20.86
CA PRO C 525 9.03 -37.62 21.51
C PRO C 525 8.10 -38.40 22.41
N SER C 526 7.08 -39.02 21.84
CA SER C 526 6.01 -39.64 22.63
C SER C 526 6.40 -40.93 23.33
N TYR C 527 5.85 -41.14 24.52
CA TYR C 527 6.03 -42.39 25.23
C TYR C 527 4.84 -43.31 25.01
N TYR C 528 3.63 -42.77 25.15
CA TYR C 528 2.43 -43.52 24.77
C TYR C 528 1.64 -42.80 23.68
N GLU C 529 1.50 -43.46 22.54
CA GLU C 529 0.85 -42.87 21.38
C GLU C 529 0.52 -43.93 20.35
N PRO C 530 -0.70 -44.51 20.47
CA PRO C 530 -1.16 -45.56 19.54
C PRO C 530 -1.00 -45.13 18.09
N TRP C 531 -1.37 -43.89 17.77
CA TRP C 531 -1.12 -43.34 16.44
C TRP C 531 -0.72 -41.86 16.46
N GLY C 532 0.37 -41.54 15.77
CA GLY C 532 0.84 -40.16 15.71
C GLY C 532 0.10 -39.32 14.68
N TYR C 533 -1.10 -38.85 15.04
CA TYR C 533 -1.83 -37.91 14.20
C TYR C 533 -0.95 -36.72 13.88
N THR C 534 -0.30 -36.21 14.93
CA THR C 534 0.49 -34.97 14.82
C THR C 534 1.69 -35.09 13.86
N PRO C 535 2.58 -36.08 14.08
CA PRO C 535 3.73 -36.22 13.15
C PRO C 535 3.27 -36.55 11.74
N ALA C 536 2.11 -37.20 11.61
CA ALA C 536 1.59 -37.56 10.29
C ALA C 536 1.09 -36.30 9.59
N GLU C 537 0.27 -35.54 10.31
CA GLU C 537 -0.22 -34.25 9.82
C GLU C 537 0.97 -33.37 9.46
N CYS C 538 1.97 -33.41 10.32
CA CYS C 538 3.22 -32.67 10.09
C CYS C 538 3.83 -33.10 8.76
N THR C 539 3.86 -34.40 8.53
CA THR C 539 4.45 -34.98 7.32
C THR C 539 3.69 -34.54 6.07
N VAL C 540 2.37 -34.58 6.13
CA VAL C 540 1.53 -34.22 5.01
C VAL C 540 1.86 -32.83 4.47
N MET C 541 2.44 -32.00 5.32
CA MET C 541 2.73 -30.62 4.97
C MET C 541 4.20 -30.35 4.71
N GLY C 542 4.95 -31.42 4.43
CA GLY C 542 6.34 -31.29 4.04
C GLY C 542 7.22 -30.71 5.13
N VAL C 543 6.86 -30.98 6.38
CA VAL C 543 7.68 -30.58 7.51
C VAL C 543 8.29 -31.81 8.18
N PRO C 544 9.63 -31.89 8.21
CA PRO C 544 10.26 -33.04 8.86
C PRO C 544 9.82 -33.09 10.30
N SER C 545 9.97 -34.25 10.94
CA SER C 545 9.66 -34.34 12.35
C SER C 545 10.43 -35.44 13.08
N ILE C 546 10.35 -35.40 14.39
CA ILE C 546 10.99 -36.38 15.23
C ILE C 546 9.92 -37.13 15.98
N THR C 547 9.99 -38.45 15.93
CA THR C 547 8.99 -39.32 16.52
C THR C 547 9.71 -40.42 17.30
N THR C 548 8.97 -41.32 17.93
CA THR C 548 9.58 -42.42 18.65
C THR C 548 9.06 -43.75 18.13
N ASN C 549 9.79 -44.82 18.42
CA ASN C 549 9.41 -46.15 17.97
C ASN C 549 8.32 -46.78 18.83
N VAL C 550 7.84 -46.03 19.82
CA VAL C 550 6.72 -46.50 20.63
C VAL C 550 5.44 -45.75 20.27
N SER C 551 5.50 -44.90 19.24
CA SER C 551 4.30 -44.28 18.70
C SER C 551 3.91 -45.01 17.43
N GLY C 552 2.60 -45.12 17.20
CA GLY C 552 2.07 -45.84 16.05
C GLY C 552 2.62 -45.34 14.73
N PHE C 553 2.73 -44.02 14.61
CA PHE C 553 3.28 -43.40 13.41
C PHE C 553 4.73 -43.81 13.23
N GLY C 554 5.51 -43.69 14.30
CA GLY C 554 6.91 -44.08 14.28
C GLY C 554 7.10 -45.54 13.90
N SER C 555 6.36 -46.43 14.56
CA SER C 555 6.47 -47.86 14.28
C SER C 555 6.04 -48.19 12.85
N TYR C 556 5.05 -47.45 12.36
CA TYR C 556 4.59 -47.63 10.99
C TYR C 556 5.67 -47.22 9.98
N MET C 557 6.32 -46.09 10.24
CA MET C 557 7.34 -45.56 9.34
C MET C 557 8.66 -46.34 9.47
N GLU C 558 8.86 -46.94 10.64
CA GLU C 558 10.03 -47.76 10.89
C GLU C 558 10.03 -48.92 9.90
N ASP C 559 8.82 -49.44 9.65
CA ASP C 559 8.63 -50.59 8.78
C ASP C 559 8.58 -50.18 7.32
N LEU C 560 7.88 -49.08 7.05
CA LEU C 560 7.60 -48.64 5.68
C LEU C 560 8.86 -48.19 4.94
N ILE C 561 9.80 -47.59 5.66
CA ILE C 561 11.01 -47.07 5.03
C ILE C 561 12.23 -47.86 5.47
N GLU C 562 13.14 -48.08 4.53
CA GLU C 562 14.40 -48.73 4.87
C GLU C 562 14.93 -48.13 6.15
N THR C 563 15.55 -48.97 6.96
CA THR C 563 16.10 -48.59 8.26
C THR C 563 16.65 -47.15 8.31
N ASN C 564 17.87 -46.96 7.82
CA ASN C 564 18.54 -45.67 7.91
C ASN C 564 18.34 -44.76 6.70
N GLN C 565 17.15 -44.77 6.13
CA GLN C 565 16.83 -43.88 5.02
C GLN C 565 15.86 -42.80 5.51
N ALA C 566 15.11 -43.14 6.55
CA ALA C 566 14.09 -42.25 7.10
C ALA C 566 14.58 -40.81 7.29
N LYS C 567 15.78 -40.64 7.81
CA LYS C 567 16.34 -39.31 8.04
C LYS C 567 16.43 -38.50 6.76
N ASP C 568 16.75 -39.17 5.66
CA ASP C 568 16.83 -38.50 4.36
C ASP C 568 15.45 -38.02 3.91
N TYR C 569 14.41 -38.66 4.44
CA TYR C 569 13.03 -38.28 4.12
C TYR C 569 12.42 -37.37 5.18
N GLY C 570 13.23 -36.97 6.15
CA GLY C 570 12.75 -36.10 7.21
C GLY C 570 11.96 -36.79 8.30
N ILE C 571 12.13 -38.10 8.43
CA ILE C 571 11.52 -38.82 9.54
C ILE C 571 12.58 -39.33 10.51
N TYR C 572 12.72 -38.64 11.63
CA TYR C 572 13.66 -39.03 12.67
C TYR C 572 12.95 -39.88 13.72
N ILE C 573 13.46 -41.08 13.97
CA ILE C 573 12.84 -41.97 14.95
C ILE C 573 13.75 -42.26 16.13
N VAL C 574 13.36 -41.78 17.31
CA VAL C 574 14.11 -42.03 18.53
C VAL C 574 13.73 -43.37 19.14
N ASP C 575 14.73 -44.12 19.58
CA ASP C 575 14.49 -45.42 20.22
C ASP C 575 14.19 -45.23 21.71
N ARG C 576 12.92 -45.37 22.07
CA ARG C 576 12.47 -45.24 23.44
C ARG C 576 12.04 -46.60 23.97
N ARG C 577 12.22 -47.62 23.14
CA ARG C 577 11.81 -48.97 23.48
C ARG C 577 12.95 -49.77 24.09
N PHE C 578 14.08 -49.80 23.39
CA PHE C 578 15.24 -50.56 23.85
C PHE C 578 16.41 -49.67 24.24
N LYS C 579 16.12 -48.58 24.95
CA LYS C 579 17.16 -47.69 25.46
C LYS C 579 16.70 -47.06 26.77
N ALA C 580 17.63 -46.85 27.69
CA ALA C 580 17.33 -46.17 28.94
C ALA C 580 17.09 -44.70 28.64
N PRO C 581 16.19 -44.07 29.40
CA PRO C 581 15.79 -42.67 29.18
C PRO C 581 16.94 -41.73 28.82
N ASP C 582 18.09 -41.86 29.49
CA ASP C 582 19.21 -40.96 29.20
C ASP C 582 19.77 -41.18 27.80
N GLU C 583 19.85 -42.45 27.39
CA GLU C 583 20.26 -42.77 26.03
C GLU C 583 19.30 -42.15 25.03
N SER C 584 18.01 -42.26 25.33
CA SER C 584 16.97 -41.68 24.49
C SER C 584 17.19 -40.18 24.28
N VAL C 585 17.28 -39.46 25.39
CA VAL C 585 17.45 -38.01 25.34
C VAL C 585 18.66 -37.63 24.49
N GLU C 586 19.77 -38.30 24.70
CA GLU C 586 20.99 -37.99 23.95
C GLU C 586 20.86 -38.29 22.46
N GLN C 587 19.98 -39.23 22.11
CA GLN C 587 19.71 -39.51 20.71
C GLN C 587 18.80 -38.44 20.12
N LEU C 588 17.83 -37.98 20.91
CA LEU C 588 16.97 -36.88 20.51
C LEU C 588 17.86 -35.68 20.20
N VAL C 589 18.82 -35.41 21.08
CA VAL C 589 19.73 -34.28 20.91
C VAL C 589 20.61 -34.47 19.68
N ASP C 590 21.09 -35.69 19.47
CA ASP C 590 21.87 -36.00 18.29
C ASP C 590 21.09 -35.60 17.03
N TYR C 591 19.82 -35.98 16.99
CA TYR C 591 18.96 -35.66 15.86
C TYR C 591 18.83 -34.16 15.63
N MET C 592 18.44 -33.44 16.68
CA MET C 592 18.27 -32.00 16.60
C MET C 592 19.56 -31.31 16.17
N GLU C 593 20.66 -31.67 16.80
CA GLU C 593 21.95 -31.07 16.47
C GLU C 593 22.32 -31.32 15.02
N GLU C 594 21.95 -32.48 14.51
CA GLU C 594 22.22 -32.82 13.13
C GLU C 594 21.41 -31.93 12.18
N PHE C 595 20.15 -31.69 12.55
CA PHE C 595 19.28 -30.84 11.75
C PHE C 595 19.77 -29.40 11.75
N VAL C 596 20.14 -28.90 12.93
CA VAL C 596 20.65 -27.54 13.08
C VAL C 596 21.88 -27.28 12.19
N LYS C 597 22.60 -28.36 11.87
CA LYS C 597 23.81 -28.25 11.05
C LYS C 597 23.51 -27.99 9.58
N LYS C 598 22.27 -28.23 9.17
CA LYS C 598 21.91 -28.18 7.77
C LYS C 598 21.94 -26.78 7.16
N THR C 599 22.24 -26.74 5.86
CA THR C 599 22.13 -25.51 5.09
C THR C 599 20.66 -25.33 4.71
N ARG C 600 20.31 -24.10 4.32
CA ARG C 600 18.98 -23.84 3.79
C ARG C 600 18.69 -24.77 2.62
N ARG C 601 19.69 -24.99 1.79
CA ARG C 601 19.54 -25.87 0.63
C ARG C 601 19.15 -27.27 1.07
N GLN C 602 19.88 -27.83 2.03
CA GLN C 602 19.58 -29.15 2.56
C GLN C 602 18.19 -29.19 3.19
N ARG C 603 17.85 -28.16 3.95
CA ARG C 603 16.52 -28.07 4.55
C ARG C 603 15.42 -28.08 3.50
N ILE C 604 15.66 -27.37 2.40
CA ILE C 604 14.66 -27.29 1.33
C ILE C 604 14.48 -28.63 0.63
N ASN C 605 15.58 -29.30 0.31
CA ASN C 605 15.51 -30.61 -0.32
C ASN C 605 14.84 -31.63 0.59
N GLN C 606 15.16 -31.58 1.86
CA GLN C 606 14.54 -32.50 2.81
C GLN C 606 13.04 -32.32 2.80
N ARG C 607 12.57 -31.08 2.93
CA ARG C 607 11.13 -30.80 2.93
C ARG C 607 10.46 -31.34 1.67
N ASN C 608 11.15 -31.25 0.53
CA ASN C 608 10.66 -31.85 -0.69
C ASN C 608 10.50 -33.37 -0.51
N ALA C 609 11.51 -33.99 0.09
CA ALA C 609 11.51 -35.43 0.30
C ALA C 609 10.38 -35.86 1.25
N THR C 610 10.19 -35.13 2.33
CA THR C 610 9.18 -35.52 3.31
C THR C 610 7.78 -35.30 2.75
N GLU C 611 7.65 -34.34 1.85
CA GLU C 611 6.35 -34.05 1.23
C GLU C 611 5.99 -35.12 0.20
N ALA C 612 7.00 -35.76 -0.36
CA ALA C 612 6.77 -36.84 -1.32
C ALA C 612 6.22 -38.08 -0.62
N LEU C 613 6.61 -38.27 0.64
CA LEU C 613 6.12 -39.40 1.44
C LEU C 613 4.63 -39.34 1.66
N SER C 614 4.07 -38.14 1.67
CA SER C 614 2.71 -37.92 2.15
C SER C 614 1.61 -38.73 1.46
N ASP C 615 1.87 -39.20 0.24
CA ASP C 615 0.89 -40.05 -0.44
C ASP C 615 0.72 -41.37 0.30
N LEU C 616 1.80 -41.86 0.89
CA LEU C 616 1.77 -43.10 1.63
C LEU C 616 0.92 -42.98 2.89
N LEU C 617 0.42 -41.77 3.15
CA LEU C 617 -0.39 -41.51 4.33
C LEU C 617 -1.82 -41.20 3.94
N ASP C 618 -2.15 -41.37 2.66
CA ASP C 618 -3.47 -41.03 2.15
C ASP C 618 -4.45 -42.21 2.23
N TRP C 619 -5.72 -41.91 2.49
CA TRP C 619 -6.76 -42.95 2.58
C TRP C 619 -6.81 -43.84 1.34
N LYS C 620 -6.44 -43.29 0.20
CA LYS C 620 -6.45 -44.03 -1.06
C LYS C 620 -5.51 -45.24 -0.99
N ARG C 621 -4.52 -45.16 -0.12
CA ARG C 621 -3.60 -46.28 0.08
C ARG C 621 -3.90 -47.03 1.38
N MET C 622 -4.16 -46.28 2.44
CA MET C 622 -4.40 -46.87 3.76
C MET C 622 -5.74 -47.60 3.81
N GLY C 623 -6.67 -47.18 2.96
CA GLY C 623 -8.00 -47.77 2.93
C GLY C 623 -8.01 -49.21 2.46
N LEU C 624 -6.93 -49.64 1.80
CA LEU C 624 -6.81 -51.02 1.37
C LEU C 624 -6.81 -51.97 2.57
N GLU C 625 -6.12 -51.56 3.63
CA GLU C 625 -6.07 -52.37 4.84
C GLU C 625 -7.47 -52.62 5.42
N TYR C 626 -8.32 -51.60 5.37
CA TYR C 626 -9.71 -51.77 5.80
C TYR C 626 -10.42 -52.84 4.97
N VAL C 627 -10.20 -52.82 3.66
CA VAL C 627 -10.77 -53.82 2.77
C VAL C 627 -10.34 -55.23 3.17
N LYS C 628 -9.05 -55.41 3.44
CA LYS C 628 -8.53 -56.70 3.89
C LYS C 628 -9.24 -57.19 5.15
N ALA C 629 -9.50 -56.27 6.08
CA ALA C 629 -10.15 -56.62 7.33
C ALA C 629 -11.57 -57.12 7.08
N ARG C 630 -12.27 -56.47 6.16
CA ARG C 630 -13.64 -56.86 5.84
C ARG C 630 -13.67 -58.20 5.12
N GLN C 631 -12.72 -58.43 4.22
CA GLN C 631 -12.60 -59.69 3.53
C GLN C 631 -12.41 -60.84 4.51
N LEU C 632 -11.45 -60.67 5.43
CA LEU C 632 -11.17 -61.69 6.43
C LEU C 632 -12.39 -62.04 7.28
N ALA C 633 -13.17 -61.02 7.64
CA ALA C 633 -14.38 -61.23 8.45
C ALA C 633 -15.41 -62.03 7.68
N LEU C 634 -15.46 -61.83 6.36
CA LEU C 634 -16.37 -62.57 5.50
C LEU C 634 -15.87 -64.00 5.27
N ARG C 635 -14.56 -64.15 5.17
CA ARG C 635 -13.95 -65.47 5.02
C ARG C 635 -14.21 -66.32 6.25
N ARG C 636 -13.94 -65.77 7.42
CA ARG C 636 -14.10 -66.50 8.68
C ARG C 636 -15.54 -66.78 9.04
N GLY C 637 -16.42 -65.83 8.76
CA GLY C 637 -17.82 -65.94 9.16
C GLY C 637 -18.67 -66.72 8.17
N TYR C 638 -18.25 -66.75 6.92
CA TYR C 638 -18.98 -67.48 5.89
C TYR C 638 -18.07 -68.40 5.08
N PRO C 639 -17.40 -69.34 5.77
CA PRO C 639 -16.41 -70.24 5.19
C PRO C 639 -16.90 -70.93 3.92
N ASP C 640 -18.12 -71.46 3.96
CA ASP C 640 -18.66 -72.24 2.86
C ASP C 640 -18.92 -71.39 1.61
N GLN C 641 -19.66 -70.30 1.78
CA GLN C 641 -19.94 -69.42 0.65
C GLN C 641 -18.64 -68.89 0.05
N PHE C 642 -17.69 -68.56 0.92
CA PHE C 642 -16.42 -68.01 0.48
C PHE C 642 -15.65 -69.03 -0.37
N ARG C 643 -15.60 -70.26 0.11
CA ARG C 643 -14.93 -71.33 -0.63
C ARG C 643 -15.56 -71.56 -2.00
N GLU C 644 -16.88 -71.55 -2.04
CA GLU C 644 -17.60 -71.78 -3.30
C GLU C 644 -17.50 -70.59 -4.24
N LEU C 645 -17.15 -69.43 -3.68
CA LEU C 645 -16.98 -68.23 -4.47
C LEU C 645 -15.57 -68.19 -5.06
N VAL C 646 -14.61 -68.68 -4.29
CA VAL C 646 -13.20 -68.57 -4.65
C VAL C 646 -12.63 -69.88 -5.23
N GLY C 647 -13.23 -71.00 -4.86
CA GLY C 647 -12.83 -72.29 -5.42
C GLY C 647 -11.84 -73.05 -4.56
N GLU C 648 -11.62 -72.57 -3.33
CA GLU C 648 -10.76 -73.26 -2.37
C GLU C 648 -10.83 -72.55 -1.02
N GLU C 649 -10.37 -73.24 0.02
CA GLU C 649 -10.26 -72.63 1.34
C GLU C 649 -9.03 -71.73 1.40
N LEU C 650 -9.25 -70.43 1.42
CA LEU C 650 -8.14 -69.48 1.49
C LEU C 650 -7.60 -69.37 2.91
N ASN C 651 -6.33 -68.98 3.03
CA ASN C 651 -5.67 -68.89 4.33
C ASN C 651 -6.21 -67.74 5.18
N ASP C 652 -6.95 -68.08 6.24
CA ASP C 652 -7.59 -67.05 7.08
C ASP C 652 -6.90 -66.83 8.42
N SER C 653 -5.63 -67.20 8.52
CA SER C 653 -4.91 -66.96 9.77
C SER C 653 -4.61 -65.46 9.98
N ASN C 654 -4.45 -64.73 8.88
CA ASN C 654 -4.14 -63.29 8.91
C ASN C 654 -5.07 -62.48 8.04
N MET C 655 -4.96 -61.16 8.14
CA MET C 655 -5.45 -60.26 7.11
C MET C 655 -4.52 -60.39 5.91
N ASP C 656 -3.22 -60.41 6.18
CA ASP C 656 -2.21 -60.49 5.13
C ASP C 656 -2.11 -61.87 4.47
N ALA C 657 -2.38 -62.92 5.23
CA ALA C 657 -2.33 -64.29 4.69
C ALA C 657 -3.42 -64.47 3.65
N LEU C 658 -4.61 -63.98 3.96
CA LEU C 658 -5.74 -64.04 3.05
C LEU C 658 -5.47 -63.17 1.82
N ALA C 659 -5.07 -61.93 2.08
CA ALA C 659 -4.80 -60.96 1.02
C ALA C 659 -3.76 -61.46 0.01
N GLY C 660 -2.63 -61.95 0.53
CA GLY C 660 -1.62 -62.62 -0.28
C GLY C 660 -0.77 -61.71 -1.15
N GLY C 661 -0.78 -60.41 -0.84
CA GLY C 661 -0.01 -59.45 -1.62
C GLY C 661 1.40 -59.23 -1.11
N LYS C 662 2.12 -58.30 -1.73
CA LYS C 662 3.49 -57.98 -1.33
C LYS C 662 3.56 -56.79 -0.38
N LYS C 663 4.66 -56.71 0.38
CA LYS C 663 4.93 -55.57 1.23
C LYS C 663 5.46 -54.40 0.40
N LEU C 664 5.14 -53.19 0.82
CA LEU C 664 5.61 -52.00 0.13
C LEU C 664 6.58 -51.23 1.01
N LYS C 665 7.88 -51.38 0.76
CA LYS C 665 8.88 -50.60 1.48
C LYS C 665 9.31 -49.38 0.65
N VAL C 666 9.87 -48.39 1.32
CA VAL C 666 10.28 -47.15 0.65
C VAL C 666 11.79 -46.95 0.76
N ALA C 667 12.40 -46.51 -0.33
CA ALA C 667 13.84 -46.31 -0.38
C ALA C 667 14.22 -45.17 -1.31
N SER D 22 63.73 -29.80 -21.42
CA SER D 22 62.66 -30.55 -20.77
C SER D 22 61.74 -29.62 -19.97
N ARG D 23 60.49 -29.53 -20.40
CA ARG D 23 59.52 -28.64 -19.77
C ARG D 23 58.42 -29.42 -19.05
N ASP D 24 57.81 -28.80 -18.05
CA ASP D 24 56.79 -29.45 -17.24
C ASP D 24 55.43 -29.45 -17.94
N LEU D 25 54.90 -30.64 -18.16
CA LEU D 25 53.57 -30.79 -18.75
C LEU D 25 52.50 -30.57 -17.68
N GLN D 26 52.94 -30.56 -16.43
CA GLN D 26 52.03 -30.42 -15.30
C GLN D 26 51.81 -28.93 -15.02
N ASN D 27 52.84 -28.29 -14.47
CA ASN D 27 52.81 -26.85 -14.25
C ASN D 27 53.23 -26.12 -15.52
N HIS D 28 52.26 -25.84 -16.38
CA HIS D 28 52.55 -25.14 -17.63
C HIS D 28 51.86 -23.77 -17.68
N LEU D 29 52.03 -23.09 -18.80
CA LEU D 29 51.37 -21.80 -19.01
C LEU D 29 50.25 -21.94 -20.02
N LEU D 30 49.41 -20.92 -20.09
CA LEU D 30 48.33 -20.89 -21.08
C LEU D 30 48.10 -19.47 -21.58
N PHE D 31 48.16 -19.32 -22.89
CA PHE D 31 47.86 -18.04 -23.52
C PHE D 31 46.67 -18.20 -24.47
N GLU D 32 45.69 -17.31 -24.34
CA GLU D 32 44.51 -17.34 -25.19
C GLU D 32 44.43 -16.05 -25.99
N THR D 33 44.39 -16.18 -27.31
CA THR D 33 44.41 -15.02 -28.19
C THR D 33 43.12 -14.93 -29.01
N ALA D 34 42.64 -13.70 -29.18
CA ALA D 34 41.45 -13.43 -29.98
C ALA D 34 41.27 -11.93 -30.20
N THR D 35 40.57 -11.57 -31.26
CA THR D 35 40.31 -10.17 -31.55
C THR D 35 39.42 -9.52 -30.49
N GLU D 36 38.52 -10.30 -29.92
CA GLU D 36 37.51 -9.78 -28.98
C GLU D 36 37.98 -9.72 -27.52
N VAL D 37 39.29 -9.75 -27.30
CA VAL D 37 39.84 -9.90 -25.94
C VAL D 37 39.50 -8.77 -24.96
N ALA D 38 38.99 -7.65 -25.45
CA ALA D 38 38.57 -6.57 -24.55
C ALA D 38 37.55 -5.65 -25.22
N ASN D 39 37.27 -5.91 -26.49
CA ASN D 39 36.25 -5.15 -27.21
C ASN D 39 35.12 -6.04 -27.69
N ARG D 40 33.90 -5.72 -27.28
CA ARG D 40 32.73 -6.51 -27.63
C ARG D 40 32.42 -6.38 -29.13
N VAL D 41 32.82 -7.38 -29.90
CA VAL D 41 32.51 -7.40 -31.33
C VAL D 41 31.40 -8.41 -31.62
N GLY D 42 31.60 -9.66 -31.22
CA GLY D 42 30.65 -10.70 -31.46
C GLY D 42 30.54 -11.69 -30.32
N GLY D 43 30.00 -12.87 -30.61
CA GLY D 43 29.76 -13.89 -29.60
C GLY D 43 31.00 -14.34 -28.85
N ILE D 44 32.18 -14.15 -29.45
CA ILE D 44 33.42 -14.60 -28.85
C ILE D 44 33.77 -13.84 -27.57
N TYR D 45 33.51 -12.54 -27.57
CA TYR D 45 33.69 -11.71 -26.39
C TYR D 45 32.98 -12.36 -25.20
N SER D 46 31.73 -12.74 -25.40
CA SER D 46 30.91 -13.32 -24.34
C SER D 46 31.42 -14.70 -23.92
N VAL D 47 32.01 -15.41 -24.88
CA VAL D 47 32.56 -16.74 -24.59
C VAL D 47 33.80 -16.63 -23.69
N LEU D 48 34.75 -15.80 -24.12
CA LEU D 48 35.99 -15.61 -23.36
C LEU D 48 35.72 -15.03 -21.98
N LYS D 49 34.78 -14.10 -21.90
CA LYS D 49 34.43 -13.44 -20.64
C LYS D 49 33.83 -14.43 -19.64
N SER D 50 32.87 -15.21 -20.09
CA SER D 50 32.16 -16.15 -19.22
C SER D 50 33.02 -17.35 -18.83
N LYS D 51 34.07 -17.58 -19.60
CA LYS D 51 34.98 -18.70 -19.34
C LYS D 51 36.05 -18.30 -18.34
N ALA D 52 36.25 -16.99 -18.17
CA ALA D 52 37.29 -16.47 -17.30
C ALA D 52 37.33 -17.14 -15.93
N PRO D 53 36.22 -17.07 -15.17
CA PRO D 53 36.20 -17.61 -13.81
C PRO D 53 36.68 -19.05 -13.72
N ILE D 54 36.25 -19.91 -14.66
CA ILE D 54 36.62 -21.31 -14.61
C ILE D 54 38.11 -21.55 -14.91
N THR D 55 38.68 -20.72 -15.80
CA THR D 55 40.07 -20.91 -16.19
C THR D 55 41.04 -20.18 -15.26
N VAL D 56 40.60 -19.05 -14.70
CA VAL D 56 41.40 -18.32 -13.73
C VAL D 56 41.49 -19.10 -12.42
N ALA D 57 40.48 -19.94 -12.18
CA ALA D 57 40.45 -20.78 -10.99
C ALA D 57 41.52 -21.86 -11.07
N GLN D 58 41.85 -22.28 -12.29
CA GLN D 58 42.86 -23.32 -12.49
C GLN D 58 44.27 -22.73 -12.59
N TYR D 59 44.43 -21.73 -13.45
CA TYR D 59 45.76 -21.21 -13.79
C TYR D 59 46.25 -20.12 -12.86
N LYS D 60 45.33 -19.47 -12.16
CA LYS D 60 45.71 -18.43 -11.19
C LYS D 60 46.40 -17.27 -11.90
N ASP D 61 47.73 -17.34 -11.99
CA ASP D 61 48.50 -16.31 -12.67
C ASP D 61 49.31 -16.89 -13.83
N HIS D 62 49.06 -18.15 -14.14
CA HIS D 62 49.72 -18.82 -15.26
C HIS D 62 48.95 -18.61 -16.55
N TYR D 63 47.89 -17.83 -16.48
CA TYR D 63 46.98 -17.64 -17.61
C TYR D 63 46.94 -16.19 -18.07
N HIS D 64 46.97 -15.99 -19.38
CA HIS D 64 46.91 -14.66 -19.96
C HIS D 64 46.05 -14.60 -21.22
N LEU D 65 45.38 -13.49 -21.43
CA LEU D 65 44.62 -13.24 -22.64
C LEU D 65 45.34 -12.23 -23.51
N ILE D 66 45.43 -12.51 -24.81
CA ILE D 66 46.13 -11.62 -25.73
C ILE D 66 45.19 -11.10 -26.81
N GLY D 67 45.21 -9.79 -27.02
CA GLY D 67 44.36 -9.19 -28.05
C GLY D 67 44.83 -7.82 -28.46
N PRO D 68 44.32 -7.33 -29.61
CA PRO D 68 44.62 -5.98 -30.09
C PRO D 68 44.05 -4.93 -29.15
N LEU D 69 44.80 -3.87 -28.91
CA LEU D 69 44.36 -2.79 -28.03
C LEU D 69 43.32 -1.90 -28.70
N ASN D 70 42.07 -2.02 -28.26
CA ASN D 70 41.02 -1.14 -28.74
C ASN D 70 41.08 0.20 -28.01
N LYS D 71 41.91 1.10 -28.51
CA LYS D 71 42.18 2.37 -27.83
C LYS D 71 40.92 3.14 -27.46
N ALA D 72 39.87 3.00 -28.27
CA ALA D 72 38.64 3.75 -28.04
C ALA D 72 37.84 3.26 -26.83
N THR D 73 38.06 2.02 -26.42
CA THR D 73 37.21 1.40 -25.40
C THR D 73 37.93 0.82 -24.19
N TYR D 74 39.07 0.18 -24.42
CA TYR D 74 39.76 -0.60 -23.39
C TYR D 74 39.83 0.10 -22.03
N GLN D 75 39.72 1.41 -22.01
CA GLN D 75 39.86 2.17 -20.76
C GLN D 75 38.69 1.95 -19.81
N ASN D 76 37.54 1.56 -20.36
CA ASN D 76 36.37 1.25 -19.55
C ASN D 76 36.34 -0.23 -19.20
N GLU D 77 37.09 -1.01 -19.95
CA GLU D 77 37.09 -2.46 -19.82
C GLU D 77 38.21 -2.97 -18.92
N VAL D 78 39.36 -2.29 -18.99
CA VAL D 78 40.56 -2.79 -18.34
C VAL D 78 40.93 -2.04 -17.07
N ASP D 79 41.52 -2.76 -16.13
CA ASP D 79 42.14 -2.16 -14.96
C ASP D 79 43.63 -2.02 -15.27
N ILE D 80 43.98 -0.94 -15.95
CA ILE D 80 45.37 -0.70 -16.36
C ILE D 80 46.32 -0.76 -15.16
N LEU D 81 47.26 -1.68 -15.21
CA LEU D 81 48.18 -1.90 -14.09
C LEU D 81 49.63 -1.57 -14.44
N ASP D 82 50.45 -1.40 -13.41
CA ASP D 82 51.87 -1.12 -13.58
C ASP D 82 52.67 -2.43 -13.65
N TRP D 83 52.95 -2.87 -14.86
CA TRP D 83 53.67 -4.11 -15.10
C TRP D 83 55.15 -3.97 -14.79
N LYS D 84 55.57 -2.75 -14.44
CA LYS D 84 56.99 -2.45 -14.24
C LYS D 84 57.51 -2.98 -12.90
N LYS D 85 56.70 -2.86 -11.85
CA LYS D 85 57.07 -3.36 -10.54
C LYS D 85 57.56 -4.80 -10.63
N PRO D 86 58.48 -5.18 -9.75
CA PRO D 86 58.88 -6.59 -9.62
C PRO D 86 57.77 -7.36 -8.91
N GLU D 87 56.88 -6.60 -8.26
CA GLU D 87 55.77 -7.18 -7.51
C GLU D 87 54.59 -7.49 -8.43
N ALA D 88 54.71 -7.12 -9.70
CA ALA D 88 53.65 -7.33 -10.68
C ALA D 88 53.69 -8.75 -11.25
N PHE D 89 54.63 -9.55 -10.76
CA PHE D 89 54.76 -10.94 -11.20
C PHE D 89 55.32 -11.80 -10.07
N SER D 90 55.06 -13.11 -10.14
CA SER D 90 55.70 -14.05 -9.25
C SER D 90 57.09 -14.33 -9.80
N ASP D 91 57.87 -15.12 -9.07
CA ASP D 91 59.22 -15.45 -9.52
C ASP D 91 59.19 -16.38 -10.74
N GLU D 92 58.37 -17.41 -10.67
CA GLU D 92 58.27 -18.38 -11.76
C GLU D 92 57.53 -17.79 -12.97
N MET D 93 57.08 -16.55 -12.85
CA MET D 93 56.40 -15.88 -13.94
C MET D 93 57.23 -14.71 -14.48
N ARG D 94 58.45 -14.59 -13.99
CA ARG D 94 59.36 -13.54 -14.46
C ARG D 94 59.52 -13.53 -15.98
N PRO D 95 59.69 -14.70 -16.61
CA PRO D 95 59.87 -14.78 -18.05
C PRO D 95 58.96 -13.83 -18.83
N VAL D 96 57.67 -13.82 -18.49
CA VAL D 96 56.72 -12.94 -19.16
C VAL D 96 57.09 -11.47 -18.98
N GLN D 97 57.57 -11.14 -17.78
CA GLN D 97 57.96 -9.77 -17.45
C GLN D 97 59.16 -9.33 -18.28
N HIS D 98 60.09 -10.25 -18.52
CA HIS D 98 61.28 -9.95 -19.31
C HIS D 98 60.99 -9.97 -20.80
N ALA D 99 60.00 -10.76 -21.20
CA ALA D 99 59.57 -10.81 -22.59
C ALA D 99 58.84 -9.52 -22.94
N LEU D 100 58.09 -8.99 -21.96
CA LEU D 100 57.39 -7.72 -22.13
C LEU D 100 58.38 -6.57 -22.18
N GLN D 101 59.49 -6.71 -21.46
CA GLN D 101 60.54 -5.72 -21.47
C GLN D 101 61.23 -5.73 -22.83
N THR D 102 61.42 -6.95 -23.37
CA THR D 102 61.99 -7.13 -24.70
C THR D 102 61.21 -6.32 -25.72
N MET D 103 59.89 -6.51 -25.73
CA MET D 103 59.02 -5.77 -26.64
C MET D 103 59.14 -4.27 -26.39
N GLU D 104 59.32 -3.91 -25.13
CA GLU D 104 59.40 -2.50 -24.73
C GLU D 104 60.67 -1.84 -25.27
N SER D 105 61.75 -2.62 -25.39
CA SER D 105 62.99 -2.12 -25.97
C SER D 105 62.81 -1.88 -27.46
N ARG D 106 62.12 -2.80 -28.12
CA ARG D 106 61.91 -2.75 -29.56
C ARG D 106 60.81 -1.77 -29.96
N GLY D 107 60.33 -1.00 -28.97
CA GLY D 107 59.41 0.10 -29.22
C GLY D 107 57.95 -0.26 -29.33
N VAL D 108 57.58 -1.47 -28.90
CA VAL D 108 56.21 -1.93 -29.01
C VAL D 108 55.34 -1.47 -27.83
N HIS D 109 54.29 -0.71 -28.13
CA HIS D 109 53.35 -0.25 -27.11
C HIS D 109 52.32 -1.33 -26.80
N PHE D 110 52.03 -1.50 -25.52
CA PHE D 110 51.03 -2.47 -25.08
C PHE D 110 50.44 -2.10 -23.73
N VAL D 111 49.26 -2.63 -23.43
CA VAL D 111 48.62 -2.38 -22.15
C VAL D 111 48.52 -3.65 -21.31
N TYR D 112 48.95 -3.55 -20.05
CA TYR D 112 48.88 -4.67 -19.13
C TYR D 112 47.90 -4.35 -18.01
N GLY D 113 47.30 -5.40 -17.44
CA GLY D 113 46.34 -5.22 -16.37
C GLY D 113 45.39 -6.39 -16.27
N ARG D 114 44.17 -6.12 -15.85
CA ARG D 114 43.15 -7.16 -15.72
C ARG D 114 41.81 -6.70 -16.27
N TRP D 115 41.13 -7.61 -16.97
CA TRP D 115 39.77 -7.36 -17.43
C TRP D 115 38.93 -6.97 -16.23
N LEU D 116 38.02 -6.01 -16.41
CA LEU D 116 37.14 -5.61 -15.32
C LEU D 116 35.90 -6.49 -15.27
N ILE D 117 36.11 -7.80 -15.27
CA ILE D 117 35.02 -8.77 -15.21
C ILE D 117 35.27 -9.77 -14.09
N GLU D 118 34.33 -10.68 -13.88
CA GLU D 118 34.50 -11.70 -12.86
C GLU D 118 35.66 -12.62 -13.23
N GLY D 119 36.55 -12.86 -12.27
CA GLY D 119 37.70 -13.72 -12.50
C GLY D 119 38.98 -12.93 -12.72
N ALA D 120 38.83 -11.65 -13.06
CA ALA D 120 39.97 -10.76 -13.29
C ALA D 120 41.16 -11.44 -13.96
N PRO D 121 40.95 -11.93 -15.19
CA PRO D 121 42.08 -12.54 -15.91
C PRO D 121 43.09 -11.49 -16.31
N LYS D 122 44.37 -11.86 -16.34
CA LYS D 122 45.41 -10.94 -16.78
C LYS D 122 45.33 -10.76 -18.30
N VAL D 123 45.44 -9.52 -18.75
CA VAL D 123 45.27 -9.20 -20.16
C VAL D 123 46.48 -8.47 -20.73
N ILE D 124 46.82 -8.80 -21.98
CA ILE D 124 47.92 -8.15 -22.69
C ILE D 124 47.44 -7.62 -24.04
N LEU D 125 47.15 -6.32 -24.08
CA LEU D 125 46.64 -5.68 -25.28
C LEU D 125 47.72 -4.95 -26.05
N PHE D 126 47.96 -5.36 -27.29
CA PHE D 126 49.00 -4.76 -28.11
C PHE D 126 48.48 -3.65 -29.02
N ASP D 127 49.03 -2.45 -28.85
CA ASP D 127 48.69 -1.32 -29.71
C ASP D 127 49.29 -1.54 -31.09
N LEU D 128 48.45 -1.95 -32.04
CA LEU D 128 48.91 -2.29 -33.38
C LEU D 128 49.48 -1.09 -34.13
N ASP D 129 49.12 0.11 -33.70
CA ASP D 129 49.67 1.33 -34.27
C ASP D 129 51.20 1.29 -34.20
N SER D 130 51.73 1.13 -33.00
CA SER D 130 53.17 1.12 -32.79
C SER D 130 53.80 -0.19 -33.27
N VAL D 131 53.54 -0.51 -34.54
CA VAL D 131 54.04 -1.72 -35.16
C VAL D 131 53.71 -1.67 -36.66
N ARG D 132 52.76 -0.81 -37.00
CA ARG D 132 52.25 -0.71 -38.37
C ARG D 132 53.34 -0.53 -39.42
N GLY D 133 54.47 0.07 -39.02
CA GLY D 133 55.58 0.27 -39.94
C GLY D 133 56.11 -1.04 -40.50
N TYR D 134 56.16 -2.06 -39.66
CA TYR D 134 56.67 -3.37 -40.06
C TYR D 134 55.74 -4.04 -41.07
N SER D 135 54.61 -3.40 -41.35
CA SER D 135 53.58 -3.99 -42.20
C SER D 135 54.12 -4.52 -43.54
N ASN D 136 54.47 -3.61 -44.44
CA ASN D 136 54.95 -3.99 -45.77
C ASN D 136 55.95 -5.15 -45.73
N GLU D 137 56.81 -5.15 -44.73
CA GLU D 137 57.79 -6.22 -44.57
C GLU D 137 57.12 -7.54 -44.25
N TRP D 138 56.27 -7.53 -43.22
CA TRP D 138 55.55 -8.72 -42.80
C TRP D 138 54.64 -9.23 -43.92
N LYS D 139 53.80 -8.34 -44.43
CA LYS D 139 52.86 -8.70 -45.50
C LYS D 139 53.57 -9.52 -46.58
N GLY D 140 54.70 -9.02 -47.05
CA GLY D 140 55.49 -9.72 -48.06
C GLY D 140 55.98 -11.06 -47.54
N ASP D 141 56.57 -11.05 -46.35
CA ASP D 141 57.06 -12.26 -45.71
C ASP D 141 55.97 -13.32 -45.61
N LEU D 142 54.75 -12.89 -45.30
CA LEU D 142 53.61 -13.79 -45.17
C LEU D 142 53.27 -14.39 -46.53
N TRP D 143 53.18 -13.51 -47.53
CA TRP D 143 52.85 -13.89 -48.90
C TRP D 143 53.83 -14.90 -49.48
N SER D 144 55.07 -14.87 -49.00
CA SER D 144 56.12 -15.73 -49.54
C SER D 144 56.40 -16.95 -48.67
N LEU D 145 56.09 -16.87 -47.38
CA LEU D 145 56.29 -18.00 -46.47
C LEU D 145 55.09 -18.92 -46.37
N VAL D 146 53.90 -18.37 -46.57
CA VAL D 146 52.67 -19.16 -46.47
C VAL D 146 51.88 -19.15 -47.79
N GLY D 147 51.89 -18.00 -48.47
CA GLY D 147 51.19 -17.85 -49.73
C GLY D 147 49.87 -17.12 -49.56
N ILE D 148 49.87 -16.13 -48.67
CA ILE D 148 48.66 -15.41 -48.31
C ILE D 148 48.71 -13.96 -48.78
N PRO D 149 47.96 -13.65 -49.85
CA PRO D 149 47.88 -12.30 -50.42
C PRO D 149 47.29 -11.34 -49.41
N SER D 150 47.24 -10.05 -49.74
CA SER D 150 46.69 -9.06 -48.81
C SER D 150 46.41 -7.71 -49.47
N PRO D 151 45.32 -7.63 -50.26
CA PRO D 151 44.90 -6.36 -50.83
C PRO D 151 44.95 -5.24 -49.79
N GLU D 152 45.48 -4.09 -50.19
CA GLU D 152 45.70 -2.96 -49.29
C GLU D 152 44.45 -2.53 -48.53
N ASN D 153 43.32 -2.49 -49.24
CA ASN D 153 42.09 -1.94 -48.69
C ASN D 153 41.44 -2.78 -47.58
N ASP D 154 41.84 -4.04 -47.47
CA ASP D 154 41.29 -4.92 -46.44
C ASP D 154 41.93 -4.66 -45.08
N PHE D 155 41.43 -3.63 -44.39
CA PHE D 155 41.98 -3.23 -43.10
C PHE D 155 41.94 -4.37 -42.09
N GLU D 156 40.93 -5.24 -42.22
CA GLU D 156 40.75 -6.34 -41.29
C GLU D 156 41.90 -7.35 -41.36
N THR D 157 42.26 -7.78 -42.57
CA THR D 157 43.37 -8.71 -42.74
C THR D 157 44.69 -8.04 -42.40
N ASN D 158 44.76 -6.73 -42.63
CA ASN D 158 45.94 -5.97 -42.26
C ASN D 158 46.18 -6.02 -40.76
N ASP D 159 45.19 -5.57 -39.99
CA ASP D 159 45.28 -5.62 -38.54
C ASP D 159 45.42 -7.05 -38.03
N ALA D 160 44.95 -8.00 -38.83
CA ALA D 160 45.09 -9.41 -38.50
C ALA D 160 46.55 -9.82 -38.58
N ILE D 161 47.20 -9.48 -39.69
CA ILE D 161 48.62 -9.79 -39.87
C ILE D 161 49.46 -9.09 -38.82
N LEU D 162 49.18 -7.81 -38.58
CA LEU D 162 49.84 -7.07 -37.51
C LEU D 162 49.81 -7.90 -36.23
N LEU D 163 48.61 -8.11 -35.71
CA LEU D 163 48.42 -8.88 -34.49
C LEU D 163 49.15 -10.22 -34.54
N GLY D 164 48.99 -10.94 -35.64
CA GLY D 164 49.59 -12.25 -35.79
C GLY D 164 51.09 -12.26 -35.55
N TYR D 165 51.79 -11.27 -36.11
CA TYR D 165 53.23 -11.19 -35.96
C TYR D 165 53.63 -10.70 -34.57
N THR D 166 52.99 -9.64 -34.10
CA THR D 166 53.26 -9.10 -32.78
C THR D 166 53.04 -10.13 -31.68
N VAL D 167 52.24 -11.15 -32.00
CA VAL D 167 51.95 -12.24 -31.05
C VAL D 167 53.03 -13.31 -31.10
N ALA D 168 53.25 -13.87 -32.29
CA ALA D 168 54.31 -14.86 -32.48
C ALA D 168 55.63 -14.33 -31.93
N TRP D 169 55.87 -13.05 -32.17
CA TRP D 169 57.02 -12.35 -31.61
C TRP D 169 57.10 -12.59 -30.11
N PHE D 170 56.08 -12.11 -29.40
CA PHE D 170 55.99 -12.25 -27.95
C PHE D 170 56.15 -13.70 -27.50
N LEU D 171 55.35 -14.59 -28.07
CA LEU D 171 55.40 -16.01 -27.71
C LEU D 171 56.80 -16.60 -27.84
N GLY D 172 57.43 -16.34 -28.99
CA GLY D 172 58.77 -16.83 -29.26
C GLY D 172 59.76 -16.43 -28.19
N GLU D 173 59.65 -15.19 -27.72
CA GLU D 173 60.52 -14.69 -26.66
C GLU D 173 60.23 -15.38 -25.33
N VAL D 174 58.95 -15.59 -25.05
CA VAL D 174 58.55 -16.24 -23.80
C VAL D 174 59.05 -17.68 -23.74
N ALA D 175 58.93 -18.40 -24.84
CA ALA D 175 59.46 -19.75 -24.93
C ALA D 175 60.96 -19.72 -24.70
N HIS D 176 61.58 -18.60 -25.07
CA HIS D 176 63.01 -18.43 -24.93
C HIS D 176 63.39 -18.16 -23.47
N LEU D 177 62.70 -17.21 -22.85
CA LEU D 177 63.01 -16.81 -21.48
C LEU D 177 62.58 -17.82 -20.43
N ASP D 178 61.66 -18.70 -20.80
CA ASP D 178 61.13 -19.69 -19.87
C ASP D 178 61.62 -21.09 -20.24
N SER D 179 61.94 -21.90 -19.24
CA SER D 179 62.50 -23.23 -19.48
C SER D 179 61.80 -24.31 -18.66
N GLN D 180 61.07 -23.90 -17.64
CA GLN D 180 60.35 -24.85 -16.79
C GLN D 180 58.99 -25.21 -17.38
N HIS D 181 58.14 -24.21 -17.54
CA HIS D 181 56.77 -24.43 -17.95
C HIS D 181 56.65 -24.79 -19.44
N ALA D 182 55.81 -25.78 -19.72
CA ALA D 182 55.36 -26.00 -21.09
C ALA D 182 54.51 -24.79 -21.45
N ILE D 183 54.31 -24.54 -22.74
CA ILE D 183 53.53 -23.37 -23.13
C ILE D 183 52.42 -23.70 -24.12
N VAL D 184 51.19 -23.38 -23.72
CA VAL D 184 50.02 -23.62 -24.55
C VAL D 184 49.50 -22.31 -25.12
N ALA D 185 49.31 -22.27 -26.45
CA ALA D 185 48.85 -21.06 -27.13
C ALA D 185 47.53 -21.31 -27.86
N HIS D 186 46.43 -20.90 -27.24
CA HIS D 186 45.10 -21.11 -27.81
C HIS D 186 44.68 -19.90 -28.63
N PHE D 187 44.21 -20.14 -29.85
CA PHE D 187 43.79 -19.06 -30.73
C PHE D 187 42.35 -19.21 -31.17
N HIS D 188 41.61 -18.10 -31.17
CA HIS D 188 40.19 -18.11 -31.52
C HIS D 188 39.89 -17.32 -32.79
N GLU D 189 39.44 -18.03 -33.81
CA GLU D 189 39.02 -17.43 -35.08
C GLU D 189 40.19 -16.95 -35.94
N TRP D 190 39.97 -16.91 -37.25
CA TRP D 190 41.02 -16.59 -38.20
C TRP D 190 41.63 -15.21 -37.99
N LEU D 191 40.83 -14.27 -37.49
CA LEU D 191 41.33 -12.92 -37.20
C LEU D 191 42.47 -12.95 -36.17
N ALA D 192 42.70 -14.12 -35.58
CA ALA D 192 43.77 -14.30 -34.61
C ALA D 192 44.56 -15.57 -34.91
N GLY D 193 44.50 -16.01 -36.16
CA GLY D 193 45.16 -17.24 -36.56
C GLY D 193 46.47 -17.02 -37.28
N VAL D 194 46.76 -15.76 -37.61
CA VAL D 194 47.98 -15.41 -38.32
C VAL D 194 49.21 -15.97 -37.62
N ALA D 195 49.25 -15.84 -36.30
CA ALA D 195 50.41 -16.26 -35.52
C ALA D 195 50.61 -17.78 -35.51
N LEU D 196 49.68 -18.52 -36.09
CA LEU D 196 49.74 -19.98 -36.06
C LEU D 196 50.66 -20.61 -37.11
N PRO D 197 50.54 -20.19 -38.38
CA PRO D 197 51.48 -20.68 -39.38
C PRO D 197 52.93 -20.33 -39.01
N LEU D 198 53.13 -19.17 -38.42
CA LEU D 198 54.45 -18.75 -37.98
C LEU D 198 55.05 -19.75 -37.01
N CYS D 199 54.45 -19.85 -35.81
CA CYS D 199 54.93 -20.77 -34.79
C CYS D 199 55.32 -22.13 -35.36
N ARG D 200 54.53 -22.63 -36.30
CA ARG D 200 54.82 -23.91 -36.95
C ARG D 200 56.14 -23.85 -37.72
N LYS D 201 56.30 -22.81 -38.54
CA LYS D 201 57.55 -22.59 -39.27
C LYS D 201 58.70 -22.39 -38.29
N ARG D 202 58.70 -21.22 -37.64
CA ARG D 202 59.75 -20.83 -36.72
C ARG D 202 60.07 -21.91 -35.70
N ARG D 203 59.22 -22.93 -35.63
CA ARG D 203 59.47 -24.10 -34.79
C ARG D 203 59.53 -23.72 -33.31
N ILE D 204 58.88 -22.62 -32.95
CA ILE D 204 58.84 -22.18 -31.56
C ILE D 204 58.41 -23.34 -30.67
N ASP D 205 58.86 -23.32 -29.41
CA ASP D 205 58.55 -24.40 -28.49
C ASP D 205 57.29 -24.11 -27.68
N VAL D 206 56.15 -24.18 -28.35
CA VAL D 206 54.86 -23.96 -27.71
C VAL D 206 53.78 -24.80 -28.39
N VAL D 207 52.98 -25.49 -27.58
CA VAL D 207 51.84 -26.24 -28.13
C VAL D 207 50.72 -25.25 -28.45
N THR D 208 50.10 -25.42 -29.61
CA THR D 208 49.08 -24.48 -30.06
C THR D 208 47.74 -25.15 -30.33
N ILE D 209 46.66 -24.43 -30.05
CA ILE D 209 45.31 -24.90 -30.32
C ILE D 209 44.57 -23.85 -31.14
N PHE D 210 43.80 -24.29 -32.11
CA PHE D 210 42.97 -23.38 -32.89
C PHE D 210 41.50 -23.75 -32.81
N THR D 211 40.68 -22.80 -32.40
CA THR D 211 39.23 -22.98 -32.38
C THR D 211 38.59 -22.05 -33.39
N THR D 212 37.72 -22.59 -34.23
CA THR D 212 36.96 -21.76 -35.15
C THR D 212 35.48 -21.79 -34.77
N HIS D 213 34.89 -20.60 -34.65
CA HIS D 213 33.51 -20.46 -34.20
C HIS D 213 32.57 -20.34 -35.39
N ALA D 214 33.07 -20.74 -36.55
CA ALA D 214 32.32 -20.72 -37.80
C ALA D 214 33.31 -21.07 -38.90
N THR D 215 32.90 -20.89 -40.15
CA THR D 215 33.84 -20.96 -41.27
C THR D 215 33.50 -19.89 -42.31
N LEU D 216 34.52 -19.29 -42.89
CA LEU D 216 34.33 -18.22 -43.88
C LEU D 216 33.48 -18.69 -45.05
N LEU D 217 33.87 -19.79 -45.67
CA LEU D 217 33.09 -20.36 -46.76
C LEU D 217 31.67 -20.63 -46.28
N GLY D 218 31.55 -21.14 -45.06
CA GLY D 218 30.27 -21.47 -44.46
C GLY D 218 29.29 -20.33 -44.49
N ARG D 219 29.66 -19.19 -43.92
CA ARG D 219 28.78 -18.03 -43.89
C ARG D 219 28.33 -17.64 -45.29
N TYR D 220 29.31 -17.34 -46.13
CA TYR D 220 29.04 -16.79 -47.46
C TYR D 220 28.16 -17.68 -48.32
N LEU D 221 28.43 -18.97 -48.32
CA LEU D 221 27.59 -19.91 -49.08
C LEU D 221 26.15 -19.83 -48.60
N CYS D 222 25.97 -19.70 -47.29
CA CYS D 222 24.63 -19.64 -46.69
C CYS D 222 24.01 -18.24 -46.77
N ALA D 223 24.78 -17.28 -47.27
CA ALA D 223 24.33 -15.89 -47.32
C ALA D 223 23.48 -15.59 -48.56
N SER D 224 23.19 -16.63 -49.35
CA SER D 224 22.38 -16.47 -50.55
C SER D 224 21.06 -17.24 -50.45
N GLY D 225 21.01 -18.42 -51.06
CA GLY D 225 19.82 -19.25 -51.04
C GLY D 225 19.91 -20.42 -52.00
N ASP D 228 20.52 -24.98 -51.57
CA ASP D 228 20.99 -25.94 -50.56
C ASP D 228 22.37 -25.54 -50.06
N PHE D 229 22.83 -26.23 -49.03
CA PHE D 229 24.17 -26.02 -48.50
C PHE D 229 24.63 -27.23 -47.69
N TYR D 230 23.83 -27.64 -46.71
CA TYR D 230 24.19 -28.74 -45.84
C TYR D 230 24.25 -30.08 -46.57
N ASN D 231 23.76 -30.08 -47.82
CA ASN D 231 23.84 -31.26 -48.66
C ASN D 231 24.93 -31.11 -49.72
N CYS D 232 24.79 -30.11 -50.58
CA CYS D 232 25.78 -29.86 -51.63
C CYS D 232 26.92 -28.98 -51.14
N LEU D 233 27.77 -29.54 -50.27
CA LEU D 233 28.90 -28.80 -49.74
C LEU D 233 30.10 -29.73 -49.57
N GLU D 234 29.82 -31.02 -49.46
CA GLU D 234 30.89 -32.01 -49.42
C GLU D 234 31.72 -31.94 -50.69
N SER D 235 31.12 -31.37 -51.73
CA SER D 235 31.72 -31.40 -53.06
C SER D 235 32.04 -30.02 -53.66
N VAL D 236 31.94 -28.97 -52.86
CA VAL D 236 32.29 -27.64 -53.35
C VAL D 236 33.79 -27.50 -53.56
N ASP D 237 34.17 -26.63 -54.48
CA ASP D 237 35.58 -26.30 -54.67
C ASP D 237 35.94 -25.12 -53.78
N VAL D 238 36.65 -25.40 -52.70
CA VAL D 238 36.98 -24.38 -51.72
C VAL D 238 37.70 -23.18 -52.32
N ASP D 239 38.76 -23.44 -53.08
CA ASP D 239 39.59 -22.38 -53.63
C ASP D 239 38.83 -21.48 -54.62
N HIS D 240 37.84 -22.04 -55.30
CA HIS D 240 37.07 -21.26 -56.26
C HIS D 240 36.07 -20.34 -55.58
N GLU D 241 35.29 -20.89 -54.64
CA GLU D 241 34.30 -20.10 -53.93
C GLU D 241 34.97 -18.98 -53.15
N ALA D 242 36.15 -19.25 -52.60
CA ALA D 242 36.92 -18.24 -51.91
C ALA D 242 37.14 -17.04 -52.82
N GLY D 243 37.73 -17.29 -53.98
CA GLY D 243 37.92 -16.25 -54.98
C GLY D 243 36.59 -15.71 -55.47
N ARG D 244 35.65 -16.62 -55.71
CA ARG D 244 34.31 -16.25 -56.16
C ARG D 244 33.69 -15.17 -55.27
N PHE D 245 33.86 -15.31 -53.96
CA PHE D 245 33.32 -14.35 -53.00
C PHE D 245 34.28 -13.19 -52.71
N GLY D 246 35.50 -13.29 -53.23
CA GLY D 246 36.52 -12.29 -52.97
C GLY D 246 37.05 -12.41 -51.56
N ILE D 247 37.16 -13.66 -51.09
CA ILE D 247 37.51 -13.94 -49.71
C ILE D 247 38.74 -14.84 -49.65
N TYR D 248 39.43 -14.98 -50.77
CA TYR D 248 40.52 -15.95 -50.87
C TYR D 248 41.62 -15.75 -49.83
N HIS D 249 42.14 -14.53 -49.72
CA HIS D 249 43.20 -14.25 -48.77
C HIS D 249 42.75 -14.55 -47.34
N ARG D 250 41.57 -14.04 -46.97
CA ARG D 250 40.99 -14.34 -45.67
C ARG D 250 40.88 -15.85 -45.46
N TYR D 251 40.37 -16.54 -46.48
CA TYR D 251 40.22 -17.99 -46.40
C TYR D 251 41.56 -18.68 -46.17
N CYS D 252 42.62 -18.10 -46.73
CA CYS D 252 43.95 -18.70 -46.62
C CYS D 252 44.46 -18.66 -45.17
N ILE D 253 44.15 -17.58 -44.46
CA ILE D 253 44.58 -17.47 -43.06
C ILE D 253 43.82 -18.46 -42.18
N GLU D 254 42.54 -18.67 -42.51
CA GLU D 254 41.72 -19.60 -41.76
C GLU D 254 42.24 -21.02 -41.93
N ARG D 255 42.53 -21.38 -43.18
CA ARG D 255 43.06 -22.69 -43.51
C ARG D 255 44.44 -22.88 -42.89
N ALA D 256 45.30 -21.89 -43.09
CA ALA D 256 46.65 -21.92 -42.53
C ALA D 256 46.58 -22.16 -41.02
N ALA D 257 45.90 -21.27 -40.32
CA ALA D 257 45.70 -21.40 -38.89
C ALA D 257 45.17 -22.79 -38.54
N ALA D 258 44.21 -23.26 -39.35
CA ALA D 258 43.59 -24.55 -39.12
C ALA D 258 44.57 -25.71 -39.25
N HIS D 259 45.55 -25.57 -40.14
CA HIS D 259 46.50 -26.64 -40.39
C HIS D 259 47.74 -26.56 -39.49
N SER D 260 48.21 -25.35 -39.23
CA SER D 260 49.41 -25.15 -38.43
C SER D 260 49.29 -25.73 -37.03
N ALA D 261 48.21 -25.40 -36.34
CA ALA D 261 48.04 -25.73 -34.92
C ALA D 261 48.07 -27.22 -34.60
N ASP D 262 48.61 -27.55 -33.44
CA ASP D 262 48.66 -28.93 -32.96
C ASP D 262 47.27 -29.53 -32.87
N VAL D 263 46.35 -28.79 -32.27
CA VAL D 263 44.97 -29.26 -32.08
C VAL D 263 43.97 -28.31 -32.73
N PHE D 264 43.15 -28.85 -33.63
CA PHE D 264 42.12 -28.06 -34.31
C PHE D 264 40.72 -28.43 -33.84
N THR D 265 39.96 -27.44 -33.39
CA THR D 265 38.63 -27.68 -32.85
C THR D 265 37.61 -26.66 -33.36
N THR D 266 36.33 -27.04 -33.30
CA THR D 266 35.25 -26.11 -33.55
C THR D 266 34.25 -26.15 -32.39
N VAL D 267 33.23 -25.30 -32.45
CA VAL D 267 32.33 -25.13 -31.31
C VAL D 267 31.20 -26.16 -31.25
N SER D 268 30.88 -26.74 -32.40
CA SER D 268 29.82 -27.76 -32.46
C SER D 268 30.13 -28.84 -33.48
N GLN D 269 29.41 -29.95 -33.39
CA GLN D 269 29.58 -31.03 -34.35
C GLN D 269 29.14 -30.63 -35.76
N ILE D 270 28.06 -29.88 -35.85
CA ILE D 270 27.56 -29.44 -37.15
C ILE D 270 28.58 -28.57 -37.87
N THR D 271 29.35 -27.80 -37.11
CA THR D 271 30.40 -26.96 -37.68
C THR D 271 31.67 -27.76 -37.92
N ALA D 272 31.84 -28.82 -37.15
CA ALA D 272 32.99 -29.72 -37.32
C ALA D 272 32.86 -30.47 -38.62
N PHE D 273 31.63 -30.53 -39.14
CA PHE D 273 31.35 -31.14 -40.41
C PHE D 273 31.79 -30.23 -41.55
N GLU D 274 31.29 -29.00 -41.53
CA GLU D 274 31.62 -28.04 -42.58
C GLU D 274 33.09 -27.65 -42.55
N ALA D 275 33.72 -27.79 -41.39
CA ALA D 275 35.13 -27.45 -41.23
C ALA D 275 36.02 -28.49 -41.91
N GLU D 276 35.58 -29.75 -41.87
CA GLU D 276 36.33 -30.84 -42.47
C GLU D 276 36.31 -30.76 -43.99
N HIS D 277 35.19 -30.29 -44.53
CA HIS D 277 34.99 -30.24 -45.97
C HIS D 277 35.36 -28.90 -46.58
N LEU D 278 35.46 -27.87 -45.75
CA LEU D 278 35.75 -26.53 -46.24
C LEU D 278 37.10 -25.99 -45.76
N LEU D 279 37.68 -26.68 -44.79
CA LEU D 279 39.02 -26.34 -44.31
C LEU D 279 39.93 -27.56 -44.43
N LYS D 280 39.38 -28.63 -44.99
CA LYS D 280 40.11 -29.87 -45.21
C LYS D 280 40.93 -30.31 -44.00
N ARG D 281 40.25 -30.47 -42.87
CA ARG D 281 40.84 -31.10 -41.69
C ARG D 281 39.79 -31.41 -40.64
N LYS D 282 39.47 -32.69 -40.50
CA LYS D 282 38.55 -33.14 -39.47
C LYS D 282 39.04 -32.70 -38.10
N PRO D 283 38.23 -31.88 -37.41
CA PRO D 283 38.62 -31.36 -36.09
C PRO D 283 38.86 -32.47 -35.08
N ASP D 284 39.81 -32.25 -34.17
CA ASP D 284 40.17 -33.22 -33.15
C ASP D 284 39.06 -33.39 -32.12
N GLY D 285 38.18 -32.39 -32.02
CA GLY D 285 37.09 -32.44 -31.07
C GLY D 285 36.24 -31.19 -31.06
N ILE D 286 35.29 -31.15 -30.15
CA ILE D 286 34.38 -30.02 -30.04
C ILE D 286 34.60 -29.27 -28.73
N LEU D 287 34.54 -27.94 -28.80
CA LEU D 287 34.54 -27.11 -27.61
C LEU D 287 33.25 -26.31 -27.57
N PRO D 288 32.16 -26.93 -27.07
CA PRO D 288 30.88 -26.26 -26.98
C PRO D 288 30.97 -25.03 -26.09
N ASN D 289 30.15 -24.02 -26.35
CA ASN D 289 30.14 -22.82 -25.54
C ASN D 289 29.34 -22.99 -24.26
N GLY D 290 29.97 -22.75 -23.13
CA GLY D 290 29.29 -22.84 -21.85
C GLY D 290 28.80 -21.49 -21.37
N LEU D 291 28.16 -21.48 -20.21
CA LEU D 291 27.66 -20.25 -19.61
C LEU D 291 28.00 -20.22 -18.13
N ASN D 292 28.19 -19.03 -17.59
CA ASN D 292 28.41 -18.86 -16.16
C ASN D 292 27.06 -18.91 -15.45
N VAL D 293 26.46 -20.09 -15.41
CA VAL D 293 25.09 -20.24 -14.91
C VAL D 293 24.97 -19.93 -13.43
N ILE D 294 24.25 -18.85 -13.14
CA ILE D 294 24.02 -18.45 -11.75
C ILE D 294 22.83 -19.24 -11.18
N LYS D 295 23.09 -20.00 -10.13
CA LYS D 295 22.05 -20.87 -9.58
C LYS D 295 21.42 -20.28 -8.31
N PHE D 296 20.14 -20.59 -8.12
CA PHE D 296 19.39 -20.10 -6.98
C PHE D 296 19.50 -21.06 -5.81
N GLN D 297 19.54 -20.52 -4.59
CA GLN D 297 19.60 -21.36 -3.41
C GLN D 297 18.41 -22.33 -3.39
N ALA D 298 17.24 -21.81 -3.74
CA ALA D 298 16.03 -22.63 -3.84
C ALA D 298 15.76 -22.99 -5.29
N PHE D 299 15.81 -24.28 -5.61
CA PHE D 299 15.69 -24.74 -7.00
C PHE D 299 14.39 -24.29 -7.68
N HIS D 300 13.32 -24.21 -6.91
CA HIS D 300 12.02 -23.86 -7.47
C HIS D 300 11.89 -22.34 -7.70
N GLU D 301 12.91 -21.58 -7.32
CA GLU D 301 12.84 -20.12 -7.42
C GLU D 301 12.59 -19.64 -8.85
N PHE D 302 13.30 -20.22 -9.81
CA PHE D 302 13.14 -19.81 -11.21
C PHE D 302 11.67 -19.92 -11.60
N GLN D 303 10.94 -20.74 -10.88
CA GLN D 303 9.53 -20.97 -11.15
C GLN D 303 8.70 -19.78 -10.66
N ASN D 304 9.06 -19.24 -9.51
CA ASN D 304 8.41 -18.04 -8.99
C ASN D 304 8.71 -16.83 -9.88
N LEU D 305 9.96 -16.73 -10.34
CA LEU D 305 10.36 -15.68 -11.25
C LEU D 305 9.54 -15.72 -12.53
N HIS D 306 9.34 -16.91 -13.08
CA HIS D 306 8.52 -17.06 -14.27
C HIS D 306 7.14 -16.44 -14.05
N ALA D 307 6.55 -16.72 -12.90
CA ALA D 307 5.20 -16.25 -12.61
C ALA D 307 5.14 -14.74 -12.49
N LEU D 308 6.15 -14.14 -11.87
CA LEU D 308 6.21 -12.68 -11.72
C LEU D 308 6.43 -11.99 -13.06
N LYS D 309 7.42 -12.47 -13.79
CA LYS D 309 7.74 -11.92 -15.10
C LYS D 309 6.57 -12.02 -16.07
N LYS D 310 5.80 -13.10 -15.98
CA LYS D 310 4.67 -13.31 -16.88
C LYS D 310 3.57 -12.29 -16.63
N GLU D 311 3.39 -11.87 -15.38
CA GLU D 311 2.41 -10.84 -15.08
C GLU D 311 2.76 -9.49 -15.72
N LYS D 312 4.06 -9.24 -15.89
CA LYS D 312 4.49 -8.05 -16.62
C LYS D 312 4.11 -8.15 -18.09
N ILE D 313 4.32 -9.32 -18.69
CA ILE D 313 3.88 -9.55 -20.07
C ILE D 313 2.37 -9.44 -20.14
N ASN D 314 1.68 -10.00 -19.15
CA ASN D 314 0.22 -9.92 -19.09
C ASN D 314 -0.26 -8.48 -19.16
N ASP D 315 0.41 -7.61 -18.40
CA ASP D 315 0.07 -6.20 -18.33
C ASP D 315 0.23 -5.54 -19.71
N PHE D 316 1.36 -5.78 -20.36
CA PHE D 316 1.55 -5.30 -21.73
C PHE D 316 0.44 -5.77 -22.66
N VAL D 317 0.11 -7.06 -22.58
CA VAL D 317 -0.88 -7.65 -23.47
C VAL D 317 -2.26 -7.02 -23.34
N ARG D 318 -2.69 -6.76 -22.11
CA ARG D 318 -3.98 -6.10 -21.88
C ARG D 318 -4.00 -4.72 -22.55
N GLY D 319 -2.88 -4.01 -22.49
CA GLY D 319 -2.78 -2.72 -23.14
C GLY D 319 -2.84 -2.84 -24.65
N HIS D 320 -2.12 -3.82 -25.19
CA HIS D 320 -2.06 -3.99 -26.63
C HIS D 320 -3.40 -4.41 -27.22
N PHE D 321 -4.13 -5.26 -26.49
CA PHE D 321 -5.41 -5.76 -26.95
C PHE D 321 -6.61 -5.02 -26.37
N HIS D 322 -6.36 -3.84 -25.79
CA HIS D 322 -7.43 -3.05 -25.18
C HIS D 322 -8.58 -2.86 -26.17
N GLY D 323 -9.81 -2.98 -25.68
CA GLY D 323 -10.98 -2.85 -26.53
C GLY D 323 -11.25 -4.08 -27.38
N CYS D 324 -10.32 -5.03 -27.37
CA CYS D 324 -10.46 -6.27 -28.11
C CYS D 324 -9.94 -7.43 -27.27
N PHE D 325 -10.24 -7.39 -25.98
CA PHE D 325 -9.72 -8.38 -25.05
C PHE D 325 -10.76 -9.46 -24.81
N ASP D 326 -10.72 -10.51 -25.63
CA ASP D 326 -11.75 -11.55 -25.61
C ASP D 326 -11.20 -12.93 -25.28
N PHE D 327 -9.96 -13.00 -24.81
CA PHE D 327 -9.40 -14.28 -24.39
C PHE D 327 -8.93 -14.26 -22.94
N ASP D 328 -8.67 -15.45 -22.40
CA ASP D 328 -8.29 -15.61 -21.00
C ASP D 328 -6.77 -15.78 -20.88
N LEU D 329 -6.13 -14.87 -20.15
CA LEU D 329 -4.68 -14.92 -20.01
C LEU D 329 -4.20 -16.14 -19.21
N ASP D 330 -5.09 -16.70 -18.39
CA ASP D 330 -4.78 -17.90 -17.65
C ASP D 330 -4.73 -19.11 -18.59
N ASN D 331 -5.26 -18.93 -19.79
CA ASN D 331 -5.24 -19.97 -20.80
C ASN D 331 -4.53 -19.47 -22.05
N THR D 332 -3.46 -18.71 -21.86
CA THR D 332 -2.71 -18.12 -22.95
C THR D 332 -1.24 -18.48 -22.85
N LEU D 333 -0.63 -18.83 -23.98
CA LEU D 333 0.78 -19.18 -24.00
C LEU D 333 1.58 -18.11 -24.75
N TYR D 334 2.81 -17.87 -24.30
CA TYR D 334 3.66 -16.87 -24.94
C TYR D 334 4.83 -17.52 -25.66
N PHE D 335 4.88 -17.37 -26.98
CA PHE D 335 5.97 -17.85 -27.81
C PHE D 335 6.81 -16.65 -28.21
N PHE D 336 8.10 -16.86 -28.42
CA PHE D 336 8.92 -15.78 -28.93
C PHE D 336 10.11 -16.30 -29.73
N ILE D 337 10.53 -15.48 -30.67
CA ILE D 337 11.80 -15.65 -31.35
C ILE D 337 12.59 -14.35 -31.16
N ALA D 338 13.91 -14.46 -31.03
CA ALA D 338 14.74 -13.28 -30.82
C ALA D 338 16.13 -13.47 -31.38
N GLY D 339 16.77 -12.37 -31.76
CA GLY D 339 18.12 -12.40 -32.31
C GLY D 339 18.31 -11.27 -33.31
N ARG D 340 19.49 -11.22 -33.92
CA ARG D 340 19.73 -10.27 -35.00
C ARG D 340 18.66 -10.47 -36.06
N TYR D 341 18.37 -9.40 -36.80
CA TYR D 341 17.36 -9.46 -37.85
C TYR D 341 17.93 -10.14 -39.08
N GLU D 342 17.90 -11.47 -39.08
CA GLU D 342 18.31 -12.27 -40.23
C GLU D 342 17.14 -13.15 -40.67
N TYR D 343 16.26 -12.57 -41.47
CA TYR D 343 14.98 -13.15 -41.83
C TYR D 343 15.02 -14.64 -42.19
N LYS D 344 15.99 -15.02 -43.02
CA LYS D 344 16.10 -16.39 -43.49
C LYS D 344 16.95 -17.21 -42.54
N ASN D 345 18.10 -16.67 -42.21
CA ASN D 345 19.11 -17.40 -41.44
C ASN D 345 18.68 -17.76 -40.02
N LYS D 346 17.78 -16.97 -39.45
CA LYS D 346 17.29 -17.23 -38.09
C LYS D 346 15.92 -17.88 -38.16
N GLY D 347 15.38 -17.99 -39.36
CA GLY D 347 14.14 -18.70 -39.56
C GLY D 347 12.90 -17.95 -39.13
N ALA D 348 12.94 -16.63 -39.26
CA ALA D 348 11.75 -15.82 -39.01
C ALA D 348 10.64 -16.23 -39.97
N ASP D 349 11.03 -16.58 -41.20
CA ASP D 349 10.08 -17.05 -42.21
C ASP D 349 9.39 -18.37 -41.85
N MET D 350 10.17 -19.35 -41.37
CA MET D 350 9.58 -20.61 -40.90
C MET D 350 8.67 -20.31 -39.71
N PHE D 351 9.17 -19.49 -38.78
CA PHE D 351 8.43 -19.17 -37.58
C PHE D 351 7.05 -18.63 -37.91
N ILE D 352 6.98 -17.66 -38.81
CA ILE D 352 5.70 -17.04 -39.14
C ILE D 352 4.79 -17.97 -39.94
N GLU D 353 5.35 -18.67 -40.92
CA GLU D 353 4.59 -19.64 -41.70
C GLU D 353 4.04 -20.76 -40.81
N ALA D 354 4.86 -21.22 -39.87
CA ALA D 354 4.42 -22.24 -38.92
C ALA D 354 3.27 -21.76 -38.05
N LEU D 355 3.35 -20.51 -37.58
CA LEU D 355 2.32 -19.92 -36.73
C LEU D 355 1.00 -19.75 -37.46
N ALA D 356 1.07 -19.44 -38.75
CA ALA D 356 -0.12 -19.36 -39.58
C ALA D 356 -0.79 -20.73 -39.73
N ARG D 357 0.01 -21.77 -39.81
CA ARG D 357 -0.51 -23.14 -39.90
C ARG D 357 -1.00 -23.61 -38.54
N LEU D 358 -0.26 -23.24 -37.48
CA LEU D 358 -0.69 -23.54 -36.13
C LEU D 358 -2.06 -22.95 -35.89
N ASN D 359 -2.21 -21.69 -36.28
CA ASN D 359 -3.48 -21.00 -36.12
C ASN D 359 -4.64 -21.80 -36.72
N TYR D 360 -4.48 -22.21 -37.97
CA TYR D 360 -5.48 -23.01 -38.67
C TYR D 360 -5.82 -24.30 -37.93
N ARG D 361 -4.79 -25.00 -37.46
CA ARG D 361 -5.00 -26.24 -36.72
C ARG D 361 -5.79 -26.03 -35.43
N LEU D 362 -5.44 -24.96 -34.70
CA LEU D 362 -6.09 -24.64 -33.44
C LEU D 362 -7.55 -24.25 -33.65
N LYS D 363 -7.83 -23.56 -34.76
CA LYS D 363 -9.21 -23.20 -35.08
C LYS D 363 -10.03 -24.40 -35.53
N VAL D 364 -9.41 -25.26 -36.35
CA VAL D 364 -10.08 -26.47 -36.81
C VAL D 364 -10.42 -27.37 -35.63
N SER D 365 -9.47 -27.56 -34.72
CA SER D 365 -9.64 -28.50 -33.61
C SER D 365 -10.49 -27.94 -32.47
N GLY D 366 -10.89 -26.69 -32.56
CA GLY D 366 -11.74 -26.08 -31.55
C GLY D 366 -11.04 -25.78 -30.24
N SER D 367 -9.71 -25.69 -30.27
CA SER D 367 -8.95 -25.35 -29.08
C SER D 367 -9.46 -24.07 -28.42
N LYS D 368 -9.29 -23.97 -27.11
CA LYS D 368 -9.72 -22.79 -26.37
C LYS D 368 -8.52 -22.00 -25.90
N LYS D 369 -7.33 -22.54 -26.18
CA LYS D 369 -6.10 -21.87 -25.81
C LYS D 369 -5.79 -20.74 -26.78
N THR D 370 -4.98 -19.78 -26.34
CA THR D 370 -4.54 -18.69 -27.19
C THR D 370 -3.03 -18.60 -27.16
N VAL D 371 -2.42 -18.37 -28.32
CA VAL D 371 -0.98 -18.17 -28.38
C VAL D 371 -0.68 -16.75 -28.81
N VAL D 372 0.05 -16.01 -27.98
CA VAL D 372 0.57 -14.72 -28.42
C VAL D 372 2.04 -14.90 -28.76
N ALA D 373 2.39 -14.59 -30.00
CA ALA D 373 3.77 -14.77 -30.45
C ALA D 373 4.51 -13.43 -30.57
N PHE D 374 5.70 -13.37 -29.99
CA PHE D 374 6.53 -12.17 -30.05
C PHE D 374 7.70 -12.37 -31.01
N ILE D 375 7.91 -11.40 -31.90
CA ILE D 375 9.11 -11.36 -32.71
C ILE D 375 9.97 -10.18 -32.25
N VAL D 376 11.10 -10.48 -31.63
CA VAL D 376 11.95 -9.44 -31.09
C VAL D 376 13.23 -9.37 -31.89
N MET D 377 13.21 -8.62 -32.99
CA MET D 377 14.37 -8.44 -33.86
C MET D 377 14.51 -6.97 -34.24
N PRO D 378 15.66 -6.37 -33.94
CA PRO D 378 15.87 -4.93 -34.12
C PRO D 378 15.78 -4.52 -35.58
N ALA D 379 14.93 -3.53 -35.86
CA ALA D 379 14.82 -3.00 -37.20
C ALA D 379 14.75 -1.46 -37.15
N LYS D 380 15.01 -0.82 -38.28
CA LYS D 380 14.94 0.64 -38.36
C LYS D 380 13.54 1.15 -38.03
N ASN D 381 13.43 1.93 -36.95
CA ASN D 381 12.13 2.43 -36.52
C ASN D 381 12.21 3.85 -35.97
N ASN D 382 11.06 4.52 -35.89
CA ASN D 382 10.95 5.82 -35.25
C ASN D 382 10.29 5.71 -33.88
N SER D 383 10.66 4.67 -33.13
CA SER D 383 10.17 4.45 -31.78
C SER D 383 8.71 4.01 -31.71
N PHE D 384 8.21 3.82 -30.49
CA PHE D 384 6.86 3.32 -30.26
C PHE D 384 5.77 4.16 -30.93
N THR D 385 4.66 3.51 -31.29
CA THR D 385 3.53 4.23 -31.85
C THR D 385 2.75 4.93 -30.75
N VAL D 386 1.93 5.91 -31.14
CA VAL D 386 1.07 6.59 -30.19
C VAL D 386 0.05 5.62 -29.61
N GLU D 387 -0.48 4.76 -30.48
CA GLU D 387 -1.45 3.76 -30.08
C GLU D 387 -0.91 2.86 -28.97
N ALA D 388 0.33 2.39 -29.14
CA ALA D 388 0.96 1.58 -28.12
C ALA D 388 1.04 2.28 -26.76
N LEU D 389 1.51 3.53 -26.76
CA LEU D 389 1.65 4.28 -25.51
C LEU D 389 0.30 4.66 -24.92
N LYS D 390 -0.60 5.06 -25.80
CA LYS D 390 -1.95 5.47 -25.43
C LYS D 390 -2.68 4.33 -24.74
N GLY D 391 -2.68 3.15 -25.37
CA GLY D 391 -3.35 2.00 -24.82
C GLY D 391 -2.87 1.65 -23.43
N GLN D 392 -1.55 1.60 -23.24
CA GLN D 392 -0.99 1.25 -21.95
C GLN D 392 -1.36 2.29 -20.88
N ALA D 393 -1.48 3.56 -21.28
CA ALA D 393 -1.88 4.61 -20.33
C ALA D 393 -3.33 4.46 -19.89
N GLU D 394 -4.21 4.20 -20.86
CA GLU D 394 -5.62 4.02 -20.57
C GLU D 394 -5.92 2.80 -19.67
N VAL D 395 -5.08 1.78 -19.76
CA VAL D 395 -5.21 0.64 -18.87
C VAL D 395 -4.75 1.02 -17.47
N ARG D 396 -3.66 1.78 -17.41
CA ARG D 396 -3.15 2.29 -16.14
C ARG D 396 -4.20 3.15 -15.45
N ALA D 397 -4.92 3.96 -16.23
CA ALA D 397 -5.96 4.81 -15.67
C ALA D 397 -7.11 4.00 -15.09
N LEU D 398 -7.48 2.93 -15.78
CA LEU D 398 -8.53 2.03 -15.28
C LEU D 398 -8.11 1.36 -13.97
N GLU D 399 -6.86 0.91 -13.91
CA GLU D 399 -6.33 0.30 -12.69
C GLU D 399 -6.43 1.26 -11.50
N ASN D 400 -6.07 2.51 -11.72
CA ASN D 400 -6.12 3.51 -10.67
C ASN D 400 -7.54 3.77 -10.21
N THR D 401 -8.45 3.89 -11.16
CA THR D 401 -9.85 4.09 -10.84
C THR D 401 -10.41 2.89 -10.06
N VAL D 402 -10.06 1.68 -10.47
CA VAL D 402 -10.48 0.49 -9.74
C VAL D 402 -9.94 0.50 -8.31
N HIS D 403 -8.68 0.86 -8.14
CA HIS D 403 -8.08 0.93 -6.81
CA HIS D 403 -8.08 0.93 -6.81
C HIS D 403 -8.87 1.88 -5.90
N GLU D 404 -9.21 3.05 -6.43
CA GLU D 404 -9.99 4.03 -5.67
C GLU D 404 -11.35 3.48 -5.28
N VAL D 405 -12.04 2.89 -6.25
CA VAL D 405 -13.36 2.34 -6.00
C VAL D 405 -13.34 1.27 -4.91
N THR D 406 -12.31 0.43 -4.92
CA THR D 406 -12.25 -0.67 -3.94
C THR D 406 -11.93 -0.21 -2.52
N THR D 407 -11.14 0.85 -2.36
CA THR D 407 -10.92 1.33 -0.99
C THR D 407 -12.24 1.90 -0.46
N SER D 408 -13.04 2.45 -1.36
CA SER D 408 -14.40 2.87 -1.00
C SER D 408 -15.25 1.67 -0.59
N ILE D 409 -15.23 0.62 -1.42
CA ILE D 409 -15.98 -0.60 -1.11
C ILE D 409 -15.51 -1.17 0.24
N GLY D 410 -14.20 -1.15 0.45
CA GLY D 410 -13.62 -1.68 1.68
C GLY D 410 -14.16 -0.99 2.91
N LYS D 411 -14.26 0.33 2.87
CA LYS D 411 -14.78 1.08 4.00
C LYS D 411 -16.24 0.75 4.30
N ARG D 412 -16.99 0.42 3.26
CA ARG D 412 -18.41 0.11 3.41
C ARG D 412 -18.63 -1.34 3.89
N ILE D 413 -17.74 -2.24 3.47
CA ILE D 413 -17.75 -3.60 3.98
C ILE D 413 -17.33 -3.59 5.46
N PHE D 414 -16.30 -2.81 5.76
CA PHE D 414 -15.79 -2.70 7.12
C PHE D 414 -16.85 -2.19 8.09
N ASP D 415 -17.58 -1.15 7.66
CA ASP D 415 -18.62 -0.58 8.49
C ASP D 415 -19.68 -1.61 8.81
N HIS D 416 -20.21 -2.24 7.77
CA HIS D 416 -21.20 -3.30 7.94
C HIS D 416 -20.70 -4.32 8.96
N ALA D 417 -19.47 -4.79 8.77
CA ALA D 417 -18.90 -5.86 9.59
C ALA D 417 -18.80 -5.49 11.07
N ILE D 418 -18.33 -4.28 11.37
CA ILE D 418 -18.11 -3.88 12.75
C ILE D 418 -19.40 -3.42 13.41
N ARG D 419 -20.43 -3.23 12.61
CA ARG D 419 -21.71 -2.72 13.09
C ARG D 419 -22.72 -3.85 13.32
N TYR D 420 -22.62 -4.92 12.55
CA TYR D 420 -23.46 -6.09 12.75
C TYR D 420 -23.41 -6.50 14.22
N PRO D 421 -24.57 -6.87 14.80
CA PRO D 421 -25.89 -7.00 14.17
C PRO D 421 -26.80 -5.80 14.45
N HIS D 422 -26.23 -4.63 14.72
CA HIS D 422 -27.03 -3.48 15.14
C HIS D 422 -27.58 -2.68 13.98
N ASN D 423 -28.51 -1.77 14.28
CA ASN D 423 -29.06 -0.84 13.30
C ASN D 423 -29.76 -1.52 12.13
N GLY D 424 -30.44 -2.62 12.40
CA GLY D 424 -31.23 -3.27 11.37
C GLY D 424 -30.43 -4.11 10.40
N LEU D 425 -29.16 -4.33 10.69
CA LEU D 425 -28.34 -5.24 9.90
C LEU D 425 -28.64 -6.68 10.29
N THR D 426 -29.25 -7.43 9.37
CA THR D 426 -29.67 -8.80 9.66
C THR D 426 -28.65 -9.84 9.21
N THR D 427 -27.86 -9.49 8.21
CA THR D 427 -26.81 -10.37 7.71
C THR D 427 -25.44 -9.85 8.14
N GLU D 428 -24.48 -10.76 8.30
CA GLU D 428 -23.13 -10.40 8.72
C GLU D 428 -22.41 -9.61 7.65
N LEU D 429 -22.71 -9.92 6.39
CA LEU D 429 -22.06 -9.30 5.26
C LEU D 429 -23.08 -8.61 4.36
N PRO D 430 -22.65 -7.58 3.62
CA PRO D 430 -23.53 -7.01 2.59
C PRO D 430 -23.96 -8.11 1.64
N THR D 431 -25.20 -8.05 1.15
CA THR D 431 -25.72 -9.08 0.26
C THR D 431 -26.08 -8.45 -1.09
N ASP D 432 -26.17 -7.12 -1.10
CA ASP D 432 -26.58 -6.38 -2.28
C ASP D 432 -25.45 -5.48 -2.78
N LEU D 433 -25.07 -5.65 -4.04
CA LEU D 433 -23.98 -4.87 -4.62
C LEU D 433 -24.20 -3.38 -4.43
N GLY D 434 -25.46 -2.96 -4.46
CA GLY D 434 -25.82 -1.56 -4.32
C GLY D 434 -25.35 -0.95 -3.02
N GLU D 435 -25.13 -1.77 -2.00
CA GLU D 435 -24.64 -1.27 -0.73
C GLU D 435 -23.18 -0.83 -0.85
N LEU D 436 -22.45 -1.46 -1.76
CA LEU D 436 -21.02 -1.23 -1.87
C LEU D 436 -20.64 -0.32 -3.06
N LEU D 437 -21.28 -0.54 -4.20
CA LEU D 437 -20.94 0.19 -5.42
C LEU D 437 -21.94 1.33 -5.62
N LYS D 438 -21.50 2.56 -5.43
CA LYS D 438 -22.39 3.72 -5.54
C LYS D 438 -22.41 4.30 -6.97
N SER D 439 -23.31 5.25 -7.19
CA SER D 439 -23.47 5.87 -8.51
C SER D 439 -22.21 6.55 -8.98
N SER D 440 -21.56 7.28 -8.07
CA SER D 440 -20.34 8.00 -8.41
C SER D 440 -19.24 7.06 -8.90
N ASP D 441 -19.13 5.91 -8.23
CA ASP D 441 -18.15 4.89 -8.61
C ASP D 441 -18.44 4.34 -10.01
N LYS D 442 -19.72 4.14 -10.29
CA LYS D 442 -20.13 3.54 -11.55
C LYS D 442 -19.83 4.47 -12.72
N VAL D 443 -20.05 5.77 -12.51
CA VAL D 443 -19.83 6.77 -13.55
C VAL D 443 -18.38 6.77 -14.03
N MET D 444 -17.43 6.80 -13.09
CA MET D 444 -16.03 6.89 -13.47
C MET D 444 -15.45 5.58 -14.02
N LEU D 445 -15.89 4.44 -13.48
CA LEU D 445 -15.49 3.16 -14.06
C LEU D 445 -15.94 3.09 -15.52
N LYS D 446 -17.17 3.53 -15.79
CA LYS D 446 -17.71 3.50 -17.15
C LYS D 446 -16.94 4.42 -18.10
N ARG D 447 -16.48 5.57 -17.59
CA ARG D 447 -15.68 6.48 -18.40
C ARG D 447 -14.33 5.86 -18.73
N ARG D 448 -13.80 5.07 -17.78
CA ARG D 448 -12.56 4.34 -18.03
C ARG D 448 -12.73 3.28 -19.12
N ILE D 449 -13.85 2.56 -19.05
CA ILE D 449 -14.16 1.55 -20.05
C ILE D 449 -14.32 2.20 -21.43
N LEU D 450 -14.99 3.35 -21.47
CA LEU D 450 -15.21 4.07 -22.72
C LEU D 450 -13.90 4.48 -23.38
N ALA D 451 -12.91 4.83 -22.57
CA ALA D 451 -11.62 5.27 -23.10
C ALA D 451 -10.82 4.12 -23.73
N LEU D 452 -11.13 2.88 -23.33
CA LEU D 452 -10.44 1.70 -23.86
C LEU D 452 -11.02 1.21 -25.18
N ARG D 453 -12.23 1.64 -25.47
CA ARG D 453 -12.93 1.25 -26.70
C ARG D 453 -12.12 1.71 -27.92
N ARG D 454 -11.99 0.85 -28.93
CA ARG D 454 -11.31 1.30 -30.14
C ARG D 454 -12.28 1.40 -31.32
N PRO D 455 -11.96 2.28 -32.29
CA PRO D 455 -12.79 2.54 -33.47
C PRO D 455 -13.36 1.26 -34.06
N GLU D 456 -14.57 1.34 -34.60
CA GLU D 456 -15.25 0.16 -35.12
C GLU D 456 -14.42 -0.57 -36.17
N GLY D 457 -14.24 -1.87 -35.97
CA GLY D 457 -13.53 -2.70 -36.93
C GLY D 457 -12.02 -2.60 -36.86
N GLN D 458 -11.50 -1.85 -35.90
CA GLN D 458 -10.06 -1.75 -35.72
C GLN D 458 -9.52 -2.94 -34.95
N LEU D 459 -8.37 -3.45 -35.38
CA LEU D 459 -7.77 -4.62 -34.75
C LEU D 459 -6.47 -4.27 -34.03
N PRO D 460 -6.08 -5.11 -33.06
CA PRO D 460 -4.80 -4.92 -32.38
C PRO D 460 -3.65 -4.97 -33.40
N PRO D 461 -2.75 -3.99 -33.37
CA PRO D 461 -1.64 -3.92 -34.34
C PRO D 461 -0.77 -5.17 -34.29
N ILE D 462 0.02 -5.38 -35.33
CA ILE D 462 0.95 -6.50 -35.40
C ILE D 462 2.37 -5.99 -35.18
N VAL D 463 2.48 -4.71 -34.87
CA VAL D 463 3.77 -4.09 -34.62
C VAL D 463 3.62 -2.99 -33.57
N THR D 464 4.62 -2.84 -32.72
CA THR D 464 4.55 -1.90 -31.59
C THR D 464 5.19 -0.55 -31.89
N HIS D 465 5.93 -0.47 -32.99
CA HIS D 465 6.69 0.72 -33.34
C HIS D 465 6.28 1.29 -34.70
N ASN D 466 6.61 2.56 -34.92
CA ASN D 466 6.58 3.13 -36.26
C ASN D 466 7.83 2.70 -37.00
N MET D 467 7.65 2.02 -38.13
CA MET D 467 8.77 1.51 -38.90
C MET D 467 9.28 2.58 -39.84
N VAL D 468 10.60 2.67 -40.01
CA VAL D 468 11.14 3.57 -41.00
C VAL D 468 10.65 3.17 -42.39
N ASP D 469 10.75 1.88 -42.72
CA ASP D 469 10.28 1.39 -44.02
C ASP D 469 9.33 0.18 -43.91
N ASP D 470 8.11 0.47 -43.51
CA ASP D 470 7.08 -0.54 -43.28
C ASP D 470 6.80 -1.42 -44.49
N ALA D 471 6.56 -0.81 -45.65
CA ALA D 471 6.15 -1.53 -46.85
C ALA D 471 7.18 -2.56 -47.30
N ASN D 472 8.46 -2.31 -47.00
CA ASN D 472 9.54 -3.17 -47.48
C ASN D 472 10.15 -4.10 -46.43
N ASP D 473 9.57 -4.12 -45.23
CA ASP D 473 10.09 -4.95 -44.16
C ASP D 473 9.73 -6.41 -44.40
N LEU D 474 10.70 -7.30 -44.22
CA LEU D 474 10.49 -8.72 -44.51
C LEU D 474 9.50 -9.39 -43.55
N ILE D 475 9.70 -9.18 -42.25
CA ILE D 475 8.78 -9.72 -41.24
C ILE D 475 7.35 -9.26 -41.51
N LEU D 476 7.17 -7.96 -41.69
CA LEU D 476 5.83 -7.40 -41.87
C LEU D 476 5.18 -7.89 -43.15
N ASN D 477 5.95 -8.02 -44.22
CA ASN D 477 5.43 -8.57 -45.46
C ASN D 477 4.96 -10.02 -45.26
N LYS D 478 5.77 -10.81 -44.57
CA LYS D 478 5.44 -12.20 -44.30
C LYS D 478 4.17 -12.33 -43.46
N ILE D 479 4.05 -11.52 -42.40
CA ILE D 479 2.87 -11.54 -41.56
C ILE D 479 1.61 -11.18 -42.36
N ARG D 480 1.73 -10.20 -43.26
CA ARG D 480 0.62 -9.79 -44.11
C ARG D 480 0.28 -10.85 -45.13
N GLN D 481 1.31 -11.50 -45.65
CA GLN D 481 1.11 -12.55 -46.64
C GLN D 481 0.28 -13.69 -46.04
N VAL D 482 0.60 -14.11 -44.82
CA VAL D 482 -0.14 -15.18 -44.17
C VAL D 482 -1.36 -14.68 -43.40
N GLN D 483 -1.55 -13.36 -43.37
CA GLN D 483 -2.77 -12.76 -42.84
C GLN D 483 -3.02 -12.97 -41.34
N LEU D 484 -1.97 -12.95 -40.52
CA LEU D 484 -2.15 -12.95 -39.08
C LEU D 484 -2.37 -11.52 -38.57
N PHE D 485 -3.63 -11.10 -38.53
CA PHE D 485 -3.97 -9.72 -38.21
C PHE D 485 -4.65 -9.56 -36.85
N ASN D 486 -4.52 -10.58 -36.01
CA ASN D 486 -5.07 -10.50 -34.66
C ASN D 486 -6.58 -10.33 -34.61
N SER D 487 -7.27 -10.95 -35.56
CA SER D 487 -8.73 -11.04 -35.51
C SER D 487 -9.15 -11.76 -34.25
N PRO D 488 -10.39 -11.53 -33.80
CA PRO D 488 -10.92 -12.25 -32.64
C PRO D 488 -10.94 -13.77 -32.87
N SER D 489 -11.15 -14.17 -34.11
CA SER D 489 -11.23 -15.59 -34.42
C SER D 489 -9.85 -16.23 -34.53
N ASP D 490 -8.80 -15.42 -34.51
CA ASP D 490 -7.46 -15.97 -34.55
C ASP D 490 -7.00 -16.46 -33.18
N ARG D 491 -6.60 -17.72 -33.13
CA ARG D 491 -6.18 -18.34 -31.88
C ARG D 491 -4.70 -18.02 -31.66
N VAL D 492 -4.02 -17.64 -32.73
CA VAL D 492 -2.64 -17.18 -32.64
C VAL D 492 -2.54 -15.68 -32.92
N LYS D 493 -1.95 -14.94 -31.97
CA LYS D 493 -1.77 -13.49 -32.12
C LYS D 493 -0.33 -13.20 -32.48
N MET D 494 -0.10 -12.13 -33.23
CA MET D 494 1.25 -11.75 -33.65
C MET D 494 1.64 -10.35 -33.17
N ILE D 495 2.82 -10.27 -32.56
CA ILE D 495 3.39 -9.00 -32.11
C ILE D 495 4.85 -8.84 -32.53
N PHE D 496 5.10 -7.98 -33.52
CA PHE D 496 6.45 -7.61 -33.92
C PHE D 496 6.95 -6.46 -33.06
N HIS D 497 8.08 -6.66 -32.38
CA HIS D 497 8.69 -5.63 -31.54
C HIS D 497 10.10 -5.38 -32.06
N PRO D 498 10.22 -4.48 -33.04
CA PRO D 498 11.47 -4.30 -33.79
C PRO D 498 12.56 -3.56 -33.01
N GLU D 499 12.82 -4.00 -31.79
CA GLU D 499 13.82 -3.35 -30.96
C GLU D 499 14.22 -4.27 -29.82
N PHE D 500 15.48 -4.19 -29.40
CA PHE D 500 15.94 -4.95 -28.25
C PHE D 500 15.08 -4.65 -27.03
N LEU D 501 14.90 -5.65 -26.18
CA LEU D 501 14.14 -5.46 -24.95
C LEU D 501 15.02 -4.78 -23.91
N ASN D 502 14.44 -3.82 -23.21
CA ASN D 502 15.14 -3.09 -22.15
C ASN D 502 14.13 -2.68 -21.07
N ALA D 503 14.51 -2.83 -19.82
CA ALA D 503 13.61 -2.50 -18.72
C ALA D 503 13.29 -1.00 -18.66
N ASN D 504 14.07 -0.20 -19.38
CA ASN D 504 13.84 1.24 -19.47
C ASN D 504 12.72 1.61 -20.42
N ASN D 505 12.28 0.65 -21.22
CA ASN D 505 11.24 0.91 -22.21
C ASN D 505 9.86 1.15 -21.61
N PRO D 506 9.10 2.09 -22.21
CA PRO D 506 7.79 2.54 -21.74
C PRO D 506 6.67 1.49 -21.72
N ILE D 507 6.66 0.52 -22.63
CA ILE D 507 5.49 -0.36 -22.73
C ILE D 507 5.72 -1.80 -22.24
N LEU D 508 6.84 -2.40 -22.64
CA LEU D 508 7.19 -3.74 -22.19
C LEU D 508 8.49 -3.58 -21.40
N GLY D 509 8.36 -3.06 -20.19
CA GLY D 509 9.50 -2.68 -19.37
C GLY D 509 10.21 -3.86 -18.75
N LEU D 510 10.78 -4.71 -19.61
CA LEU D 510 11.51 -5.89 -19.17
C LEU D 510 12.87 -5.94 -19.84
N ASP D 511 13.90 -6.27 -19.08
CA ASP D 511 15.17 -6.66 -19.70
C ASP D 511 14.95 -7.99 -20.38
N TYR D 512 15.82 -8.35 -21.32
CA TYR D 512 15.64 -9.55 -22.12
C TYR D 512 15.48 -10.82 -21.28
N ASP D 513 16.37 -11.02 -20.32
CA ASP D 513 16.34 -12.21 -19.46
C ASP D 513 15.04 -12.31 -18.65
N GLU D 514 14.46 -11.16 -18.33
CA GLU D 514 13.21 -11.15 -17.59
C GLU D 514 12.06 -11.58 -18.48
N PHE D 515 12.14 -11.18 -19.74
CA PHE D 515 11.09 -11.44 -20.69
C PHE D 515 11.06 -12.93 -21.02
N VAL D 516 12.23 -13.52 -21.23
CA VAL D 516 12.35 -14.94 -21.51
C VAL D 516 11.73 -15.77 -20.38
N ARG D 517 12.17 -15.50 -19.16
CA ARG D 517 11.62 -16.17 -17.98
C ARG D 517 10.10 -16.16 -17.97
N GLY D 518 9.50 -15.04 -18.38
CA GLY D 518 8.05 -14.91 -18.39
C GLY D 518 7.34 -15.66 -19.50
N CYS D 519 8.07 -16.05 -20.54
CA CYS D 519 7.48 -16.76 -21.67
C CYS D 519 7.40 -18.27 -21.43
N HIS D 520 6.71 -18.96 -22.33
CA HIS D 520 6.51 -20.39 -22.20
C HIS D 520 7.39 -21.20 -23.15
N LEU D 521 7.69 -20.62 -24.31
CA LEU D 521 8.39 -21.38 -25.35
C LEU D 521 9.20 -20.49 -26.29
N GLY D 522 10.50 -20.74 -26.39
CA GLY D 522 11.32 -20.09 -27.38
C GLY D 522 11.27 -20.89 -28.67
N VAL D 523 11.36 -20.19 -29.81
CA VAL D 523 11.31 -20.84 -31.11
C VAL D 523 12.37 -20.24 -32.00
N PHE D 524 13.43 -21.00 -32.27
CA PHE D 524 14.60 -20.50 -32.99
C PHE D 524 14.99 -21.41 -34.14
N PRO D 525 14.19 -21.41 -35.23
CA PRO D 525 14.36 -22.30 -36.38
C PRO D 525 15.52 -21.87 -37.27
N SER D 526 16.72 -21.78 -36.69
CA SER D 526 17.89 -21.26 -37.40
C SER D 526 18.34 -22.14 -38.57
N TYR D 527 19.11 -21.55 -39.49
CA TYR D 527 19.69 -22.29 -40.60
C TYR D 527 21.22 -22.36 -40.52
N TYR D 528 21.87 -21.21 -40.43
CA TYR D 528 23.31 -21.18 -40.15
C TYR D 528 23.55 -20.64 -38.74
N GLU D 529 24.05 -21.50 -37.87
CA GLU D 529 24.21 -21.17 -36.46
C GLU D 529 25.22 -22.10 -35.83
N PRO D 530 26.52 -21.76 -35.94
CA PRO D 530 27.58 -22.60 -35.38
C PRO D 530 27.33 -22.91 -33.92
N TRP D 531 26.79 -21.96 -33.17
CA TRP D 531 26.36 -22.21 -31.80
C TRP D 531 25.11 -21.42 -31.41
N GLY D 532 24.09 -22.12 -30.95
CA GLY D 532 22.85 -21.49 -30.56
C GLY D 532 22.92 -20.81 -29.20
N TYR D 533 23.53 -19.63 -29.17
CA TYR D 533 23.59 -18.82 -27.95
C TYR D 533 22.19 -18.64 -27.39
N THR D 534 21.26 -18.33 -28.27
CA THR D 534 19.90 -17.99 -27.86
C THR D 534 19.15 -19.16 -27.20
N PRO D 535 19.04 -20.30 -27.90
CA PRO D 535 18.40 -21.46 -27.28
C PRO D 535 19.08 -21.85 -25.97
N ALA D 536 20.40 -21.75 -25.94
CA ALA D 536 21.18 -22.08 -24.74
C ALA D 536 20.80 -21.19 -23.56
N GLU D 537 20.81 -19.88 -23.78
CA GLU D 537 20.37 -18.93 -22.77
C GLU D 537 18.96 -19.30 -22.33
N CYS D 538 18.11 -19.57 -23.31
CA CYS D 538 16.71 -19.85 -23.07
C CYS D 538 16.54 -21.07 -22.15
N THR D 539 17.37 -22.09 -22.38
CA THR D 539 17.32 -23.31 -21.58
C THR D 539 17.74 -23.05 -20.14
N VAL D 540 18.77 -22.24 -19.99
CA VAL D 540 19.31 -21.93 -18.66
C VAL D 540 18.31 -21.12 -17.85
N MET D 541 17.39 -20.45 -18.52
CA MET D 541 16.34 -19.69 -17.85
C MET D 541 15.23 -20.62 -17.43
N GLY D 542 15.34 -21.88 -17.81
CA GLY D 542 14.32 -22.87 -17.48
C GLY D 542 13.14 -22.78 -18.42
N VAL D 543 13.40 -22.30 -19.64
CA VAL D 543 12.33 -22.17 -20.63
C VAL D 543 12.60 -23.11 -21.80
N PRO D 544 11.59 -23.91 -22.16
CA PRO D 544 11.68 -24.85 -23.29
C PRO D 544 11.88 -24.09 -24.60
N SER D 545 12.54 -24.72 -25.57
CA SER D 545 12.76 -24.06 -26.86
C SER D 545 12.82 -25.03 -28.04
N ILE D 546 12.50 -24.51 -29.21
CA ILE D 546 12.62 -25.26 -30.44
C ILE D 546 13.84 -24.78 -31.21
N THR D 547 14.75 -25.71 -31.51
CA THR D 547 15.97 -25.39 -32.23
C THR D 547 16.04 -26.32 -33.43
N THR D 548 17.17 -26.35 -34.13
CA THR D 548 17.31 -27.21 -35.30
C THR D 548 18.59 -28.02 -35.27
N ASN D 549 18.64 -29.08 -36.08
CA ASN D 549 19.82 -29.93 -36.11
C ASN D 549 21.01 -29.28 -36.82
N VAL D 550 20.75 -28.24 -37.60
CA VAL D 550 21.83 -27.48 -38.22
C VAL D 550 22.34 -26.37 -37.31
N SER D 551 21.66 -26.16 -36.20
CA SER D 551 22.18 -25.26 -35.17
C SER D 551 23.18 -26.00 -34.29
N GLY D 552 24.29 -25.32 -33.98
CA GLY D 552 25.32 -25.91 -33.15
C GLY D 552 24.82 -26.35 -31.79
N PHE D 553 23.86 -25.61 -31.24
CA PHE D 553 23.24 -26.00 -29.98
C PHE D 553 22.38 -27.23 -30.16
N GLY D 554 21.64 -27.27 -31.26
CA GLY D 554 20.79 -28.41 -31.58
C GLY D 554 21.60 -29.68 -31.78
N SER D 555 22.65 -29.58 -32.58
CA SER D 555 23.49 -30.75 -32.85
C SER D 555 24.14 -31.26 -31.57
N TYR D 556 24.48 -30.34 -30.68
CA TYR D 556 25.06 -30.71 -29.39
C TYR D 556 24.06 -31.45 -28.53
N MET D 557 22.79 -31.06 -28.64
CA MET D 557 21.76 -31.60 -27.77
C MET D 557 21.27 -32.97 -28.21
N GLU D 558 21.29 -33.23 -29.51
CA GLU D 558 20.79 -34.50 -30.02
C GLU D 558 21.83 -35.61 -29.94
N ASP D 559 23.05 -35.26 -29.54
CA ASP D 559 24.09 -36.23 -29.28
C ASP D 559 24.11 -36.60 -27.79
N LEU D 560 23.25 -35.94 -27.03
CA LEU D 560 23.29 -36.04 -25.58
C LEU D 560 22.03 -36.73 -25.08
N ILE D 561 20.94 -36.52 -25.79
CA ILE D 561 19.65 -37.11 -25.45
C ILE D 561 18.99 -37.55 -26.73
N GLU D 562 18.30 -38.69 -26.69
CA GLU D 562 17.61 -39.18 -27.88
C GLU D 562 16.49 -38.21 -28.25
N THR D 563 16.42 -37.88 -29.55
CA THR D 563 15.56 -36.80 -30.03
C THR D 563 14.10 -36.82 -29.55
N ASN D 564 13.61 -37.98 -29.12
CA ASN D 564 12.27 -38.05 -28.55
C ASN D 564 12.30 -37.77 -27.06
N GLN D 565 13.26 -38.39 -26.36
CA GLN D 565 13.48 -38.13 -24.95
C GLN D 565 13.72 -36.63 -24.72
N ALA D 566 14.43 -36.01 -25.66
CA ALA D 566 14.77 -34.60 -25.58
C ALA D 566 13.53 -33.72 -25.33
N LYS D 567 12.46 -33.99 -26.06
CA LYS D 567 11.24 -33.21 -25.95
C LYS D 567 10.71 -33.17 -24.51
N ASP D 568 10.87 -34.27 -23.79
CA ASP D 568 10.47 -34.31 -22.39
C ASP D 568 11.25 -33.29 -21.58
N TYR D 569 12.46 -32.99 -22.02
CA TYR D 569 13.32 -32.03 -21.34
C TYR D 569 13.15 -30.62 -21.88
N GLY D 570 12.11 -30.41 -22.68
CA GLY D 570 11.85 -29.10 -23.27
C GLY D 570 12.80 -28.73 -24.39
N ILE D 571 13.31 -29.74 -25.09
CA ILE D 571 14.19 -29.47 -26.22
C ILE D 571 13.63 -30.06 -27.50
N TYR D 572 13.04 -29.21 -28.33
CA TYR D 572 12.44 -29.65 -29.58
C TYR D 572 13.38 -29.37 -30.74
N ILE D 573 13.92 -30.41 -31.34
CA ILE D 573 14.87 -30.26 -32.44
C ILE D 573 14.22 -30.52 -33.79
N VAL D 574 14.09 -29.46 -34.60
CA VAL D 574 13.55 -29.57 -35.94
C VAL D 574 14.66 -29.97 -36.91
N ASP D 575 14.36 -30.92 -37.78
CA ASP D 575 15.32 -31.39 -38.77
C ASP D 575 15.34 -30.50 -40.01
N ARG D 576 16.47 -29.86 -40.26
CA ARG D 576 16.61 -28.96 -41.39
C ARG D 576 17.74 -29.41 -42.30
N ARG D 577 18.33 -30.55 -41.97
CA ARG D 577 19.44 -31.10 -42.73
C ARG D 577 18.94 -32.14 -43.74
N PHE D 578 17.90 -32.88 -43.36
CA PHE D 578 17.45 -34.02 -44.16
C PHE D 578 16.01 -33.90 -44.69
N LYS D 579 15.18 -33.12 -44.02
CA LYS D 579 13.82 -32.90 -44.50
C LYS D 579 13.79 -31.78 -45.54
N ALA D 580 12.81 -31.83 -46.43
CA ALA D 580 12.53 -30.73 -47.33
C ALA D 580 11.87 -29.60 -46.54
N PRO D 581 12.02 -28.36 -47.03
CA PRO D 581 11.56 -27.19 -46.26
C PRO D 581 10.11 -27.25 -45.78
N ASP D 582 9.19 -27.74 -46.62
CA ASP D 582 7.80 -27.84 -46.21
C ASP D 582 7.64 -28.92 -45.13
N GLU D 583 8.50 -29.92 -45.19
CA GLU D 583 8.52 -30.97 -44.17
C GLU D 583 9.00 -30.38 -42.84
N SER D 584 10.07 -29.59 -42.90
CA SER D 584 10.59 -28.92 -41.71
C SER D 584 9.52 -28.04 -41.06
N VAL D 585 8.77 -27.32 -41.88
CA VAL D 585 7.73 -26.42 -41.39
C VAL D 585 6.65 -27.19 -40.65
N GLU D 586 6.16 -28.26 -41.28
CA GLU D 586 5.14 -29.12 -40.68
C GLU D 586 5.60 -29.72 -39.35
N GLN D 587 6.89 -30.05 -39.28
CA GLN D 587 7.45 -30.57 -38.04
C GLN D 587 7.46 -29.49 -36.95
N LEU D 588 7.83 -28.28 -37.33
CA LEU D 588 7.81 -27.15 -36.41
C LEU D 588 6.39 -26.95 -35.88
N VAL D 589 5.42 -26.96 -36.78
CA VAL D 589 4.03 -26.83 -36.39
C VAL D 589 3.65 -27.95 -35.41
N ASP D 590 4.03 -29.18 -35.76
CA ASP D 590 3.76 -30.35 -34.90
C ASP D 590 4.24 -30.11 -33.48
N TYR D 591 5.50 -29.72 -33.33
CA TYR D 591 6.06 -29.43 -32.02
C TYR D 591 5.24 -28.36 -31.27
N MET D 592 4.96 -27.24 -31.94
CA MET D 592 4.21 -26.15 -31.33
C MET D 592 2.87 -26.65 -30.82
N GLU D 593 2.18 -27.42 -31.65
CA GLU D 593 0.84 -27.92 -31.32
C GLU D 593 0.90 -28.88 -30.14
N GLU D 594 1.93 -29.71 -30.13
CA GLU D 594 2.15 -30.64 -29.03
C GLU D 594 2.36 -29.85 -27.73
N PHE D 595 3.14 -28.77 -27.81
CA PHE D 595 3.34 -27.96 -26.62
C PHE D 595 2.07 -27.24 -26.16
N VAL D 596 1.26 -26.79 -27.12
CA VAL D 596 0.03 -26.09 -26.78
C VAL D 596 -0.95 -26.99 -26.02
N LYS D 597 -0.86 -28.30 -26.24
CA LYS D 597 -1.82 -29.23 -25.66
C LYS D 597 -1.48 -29.62 -24.22
N LYS D 598 -0.31 -29.22 -23.74
CA LYS D 598 0.09 -29.57 -22.38
C LYS D 598 -0.80 -28.85 -21.37
N THR D 599 -0.93 -29.45 -20.18
CA THR D 599 -1.63 -28.82 -19.07
C THR D 599 -0.65 -27.93 -18.33
N ARG D 600 -1.15 -27.14 -17.38
CA ARG D 600 -0.28 -26.38 -16.51
C ARG D 600 0.72 -27.30 -15.81
N ARG D 601 0.24 -28.37 -15.19
CA ARG D 601 1.11 -29.30 -14.46
C ARG D 601 2.22 -29.86 -15.35
N GLN D 602 1.87 -30.22 -16.58
CA GLN D 602 2.87 -30.69 -17.54
C GLN D 602 3.86 -29.59 -17.95
N ARG D 603 3.38 -28.35 -18.10
CA ARG D 603 4.27 -27.24 -18.42
C ARG D 603 5.25 -27.00 -17.27
N ILE D 604 4.72 -27.09 -16.05
CA ILE D 604 5.53 -26.88 -14.85
C ILE D 604 6.61 -27.96 -14.75
N ASN D 605 6.21 -29.21 -14.96
CA ASN D 605 7.15 -30.32 -14.89
C ASN D 605 8.19 -30.24 -15.99
N GLN D 606 7.76 -29.88 -17.19
CA GLN D 606 8.70 -29.76 -18.30
C GLN D 606 9.78 -28.72 -17.98
N ARG D 607 9.37 -27.55 -17.47
CA ARG D 607 10.32 -26.50 -17.12
C ARG D 607 11.34 -26.97 -16.10
N ASN D 608 10.87 -27.66 -15.06
CA ASN D 608 11.79 -28.22 -14.08
C ASN D 608 12.85 -29.07 -14.78
N ALA D 609 12.39 -29.90 -15.71
CA ALA D 609 13.28 -30.77 -16.47
C ALA D 609 14.29 -29.97 -17.30
N THR D 610 13.83 -28.97 -18.04
CA THR D 610 14.76 -28.20 -18.87
C THR D 610 15.73 -27.39 -18.01
N GLU D 611 15.27 -26.97 -16.84
CA GLU D 611 16.10 -26.22 -15.92
C GLU D 611 17.22 -27.08 -15.35
N ALA D 612 16.92 -28.35 -15.08
CA ALA D 612 17.93 -29.30 -14.61
C ALA D 612 18.97 -29.57 -15.70
N LEU D 613 18.51 -29.60 -16.94
CA LEU D 613 19.40 -29.69 -18.09
C LEU D 613 20.48 -28.61 -18.08
N SER D 614 20.13 -27.44 -17.53
CA SER D 614 20.98 -26.26 -17.63
C SER D 614 22.40 -26.51 -17.11
N ASP D 615 22.52 -27.44 -16.19
CA ASP D 615 23.83 -27.72 -15.59
C ASP D 615 24.84 -28.25 -16.60
N LEU D 616 24.34 -28.86 -17.68
CA LEU D 616 25.20 -29.36 -18.74
C LEU D 616 25.72 -28.22 -19.62
N LEU D 617 25.06 -27.07 -19.54
CA LEU D 617 25.45 -25.90 -20.31
C LEU D 617 26.45 -25.03 -19.55
N ASP D 618 26.76 -25.42 -18.32
CA ASP D 618 27.60 -24.60 -17.45
C ASP D 618 29.09 -24.85 -17.72
N TRP D 619 29.90 -23.81 -17.53
CA TRP D 619 31.34 -23.93 -17.73
C TRP D 619 31.97 -24.95 -16.79
N LYS D 620 31.32 -25.20 -15.66
CA LYS D 620 31.78 -26.21 -14.72
C LYS D 620 31.83 -27.60 -15.35
N ARG D 621 31.11 -27.78 -16.46
CA ARG D 621 31.19 -29.02 -17.23
C ARG D 621 31.83 -28.80 -18.59
N MET D 622 31.28 -27.85 -19.35
CA MET D 622 31.79 -27.54 -20.68
C MET D 622 33.29 -27.24 -20.64
N GLY D 623 33.74 -26.67 -19.52
CA GLY D 623 35.13 -26.30 -19.34
C GLY D 623 36.09 -27.46 -19.34
N LEU D 624 35.56 -28.67 -19.20
CA LEU D 624 36.39 -29.87 -19.21
C LEU D 624 36.88 -30.18 -20.62
N GLU D 625 36.13 -29.73 -21.63
CA GLU D 625 36.51 -29.93 -23.02
C GLU D 625 37.74 -29.10 -23.36
N TYR D 626 37.76 -27.85 -22.89
CA TYR D 626 38.93 -27.00 -23.02
C TYR D 626 40.13 -27.65 -22.35
N VAL D 627 39.86 -28.50 -21.35
CA VAL D 627 40.91 -29.23 -20.67
C VAL D 627 41.45 -30.36 -21.55
N LYS D 628 40.55 -31.11 -22.16
CA LYS D 628 40.94 -32.21 -23.04
C LYS D 628 41.73 -31.70 -24.25
N ALA D 629 41.39 -30.51 -24.72
CA ALA D 629 42.06 -29.93 -25.88
C ALA D 629 43.49 -29.54 -25.54
N ARG D 630 43.68 -28.97 -24.36
CA ARG D 630 45.01 -28.54 -23.92
C ARG D 630 45.94 -29.72 -23.69
N GLN D 631 45.37 -30.84 -23.27
CA GLN D 631 46.16 -32.05 -23.00
C GLN D 631 46.39 -32.87 -24.26
N LEU D 632 45.50 -32.74 -25.23
CA LEU D 632 45.70 -33.39 -26.52
C LEU D 632 46.88 -32.76 -27.22
N ALA D 633 47.11 -31.47 -26.93
CA ALA D 633 48.21 -30.73 -27.52
C ALA D 633 49.50 -30.93 -26.75
N LEU D 634 49.39 -31.17 -25.44
CA LEU D 634 50.57 -31.43 -24.62
C LEU D 634 51.06 -32.86 -24.80
N ARG D 635 50.18 -33.73 -25.30
CA ARG D 635 50.55 -35.10 -25.60
C ARG D 635 51.00 -35.24 -27.06
N ARG D 636 50.62 -34.27 -27.88
CA ARG D 636 51.08 -34.24 -29.26
C ARG D 636 52.39 -33.46 -29.38
N GLY D 637 52.56 -32.47 -28.53
CA GLY D 637 53.75 -31.65 -28.54
C GLY D 637 54.97 -32.38 -28.02
N TYR D 638 54.83 -32.99 -26.84
CA TYR D 638 55.93 -33.73 -26.25
C TYR D 638 55.48 -35.16 -25.91
N PRO D 639 55.20 -35.97 -26.94
CA PRO D 639 54.68 -37.33 -26.76
C PRO D 639 55.52 -38.14 -25.78
N ASP D 640 56.77 -37.71 -25.57
CA ASP D 640 57.69 -38.45 -24.74
C ASP D 640 57.47 -38.15 -23.25
N GLN D 641 57.59 -36.89 -22.87
CA GLN D 641 57.39 -36.47 -21.49
C GLN D 641 55.97 -36.79 -21.03
N PHE D 642 55.14 -37.22 -21.98
CA PHE D 642 53.75 -37.57 -21.69
C PHE D 642 53.61 -39.09 -21.59
N ARG D 643 54.50 -39.81 -22.27
CA ARG D 643 54.58 -41.25 -22.10
C ARG D 643 55.26 -41.54 -20.77
N GLU D 644 56.07 -40.58 -20.32
CA GLU D 644 56.82 -40.72 -19.08
C GLU D 644 56.01 -40.24 -17.87
N LEU D 645 55.09 -39.31 -18.11
CA LEU D 645 54.32 -38.72 -17.03
C LEU D 645 53.02 -39.49 -16.79
N VAL D 646 52.61 -40.27 -17.79
CA VAL D 646 51.41 -41.09 -17.68
C VAL D 646 51.82 -42.56 -17.50
N GLY D 647 53.02 -42.88 -17.94
CA GLY D 647 53.54 -44.24 -17.85
C GLY D 647 53.52 -44.95 -19.19
N GLU D 648 52.78 -44.38 -20.14
CA GLU D 648 52.56 -45.02 -21.42
C GLU D 648 52.09 -43.99 -22.45
N GLU D 649 51.84 -44.43 -23.67
CA GLU D 649 51.27 -43.56 -24.69
C GLU D 649 49.85 -43.99 -25.05
N LEU D 650 48.93 -43.02 -25.07
CA LEU D 650 47.53 -43.28 -25.41
C LEU D 650 47.18 -42.73 -26.78
N ASN D 651 46.04 -43.18 -27.31
CA ASN D 651 45.59 -42.80 -28.65
C ASN D 651 45.55 -41.29 -28.86
N ASP D 652 46.13 -40.83 -29.96
CA ASP D 652 46.22 -39.40 -30.26
C ASP D 652 45.52 -38.97 -31.53
N SER D 653 44.47 -39.69 -31.92
CA SER D 653 43.72 -39.35 -33.13
C SER D 653 42.54 -38.44 -32.82
N ASN D 654 42.13 -38.41 -31.55
CA ASN D 654 41.00 -37.59 -31.10
C ASN D 654 41.27 -36.93 -29.76
N MET D 655 40.41 -35.98 -29.40
CA MET D 655 40.38 -35.49 -28.03
C MET D 655 39.68 -36.56 -27.20
N ASP D 656 38.85 -37.33 -27.87
CA ASP D 656 38.03 -38.36 -27.22
C ASP D 656 38.81 -39.66 -27.08
N ALA D 657 39.80 -39.87 -27.95
CA ALA D 657 40.61 -41.08 -27.91
C ALA D 657 41.59 -41.04 -26.74
N LEU D 658 42.03 -39.85 -26.37
CA LEU D 658 43.00 -39.66 -25.29
C LEU D 658 42.32 -39.72 -23.91
N ALA D 659 40.99 -39.83 -23.91
CA ALA D 659 40.23 -39.90 -22.68
C ALA D 659 38.99 -40.78 -22.82
C1 G6P E . -4.18 25.36 -0.15
C2 G6P E . -3.71 24.21 0.71
C3 G6P E . -2.41 24.62 1.42
C4 G6P E . -1.46 24.95 0.30
C5 G6P E . -1.97 26.09 -0.55
C6 G6P E . -1.06 26.28 -1.73
O1 G6P E . -4.37 26.46 0.61
O2 G6P E . -4.78 23.99 1.60
O3 G6P E . -1.87 23.49 2.13
O4 G6P E . -0.19 25.31 0.77
O5 G6P E . -3.21 25.66 -1.14
O6 G6P E . -1.34 27.44 -2.50
P G6P E . -0.52 27.88 -3.83
O1P G6P E . 0.89 28.08 -3.42
O2P G6P E . -1.14 29.15 -4.19
O3P G6P E . -0.82 26.71 -4.77
C1 G6P F . -16.19 30.07 -23.87
C2 G6P F . -16.82 28.68 -23.79
C3 G6P F . -17.86 28.49 -24.92
C4 G6P F . -18.77 29.71 -24.88
C5 G6P F . -17.98 30.98 -25.04
C6 G6P F . -18.89 32.18 -24.98
O1 G6P F . -15.45 30.19 -25.01
O2 G6P F . -15.74 27.80 -23.91
O3 G6P F . -18.67 27.32 -24.65
O4 G6P F . -19.75 29.66 -25.89
O5 G6P F . -17.16 31.09 -23.86
O6 G6P F . -19.36 32.62 -26.24
P G6P F . -18.88 33.99 -26.99
O1P G6P F . -18.28 34.85 -25.94
O2P G6P F . -20.16 34.55 -27.43
O3P G6P F . -17.98 33.45 -28.07
C1 PEG G . 8.78 -7.79 6.84
O1 PEG G . 9.52 -8.49 5.82
C2 PEG G . 9.71 -6.85 7.63
O2 PEG G . 8.90 -5.87 8.32
C3 PEG G . 9.53 -4.58 8.26
C4 PEG G . 8.46 -3.49 8.14
O4 PEG G . 8.98 -2.37 7.42
C1 PEG H . -23.58 21.45 3.56
O1 PEG H . -23.65 22.62 2.74
C2 PEG H . -23.61 20.21 2.66
O2 PEG H . -23.15 20.57 1.35
C3 PEG H . -23.19 19.42 0.48
C4 PEG H . -23.68 19.85 -0.91
O4 PEG H . -22.56 20.07 -1.77
C1 G6P I . -12.60 19.93 9.19
C2 G6P I . -12.35 19.22 7.88
C3 G6P I . -13.68 18.96 7.17
C4 G6P I . -14.52 18.19 8.16
C5 G6P I . -14.72 18.94 9.46
C6 G6P I . -15.42 18.04 10.45
O1 G6P I . -13.22 21.13 8.98
O2 G6P I . -11.52 20.09 7.15
O3 G6P I . -13.47 18.09 6.03
O4 G6P I . -15.78 17.90 7.62
O5 G6P I . -13.43 19.15 10.04
O6 G6P I . -15.84 18.69 11.64
P G6P I . -16.58 17.98 12.90
O1P G6P I . -17.87 17.41 12.43
O2P G6P I . -16.87 19.15 13.75
O3P G6P I . -15.53 17.02 13.39
C1 G6P J . 2.51 22.64 39.75
C2 G6P J . 2.72 23.80 40.71
C3 G6P J . 1.39 24.40 41.16
C4 G6P J . 0.73 24.71 39.83
C5 G6P J . 0.33 23.39 39.23
C6 G6P J . -0.58 23.51 38.04
O1 G6P J . 2.11 21.51 40.37
O2 G6P J . 3.45 23.27 41.81
O3 G6P J . 1.55 25.60 41.95
O4 G6P J . -0.33 25.61 39.90
O5 G6P J . 1.57 22.91 38.70
O6 G6P J . -1.96 23.16 38.25
P G6P J . -3.06 23.72 39.33
O1P G6P J . -3.59 22.59 40.14
O2P G6P J . -4.13 24.18 38.44
O3P G6P J . -2.30 24.81 40.04
C1 PEG K . -3.93 -7.66 -12.49
O1 PEG K . -2.84 -8.31 -11.83
C2 PEG K . -4.01 -6.20 -12.01
O2 PEG K . -5.38 -5.79 -11.96
C3 PEG K . -5.51 -4.47 -11.43
C4 PEG K . -6.56 -4.50 -10.32
O4 PEG K . -6.37 -3.39 -9.44
C1 PEG L . -11.43 0.03 6.22
O1 PEG L . -10.52 -0.26 5.15
C2 PEG L . -10.68 0.75 7.34
O2 PEG L . -11.65 1.43 8.17
C3 PEG L . -11.19 2.78 8.44
C4 PEG L . -12.36 3.76 8.27
O4 PEG L . -11.84 5.07 8.00
C1 G6P M . 11.03 -21.72 0.64
C2 G6P M . 11.01 -20.44 -0.17
C3 G6P M . 12.45 -20.04 -0.46
C4 G6P M . 13.10 -19.90 0.90
C5 G6P M . 13.05 -21.17 1.70
C6 G6P M . 13.56 -20.91 3.09
O1 G6P M . 11.74 -22.66 -0.04
O2 G6P M . 10.30 -20.78 -1.34
O3 G6P M . 12.48 -18.74 -1.09
O4 G6P M . 14.44 -19.50 0.76
O5 G6P M . 11.67 -21.51 1.89
O6 G6P M . 13.76 -22.08 3.86
P G6P M . 14.17 -22.11 5.44
O1P G6P M . 15.39 -21.26 5.58
O2P G6P M . 14.51 -23.52 5.65
O3P G6P M . 12.88 -21.66 6.09
C1 PEG N . 7.02 9.70 -6.01
O1 PEG N . 7.65 9.34 -4.77
C2 PEG N . 7.17 11.20 -6.25
O2 PEG N . 5.95 11.87 -5.87
C3 PEG N . 6.16 13.31 -5.86
C4 PEG N . 4.81 14.02 -5.73
O4 PEG N . 4.34 14.01 -4.37
C1 G6P O . 4.89 -21.17 -11.58
C2 G6P O . 4.19 -20.61 -10.36
C3 G6P O . 2.81 -21.25 -10.22
C4 G6P O . 2.11 -21.00 -11.53
C5 G6P O . 2.86 -21.60 -12.70
C6 G6P O . 2.20 -21.16 -13.98
O1 G6P O . 5.04 -22.52 -11.49
O2 G6P O . 5.02 -20.90 -9.25
O3 G6P O . 2.07 -20.53 -9.21
O4 G6P O . 0.79 -21.49 -11.50
O5 G6P O . 4.13 -20.94 -12.76
O6 G6P O . 2.77 -21.72 -15.16
P G6P O . 2.27 -21.40 -16.67
O1P G6P O . 0.81 -21.66 -16.69
O2P G6P O . 2.99 -22.43 -17.43
O3P G6P O . 2.71 -19.97 -16.88
C1 PEG P . -2.14 -19.65 -44.22
O1 PEG P . -1.08 -19.32 -45.12
C2 PEG P . -2.10 -21.14 -43.88
O2 PEG P . -3.42 -21.56 -43.48
C3 PEG P . -3.63 -22.94 -43.83
C4 PEG P . -5.06 -23.11 -44.37
O4 PEG P . -5.18 -24.39 -45.01
#